data_5TFY
#
_entry.id   5TFY
#
_entity_poly.entity_id   1
_entity_poly.type   'polypeptide(L)'
_entity_poly.pdbx_seq_one_letter_code
;FSGLEAAIVLIAFVVVAAVFSYVMLGAGFFATQKSQEVTYSGMKQATSNLILDGMIYGSYSKGGSGLAQLYFYVKVPEGG
ETQDLKYVTYLWTKENKAVTTLTSITPTNQQLNPGARVKVTITAPTGYKPIAGQKFVLEIKPKTGASTIVTRTLSDGYNG
GVII
;
_entity_poly.pdbx_strand_id   I,A,B,C,D,E,F,G,H,J,K,L,M,N,O,P,Q,R,S,T,U,V,W,X,Y,Z
#
# COMPACT_ATOMS: atom_id res chain seq x y z
N PHE A 1 102.29 -82.84 -16.06
CA PHE A 1 101.42 -81.79 -15.46
C PHE A 1 100.63 -82.43 -14.32
N SER A 2 100.71 -81.82 -13.13
CA SER A 2 100.12 -82.37 -11.93
C SER A 2 99.09 -81.44 -11.31
N GLY A 3 98.00 -82.00 -10.81
CA GLY A 3 96.97 -81.23 -10.17
C GLY A 3 97.39 -80.72 -8.81
N LEU A 4 98.59 -81.11 -8.38
CA LEU A 4 99.14 -80.65 -7.11
C LEU A 4 99.28 -79.14 -7.14
N GLU A 5 99.75 -78.62 -8.27
CA GLU A 5 99.91 -77.19 -8.45
C GLU A 5 98.56 -76.54 -8.67
N ALA A 6 97.63 -77.29 -9.27
CA ALA A 6 96.29 -76.80 -9.48
C ALA A 6 95.65 -76.48 -8.14
N ALA A 7 95.99 -77.30 -7.14
CA ALA A 7 95.51 -77.08 -5.79
C ALA A 7 96.02 -75.73 -5.30
N ILE A 8 97.32 -75.48 -5.51
CA ILE A 8 97.96 -74.25 -5.04
C ILE A 8 97.18 -73.04 -5.53
N VAL A 9 96.73 -73.10 -6.79
CA VAL A 9 95.96 -72.04 -7.40
C VAL A 9 94.53 -72.05 -6.87
N LEU A 10 93.98 -73.26 -6.72
CA LEU A 10 92.59 -73.42 -6.33
C LEU A 10 92.37 -72.73 -5.00
N ILE A 11 93.38 -72.76 -4.16
CA ILE A 11 93.35 -71.99 -2.93
C ILE A 11 93.13 -70.53 -3.31
N ALA A 12 94.00 -70.02 -4.17
CA ALA A 12 94.02 -68.61 -4.51
C ALA A 12 92.70 -68.15 -5.10
N PHE A 13 92.10 -68.97 -5.96
CA PHE A 13 90.81 -68.65 -6.53
C PHE A 13 89.77 -68.56 -5.41
N VAL A 14 89.80 -69.54 -4.52
CA VAL A 14 88.87 -69.59 -3.39
C VAL A 14 89.11 -68.44 -2.42
N VAL A 15 90.36 -68.14 -2.13
CA VAL A 15 90.68 -67.16 -1.11
C VAL A 15 90.21 -65.77 -1.56
N VAL A 16 90.60 -65.35 -2.75
CA VAL A 16 90.19 -64.04 -3.26
C VAL A 16 88.67 -63.99 -3.38
N ALA A 17 88.06 -65.13 -3.64
CA ALA A 17 86.61 -65.25 -3.67
C ALA A 17 86.05 -64.96 -2.27
N ALA A 18 86.60 -65.64 -1.28
CA ALA A 18 86.16 -65.46 0.10
C ALA A 18 86.40 -64.03 0.58
N VAL A 19 87.54 -63.44 0.20
CA VAL A 19 87.82 -62.07 0.59
C VAL A 19 86.86 -61.13 -0.11
N PHE A 20 86.64 -61.34 -1.40
CA PHE A 20 85.70 -60.51 -2.13
C PHE A 20 84.32 -60.75 -1.53
N SER A 21 84.03 -62.02 -1.26
CA SER A 21 82.78 -62.41 -0.64
C SER A 21 82.66 -61.70 0.69
N TYR A 22 83.75 -61.75 1.45
CA TYR A 22 83.81 -61.14 2.75
C TYR A 22 83.50 -59.63 2.67
N VAL A 23 84.21 -58.95 1.79
CA VAL A 23 84.07 -57.50 1.67
C VAL A 23 82.73 -57.14 1.03
N MET A 24 82.35 -57.85 -0.02
CA MET A 24 81.10 -57.54 -0.72
C MET A 24 79.93 -57.61 0.26
N LEU A 25 79.99 -58.56 1.18
CA LEU A 25 78.99 -58.65 2.23
C LEU A 25 79.07 -57.41 3.10
N GLY A 26 80.28 -57.04 3.50
CA GLY A 26 80.51 -55.85 4.29
C GLY A 26 80.11 -54.62 3.51
N ALA A 27 80.48 -54.61 2.24
CA ALA A 27 80.09 -53.54 1.32
C ALA A 27 78.57 -53.55 1.22
N GLY A 28 78.03 -54.76 1.16
CA GLY A 28 76.59 -54.98 1.03
C GLY A 28 75.77 -54.60 2.25
N PHE A 29 76.24 -54.95 3.44
CA PHE A 29 75.50 -54.61 4.64
C PHE A 29 75.46 -53.09 4.74
N PHE A 30 76.61 -52.45 4.54
CA PHE A 30 76.69 -51.01 4.58
C PHE A 30 75.78 -50.42 3.52
N ALA A 31 75.74 -51.05 2.36
CA ALA A 31 74.84 -50.63 1.29
C ALA A 31 73.42 -50.65 1.83
N THR A 32 73.06 -51.74 2.47
CA THR A 32 71.74 -51.93 3.02
C THR A 32 71.50 -50.97 4.18
N GLN A 33 72.43 -50.95 5.12
CA GLN A 33 72.33 -50.14 6.32
C GLN A 33 72.30 -48.65 5.95
N LYS A 34 72.91 -48.31 4.84
CA LYS A 34 72.82 -46.96 4.30
C LYS A 34 71.43 -46.78 3.68
N SER A 35 71.01 -47.79 2.92
CA SER A 35 69.72 -47.75 2.23
C SER A 35 68.59 -47.63 3.23
N GLN A 36 68.81 -48.12 4.45
CA GLN A 36 67.85 -48.01 5.52
C GLN A 36 67.82 -46.60 6.11
N GLU A 37 69.00 -46.02 6.27
CA GLU A 37 69.12 -44.71 6.92
C GLU A 37 68.40 -43.64 6.11
N VAL A 38 68.64 -43.64 4.80
CA VAL A 38 68.00 -42.67 3.92
C VAL A 38 66.48 -42.81 3.94
N THR A 39 66.01 -44.03 4.14
CA THR A 39 64.59 -44.32 4.23
C THR A 39 63.98 -43.78 5.50
N TYR A 40 64.67 -44.03 6.60
CA TYR A 40 64.24 -43.57 7.92
C TYR A 40 64.23 -42.05 7.95
N SER A 41 65.32 -41.47 7.45
CA SER A 41 65.41 -40.04 7.30
C SER A 41 64.39 -39.55 6.27
N GLY A 42 64.12 -40.37 5.26
CA GLY A 42 63.22 -40.00 4.19
C GLY A 42 61.80 -39.80 4.71
N MET A 43 61.34 -40.72 5.55
CA MET A 43 60.03 -40.60 6.16
C MET A 43 60.05 -39.51 7.21
N LYS A 44 61.20 -39.37 7.86
CA LYS A 44 61.36 -38.42 8.95
C LYS A 44 61.39 -37.03 8.32
N GLN A 45 61.84 -36.95 7.09
CA GLN A 45 61.89 -35.69 6.37
C GLN A 45 60.48 -35.14 6.15
N ALA A 46 59.55 -36.02 5.77
CA ALA A 46 58.20 -35.62 5.45
C ALA A 46 57.35 -35.44 6.70
N THR A 47 57.49 -36.38 7.64
CA THR A 47 56.59 -36.44 8.79
C THR A 47 57.02 -35.52 9.92
N SER A 48 58.22 -34.95 9.83
CA SER A 48 58.73 -34.08 10.87
C SER A 48 58.22 -32.66 10.68
N ASN A 49 57.36 -32.48 9.68
CA ASN A 49 56.77 -31.19 9.36
C ASN A 49 56.10 -30.54 10.57
N LEU A 50 56.27 -29.22 10.66
CA LEU A 50 55.69 -28.42 11.74
C LEU A 50 54.76 -27.38 11.15
N ILE A 51 53.76 -26.98 11.95
CA ILE A 51 52.62 -26.24 11.45
C ILE A 51 52.26 -25.06 12.34
N LEU A 52 51.86 -23.96 11.71
CA LEU A 52 51.22 -22.85 12.40
C LEU A 52 49.78 -23.23 12.71
N ASP A 53 49.37 -23.09 13.97
CA ASP A 53 48.04 -23.49 14.40
C ASP A 53 47.18 -22.28 14.73
N GLY A 54 46.15 -22.05 13.91
CA GLY A 54 45.20 -20.99 14.19
C GLY A 54 45.76 -19.59 14.00
N MET A 55 45.00 -18.60 14.46
CA MET A 55 45.25 -17.19 14.11
C MET A 55 46.59 -16.69 14.60
N ILE A 56 47.07 -15.65 13.92
CA ILE A 56 48.27 -14.94 14.34
C ILE A 56 47.89 -13.63 15.01
N TYR A 57 48.01 -13.59 16.33
CA TYR A 57 47.76 -12.39 17.11
C TYR A 57 48.99 -11.51 17.16
N GLY A 58 48.83 -10.22 17.45
CA GLY A 58 49.96 -9.39 17.75
C GLY A 58 49.68 -8.21 18.67
N SER A 59 50.72 -7.81 19.40
CA SER A 59 50.70 -6.55 20.15
C SER A 59 51.10 -5.44 19.20
N TYR A 60 50.48 -4.28 19.36
CA TYR A 60 50.67 -3.17 18.43
C TYR A 60 50.62 -1.85 19.19
N SER A 61 51.33 -0.85 18.67
CA SER A 61 51.42 0.45 19.33
C SER A 61 51.32 1.59 18.32
N LYS A 62 50.35 2.49 18.54
CA LYS A 62 50.20 3.66 17.68
C LYS A 62 51.38 4.60 17.89
N GLY A 63 51.61 4.96 19.14
CA GLY A 63 52.69 5.86 19.48
C GLY A 63 54.03 5.15 19.36
N GLY A 64 53.99 3.82 19.38
CA GLY A 64 55.16 3.02 19.12
C GLY A 64 55.42 2.94 17.63
N SER A 65 56.42 2.15 17.23
CA SER A 65 56.77 2.01 15.83
C SER A 65 55.74 1.22 15.03
N GLY A 66 55.03 0.30 15.68
CA GLY A 66 54.06 -0.53 15.00
C GLY A 66 53.86 -1.87 15.68
N LEU A 67 53.47 -2.87 14.90
CA LEU A 67 53.42 -4.25 15.41
C LEU A 67 54.74 -4.58 16.05
N ALA A 68 54.68 -5.03 17.31
CA ALA A 68 55.89 -5.23 18.09
C ALA A 68 56.03 -6.72 18.38
N GLN A 69 55.25 -7.21 19.34
CA GLN A 69 55.17 -8.64 19.55
C GLN A 69 54.27 -9.22 18.47
N LEU A 70 54.45 -10.49 18.16
CA LEU A 70 53.51 -11.21 17.31
C LEU A 70 53.31 -12.59 17.94
N TYR A 71 52.06 -13.03 18.01
CA TYR A 71 51.74 -14.27 18.70
C TYR A 71 51.06 -15.20 17.71
N PHE A 72 51.63 -16.37 17.56
CA PHE A 72 51.02 -17.41 16.76
C PHE A 72 51.37 -18.71 17.40
N TYR A 73 50.40 -19.60 17.48
CA TYR A 73 50.68 -20.93 17.99
C TYR A 73 51.27 -21.78 16.90
N VAL A 74 52.13 -22.69 17.31
CA VAL A 74 52.82 -23.59 16.41
C VAL A 74 52.63 -24.95 17.00
N LYS A 75 52.40 -25.94 16.14
CA LYS A 75 52.09 -27.27 16.61
C LYS A 75 52.82 -28.30 15.77
N VAL A 76 52.60 -29.56 16.10
CA VAL A 76 53.12 -30.66 15.34
C VAL A 76 51.92 -31.57 15.07
N PRO A 77 51.82 -32.12 13.84
CA PRO A 77 50.74 -33.08 13.60
C PRO A 77 50.79 -34.27 14.55
N GLU A 78 49.62 -34.82 14.87
CA GLU A 78 49.51 -35.92 15.83
C GLU A 78 50.41 -37.09 15.43
N GLY A 79 50.59 -37.27 14.12
CA GLY A 79 51.42 -38.34 13.61
C GLY A 79 52.85 -37.89 13.35
N GLY A 80 53.16 -36.66 13.73
CA GLY A 80 54.44 -36.06 13.44
C GLY A 80 55.56 -36.55 14.34
N GLU A 81 56.76 -36.03 14.12
CA GLU A 81 57.93 -36.33 14.96
C GLU A 81 58.18 -35.15 15.88
N THR A 82 58.70 -35.44 17.06
CA THR A 82 58.91 -34.41 18.07
C THR A 82 59.89 -33.35 17.54
N GLN A 83 59.84 -32.17 18.12
CA GLN A 83 60.56 -31.02 17.56
C GLN A 83 61.34 -30.27 18.63
N ASP A 84 62.28 -29.44 18.18
CA ASP A 84 63.03 -28.57 19.06
C ASP A 84 62.99 -27.14 18.52
N LEU A 85 62.35 -26.25 19.25
CA LEU A 85 62.14 -24.89 18.77
C LEU A 85 63.44 -24.11 18.78
N LYS A 86 64.42 -24.62 19.52
CA LYS A 86 65.74 -23.99 19.60
C LYS A 86 66.31 -23.92 18.18
N TYR A 87 66.00 -24.92 17.37
CA TYR A 87 66.53 -25.03 16.00
C TYR A 87 65.57 -24.52 14.93
N VAL A 88 64.36 -24.13 15.32
CA VAL A 88 63.45 -23.51 14.36
C VAL A 88 63.86 -22.05 14.20
N THR A 89 63.86 -21.57 12.95
CA THR A 89 64.26 -20.21 12.64
C THR A 89 63.11 -19.47 11.98
N TYR A 90 62.87 -18.26 12.45
CA TYR A 90 61.77 -17.45 11.96
C TYR A 90 62.18 -16.26 11.11
N LEU A 91 62.06 -16.42 9.80
CA LEU A 91 62.43 -15.38 8.86
C LEU A 91 61.33 -14.36 8.69
N TRP A 92 61.70 -13.09 8.56
CA TRP A 92 60.72 -12.00 8.68
C TRP A 92 60.92 -10.93 7.62
N THR A 93 59.81 -10.32 7.20
CA THR A 93 59.84 -9.28 6.20
C THR A 93 58.77 -8.23 6.48
N LYS A 94 59.13 -6.96 6.30
CA LYS A 94 58.14 -5.89 6.33
C LYS A 94 58.03 -5.21 4.97
N GLU A 95 56.94 -5.45 4.27
CA GLU A 95 56.63 -4.77 3.02
C GLU A 95 57.82 -4.81 2.06
N ASN A 96 58.08 -6.00 1.52
CA ASN A 96 59.09 -6.23 0.48
C ASN A 96 60.34 -5.44 0.93
N LYS A 97 60.84 -5.77 2.10
CA LYS A 97 62.15 -5.31 2.54
C LYS A 97 63.01 -6.53 2.22
N ALA A 98 64.26 -6.52 2.63
CA ALA A 98 65.14 -7.65 2.43
C ALA A 98 64.62 -8.59 3.49
N VAL A 99 65.39 -9.60 3.90
CA VAL A 99 64.93 -10.57 4.88
C VAL A 99 65.85 -10.13 5.99
N THR A 100 65.51 -10.53 7.21
CA THR A 100 66.45 -10.58 8.32
C THR A 100 65.85 -11.80 9.02
N THR A 101 66.71 -12.63 9.63
CA THR A 101 66.20 -13.77 10.37
C THR A 101 65.87 -13.14 11.71
N LEU A 102 64.95 -13.75 12.45
CA LEU A 102 64.49 -13.15 13.69
C LEU A 102 64.92 -13.62 15.08
N THR A 103 65.74 -12.80 15.73
CA THR A 103 66.25 -13.09 17.05
C THR A 103 65.50 -13.36 18.35
N SER A 104 64.50 -12.53 18.64
CA SER A 104 63.84 -12.58 19.93
C SER A 104 62.51 -13.31 20.01
N ILE A 105 62.59 -14.59 20.33
CA ILE A 105 61.42 -15.46 20.51
C ILE A 105 61.20 -16.15 21.86
N THR A 106 60.04 -15.93 22.47
CA THR A 106 59.80 -16.40 23.83
C THR A 106 60.14 -17.85 24.16
N PRO A 107 59.70 -18.79 23.32
CA PRO A 107 60.08 -20.18 23.60
C PRO A 107 61.48 -20.59 23.14
N THR A 108 62.45 -19.70 23.31
CA THR A 108 63.79 -19.93 22.78
C THR A 108 64.29 -21.36 22.91
N ASN A 109 64.06 -21.94 24.08
CA ASN A 109 64.47 -23.31 24.36
C ASN A 109 63.59 -24.41 24.94
N GLN A 110 62.67 -24.91 24.11
CA GLN A 110 61.73 -25.95 24.50
C GLN A 110 61.35 -26.90 23.37
N GLN A 111 60.96 -28.13 23.73
CA GLN A 111 60.49 -29.10 22.77
C GLN A 111 58.97 -29.30 22.68
N LEU A 112 58.53 -29.71 21.52
CA LEU A 112 57.13 -30.06 21.30
C LEU A 112 57.00 -31.54 20.96
N ASN A 113 56.33 -32.29 21.82
CA ASN A 113 55.93 -33.65 21.48
C ASN A 113 54.96 -33.56 20.31
N PRO A 114 54.97 -34.55 19.41
CA PRO A 114 53.99 -34.45 18.32
C PRO A 114 52.56 -34.43 18.83
N GLY A 115 51.72 -33.60 18.24
CA GLY A 115 50.37 -33.41 18.71
C GLY A 115 50.30 -32.51 19.92
N ALA A 116 51.18 -31.51 19.96
CA ALA A 116 51.17 -30.49 20.99
C ALA A 116 51.47 -29.13 20.38
N ARG A 117 51.27 -28.08 21.15
CA ARG A 117 51.46 -26.71 20.67
C ARG A 117 52.15 -25.82 21.69
N VAL A 118 52.56 -24.64 21.23
CA VAL A 118 53.26 -23.67 22.06
C VAL A 118 52.95 -22.27 21.57
N LYS A 119 52.97 -21.29 22.46
CA LYS A 119 52.75 -19.90 22.02
C LYS A 119 54.10 -19.30 21.68
N VAL A 120 54.33 -19.11 20.38
CA VAL A 120 55.53 -18.44 19.90
C VAL A 120 55.30 -16.94 19.94
N THR A 121 56.27 -16.20 20.44
CA THR A 121 56.19 -14.74 20.45
C THR A 121 57.36 -14.11 19.72
N ILE A 122 57.07 -13.54 18.56
CA ILE A 122 58.04 -12.81 17.77
C ILE A 122 58.09 -11.31 18.04
N THR A 123 59.27 -10.79 18.30
CA THR A 123 59.52 -9.36 18.15
C THR A 123 60.31 -8.93 16.92
N ALA A 124 59.70 -8.10 16.09
CA ALA A 124 60.35 -7.71 14.85
C ALA A 124 61.53 -6.81 15.16
N PRO A 125 62.62 -6.93 14.38
CA PRO A 125 63.82 -6.13 14.63
C PRO A 125 63.58 -4.67 14.34
N THR A 126 64.49 -3.81 14.78
CA THR A 126 64.24 -2.37 14.91
C THR A 126 63.59 -1.75 13.68
N GLY A 127 64.07 -2.13 12.49
CA GLY A 127 63.60 -1.53 11.26
C GLY A 127 62.36 -2.19 10.67
N TYR A 128 62.10 -3.43 11.03
CA TYR A 128 61.10 -4.26 10.36
C TYR A 128 59.73 -4.31 11.01
N LYS A 129 59.47 -3.48 12.02
CA LYS A 129 58.16 -3.51 12.68
C LYS A 129 57.09 -2.99 11.73
N PRO A 130 56.17 -3.87 11.31
CA PRO A 130 55.16 -3.42 10.32
C PRO A 130 54.06 -2.56 10.93
N ILE A 131 53.51 -1.67 10.13
CA ILE A 131 52.49 -0.73 10.55
C ILE A 131 51.25 -1.00 9.72
N ALA A 132 50.11 -0.53 10.18
CA ALA A 132 48.82 -0.86 9.56
C ALA A 132 48.85 -0.62 8.05
N GLY A 133 48.46 -1.64 7.29
CA GLY A 133 48.46 -1.58 5.84
C GLY A 133 49.72 -2.12 5.19
N GLN A 134 50.73 -2.45 6.01
CA GLN A 134 51.98 -3.02 5.50
C GLN A 134 52.00 -4.52 5.68
N LYS A 135 52.14 -5.26 4.58
CA LYS A 135 52.21 -6.71 4.67
C LYS A 135 53.54 -7.18 5.23
N PHE A 136 53.50 -8.28 5.97
CA PHE A 136 54.71 -8.92 6.44
C PHE A 136 54.63 -10.42 6.14
N VAL A 137 55.78 -11.06 5.97
CA VAL A 137 55.83 -12.52 5.84
C VAL A 137 56.67 -13.11 6.95
N LEU A 138 56.25 -14.28 7.42
CA LEU A 138 56.97 -15.03 8.42
C LEU A 138 57.14 -16.45 7.95
N GLU A 139 58.39 -16.83 7.65
CA GLU A 139 58.69 -18.20 7.24
C GLU A 139 59.13 -18.98 8.45
N ILE A 140 58.42 -20.05 8.73
CA ILE A 140 58.75 -20.91 9.86
C ILE A 140 59.46 -22.15 9.38
N LYS A 141 60.70 -22.29 9.83
CA LYS A 141 61.63 -23.27 9.30
C LYS A 141 62.09 -24.23 10.37
N PRO A 142 61.30 -25.28 10.61
CA PRO A 142 61.76 -26.31 11.54
C PRO A 142 62.95 -27.05 10.97
N LYS A 143 63.91 -27.43 11.80
CA LYS A 143 65.01 -28.23 11.31
C LYS A 143 64.46 -29.57 10.85
N THR A 144 64.89 -29.99 9.66
CA THR A 144 64.41 -31.25 9.09
C THR A 144 62.89 -31.25 9.00
N GLY A 145 62.35 -30.47 8.09
CA GLY A 145 60.91 -30.47 7.87
C GLY A 145 60.48 -29.44 6.86
N ALA A 146 59.27 -29.59 6.33
CA ALA A 146 58.73 -28.66 5.36
C ALA A 146 58.59 -27.30 6.01
N SER A 147 58.95 -26.26 5.27
CA SER A 147 58.98 -24.92 5.82
C SER A 147 57.76 -24.16 5.38
N THR A 148 57.06 -23.57 6.36
CA THR A 148 55.82 -22.87 6.05
C THR A 148 56.16 -21.46 5.69
N ILE A 149 55.16 -20.70 5.28
CA ILE A 149 55.25 -19.25 5.27
C ILE A 149 53.86 -18.75 5.56
N VAL A 150 53.77 -17.72 6.40
CA VAL A 150 52.48 -17.08 6.63
C VAL A 150 52.61 -15.59 6.35
N THR A 151 52.00 -15.17 5.26
CA THR A 151 51.94 -13.77 4.89
C THR A 151 50.63 -13.18 5.39
N ARG A 152 50.73 -11.97 5.89
CA ARG A 152 49.56 -11.25 6.36
C ARG A 152 49.78 -9.80 5.95
N THR A 153 48.69 -9.05 5.87
CA THR A 153 48.80 -7.60 5.77
C THR A 153 47.85 -7.01 6.79
N LEU A 154 48.39 -6.17 7.66
CA LEU A 154 47.58 -5.50 8.64
C LEU A 154 46.60 -4.63 7.89
N SER A 155 45.31 -4.78 8.21
CA SER A 155 44.31 -3.90 7.61
C SER A 155 44.67 -2.51 8.03
N ASP A 156 44.38 -1.51 7.21
CA ASP A 156 44.79 -0.17 7.59
C ASP A 156 43.66 0.31 8.47
N GLY A 157 43.99 0.33 9.75
CA GLY A 157 43.04 0.04 10.81
C GLY A 157 43.95 -0.61 11.83
N TYR A 158 43.44 -1.56 12.60
CA TYR A 158 44.29 -2.41 13.41
C TYR A 158 45.05 -1.63 14.49
N ASN A 159 44.34 -1.19 15.51
CA ASN A 159 44.98 -0.66 16.71
C ASN A 159 45.74 -1.81 17.40
N GLY A 160 45.48 -3.04 16.97
CA GLY A 160 46.21 -4.20 17.44
C GLY A 160 45.42 -5.49 17.33
N GLY A 161 45.79 -6.45 18.17
CA GLY A 161 45.01 -7.68 18.34
C GLY A 161 45.11 -8.68 17.20
N VAL A 162 44.05 -9.47 17.03
CA VAL A 162 44.07 -10.57 16.06
C VAL A 162 44.38 -10.07 14.67
N ILE A 163 45.20 -10.82 13.94
CA ILE A 163 45.44 -10.53 12.53
C ILE A 163 44.56 -11.49 11.75
N ILE A 164 43.54 -10.92 11.12
CA ILE A 164 42.46 -11.71 10.54
C ILE A 164 42.97 -12.66 9.47
N PHE B 1 66.66 -53.28 -9.93
CA PHE B 1 65.28 -52.81 -9.62
C PHE B 1 64.40 -53.09 -10.85
N SER B 2 63.29 -53.78 -10.64
CA SER B 2 62.43 -54.23 -11.73
C SER B 2 61.02 -53.66 -11.59
N GLY B 3 60.43 -53.29 -12.74
CA GLY B 3 59.07 -52.78 -12.75
C GLY B 3 58.05 -53.87 -12.50
N LEU B 4 58.52 -55.11 -12.41
CA LEU B 4 57.65 -56.24 -12.11
C LEU B 4 56.96 -56.02 -10.78
N GLU B 5 57.72 -55.55 -9.81
CA GLU B 5 57.21 -55.26 -8.48
C GLU B 5 56.37 -54.00 -8.52
N ALA B 6 56.74 -53.07 -9.39
CA ALA B 6 56.00 -51.83 -9.57
C ALA B 6 54.57 -52.16 -9.98
N ALA B 7 54.44 -53.21 -10.78
CA ALA B 7 53.13 -53.68 -11.20
C ALA B 7 52.33 -54.11 -9.98
N ILE B 8 52.97 -54.88 -9.11
CA ILE B 8 52.33 -55.41 -7.91
C ILE B 8 51.68 -54.28 -7.13
N VAL B 9 52.39 -53.17 -7.04
CA VAL B 9 51.91 -51.99 -6.33
C VAL B 9 50.87 -51.26 -7.16
N LEU B 10 51.13 -51.19 -8.47
CA LEU B 10 50.25 -50.44 -9.38
C LEU B 10 48.85 -50.99 -9.28
N ILE B 11 48.74 -52.29 -9.07
CA ILE B 11 47.46 -52.90 -8.78
C ILE B 11 46.88 -52.20 -7.57
N ALA B 12 47.65 -52.20 -6.48
CA ALA B 12 47.17 -51.70 -5.20
C ALA B 12 46.72 -50.26 -5.26
N PHE B 13 47.48 -49.43 -5.98
CA PHE B 13 47.10 -48.04 -6.17
C PHE B 13 45.76 -47.96 -6.90
N VAL B 14 45.63 -48.77 -7.96
CA VAL B 14 44.41 -48.80 -8.76
C VAL B 14 43.24 -49.37 -7.96
N VAL B 15 43.49 -50.42 -7.19
CA VAL B 15 42.41 -51.12 -6.52
C VAL B 15 41.80 -50.21 -5.45
N VAL B 16 42.62 -49.66 -4.58
CA VAL B 16 42.12 -48.77 -3.53
C VAL B 16 41.45 -47.54 -4.17
N ALA B 17 41.92 -47.16 -5.35
CA ALA B 17 41.31 -46.08 -6.10
C ALA B 17 39.90 -46.50 -6.53
N ALA B 18 39.80 -47.69 -7.11
CA ALA B 18 38.51 -48.21 -7.57
C ALA B 18 37.55 -48.41 -6.40
N VAL B 19 38.06 -48.89 -5.27
CA VAL B 19 37.23 -49.07 -4.09
C VAL B 19 36.77 -47.73 -3.56
N PHE B 20 37.71 -46.79 -3.46
CA PHE B 20 37.33 -45.46 -3.01
C PHE B 20 36.38 -44.87 -4.03
N SER B 21 36.69 -45.08 -5.31
CA SER B 21 35.85 -44.62 -6.39
C SER B 21 34.49 -45.24 -6.24
N TYR B 22 34.49 -46.54 -5.98
CA TYR B 22 33.28 -47.30 -5.81
C TYR B 22 32.43 -46.73 -4.68
N VAL B 23 33.05 -46.55 -3.52
CA VAL B 23 32.33 -46.07 -2.34
C VAL B 23 31.96 -44.60 -2.49
N MET B 24 32.89 -43.78 -2.97
CA MET B 24 32.63 -42.36 -3.09
C MET B 24 31.41 -42.12 -3.97
N LEU B 25 31.26 -42.95 -5.00
CA LEU B 25 30.08 -42.90 -5.84
C LEU B 25 28.86 -43.26 -5.01
N GLY B 26 28.98 -44.35 -4.26
CA GLY B 26 27.88 -44.79 -3.39
C GLY B 26 27.64 -43.74 -2.32
N ALA B 27 28.72 -43.21 -1.77
CA ALA B 27 28.64 -42.12 -0.80
C ALA B 27 27.98 -40.93 -1.49
N GLY B 28 28.38 -40.73 -2.74
CA GLY B 28 27.90 -39.63 -3.56
C GLY B 28 26.45 -39.71 -3.97
N PHE B 29 26.01 -40.90 -4.39
CA PHE B 29 24.62 -41.05 -4.78
C PHE B 29 23.76 -40.79 -3.57
N PHE B 30 24.13 -41.38 -2.45
CA PHE B 30 23.40 -41.18 -1.20
C PHE B 30 23.41 -39.71 -0.83
N ALA B 31 24.54 -39.05 -1.06
CA ALA B 31 24.66 -37.62 -0.82
C ALA B 31 23.60 -36.92 -1.65
N THR B 32 23.54 -37.28 -2.92
CA THR B 32 22.60 -36.70 -3.86
C THR B 32 21.17 -37.07 -3.50
N GLN B 33 20.94 -38.36 -3.30
CA GLN B 33 19.61 -38.87 -3.02
C GLN B 33 19.11 -38.32 -1.69
N LYS B 34 20.03 -37.99 -0.79
CA LYS B 34 19.65 -37.32 0.44
C LYS B 34 19.35 -35.86 0.11
N SER B 35 20.20 -35.26 -0.71
CA SER B 35 20.07 -33.86 -1.09
C SER B 35 18.74 -33.64 -1.80
N GLN B 36 18.24 -34.68 -2.45
CA GLN B 36 16.95 -34.63 -3.12
C GLN B 36 15.79 -34.71 -2.13
N GLU B 37 15.93 -35.56 -1.11
CA GLU B 37 14.87 -35.80 -0.16
C GLU B 37 14.55 -34.55 0.63
N VAL B 38 15.60 -33.88 1.12
CA VAL B 38 15.42 -32.65 1.88
C VAL B 38 14.76 -31.57 1.04
N THR B 39 15.01 -31.59 -0.27
CA THR B 39 14.43 -30.64 -1.20
C THR B 39 12.95 -30.91 -1.40
N TYR B 40 12.63 -32.19 -1.59
CA TYR B 40 11.24 -32.60 -1.79
C TYR B 40 10.45 -32.31 -0.53
N SER B 41 11.02 -32.68 0.61
CA SER B 41 10.43 -32.37 1.91
C SER B 41 10.42 -30.86 2.12
N GLY B 42 11.44 -30.18 1.60
CA GLY B 42 11.57 -28.74 1.78
C GLY B 42 10.43 -27.99 1.14
N MET B 43 10.08 -28.36 -0.09
CA MET B 43 8.95 -27.75 -0.77
C MET B 43 7.66 -28.23 -0.15
N LYS B 44 7.68 -29.47 0.31
CA LYS B 44 6.50 -30.09 0.88
C LYS B 44 6.24 -29.45 2.23
N GLN B 45 7.31 -28.97 2.87
CA GLN B 45 7.18 -28.29 4.14
C GLN B 45 6.39 -27.00 3.99
N ALA B 46 6.68 -26.25 2.94
CA ALA B 46 6.04 -24.96 2.72
C ALA B 46 4.65 -25.09 2.12
N THR B 47 4.53 -25.99 1.13
CA THR B 47 3.31 -26.08 0.34
C THR B 47 2.23 -26.93 0.99
N SER B 48 2.59 -27.65 2.05
CA SER B 48 1.65 -28.52 2.73
C SER B 48 0.80 -27.74 3.72
N ASN B 49 1.02 -26.43 3.76
CA ASN B 49 0.31 -25.53 4.66
C ASN B 49 -1.20 -25.67 4.54
N LEU B 50 -1.87 -25.59 5.68
CA LEU B 50 -3.32 -25.70 5.78
C LEU B 50 -3.90 -24.41 6.37
N ILE B 51 -5.14 -24.12 6.03
CA ILE B 51 -5.71 -22.79 6.25
C ILE B 51 -7.13 -22.87 6.80
N LEU B 52 -7.42 -21.95 7.72
CA LEU B 52 -8.79 -21.71 8.14
C LEU B 52 -9.50 -20.88 7.07
N ASP B 53 -10.67 -21.38 6.64
CA ASP B 53 -11.40 -20.74 5.56
C ASP B 53 -12.68 -20.09 6.06
N GLY B 54 -12.70 -18.75 6.01
CA GLY B 54 -13.89 -18.00 6.37
C GLY B 54 -14.21 -18.01 7.86
N MET B 55 -15.41 -17.56 8.20
CA MET B 55 -15.76 -17.24 9.58
C MET B 55 -15.73 -18.44 10.51
N ILE B 56 -15.54 -18.17 11.79
CA ILE B 56 -15.63 -19.18 12.83
C ILE B 56 -16.96 -19.07 13.55
N TYR B 57 -17.87 -19.99 13.26
CA TYR B 57 -19.16 -20.06 13.93
C TYR B 57 -19.05 -20.84 15.23
N GLY B 58 -20.00 -20.64 16.15
CA GLY B 58 -20.10 -21.53 17.29
C GLY B 58 -21.49 -21.67 17.88
N SER B 59 -21.72 -22.82 18.50
CA SER B 59 -22.90 -23.04 19.32
C SER B 59 -22.61 -22.50 20.72
N TYR B 60 -23.63 -21.91 21.36
CA TYR B 60 -23.43 -21.23 22.63
C TYR B 60 -24.66 -21.42 23.49
N SER B 61 -24.46 -21.43 24.81
CA SER B 61 -25.56 -21.65 25.76
C SER B 61 -25.48 -20.70 26.95
N LYS B 62 -26.55 -19.94 27.18
CA LYS B 62 -26.61 -19.04 28.32
C LYS B 62 -26.68 -19.85 29.60
N GLY B 63 -27.65 -20.78 29.66
CA GLY B 63 -27.82 -21.62 30.83
C GLY B 63 -26.73 -22.67 30.90
N GLY B 64 -26.09 -22.92 29.76
CA GLY B 64 -24.93 -23.78 29.72
C GLY B 64 -23.71 -23.04 30.18
N SER B 65 -22.54 -23.68 30.11
CA SER B 65 -21.30 -23.07 30.56
C SER B 65 -20.81 -21.95 29.64
N GLY B 66 -21.15 -22.02 28.35
CA GLY B 66 -20.70 -21.03 27.40
C GLY B 66 -20.61 -21.59 26.00
N LEU B 67 -19.72 -21.00 25.18
CA LEU B 67 -19.40 -21.54 23.88
C LEU B 67 -19.05 -23.02 24.04
N ALA B 68 -19.75 -23.86 23.28
CA ALA B 68 -19.63 -25.30 23.44
C ALA B 68 -19.01 -25.88 22.19
N GLN B 69 -19.81 -26.02 21.15
CA GLN B 69 -19.26 -26.37 19.84
C GLN B 69 -18.63 -25.13 19.24
N LEU B 70 -17.67 -25.31 18.37
CA LEU B 70 -17.15 -24.23 17.56
C LEU B 70 -17.00 -24.74 16.13
N TYR B 71 -17.41 -23.96 15.16
CA TYR B 71 -17.42 -24.41 13.79
C TYR B 71 -16.58 -23.46 12.96
N PHE B 72 -15.58 -24.02 12.29
CA PHE B 72 -14.79 -23.25 11.35
C PHE B 72 -14.39 -24.18 10.25
N TYR B 73 -14.46 -23.70 9.03
CA TYR B 73 -14.03 -24.50 7.91
C TYR B 73 -12.53 -24.40 7.79
N VAL B 74 -11.95 -25.49 7.31
CA VAL B 74 -10.51 -25.60 7.16
C VAL B 74 -10.31 -26.10 5.74
N LYS B 75 -9.31 -25.57 5.06
CA LYS B 75 -9.11 -25.91 3.66
C LYS B 75 -7.64 -26.13 3.40
N VAL B 76 -7.34 -26.43 2.14
CA VAL B 76 -5.98 -26.54 1.67
C VAL B 76 -5.89 -25.66 0.43
N PRO B 77 -4.79 -24.91 0.27
CA PRO B 77 -4.65 -24.14 -0.97
C PRO B 77 -4.68 -25.02 -2.22
N GLU B 78 -5.19 -24.47 -3.31
CA GLU B 78 -5.37 -25.22 -4.55
C GLU B 78 -4.05 -25.87 -5.00
N GLY B 79 -2.94 -25.20 -4.69
CA GLY B 79 -1.62 -25.69 -5.05
C GLY B 79 -0.99 -26.51 -3.92
N GLY B 80 -1.75 -26.73 -2.86
CA GLY B 80 -1.22 -27.38 -1.68
C GLY B 80 -1.08 -28.88 -1.83
N GLU B 81 -0.62 -29.52 -0.76
CA GLU B 81 -0.51 -30.98 -0.70
C GLU B 81 -1.65 -31.53 0.13
N THR B 82 -2.10 -32.74 -0.20
CA THR B 82 -3.25 -33.32 0.49
C THR B 82 -2.93 -33.51 1.97
N GLN B 83 -3.98 -33.60 2.78
CA GLN B 83 -3.82 -33.56 4.23
C GLN B 83 -4.59 -34.67 4.92
N ASP B 84 -4.25 -34.91 6.18
CA ASP B 84 -4.96 -35.86 7.03
C ASP B 84 -5.31 -35.19 8.36
N LEU B 85 -6.60 -35.01 8.59
CA LEU B 85 -7.06 -34.28 9.75
C LEU B 85 -6.85 -35.11 11.03
N LYS B 86 -6.64 -36.41 10.84
CA LYS B 86 -6.39 -37.31 11.96
C LYS B 86 -5.15 -36.81 12.70
N TYR B 87 -4.19 -36.25 11.93
CA TYR B 87 -2.92 -35.79 12.49
C TYR B 87 -2.87 -34.29 12.77
N VAL B 88 -3.92 -33.57 12.42
CA VAL B 88 -4.01 -32.16 12.78
C VAL B 88 -4.43 -32.07 14.24
N THR B 89 -3.78 -31.18 14.98
CA THR B 89 -4.06 -31.00 16.40
C THR B 89 -4.52 -29.58 16.68
N TYR B 90 -5.60 -29.46 17.44
CA TYR B 90 -6.19 -28.17 17.74
C TYR B 90 -5.99 -27.70 19.17
N LEU B 91 -5.03 -26.79 19.35
CA LEU B 91 -4.72 -26.26 20.66
C LEU B 91 -5.66 -25.12 21.04
N TRP B 92 -6.03 -25.07 22.31
CA TRP B 92 -7.13 -24.21 22.74
C TRP B 92 -6.82 -23.45 24.03
N THR B 93 -7.38 -22.25 24.14
CA THR B 93 -7.20 -21.41 25.31
C THR B 93 -8.45 -20.61 25.59
N LYS B 94 -8.78 -20.49 26.88
CA LYS B 94 -9.83 -19.56 27.30
C LYS B 94 -9.26 -18.49 28.21
N GLU B 95 -9.17 -17.26 27.68
CA GLU B 95 -8.76 -16.11 28.47
C GLU B 95 -7.49 -16.38 29.27
N ASN B 96 -6.37 -16.47 28.55
CA ASN B 96 -5.04 -16.59 29.13
C ASN B 96 -5.15 -17.64 30.24
N LYS B 97 -5.59 -18.85 29.87
CA LYS B 97 -5.50 -20.00 30.75
C LYS B 97 -4.23 -20.66 30.21
N ALA B 98 -3.94 -21.87 30.70
CA ALA B 98 -2.78 -22.62 30.23
C ALA B 98 -3.33 -23.10 28.89
N VAL B 99 -2.72 -24.12 28.30
CA VAL B 99 -3.16 -24.60 26.99
C VAL B 99 -3.72 -25.92 27.47
N THR B 100 -4.55 -26.51 26.63
CA THR B 100 -4.87 -27.94 26.71
C THR B 100 -5.03 -28.18 25.21
N THR B 101 -4.63 -29.37 24.76
CA THR B 101 -4.81 -29.70 23.35
C THR B 101 -6.26 -30.20 23.34
N LEU B 102 -6.90 -30.11 22.19
CA LEU B 102 -8.31 -30.45 22.12
C LEU B 102 -8.86 -31.74 21.54
N THR B 103 -9.37 -32.59 22.43
CA THR B 103 -9.91 -33.89 22.05
C THR B 103 -11.07 -34.22 21.11
N SER B 104 -12.17 -33.49 21.24
CA SER B 104 -13.37 -33.84 20.52
C SER B 104 -13.69 -33.04 19.26
N ILE B 105 -13.22 -33.57 18.13
CA ILE B 105 -13.47 -33.00 16.81
C ILE B 105 -14.19 -33.83 15.74
N THR B 106 -15.29 -33.31 15.21
CA THR B 106 -16.14 -34.10 14.32
C THR B 106 -15.46 -34.85 13.17
N PRO B 107 -14.60 -34.17 12.41
CA PRO B 107 -13.89 -34.91 11.36
C PRO B 107 -12.69 -35.74 11.79
N THR B 108 -12.80 -36.38 12.96
CA THR B 108 -11.67 -37.09 13.54
C THR B 108 -10.79 -37.83 12.54
N ASN B 109 -11.45 -38.52 11.61
CA ASN B 109 -10.74 -39.27 10.58
C ASN B 109 -11.01 -39.21 9.08
N GLN B 110 -10.61 -38.09 8.48
CA GLN B 110 -10.80 -37.86 7.05
C GLN B 110 -9.70 -37.05 6.40
N GLN B 111 -9.51 -37.23 5.09
CA GLN B 111 -8.56 -36.45 4.33
C GLN B 111 -9.12 -35.32 3.48
N LEU B 112 -8.28 -34.32 3.25
CA LEU B 112 -8.61 -33.20 2.36
C LEU B 112 -7.69 -33.18 1.16
N ASN B 113 -8.24 -33.40 -0.03
CA ASN B 113 -7.48 -33.15 -1.24
C ASN B 113 -7.16 -31.66 -1.29
N PRO B 114 -6.01 -31.29 -1.86
CA PRO B 114 -5.75 -29.85 -1.92
C PRO B 114 -6.81 -29.12 -2.73
N GLY B 115 -7.21 -27.94 -2.26
CA GLY B 115 -8.29 -27.20 -2.89
C GLY B 115 -9.66 -27.74 -2.49
N ALA B 116 -9.76 -28.22 -1.26
CA ALA B 116 -11.03 -28.68 -0.71
C ALA B 116 -11.15 -28.24 0.74
N ARG B 117 -12.33 -28.38 1.32
CA ARG B 117 -12.60 -27.94 2.68
C ARG B 117 -13.45 -28.93 3.46
N VAL B 118 -13.53 -28.71 4.78
CA VAL B 118 -14.28 -29.56 5.67
C VAL B 118 -14.80 -28.74 6.84
N LYS B 119 -15.92 -29.12 7.42
CA LYS B 119 -16.42 -28.41 8.59
C LYS B 119 -15.85 -29.06 9.83
N VAL B 120 -14.90 -28.37 10.46
CA VAL B 120 -14.33 -28.83 11.73
C VAL B 120 -15.23 -28.37 12.87
N THR B 121 -15.50 -29.28 13.80
CA THR B 121 -16.30 -28.93 14.97
C THR B 121 -15.55 -29.19 16.26
N ILE B 122 -15.14 -28.13 16.92
CA ILE B 122 -14.49 -28.20 18.22
C ILE B 122 -15.42 -28.11 19.41
N THR B 123 -15.32 -29.05 20.33
CA THR B 123 -15.81 -28.86 21.68
C THR B 123 -14.80 -28.57 22.76
N ALA B 124 -14.91 -27.42 23.42
CA ALA B 124 -13.91 -27.02 24.39
C ALA B 124 -14.03 -27.92 25.61
N PRO B 125 -12.89 -28.25 26.25
CA PRO B 125 -12.90 -29.14 27.40
C PRO B 125 -13.57 -28.49 28.60
N THR B 126 -13.89 -29.28 29.62
CA THR B 126 -14.83 -28.89 30.67
C THR B 126 -14.57 -27.49 31.23
N GLY B 127 -13.30 -27.17 31.48
CA GLY B 127 -12.96 -25.91 32.11
C GLY B 127 -12.79 -24.75 31.15
N TYR B 128 -12.55 -25.05 29.88
CA TYR B 128 -12.12 -24.04 28.91
C TYR B 128 -13.22 -23.43 28.04
N LYS B 129 -14.48 -23.72 28.32
CA LYS B 129 -15.57 -23.18 27.51
C LYS B 129 -15.67 -21.67 27.70
N PRO B 130 -15.36 -20.89 26.65
CA PRO B 130 -15.36 -19.43 26.84
C PRO B 130 -16.77 -18.83 26.86
N ILE B 131 -16.90 -17.72 27.57
CA ILE B 131 -18.18 -17.05 27.76
C ILE B 131 -18.03 -15.66 27.18
N ALA B 132 -19.16 -15.00 26.93
CA ALA B 132 -19.15 -13.73 26.22
C ALA B 132 -18.20 -12.73 26.87
N GLY B 133 -17.32 -12.16 26.04
CA GLY B 133 -16.32 -11.21 26.50
C GLY B 133 -14.97 -11.84 26.83
N GLN B 134 -14.91 -13.17 26.79
CA GLN B 134 -13.66 -13.89 27.05
C GLN B 134 -13.00 -14.32 25.74
N LYS B 135 -11.77 -13.88 25.52
CA LYS B 135 -11.06 -14.26 24.30
C LYS B 135 -10.60 -15.71 24.38
N PHE B 136 -10.55 -16.38 23.22
CA PHE B 136 -9.99 -17.70 23.12
C PHE B 136 -9.05 -17.75 21.91
N VAL B 137 -8.06 -18.63 21.98
CA VAL B 137 -7.19 -18.85 20.81
C VAL B 137 -7.28 -20.32 20.39
N LEU B 138 -7.21 -20.52 19.09
CA LEU B 138 -7.19 -21.86 18.52
C LEU B 138 -6.06 -21.97 17.54
N GLU B 139 -5.05 -22.78 17.91
CA GLU B 139 -3.91 -23.00 17.01
C GLU B 139 -4.16 -24.26 16.22
N ILE B 140 -4.16 -24.13 14.90
CA ILE B 140 -4.37 -25.26 14.03
C ILE B 140 -3.04 -25.74 13.47
N LYS B 141 -2.71 -26.98 13.79
CA LYS B 141 -1.38 -27.52 13.57
C LYS B 141 -1.42 -28.74 12.67
N PRO B 142 -1.44 -28.52 11.36
CA PRO B 142 -1.37 -29.66 10.46
C PRO B 142 -0.01 -30.31 10.55
N LYS B 143 0.06 -31.62 10.44
CA LYS B 143 1.35 -32.31 10.45
C LYS B 143 2.10 -31.87 9.20
N THR B 144 3.36 -31.50 9.37
CA THR B 144 4.19 -31.03 8.26
C THR B 144 3.52 -29.86 7.57
N GLY B 145 3.51 -28.70 8.23
CA GLY B 145 2.99 -27.50 7.61
C GLY B 145 2.96 -26.32 8.57
N ALA B 146 2.85 -25.13 8.02
CA ALA B 146 2.81 -23.91 8.82
C ALA B 146 1.58 -23.96 9.71
N SER B 147 1.75 -23.54 10.96
CA SER B 147 0.69 -23.66 11.93
C SER B 147 0.02 -22.32 12.11
N THR B 148 -1.30 -22.30 12.00
CA THR B 148 -2.04 -21.05 12.09
C THR B 148 -2.34 -20.79 13.55
N ILE B 149 -2.93 -19.63 13.81
CA ILE B 149 -3.61 -19.41 15.07
C ILE B 149 -4.75 -18.44 14.77
N VAL B 150 -5.92 -18.72 15.34
CA VAL B 150 -7.02 -17.78 15.21
C VAL B 150 -7.52 -17.41 16.60
N THR B 151 -7.26 -16.17 16.96
CA THR B 151 -7.73 -15.62 18.22
C THR B 151 -9.01 -14.84 17.96
N ARG B 152 -9.96 -14.99 18.86
CA ARG B 152 -11.22 -14.28 18.80
C ARG B 152 -11.56 -13.91 20.22
N THR B 153 -12.40 -12.90 20.36
CA THR B 153 -13.02 -12.63 21.64
C THR B 153 -14.51 -12.46 21.40
N LEU B 154 -15.30 -13.24 22.11
CA LEU B 154 -16.74 -13.13 22.01
C LEU B 154 -17.13 -11.75 22.49
N SER B 155 -17.87 -11.02 21.69
CA SER B 155 -18.38 -9.73 22.09
C SER B 155 -19.22 -10.00 23.33
N ASP B 156 -19.29 -9.05 24.25
CA ASP B 156 -20.04 -9.32 25.46
C ASP B 156 -21.46 -8.96 25.08
N GLY B 157 -22.23 -10.02 24.88
CA GLY B 157 -23.28 -10.06 23.89
C GLY B 157 -23.24 -11.52 23.48
N TYR B 158 -23.55 -11.82 22.24
CA TYR B 158 -23.29 -13.14 21.69
C TYR B 158 -24.08 -14.24 22.39
N ASN B 159 -25.38 -14.28 22.14
CA ASN B 159 -26.20 -15.42 22.54
C ASN B 159 -25.74 -16.64 21.75
N GLY B 160 -24.92 -16.42 20.70
CA GLY B 160 -24.32 -17.51 19.96
C GLY B 160 -23.96 -17.11 18.53
N GLY B 161 -23.90 -18.11 17.65
CA GLY B 161 -23.76 -17.88 16.23
C GLY B 161 -22.38 -17.43 15.76
N VAL B 162 -22.36 -16.68 14.66
CA VAL B 162 -21.10 -16.30 14.02
C VAL B 162 -20.22 -15.54 14.97
N ILE B 163 -18.92 -15.83 14.94
CA ILE B 163 -17.94 -15.05 15.69
C ILE B 163 -17.32 -14.10 14.70
N ILE B 164 -17.65 -12.82 14.88
CA ILE B 164 -17.37 -11.79 13.88
C ILE B 164 -15.87 -11.68 13.61
N PHE C 1 62.10 -50.64 -9.80
CA PHE C 1 61.22 -49.60 -9.19
C PHE C 1 60.45 -50.22 -8.04
N SER C 2 60.54 -49.60 -6.86
CA SER C 2 59.95 -50.15 -5.65
C SER C 2 58.92 -49.22 -5.05
N GLY C 3 57.83 -49.78 -4.53
CA GLY C 3 56.79 -49.00 -3.88
C GLY C 3 57.23 -48.48 -2.52
N LEU C 4 58.42 -48.88 -2.09
CA LEU C 4 58.99 -48.40 -0.85
C LEU C 4 59.12 -46.89 -0.88
N GLU C 5 59.59 -46.38 -2.00
CA GLU C 5 59.74 -44.96 -2.21
C GLU C 5 58.38 -44.31 -2.41
N ALA C 6 57.46 -45.05 -3.01
CA ALA C 6 56.11 -44.57 -3.22
C ALA C 6 55.48 -44.25 -1.88
N ALA C 7 55.83 -45.06 -0.88
CA ALA C 7 55.37 -44.82 0.48
C ALA C 7 55.88 -43.47 0.97
N ILE C 8 57.16 -43.23 0.74
CA ILE C 8 57.80 -42.00 1.19
C ILE C 8 57.02 -40.79 0.72
N VAL C 9 56.57 -40.86 -0.53
CA VAL C 9 55.80 -39.79 -1.14
C VAL C 9 54.36 -39.82 -0.63
N LEU C 10 53.83 -41.01 -0.47
CA LEU C 10 52.43 -41.18 -0.07
C LEU C 10 52.21 -40.49 1.26
N ILE C 11 53.23 -40.51 2.10
CA ILE C 11 53.21 -39.72 3.32
C ILE C 11 52.98 -38.27 2.93
N ALA C 12 53.85 -37.77 2.07
CA ALA C 12 53.86 -36.36 1.72
C ALA C 12 52.54 -35.90 1.13
N PHE C 13 51.93 -36.73 0.29
CA PHE C 13 50.64 -36.41 -0.29
C PHE C 13 49.60 -36.33 0.84
N VAL C 14 49.64 -37.29 1.75
CA VAL C 14 48.72 -37.34 2.87
C VAL C 14 48.96 -36.18 3.82
N VAL C 15 50.22 -35.88 4.10
CA VAL C 15 50.53 -34.89 5.13
C VAL C 15 50.06 -33.51 4.68
N VAL C 16 50.45 -33.09 3.48
CA VAL C 16 50.04 -31.79 2.96
C VAL C 16 48.52 -31.73 2.85
N ALA C 17 47.90 -32.88 2.60
CA ALA C 17 46.46 -32.99 2.58
C ALA C 17 45.90 -32.69 3.97
N ALA C 18 46.45 -33.39 4.97
CA ALA C 18 46.02 -33.19 6.35
C ALA C 18 46.26 -31.76 6.82
N VAL C 19 47.39 -31.18 6.44
CA VAL C 19 47.68 -29.79 6.81
C VAL C 19 46.72 -28.86 6.11
N PHE C 20 46.49 -29.08 4.81
CA PHE C 20 45.54 -28.26 4.10
C PHE C 20 44.17 -28.49 4.70
N SER C 21 43.88 -29.75 4.99
CA SER C 21 42.64 -30.14 5.60
C SER C 21 42.50 -29.44 6.93
N TYR C 22 43.60 -29.48 7.69
CA TYR C 22 43.68 -28.86 8.99
C TYR C 22 43.37 -27.36 8.90
N VAL C 23 44.08 -26.67 8.01
CA VAL C 23 43.93 -25.23 7.88
C VAL C 23 42.60 -24.86 7.25
N MET C 24 42.20 -25.59 6.21
CA MET C 24 40.95 -25.29 5.50
C MET C 24 39.78 -25.34 6.49
N LEU C 25 39.85 -26.29 7.42
CA LEU C 25 38.86 -26.38 8.47
C LEU C 25 38.94 -25.13 9.34
N GLY C 26 40.15 -24.76 9.73
CA GLY C 26 40.37 -23.57 10.52
C GLY C 26 39.98 -22.33 9.73
N ALA C 27 40.34 -22.34 8.45
CA ALA C 27 39.95 -21.27 7.54
C ALA C 27 38.43 -21.28 7.44
N GLY C 28 37.88 -22.49 7.39
CA GLY C 28 36.47 -22.71 7.27
C GLY C 28 35.62 -22.33 8.48
N PHE C 29 36.10 -22.66 9.67
CA PHE C 29 35.37 -22.33 10.89
C PHE C 29 35.33 -20.81 10.97
N PHE C 30 36.48 -20.18 10.76
CA PHE C 30 36.56 -18.72 10.80
C PHE C 30 35.64 -18.14 9.73
N ALA C 31 35.59 -18.79 8.58
CA ALA C 31 34.69 -18.37 7.51
C ALA C 31 33.28 -18.38 8.05
N THR C 32 32.92 -19.48 8.69
CA THR C 32 31.60 -19.66 9.27
C THR C 32 31.36 -18.68 10.42
N GLN C 33 32.30 -18.66 11.35
CA GLN C 33 32.20 -17.85 12.54
C GLN C 33 32.17 -16.37 12.17
N LYS C 34 32.78 -16.02 11.05
CA LYS C 34 32.67 -14.68 10.50
C LYS C 34 31.29 -14.50 9.89
N SER C 35 30.87 -15.51 9.15
CA SER C 35 29.58 -15.49 8.45
C SER C 35 28.45 -15.35 9.47
N GLN C 36 28.69 -15.84 10.67
CA GLN C 36 27.72 -15.73 11.77
C GLN C 36 27.68 -14.31 12.34
N GLU C 37 28.88 -13.72 12.49
CA GLU C 37 28.99 -12.41 13.13
C GLU C 37 28.27 -11.35 12.32
N VAL C 38 28.50 -11.36 11.01
CA VAL C 38 27.86 -10.39 10.13
C VAL C 38 26.34 -10.53 10.16
N THR C 39 25.87 -11.75 10.36
CA THR C 39 24.45 -12.05 10.44
C THR C 39 23.86 -11.51 11.74
N TYR C 40 24.56 -11.75 12.85
CA TYR C 40 24.11 -11.29 14.14
C TYR C 40 24.11 -9.76 14.16
N SER C 41 25.19 -9.19 13.65
CA SER C 41 25.27 -7.75 13.50
C SER C 41 24.25 -7.26 12.48
N GLY C 42 23.98 -8.08 11.47
CA GLY C 42 23.07 -7.74 10.40
C GLY C 42 21.66 -7.52 10.93
N MET C 43 21.20 -8.44 11.76
CA MET C 43 19.89 -8.32 12.39
C MET C 43 19.92 -7.22 13.42
N LYS C 44 21.06 -7.09 14.08
CA LYS C 44 21.23 -6.12 15.15
C LYS C 44 21.25 -4.74 14.52
N GLN C 45 21.71 -4.66 13.29
CA GLN C 45 21.75 -3.40 12.56
C GLN C 45 20.34 -2.86 12.35
N ALA C 46 19.42 -3.75 11.97
CA ALA C 46 18.05 -3.35 11.66
C ALA C 46 17.21 -3.16 12.92
N THR C 47 17.36 -4.10 13.85
CA THR C 47 16.47 -4.16 15.01
C THR C 47 16.89 -3.22 16.13
N SER C 48 18.10 -2.67 16.03
CA SER C 48 18.61 -1.77 17.07
C SER C 48 18.10 -0.35 16.88
N ASN C 49 17.23 -0.19 15.88
CA ASN C 49 16.65 1.11 15.56
C ASN C 49 15.98 1.75 16.75
N LEU C 50 16.14 3.07 16.85
CA LEU C 50 15.57 3.88 17.93
C LEU C 50 14.63 4.93 17.33
N ILE C 51 13.65 5.32 18.14
CA ILE C 51 12.50 6.06 17.64
C ILE C 51 12.13 7.24 18.52
N LEU C 52 11.75 8.34 17.88
CA LEU C 52 11.10 9.45 18.58
C LEU C 52 9.65 9.08 18.88
N ASP C 53 9.26 9.23 20.15
CA ASP C 53 7.93 8.83 20.59
C ASP C 53 7.06 10.03 20.92
N GLY C 54 6.04 10.25 20.10
CA GLY C 54 5.08 11.31 20.38
C GLY C 54 5.63 12.71 20.18
N MET C 55 4.88 13.71 20.64
CA MET C 55 5.13 15.12 20.28
C MET C 55 6.47 15.63 20.76
N ILE C 56 6.95 16.66 20.07
CA ILE C 56 8.15 17.37 20.48
C ILE C 56 7.78 18.69 21.16
N TYR C 57 7.88 18.73 22.46
CA TYR C 57 7.64 19.93 23.24
C TYR C 57 8.88 20.82 23.29
N GLY C 58 8.71 22.10 23.56
CA GLY C 58 9.86 22.95 23.88
C GLY C 58 9.57 24.12 24.78
N SER C 59 10.61 24.53 25.50
CA SER C 59 10.59 25.79 26.24
C SER C 59 10.99 26.90 25.28
N TYR C 60 10.37 28.06 25.44
CA TYR C 60 10.55 29.16 24.51
C TYR C 60 10.51 30.49 25.26
N SER C 61 11.22 31.49 24.74
CA SER C 61 11.31 32.79 25.39
C SER C 61 11.20 33.93 24.37
N LYS C 62 10.23 34.82 24.58
CA LYS C 62 10.07 35.98 23.72
C LYS C 62 11.25 36.93 23.93
N GLY C 63 11.49 37.29 25.18
CA GLY C 63 12.58 38.21 25.50
C GLY C 63 13.91 37.49 25.38
N GLY C 64 13.87 36.16 25.41
CA GLY C 64 15.05 35.36 25.14
C GLY C 64 15.30 35.27 23.66
N SER C 65 16.30 34.48 23.26
CA SER C 65 16.64 34.34 21.85
C SER C 65 15.61 33.54 21.06
N GLY C 66 14.90 32.63 21.72
CA GLY C 66 13.93 31.79 21.05
C GLY C 66 13.73 30.45 21.73
N LEU C 67 13.34 29.44 20.97
CA LEU C 67 13.29 28.07 21.48
C LEU C 67 14.62 27.74 22.12
N ALA C 68 14.56 27.31 23.37
CA ALA C 68 15.77 27.10 24.16
C ALA C 68 15.91 25.62 24.45
N GLN C 69 15.15 25.13 25.42
CA GLN C 69 15.06 23.70 25.63
C GLN C 69 14.16 23.12 24.56
N LEU C 70 14.34 21.85 24.25
CA LEU C 70 13.40 21.12 23.43
C LEU C 70 13.19 19.74 24.05
N TYR C 71 11.95 19.31 24.12
CA TYR C 71 11.64 18.07 24.83
C TYR C 71 10.96 17.14 23.85
N PHE C 72 11.53 15.96 23.70
CA PHE C 72 10.90 14.92 22.91
C PHE C 72 11.26 13.61 23.54
N TYR C 73 10.29 12.72 23.65
CA TYR C 73 10.58 11.40 24.17
C TYR C 73 11.16 10.55 23.07
N VAL C 74 12.03 9.64 23.47
CA VAL C 74 12.72 8.74 22.58
C VAL C 74 12.53 7.37 23.17
N LYS C 75 12.29 6.39 22.32
CA LYS C 75 11.98 5.05 22.80
C LYS C 75 12.72 4.04 21.97
N VAL C 76 12.50 2.77 22.31
CA VAL C 76 13.01 1.65 21.55
C VAL C 76 11.82 0.75 21.29
N PRO C 77 11.71 0.19 20.05
CA PRO C 77 10.63 -0.77 19.82
C PRO C 77 10.68 -1.96 20.78
N GLU C 78 9.52 -2.51 21.12
CA GLU C 78 9.41 -3.60 22.07
C GLU C 78 10.31 -4.77 21.68
N GLY C 79 10.49 -4.96 20.37
CA GLY C 79 11.32 -6.02 19.86
C GLY C 79 12.74 -5.59 19.59
N GLY C 80 13.05 -4.35 19.96
CA GLY C 80 14.34 -3.74 19.66
C GLY C 80 15.45 -4.24 20.57
N GLU C 81 16.66 -3.71 20.34
CA GLU C 81 17.82 -4.01 21.16
C GLU C 81 18.08 -2.83 22.09
N THR C 82 18.60 -3.11 23.27
CA THR C 82 18.82 -2.06 24.26
C THR C 82 19.79 -1.02 23.73
N GLN C 83 19.75 0.17 24.30
CA GLN C 83 20.46 1.31 23.75
C GLN C 83 21.25 2.07 24.80
N ASP C 84 22.18 2.90 24.34
CA ASP C 84 22.94 3.78 25.21
C ASP C 84 22.90 5.20 24.66
N LEU C 85 22.26 6.10 25.39
CA LEU C 85 22.04 7.45 24.92
C LEU C 85 23.34 8.23 24.92
N LYS C 86 24.32 7.72 25.66
CA LYS C 86 25.65 8.36 25.72
C LYS C 86 26.21 8.43 24.30
N TYR C 87 25.90 7.42 23.49
CA TYR C 87 26.42 7.31 22.14
C TYR C 87 25.45 7.81 21.05
N VAL C 88 24.25 8.19 21.44
CA VAL C 88 23.33 8.81 20.50
C VAL C 88 23.74 10.27 20.31
N THR C 89 23.74 10.74 19.07
CA THR C 89 24.14 12.10 18.76
C THR C 89 22.98 12.84 18.09
N TYR C 90 22.74 14.06 18.55
CA TYR C 90 21.64 14.86 18.07
C TYR C 90 22.04 16.04 17.21
N LEU C 91 21.92 15.87 15.90
CA LEU C 91 22.29 16.91 14.96
C LEU C 91 21.18 17.93 14.78
N TRP C 92 21.54 19.21 14.65
CA TRP C 92 20.58 20.29 14.76
C TRP C 92 20.77 21.36 13.69
N THR C 93 19.66 21.96 13.28
CA THR C 93 19.68 23.00 12.26
C THR C 93 18.61 24.06 12.56
N LYS C 94 18.96 25.31 12.36
CA LYS C 94 17.98 26.39 12.39
C LYS C 94 17.87 27.06 11.03
N GLU C 95 16.77 26.81 10.34
CA GLU C 95 16.46 27.49 9.08
C GLU C 95 17.64 27.45 8.11
N ASN C 96 17.91 26.27 7.59
CA ASN C 96 18.91 26.03 6.53
C ASN C 96 20.15 26.81 6.97
N LYS C 97 20.65 26.48 8.16
CA LYS C 97 21.97 26.95 8.58
C LYS C 97 22.83 25.73 8.25
N ALA C 98 24.08 25.75 8.68
CA ALA C 98 24.98 24.62 8.46
C ALA C 98 24.45 23.68 9.54
N VAL C 99 25.22 22.67 9.94
CA VAL C 99 24.77 21.71 10.94
C VAL C 99 25.69 22.16 12.05
N THR C 100 25.36 21.76 13.26
CA THR C 100 26.29 21.72 14.37
C THR C 100 25.71 20.50 15.09
N THR C 101 26.56 19.68 15.68
CA THR C 101 26.06 18.53 16.44
C THR C 101 25.74 19.18 17.78
N LEU C 102 24.82 18.56 18.52
CA LEU C 102 24.36 19.17 19.76
C LEU C 102 24.79 18.71 21.15
N THR C 103 25.62 19.53 21.80
CA THR C 103 26.15 19.25 23.13
C THR C 103 25.40 18.99 24.42
N SER C 104 24.39 19.81 24.72
CA SER C 104 23.74 19.77 26.01
C SER C 104 22.41 19.04 26.08
N ILE C 105 22.49 17.76 26.41
CA ILE C 105 21.32 16.89 26.61
C ILE C 105 21.11 16.21 27.96
N THR C 106 19.95 16.43 28.57
CA THR C 106 19.71 15.97 29.94
C THR C 106 20.06 14.52 30.28
N PRO C 107 19.61 13.57 29.44
CA PRO C 107 20.01 12.19 29.72
C PRO C 107 21.39 11.77 29.25
N THR C 108 22.37 12.66 29.43
CA THR C 108 23.70 12.44 28.88
C THR C 108 24.21 11.01 29.03
N ASN C 109 23.98 10.43 30.20
CA ASN C 109 24.39 9.06 30.49
C ASN C 109 23.52 7.96 31.08
N GLN C 110 22.60 7.46 30.25
CA GLN C 110 21.66 6.42 30.64
C GLN C 110 21.28 5.47 29.53
N GLN C 111 20.89 4.25 29.90
CA GLN C 111 20.41 3.27 28.94
C GLN C 111 18.90 3.07 28.86
N LEU C 112 18.44 2.64 27.70
CA LEU C 112 17.05 2.30 27.48
C LEU C 112 16.91 0.81 27.15
N ASN C 113 16.25 0.06 28.03
CA ASN C 113 15.85 -1.30 27.68
C ASN C 113 14.88 -1.20 26.52
N PRO C 114 14.88 -2.20 25.63
CA PRO C 114 13.91 -2.11 24.54
C PRO C 114 12.48 -2.10 25.07
N GLY C 115 11.63 -1.26 24.46
CA GLY C 115 10.27 -1.08 24.94
C GLY C 115 10.22 -0.16 26.15
N ALA C 116 11.10 0.83 26.17
CA ALA C 116 11.09 1.85 27.21
C ALA C 116 11.38 3.21 26.58
N ARG C 117 11.19 4.27 27.35
CA ARG C 117 11.38 5.64 26.86
C ARG C 117 12.07 6.53 27.87
N VAL C 118 12.48 7.71 27.42
CA VAL C 118 13.18 8.68 28.24
C VAL C 118 12.86 10.08 27.74
N LYS C 119 12.89 11.08 28.61
CA LYS C 119 12.66 12.45 28.18
C LYS C 119 14.02 13.06 27.82
N VAL C 120 14.24 13.24 26.52
CA VAL C 120 15.43 13.90 26.04
C VAL C 120 15.20 15.41 26.06
N THR C 121 16.18 16.15 26.56
CA THR C 121 16.10 17.61 26.57
C THR C 121 17.26 18.24 25.82
N ILE C 122 16.96 18.80 24.65
CA ILE C 122 17.94 19.53 23.86
C ILE C 122 17.97 21.02 24.12
N THR C 123 19.17 21.56 24.38
CA THR C 123 19.41 22.97 24.23
C THR C 123 20.19 23.40 23.00
N ALA C 124 19.58 24.23 22.16
CA ALA C 124 20.22 24.61 20.91
C ALA C 124 21.41 25.52 21.22
N PRO C 125 22.49 25.40 20.43
CA PRO C 125 23.69 26.19 20.67
C PRO C 125 23.45 27.66 20.38
N THR C 126 24.36 28.51 20.81
CA THR C 126 24.10 29.96 20.92
C THR C 126 23.46 30.57 19.69
N GLY C 127 23.93 30.19 18.50
CA GLY C 127 23.45 30.77 17.28
C GLY C 127 22.22 30.12 16.69
N TYR C 128 21.96 28.88 17.07
CA TYR C 128 20.96 28.04 16.41
C TYR C 128 19.59 27.98 17.06
N LYS C 129 19.33 28.82 18.06
CA LYS C 129 18.03 28.81 18.73
C LYS C 129 16.94 29.32 17.79
N PRO C 130 16.01 28.43 17.36
CA PRO C 130 15.02 28.88 16.38
C PRO C 130 13.92 29.74 17.00
N ILE C 131 13.36 30.63 16.18
CA ILE C 131 12.35 31.56 16.61
C ILE C 131 11.09 31.29 15.78
N ALA C 132 9.95 31.77 16.23
CA ALA C 132 8.67 31.42 15.62
C ALA C 132 8.69 31.66 14.12
N GLY C 133 8.30 30.64 13.37
CA GLY C 133 8.30 30.69 11.92
C GLY C 133 9.55 30.14 11.27
N GLN C 134 10.57 29.82 12.08
CA GLN C 134 11.81 29.25 11.56
C GLN C 134 11.83 27.74 11.76
N LYS C 135 11.99 27.01 10.66
CA LYS C 135 12.03 25.55 10.76
C LYS C 135 13.37 25.10 11.32
N PHE C 136 13.35 23.98 12.06
CA PHE C 136 14.55 23.35 12.52
C PHE C 136 14.47 21.85 12.25
N VAL C 137 15.63 21.21 12.08
CA VAL C 137 15.67 19.75 11.94
C VAL C 137 16.51 19.17 13.06
N LEU C 138 16.09 18.00 13.53
CA LEU C 138 16.83 17.26 14.54
C LEU C 138 16.99 15.83 14.06
N GLU C 139 18.24 15.46 13.76
CA GLU C 139 18.55 14.09 13.36
C GLU C 139 18.98 13.32 14.57
N ILE C 140 18.28 12.24 14.87
CA ILE C 140 18.61 11.39 15.99
C ILE C 140 19.33 10.15 15.51
N LYS C 141 20.57 10.00 15.96
CA LYS C 141 21.49 9.03 15.43
C LYS C 141 21.97 8.06 16.50
N PRO C 142 21.17 7.02 16.75
CA PRO C 142 21.64 6.01 17.69
C PRO C 142 22.82 5.25 17.11
N LYS C 143 23.78 4.88 17.95
CA LYS C 143 24.89 4.09 17.46
C LYS C 143 24.34 2.74 17.01
N THR C 144 24.75 2.30 15.82
CA THR C 144 24.28 1.05 15.24
C THR C 144 22.76 1.05 15.17
N GLY C 145 22.21 1.81 14.25
CA GLY C 145 20.77 1.81 14.04
C GLY C 145 20.35 2.85 13.03
N ALA C 146 19.12 2.69 12.51
CA ALA C 146 18.59 3.61 11.53
C ALA C 146 18.45 4.97 12.17
N SER C 147 18.81 6.01 11.44
CA SER C 147 18.84 7.35 11.98
C SER C 147 17.61 8.11 11.53
N THR C 148 16.92 8.70 12.50
CA THR C 148 15.67 9.40 12.22
C THR C 148 16.01 10.81 11.83
N ILE C 149 15.00 11.57 11.43
CA ILE C 149 15.09 13.01 11.41
C ILE C 149 13.70 13.53 11.69
N VAL C 150 13.61 14.55 12.54
CA VAL C 150 12.33 15.20 12.76
C VAL C 150 12.45 16.68 12.48
N THR C 151 11.84 17.10 11.39
CA THR C 151 11.79 18.50 11.02
C THR C 151 10.48 19.09 11.52
N ARG C 152 10.57 20.29 12.02
CA ARG C 152 9.41 21.03 12.48
C ARG C 152 9.62 22.47 12.07
N THR C 153 8.53 23.22 11.99
CA THR C 153 8.64 24.67 11.88
C THR C 153 7.69 25.26 12.90
N LEU C 154 8.24 26.10 13.77
CA LEU C 154 7.42 26.78 14.74
C LEU C 154 6.44 27.64 13.99
N SER C 155 5.15 27.50 14.31
CA SER C 155 4.14 28.38 13.73
C SER C 155 4.51 29.78 14.13
N ASP C 156 4.21 30.77 13.30
CA ASP C 156 4.62 32.11 13.67
C ASP C 156 3.49 32.59 14.56
N GLY C 157 3.83 32.62 15.85
CA GLY C 157 2.89 32.32 16.90
C GLY C 157 3.81 31.69 17.93
N TYR C 158 3.30 30.73 18.70
CA TYR C 158 4.16 29.89 19.52
C TYR C 158 4.92 30.68 20.58
N ASN C 159 4.21 31.13 21.61
CA ASN C 159 4.85 31.65 22.80
C ASN C 159 5.62 30.51 23.48
N GLY C 160 5.35 29.28 23.07
CA GLY C 160 6.09 28.12 23.54
C GLY C 160 5.30 26.84 23.44
N GLY C 161 5.67 25.87 24.29
CA GLY C 161 4.90 24.65 24.46
C GLY C 161 5.00 23.64 23.34
N VAL C 162 3.94 22.86 23.16
CA VAL C 162 3.95 21.75 22.20
C VAL C 162 4.26 22.23 20.81
N ILE C 163 5.07 21.48 20.08
CA ILE C 163 5.31 21.77 18.67
C ILE C 163 4.43 20.81 17.89
N ILE C 164 3.41 21.36 17.27
CA ILE C 164 2.32 20.59 16.70
C ILE C 164 2.83 19.61 15.64
N PHE D 1 58.02 -47.67 -8.26
CA PHE D 1 57.10 -46.51 -8.48
C PHE D 1 57.74 -45.27 -7.86
N SER D 2 57.87 -44.21 -8.67
CA SER D 2 58.57 -43.00 -8.24
C SER D 2 57.67 -41.79 -8.28
N GLY D 3 57.82 -40.90 -7.30
CA GLY D 3 57.04 -39.68 -7.25
C GLY D 3 57.49 -38.67 -8.29
N LEU D 4 58.56 -39.01 -9.01
CA LEU D 4 59.06 -38.17 -10.08
C LEU D 4 57.98 -37.95 -11.12
N GLU D 5 57.31 -39.04 -11.45
CA GLU D 5 56.22 -39.01 -12.42
C GLU D 5 54.99 -38.35 -11.80
N ALA D 6 54.82 -38.53 -10.50
CA ALA D 6 53.72 -37.91 -9.78
C ALA D 6 53.81 -36.40 -9.93
N ALA D 7 55.04 -35.91 -9.95
CA ALA D 7 55.29 -34.48 -10.16
C ALA D 7 54.75 -34.08 -11.53
N ILE D 8 55.07 -34.88 -12.54
CA ILE D 8 54.67 -34.60 -13.91
C ILE D 8 53.18 -34.36 -13.99
N VAL D 9 52.44 -35.18 -13.26
CA VAL D 9 50.99 -35.08 -13.20
C VAL D 9 50.57 -33.93 -12.32
N LEU D 10 51.27 -33.75 -11.21
CA LEU D 10 50.91 -32.73 -10.24
C LEU D 10 50.92 -31.37 -10.91
N ILE D 11 51.82 -31.20 -11.87
CA ILE D 11 51.80 -30.01 -12.71
C ILE D 11 50.42 -29.93 -13.34
N ALA D 12 50.05 -31.01 -14.04
CA ALA D 12 48.84 -31.03 -14.86
C ALA D 12 47.60 -30.75 -14.03
N PHE D 13 47.53 -31.31 -12.83
CA PHE D 13 46.41 -31.05 -11.95
C PHE D 13 46.38 -29.57 -11.58
N VAL D 14 47.54 -29.02 -11.26
CA VAL D 14 47.67 -27.61 -10.89
C VAL D 14 47.37 -26.70 -12.08
N VAL D 15 47.87 -27.07 -13.27
CA VAL D 15 47.76 -26.18 -14.42
C VAL D 15 46.30 -26.04 -14.83
N VAL D 16 45.61 -27.17 -15.03
CA VAL D 16 44.20 -27.13 -15.40
C VAL D 16 43.38 -26.42 -14.33
N ALA D 17 43.84 -26.55 -13.08
CA ALA D 17 43.21 -25.84 -11.98
C ALA D 17 43.38 -24.35 -12.17
N ALA D 18 44.62 -23.92 -12.42
CA ALA D 18 44.92 -22.51 -12.63
C ALA D 18 44.19 -21.95 -13.86
N VAL D 19 44.11 -22.74 -14.92
CA VAL D 19 43.40 -22.31 -16.12
C VAL D 19 41.91 -22.22 -15.82
N PHE D 20 41.36 -23.23 -15.14
CA PHE D 20 39.96 -23.18 -14.78
C PHE D 20 39.77 -22.01 -13.83
N SER D 21 40.71 -21.88 -12.90
CA SER D 21 40.69 -20.80 -11.94
C SER D 21 40.73 -19.48 -12.70
N TYR D 22 41.63 -19.43 -13.67
CA TYR D 22 41.81 -18.25 -14.50
C TYR D 22 40.51 -17.88 -15.21
N VAL D 23 39.91 -18.85 -15.90
CA VAL D 23 38.70 -18.60 -16.67
C VAL D 23 37.51 -18.36 -15.77
N MET D 24 37.37 -19.18 -14.72
CA MET D 24 36.22 -19.06 -13.81
C MET D 24 36.17 -17.66 -13.23
N LEU D 25 37.35 -17.10 -12.96
CA LEU D 25 37.43 -15.72 -12.49
C LEU D 25 36.94 -14.79 -13.60
N GLY D 26 37.43 -15.02 -14.81
CA GLY D 26 37.01 -14.24 -15.96
C GLY D 26 35.54 -14.46 -16.24
N ALA D 27 35.11 -15.72 -16.13
CA ALA D 27 33.71 -16.06 -16.26
C ALA D 27 32.94 -15.37 -15.14
N GLY D 28 33.56 -15.36 -13.97
CA GLY D 28 32.99 -14.77 -12.77
C GLY D 28 32.88 -13.27 -12.77
N PHE D 29 33.92 -12.58 -13.25
CA PHE D 29 33.87 -11.12 -13.29
C PHE D 29 32.77 -10.73 -14.26
N PHE D 30 32.75 -11.38 -15.42
CA PHE D 30 31.72 -11.11 -16.41
C PHE D 30 30.34 -11.41 -15.83
N ALA D 31 30.26 -12.47 -15.05
CA ALA D 31 29.02 -12.83 -14.36
C ALA D 31 28.61 -11.64 -13.50
N THR D 32 29.57 -11.14 -12.74
CA THR D 32 29.34 -10.01 -11.83
C THR D 32 29.04 -8.75 -12.63
N GLN D 33 29.91 -8.44 -13.58
CA GLN D 33 29.80 -7.23 -14.37
C GLN D 33 28.51 -7.23 -15.19
N LYS D 34 28.03 -8.42 -15.51
CA LYS D 34 26.72 -8.56 -16.14
C LYS D 34 25.64 -8.31 -15.09
N SER D 35 25.84 -8.93 -13.93
CA SER D 35 24.88 -8.84 -12.82
C SER D 35 24.72 -7.39 -12.39
N GLN D 36 25.77 -6.59 -12.61
CA GLN D 36 25.73 -5.17 -12.30
C GLN D 36 24.94 -4.39 -13.35
N GLU D 37 25.13 -4.75 -14.62
CA GLU D 37 24.51 -4.03 -15.73
C GLU D 37 22.99 -4.12 -15.66
N VAL D 38 22.49 -5.34 -15.43
CA VAL D 38 21.05 -5.56 -15.34
C VAL D 38 20.45 -4.78 -14.17
N THR D 39 21.23 -4.60 -13.12
CA THR D 39 20.81 -3.86 -11.94
C THR D 39 20.74 -2.37 -12.23
N TYR D 40 21.76 -1.86 -12.90
CA TYR D 40 21.82 -0.46 -13.26
C TYR D 40 20.69 -0.13 -14.23
N SER D 41 20.54 -1.00 -15.23
CA SER D 41 19.43 -0.89 -16.17
C SER D 41 18.10 -1.13 -15.45
N GLY D 42 18.13 -2.00 -14.44
CA GLY D 42 16.92 -2.34 -13.70
C GLY D 42 16.34 -1.15 -12.98
N MET D 43 17.20 -0.38 -12.31
CA MET D 43 16.77 0.83 -11.64
C MET D 43 16.45 1.89 -12.67
N LYS D 44 17.22 1.88 -13.75
CA LYS D 44 17.07 2.89 -14.79
C LYS D 44 15.76 2.62 -15.53
N GLN D 45 15.34 1.36 -15.53
CA GLN D 45 14.08 0.98 -16.15
C GLN D 45 12.91 1.64 -15.43
N ALA D 46 12.95 1.62 -14.10
CA ALA D 46 11.86 2.15 -13.29
C ALA D 46 11.91 3.65 -13.17
N THR D 47 13.11 4.19 -12.95
CA THR D 47 13.27 5.60 -12.63
C THR D 47 13.30 6.51 -13.85
N SER D 48 13.41 5.90 -15.02
CA SER D 48 13.49 6.68 -16.27
C SER D 48 12.09 7.06 -16.74
N ASN D 49 11.09 6.70 -15.95
CA ASN D 49 9.70 6.98 -16.27
C ASN D 49 9.45 8.46 -16.54
N LEU D 50 8.59 8.70 -17.53
CA LEU D 50 8.22 10.05 -17.96
C LEU D 50 6.72 10.26 -17.78
N ILE D 51 6.33 11.52 -17.56
CA ILE D 51 5.00 11.82 -17.08
C ILE D 51 4.36 12.98 -17.81
N LEU D 52 3.06 12.86 -18.05
CA LEU D 52 2.26 14.00 -18.51
C LEU D 52 1.98 14.92 -17.34
N ASP D 53 2.28 16.20 -17.51
CA ASP D 53 2.15 17.18 -16.44
C ASP D 53 1.00 18.14 -16.69
N GLY D 54 -0.04 18.03 -15.86
CA GLY D 54 -1.16 18.96 -15.93
C GLY D 54 -2.03 18.77 -17.16
N MET D 55 -2.92 19.74 -17.40
CA MET D 55 -4.01 19.60 -18.36
C MET D 55 -3.52 19.41 -19.79
N ILE D 56 -4.39 18.79 -20.59
CA ILE D 56 -4.15 18.65 -22.02
C ILE D 56 -5.00 19.65 -22.79
N TYR D 57 -4.37 20.71 -23.28
CA TYR D 57 -5.02 21.71 -24.11
C TYR D 57 -5.06 21.28 -25.55
N GLY D 58 -5.98 21.86 -26.34
CA GLY D 58 -5.90 21.69 -27.78
C GLY D 58 -6.49 22.82 -28.60
N SER D 59 -5.96 22.97 -29.80
CA SER D 59 -6.57 23.83 -30.81
C SER D 59 -7.65 23.04 -31.52
N TYR D 60 -8.74 23.73 -31.87
CA TYR D 60 -9.91 23.07 -32.43
C TYR D 60 -10.56 23.98 -33.47
N SER D 61 -11.21 23.36 -34.45
CA SER D 61 -11.84 24.11 -35.54
C SER D 61 -13.21 23.55 -35.89
N LYS D 62 -14.23 24.40 -35.84
CA LYS D 62 -15.58 23.99 -36.21
C LYS D 62 -15.63 23.74 -37.71
N GLY D 63 -15.19 24.72 -38.48
CA GLY D 63 -15.21 24.62 -39.92
C GLY D 63 -14.10 23.69 -40.39
N GLY D 64 -13.12 23.47 -39.52
CA GLY D 64 -12.07 22.49 -39.78
C GLY D 64 -12.59 21.11 -39.45
N SER D 65 -11.71 20.11 -39.55
CA SER D 65 -12.10 18.72 -39.30
C SER D 65 -12.37 18.44 -37.82
N GLY D 66 -11.71 19.18 -36.93
CA GLY D 66 -11.87 18.94 -35.50
C GLY D 66 -10.65 19.37 -34.71
N LEU D 67 -10.43 18.73 -33.57
CA LEU D 67 -9.20 18.91 -32.80
C LEU D 67 -8.03 18.71 -33.73
N ALA D 68 -7.14 19.70 -33.77
CA ALA D 68 -6.04 19.69 -34.74
C ALA D 68 -4.74 19.57 -33.98
N GLN D 69 -4.29 20.68 -33.39
CA GLN D 69 -3.16 20.62 -32.48
C GLN D 69 -3.67 20.08 -31.14
N LEU D 70 -2.77 19.47 -30.38
CA LEU D 70 -3.06 19.13 -28.99
C LEU D 70 -1.85 19.49 -28.17
N TYR D 71 -2.08 20.10 -27.02
CA TYR D 71 -0.99 20.61 -26.21
C TYR D 71 -1.07 19.97 -24.85
N PHE D 72 0.01 19.32 -24.45
CA PHE D 72 0.12 18.78 -23.12
C PHE D 72 1.56 18.87 -22.73
N TYR D 73 1.81 19.27 -21.49
CA TYR D 73 3.16 19.30 -21.01
C TYR D 73 3.56 17.93 -20.57
N VAL D 74 4.85 17.65 -20.71
CA VAL D 74 5.42 16.36 -20.38
C VAL D 74 6.64 16.68 -19.53
N LYS D 75 6.85 15.90 -18.50
CA LYS D 75 7.93 16.20 -17.57
C LYS D 75 8.66 14.93 -17.19
N VAL D 76 9.65 15.08 -16.33
CA VAL D 76 10.36 13.96 -15.77
C VAL D 76 10.35 14.17 -14.25
N PRO D 77 10.13 13.11 -13.48
CA PRO D 77 10.24 13.29 -12.01
C PRO D 77 11.58 13.82 -11.57
N GLU D 78 11.60 14.59 -10.48
CA GLU D 78 12.81 15.24 -9.99
C GLU D 78 13.92 14.21 -9.77
N GLY D 79 13.54 13.00 -9.39
CA GLY D 79 14.48 11.93 -9.16
C GLY D 79 14.71 11.06 -10.38
N GLY D 80 14.11 11.46 -11.50
CA GLY D 80 14.14 10.66 -12.70
C GLY D 80 15.46 10.75 -13.46
N GLU D 81 15.53 10.04 -14.58
CA GLU D 81 16.69 10.07 -15.45
C GLU D 81 16.36 10.94 -16.66
N THR D 82 17.38 11.60 -17.21
CA THR D 82 17.17 12.52 -18.32
C THR D 82 16.60 11.78 -19.52
N GLN D 83 15.97 12.51 -20.42
CA GLN D 83 15.19 11.90 -21.48
C GLN D 83 15.51 12.53 -22.85
N ASP D 84 15.10 11.82 -23.90
CA ASP D 84 15.22 12.33 -25.26
C ASP D 84 13.89 12.16 -25.98
N LEU D 85 13.25 13.28 -26.31
CA LEU D 85 11.91 13.26 -26.87
C LEU D 85 11.95 12.75 -28.30
N LYS D 86 13.14 12.75 -28.90
CA LYS D 86 13.33 12.26 -30.25
C LYS D 86 12.89 10.80 -30.29
N TYR D 87 13.11 10.08 -29.18
CA TYR D 87 12.81 8.66 -29.10
C TYR D 87 11.48 8.34 -28.41
N VAL D 88 10.79 9.37 -27.91
CA VAL D 88 9.45 9.17 -27.38
C VAL D 88 8.48 9.09 -28.56
N THR D 89 7.56 8.14 -28.49
CA THR D 89 6.57 7.95 -29.56
C THR D 89 5.18 8.12 -29.01
N TYR D 90 4.37 8.87 -29.74
CA TYR D 90 3.01 9.19 -29.33
C TYR D 90 1.92 8.50 -30.13
N LEU D 91 1.38 7.43 -29.54
CA LEU D 91 0.34 6.66 -30.19
C LEU D 91 -1.04 7.29 -30.00
N TRP D 92 -1.87 7.23 -31.04
CA TRP D 92 -3.08 8.04 -31.07
C TRP D 92 -4.28 7.26 -31.57
N THR D 93 -5.46 7.61 -31.06
CA THR D 93 -6.70 6.95 -31.44
C THR D 93 -7.85 7.94 -31.44
N LYS D 94 -8.72 7.85 -32.44
CA LYS D 94 -9.97 8.59 -32.43
C LYS D 94 -11.16 7.64 -32.39
N GLU D 95 -11.82 7.59 -31.23
CA GLU D 95 -13.07 6.83 -31.09
C GLU D 95 -12.92 5.41 -31.63
N ASN D 96 -12.15 4.58 -30.90
CA ASN D 96 -12.00 3.16 -31.17
C ASN D 96 -11.79 3.03 -32.67
N LYS D 97 -10.76 3.69 -33.18
CA LYS D 97 -10.28 3.46 -34.53
C LYS D 97 -9.11 2.52 -34.27
N ALA D 98 -8.33 2.22 -35.29
CA ALA D 98 -7.15 1.36 -35.14
C ALA D 98 -6.20 2.36 -34.48
N VAL D 99 -4.89 2.09 -34.52
CA VAL D 99 -3.93 2.97 -33.86
C VAL D 99 -3.31 3.50 -35.14
N THR D 100 -2.61 4.62 -34.99
CA THR D 100 -1.61 5.05 -35.95
C THR D 100 -0.64 5.71 -34.97
N THR D 101 0.65 5.61 -35.22
CA THR D 101 1.62 6.27 -34.36
C THR D 101 1.62 7.68 -34.92
N LEU D 102 1.99 8.66 -34.09
CA LEU D 102 1.90 10.05 -34.52
C LEU D 102 3.09 10.89 -34.94
N THR D 103 3.17 11.16 -36.22
CA THR D 103 4.25 11.95 -36.80
C THR D 103 4.70 13.37 -36.50
N SER D 104 3.74 14.29 -36.39
CA SER D 104 4.07 15.70 -36.27
C SER D 104 4.01 16.30 -34.87
N ILE D 105 5.16 16.28 -34.21
CA ILE D 105 5.34 16.88 -32.89
C ILE D 105 6.39 17.99 -32.69
N THR D 106 5.95 19.14 -32.18
CA THR D 106 6.81 20.31 -32.12
C THR D 106 8.23 20.12 -31.55
N PRO D 107 8.34 19.48 -30.37
CA PRO D 107 9.67 19.25 -29.84
C PRO D 107 10.43 18.05 -30.43
N THR D 108 10.30 17.87 -31.75
CA THR D 108 10.87 16.69 -32.39
C THR D 108 12.23 16.27 -31.89
N ASN D 109 13.09 17.26 -31.69
CA ASN D 109 14.45 17.01 -31.20
C ASN D 109 15.11 17.74 -30.04
N GLN D 110 14.68 17.43 -28.82
CA GLN D 110 15.18 18.04 -27.61
C GLN D 110 15.19 17.12 -26.41
N GLN D 111 16.08 17.39 -25.46
CA GLN D 111 16.13 16.63 -24.21
C GLN D 111 15.54 17.32 -22.98
N LEU D 112 15.08 16.49 -22.04
CA LEU D 112 14.58 16.97 -20.76
C LEU D 112 15.47 16.48 -19.63
N ASN D 113 16.12 17.40 -18.94
CA ASN D 113 16.78 17.04 -17.68
C ASN D 113 15.70 16.60 -16.71
N PRO D 114 16.03 15.66 -15.81
CA PRO D 114 15.00 15.26 -14.86
C PRO D 114 14.54 16.44 -14.00
N GLY D 115 13.24 16.55 -13.76
CA GLY D 115 12.68 17.68 -13.05
C GLY D 115 12.54 18.89 -13.94
N ALA D 116 12.22 18.65 -15.20
CA ALA D 116 11.94 19.72 -16.16
C ALA D 116 10.77 19.31 -17.05
N ARG D 117 10.26 20.26 -17.82
CA ARG D 117 9.10 20.02 -18.68
C ARG D 117 9.25 20.68 -20.04
N VAL D 118 8.34 20.32 -20.94
CA VAL D 118 8.34 20.84 -22.30
C VAL D 118 6.90 20.86 -22.83
N LYS D 119 6.60 21.78 -23.74
CA LYS D 119 5.26 21.79 -24.33
C LYS D 119 5.27 20.91 -25.58
N VAL D 120 4.64 19.74 -25.48
CA VAL D 120 4.48 18.85 -26.61
C VAL D 120 3.28 19.29 -27.41
N THR D 121 3.42 19.35 -28.73
CA THR D 121 2.30 19.68 -29.60
C THR D 121 2.02 18.58 -30.61
N ILE D 122 0.93 17.86 -30.42
CA ILE D 122 0.49 16.85 -31.36
C ILE D 122 -0.49 17.34 -32.41
N THR D 123 -0.19 17.04 -33.67
CA THR D 123 -1.21 17.06 -34.72
C THR D 123 -1.73 15.72 -35.18
N ALA D 124 -3.03 15.50 -35.03
CA ALA D 124 -3.60 14.20 -35.37
C ALA D 124 -3.57 14.02 -36.89
N PRO D 125 -3.32 12.79 -37.35
CA PRO D 125 -3.22 12.51 -38.78
C PRO D 125 -4.57 12.68 -39.46
N THR D 126 -4.57 12.75 -40.79
CA THR D 126 -5.71 13.25 -41.55
C THR D 126 -7.06 12.68 -41.13
N GLY D 127 -7.10 11.37 -40.88
CA GLY D 127 -8.34 10.71 -40.55
C GLY D 127 -8.73 10.71 -39.09
N TYR D 128 -7.74 10.93 -38.23
CA TYR D 128 -7.89 10.73 -36.78
C TYR D 128 -8.21 11.98 -35.96
N LYS D 129 -8.49 13.10 -36.60
CA LYS D 129 -8.78 14.32 -35.86
C LYS D 129 -10.13 14.19 -35.13
N PRO D 130 -10.10 14.15 -33.78
CA PRO D 130 -11.37 13.93 -33.08
C PRO D 130 -12.23 15.17 -33.01
N ILE D 131 -13.55 14.95 -32.95
CA ILE D 131 -14.53 16.03 -32.95
C ILE D 131 -15.31 15.92 -31.64
N ALA D 132 -16.00 16.98 -31.26
CA ALA D 132 -16.64 17.07 -29.95
C ALA D 132 -17.52 15.84 -29.69
N GLY D 133 -17.29 15.21 -28.53
CA GLY D 133 -18.01 14.02 -28.13
C GLY D 133 -17.30 12.72 -28.50
N GLN D 134 -16.20 12.82 -29.25
CA GLN D 134 -15.43 11.64 -29.63
C GLN D 134 -14.19 11.49 -28.73
N LYS D 135 -14.09 10.35 -28.05
CA LYS D 135 -12.94 10.11 -27.19
C LYS D 135 -11.71 9.82 -28.02
N PHE D 136 -10.56 10.23 -27.50
CA PHE D 136 -9.26 9.87 -28.09
C PHE D 136 -8.33 9.38 -26.99
N VAL D 137 -7.39 8.53 -27.35
CA VAL D 137 -6.35 8.12 -26.42
C VAL D 137 -4.98 8.49 -26.97
N LEU D 138 -4.09 8.87 -26.06
CA LEU D 138 -2.73 9.20 -26.41
C LEU D 138 -1.79 8.44 -25.48
N GLU D 139 -1.07 7.48 -26.04
CA GLU D 139 -0.10 6.72 -25.25
C GLU D 139 1.26 7.35 -25.43
N ILE D 140 1.87 7.75 -24.32
CA ILE D 140 3.18 8.35 -24.36
C ILE D 140 4.21 7.33 -23.93
N LYS D 141 5.13 7.06 -24.85
CA LYS D 141 6.05 5.94 -24.75
C LYS D 141 7.49 6.40 -24.77
N PRO D 142 8.02 6.81 -23.60
CA PRO D 142 9.43 7.16 -23.57
C PRO D 142 10.28 5.92 -23.76
N LYS D 143 11.40 6.04 -24.46
CA LYS D 143 12.29 4.91 -24.59
C LYS D 143 12.82 4.56 -23.21
N THR D 144 12.79 3.27 -22.88
CA THR D 144 13.24 2.79 -21.57
C THR D 144 12.48 3.52 -20.46
N GLY D 145 11.21 3.17 -20.30
CA GLY D 145 10.43 3.72 -19.21
C GLY D 145 8.97 3.32 -19.27
N ALA D 146 8.28 3.48 -18.16
CA ALA D 146 6.88 3.11 -18.08
C ALA D 146 6.09 3.99 -19.02
N SER D 147 5.14 3.39 -19.74
CA SER D 147 4.41 4.09 -20.77
C SER D 147 3.06 4.51 -20.25
N THR D 148 2.74 5.78 -20.42
CA THR D 148 1.50 6.31 -19.89
C THR D 148 0.42 6.10 -20.93
N ILE D 149 -0.81 6.43 -20.57
CA ILE D 149 -1.85 6.65 -21.54
C ILE D 149 -2.77 7.71 -20.97
N VAL D 150 -3.18 8.66 -21.80
CA VAL D 150 -4.17 9.63 -21.37
C VAL D 150 -5.34 9.63 -22.33
N THR D 151 -6.45 9.11 -21.83
CA THR D 151 -7.69 9.10 -22.58
C THR D 151 -8.52 10.30 -22.16
N ARG D 152 -9.14 10.92 -23.15
CA ARG D 152 -10.04 12.03 -22.93
C ARG D 152 -11.20 11.86 -23.88
N THR D 153 -12.31 12.51 -23.56
CA THR D 153 -13.38 12.64 -24.52
C THR D 153 -13.80 14.10 -24.52
N LEU D 154 -13.77 14.70 -25.71
CA LEU D 154 -14.21 16.06 -25.83
C LEU D 154 -15.66 16.12 -25.47
N SER D 155 -16.01 17.01 -24.56
CA SER D 155 -17.41 17.21 -24.22
C SER D 155 -18.09 17.63 -25.50
N ASP D 156 -19.36 17.29 -25.68
CA ASP D 156 -19.99 17.65 -26.94
C ASP D 156 -20.47 19.07 -26.70
N GLY D 157 -19.73 19.96 -27.32
CA GLY D 157 -19.46 21.27 -26.78
C GLY D 157 -18.07 21.53 -27.32
N TYR D 158 -17.25 22.26 -26.57
CA TYR D 158 -15.83 22.33 -26.88
C TYR D 158 -15.56 22.98 -28.23
N ASN D 159 -15.74 24.30 -28.32
CA ASN D 159 -15.27 25.05 -29.46
C ASN D 159 -13.74 25.01 -29.48
N GLY D 160 -13.14 24.56 -28.38
CA GLY D 160 -11.71 24.35 -28.30
C GLY D 160 -11.18 24.43 -26.89
N GLY D 161 -9.89 24.76 -26.78
CA GLY D 161 -9.27 25.06 -25.50
C GLY D 161 -8.99 23.86 -24.60
N VAL D 162 -8.99 24.12 -23.29
CA VAL D 162 -8.61 23.10 -22.32
C VAL D 162 -9.49 21.87 -22.44
N ILE D 163 -8.88 20.69 -22.34
CA ILE D 163 -9.63 19.45 -22.28
C ILE D 163 -9.68 19.07 -20.80
N ILE D 164 -10.89 19.19 -20.25
CA ILE D 164 -11.09 19.13 -18.82
C ILE D 164 -10.64 17.78 -18.25
N PHE E 1 54.58 -43.71 -7.69
CA PHE E 1 53.18 -43.20 -7.71
C PHE E 1 52.84 -42.78 -9.14
N SER E 2 51.76 -43.30 -9.69
CA SER E 2 51.38 -43.08 -11.08
C SER E 2 50.02 -42.40 -11.20
N GLY E 3 49.90 -41.48 -12.15
CA GLY E 3 48.64 -40.79 -12.39
C GLY E 3 47.62 -41.70 -13.06
N LEU E 4 48.04 -42.92 -13.39
CA LEU E 4 47.15 -43.91 -13.99
C LEU E 4 45.99 -44.19 -13.04
N GLU E 5 46.32 -44.33 -11.76
CA GLU E 5 45.33 -44.56 -10.73
C GLU E 5 44.54 -43.29 -10.45
N ALA E 6 45.21 -42.16 -10.61
CA ALA E 6 44.56 -40.87 -10.42
C ALA E 6 43.41 -40.73 -11.41
N ALA E 7 43.61 -41.29 -12.59
CA ALA E 7 42.58 -41.31 -13.61
C ALA E 7 41.38 -42.09 -13.10
N ILE E 8 41.66 -43.26 -12.52
CA ILE E 8 40.62 -44.16 -12.03
C ILE E 8 39.68 -43.40 -11.09
N VAL E 9 40.29 -42.57 -10.23
CA VAL E 9 39.55 -41.76 -9.28
C VAL E 9 38.90 -40.58 -9.99
N LEU E 10 39.62 -39.98 -10.92
CA LEU E 10 39.15 -38.79 -11.60
C LEU E 10 37.82 -39.09 -12.26
N ILE E 11 37.67 -40.32 -12.75
CA ILE E 11 36.39 -40.77 -13.25
C ILE E 11 35.37 -40.58 -12.13
N ALA E 12 35.67 -41.18 -10.97
CA ALA E 12 34.73 -41.25 -9.86
C ALA E 12 34.32 -39.86 -9.39
N PHE E 13 35.27 -38.94 -9.34
CA PHE E 13 34.96 -37.56 -8.96
C PHE E 13 34.00 -36.96 -9.99
N VAL E 14 34.30 -37.18 -11.26
CA VAL E 14 33.48 -36.67 -12.35
C VAL E 14 32.11 -37.32 -12.38
N VAL E 15 32.07 -38.64 -12.16
CA VAL E 15 30.82 -39.37 -12.31
C VAL E 15 29.83 -38.93 -11.24
N VAL E 16 30.25 -38.96 -9.97
CA VAL E 16 29.37 -38.55 -8.88
C VAL E 16 28.95 -37.10 -9.06
N ALA E 17 29.85 -36.31 -9.67
CA ALA E 17 29.54 -34.94 -10.00
C ALA E 17 28.42 -34.89 -11.02
N ALA E 18 28.57 -35.64 -12.10
CA ALA E 18 27.57 -35.71 -13.14
C ALA E 18 26.23 -36.24 -12.62
N VAL E 19 26.28 -37.24 -11.76
CA VAL E 19 25.07 -37.80 -11.18
C VAL E 19 24.42 -36.76 -10.27
N PHE E 20 25.22 -36.12 -9.43
CA PHE E 20 24.69 -35.08 -8.56
C PHE E 20 24.18 -33.96 -9.44
N SER E 21 24.96 -33.64 -10.48
CA SER E 21 24.60 -32.62 -11.43
C SER E 21 23.29 -33.01 -12.08
N TYR E 22 23.22 -34.27 -12.47
CA TYR E 22 22.04 -34.83 -13.11
C TYR E 22 20.82 -34.68 -12.22
N VAL E 23 20.93 -35.14 -10.98
CA VAL E 23 19.81 -35.12 -10.05
C VAL E 23 19.49 -33.70 -9.59
N MET E 24 20.51 -32.91 -9.29
CA MET E 24 20.30 -31.55 -8.82
C MET E 24 19.50 -30.76 -9.85
N LEU E 25 19.78 -31.02 -11.11
CA LEU E 25 19.01 -30.42 -12.19
C LEU E 25 17.57 -30.89 -12.10
N GLY E 26 17.41 -32.20 -11.96
CA GLY E 26 16.09 -32.80 -11.83
C GLY E 26 15.42 -32.32 -10.55
N ALA E 27 16.20 -32.25 -9.48
CA ALA E 27 15.74 -31.70 -8.21
C ALA E 27 15.37 -30.24 -8.45
N GLY E 28 16.20 -29.59 -9.22
CA GLY E 28 16.06 -28.17 -9.55
C GLY E 28 14.88 -27.83 -10.43
N PHE E 29 14.64 -28.61 -11.47
CA PHE E 29 13.51 -28.35 -12.35
C PHE E 29 12.24 -28.52 -11.53
N PHE E 30 12.18 -29.60 -10.76
CA PHE E 30 11.02 -29.84 -9.92
C PHE E 30 10.86 -28.71 -8.92
N ALA E 31 11.99 -28.21 -8.41
CA ALA E 31 11.98 -27.07 -7.50
C ALA E 31 11.30 -25.91 -8.22
N THR E 32 11.73 -25.68 -9.44
CA THR E 32 11.22 -24.58 -10.25
C THR E 32 9.75 -24.84 -10.63
N GLN E 33 9.50 -26.04 -11.16
CA GLN E 33 8.17 -26.40 -11.63
C GLN E 33 7.18 -26.41 -10.46
N LYS E 34 7.68 -26.68 -9.25
CA LYS E 34 6.86 -26.55 -8.06
C LYS E 34 6.67 -25.06 -7.76
N SER E 35 7.76 -24.31 -7.84
CA SER E 35 7.75 -22.89 -7.54
C SER E 35 6.80 -22.15 -8.48
N GLN E 36 6.61 -22.72 -9.67
CA GLN E 36 5.66 -22.18 -10.65
C GLN E 36 4.22 -22.49 -10.26
N GLU E 37 3.98 -23.71 -9.80
CA GLU E 37 2.63 -24.18 -9.50
C GLU E 37 2.02 -23.36 -8.37
N VAL E 38 2.78 -23.15 -7.31
CA VAL E 38 2.31 -22.37 -6.18
C VAL E 38 1.98 -20.94 -6.58
N THR E 39 2.73 -20.43 -7.57
CA THR E 39 2.51 -19.08 -8.08
C THR E 39 1.24 -19.00 -8.88
N TYR E 40 1.04 -19.98 -9.75
CA TYR E 40 -0.16 -20.04 -10.58
C TYR E 40 -1.38 -20.21 -9.69
N SER E 41 -1.28 -21.13 -8.75
CA SER E 41 -2.32 -21.32 -7.75
C SER E 41 -2.44 -20.09 -6.87
N GLY E 42 -1.31 -19.42 -6.62
CA GLY E 42 -1.29 -18.25 -5.76
C GLY E 42 -2.11 -17.11 -6.33
N MET E 43 -1.96 -16.85 -7.62
CA MET E 43 -2.76 -15.83 -8.27
C MET E 43 -4.18 -16.32 -8.44
N LYS E 44 -4.32 -17.62 -8.64
CA LYS E 44 -5.61 -18.22 -8.89
C LYS E 44 -6.39 -18.21 -7.57
N GLN E 45 -5.65 -18.25 -6.46
CA GLN E 45 -6.26 -18.19 -5.14
C GLN E 45 -6.97 -16.86 -4.93
N ALA E 46 -6.32 -15.77 -5.34
CA ALA E 46 -6.84 -14.43 -5.13
C ALA E 46 -7.89 -14.06 -6.17
N THR E 47 -7.61 -14.39 -7.43
CA THR E 47 -8.42 -13.92 -8.54
C THR E 47 -9.66 -14.79 -8.78
N SER E 48 -9.72 -15.95 -8.14
CA SER E 48 -10.84 -16.87 -8.33
C SER E 48 -12.01 -16.47 -7.43
N ASN E 49 -11.85 -15.37 -6.72
CA ASN E 49 -12.87 -14.87 -5.82
C ASN E 49 -14.22 -14.67 -6.50
N LEU E 50 -15.27 -15.02 -5.76
CA LEU E 50 -16.65 -14.91 -6.22
C LEU E 50 -17.44 -13.96 -5.35
N ILE E 51 -18.46 -13.32 -5.93
CA ILE E 51 -19.08 -12.16 -5.33
C ILE E 51 -20.61 -12.23 -5.39
N LEU E 52 -21.25 -11.79 -4.33
CA LEU E 52 -22.68 -11.53 -4.33
C LEU E 52 -22.95 -10.22 -5.07
N ASP E 53 -23.85 -10.28 -6.06
CA ASP E 53 -24.13 -9.12 -6.90
C ASP E 53 -25.52 -8.55 -6.61
N GLY E 54 -25.55 -7.35 -6.03
CA GLY E 54 -26.80 -6.65 -5.82
C GLY E 54 -27.65 -7.27 -4.72
N MET E 55 -28.91 -6.81 -4.65
CA MET E 55 -29.76 -7.10 -3.49
C MET E 55 -30.06 -8.57 -3.29
N ILE E 56 -30.38 -8.92 -2.04
CA ILE E 56 -30.84 -10.25 -1.72
C ILE E 56 -32.36 -10.26 -1.54
N TYR E 57 -33.06 -10.79 -2.52
CA TYR E 57 -34.51 -10.95 -2.45
C TYR E 57 -34.89 -12.22 -1.72
N GLY E 58 -36.12 -12.30 -1.22
CA GLY E 58 -36.63 -13.56 -0.74
C GLY E 58 -38.14 -13.72 -0.79
N SER E 59 -38.57 -14.98 -0.92
CA SER E 59 -39.96 -15.35 -0.76
C SER E 59 -40.23 -15.52 0.73
N TYR E 60 -41.42 -15.12 1.17
CA TYR E 60 -41.75 -15.12 2.59
C TYR E 60 -43.22 -15.47 2.77
N SER E 61 -43.53 -16.07 3.92
CA SER E 61 -44.90 -16.52 4.21
C SER E 61 -45.30 -16.21 5.64
N LYS E 62 -46.39 -15.47 5.81
CA LYS E 62 -46.90 -15.17 7.14
C LYS E 62 -47.44 -16.45 7.77
N GLY E 63 -48.32 -17.12 7.06
CA GLY E 63 -48.93 -18.36 7.56
C GLY E 63 -47.93 -19.49 7.49
N GLY E 64 -46.89 -19.32 6.68
CA GLY E 64 -45.78 -20.25 6.64
C GLY E 64 -44.84 -19.99 7.80
N SER E 65 -43.73 -20.71 7.84
CA SER E 65 -42.78 -20.58 8.91
C SER E 65 -42.00 -19.26 8.87
N GLY E 66 -41.81 -18.71 7.66
CA GLY E 66 -41.05 -17.47 7.51
C GLY E 66 -40.42 -17.37 6.14
N LEU E 67 -39.29 -16.65 6.07
CA LEU E 67 -38.49 -16.60 4.85
C LEU E 67 -38.21 -18.03 4.41
N ALA E 68 -38.54 -18.33 3.16
CA ALA E 68 -38.47 -19.69 2.66
C ALA E 68 -37.41 -19.75 1.59
N GLN E 69 -37.74 -19.27 0.39
CA GLN E 69 -36.74 -19.11 -0.64
C GLN E 69 -35.95 -17.85 -0.33
N LEU E 70 -34.71 -17.79 -0.79
CA LEU E 70 -33.95 -16.54 -0.77
C LEU E 70 -33.26 -16.41 -2.11
N TYR E 71 -33.28 -15.21 -2.67
CA TYR E 71 -32.76 -15.00 -4.02
C TYR E 71 -31.68 -13.94 -3.94
N PHE E 72 -30.50 -14.30 -4.40
CA PHE E 72 -29.42 -13.35 -4.53
C PHE E 72 -28.62 -13.75 -5.72
N TYR E 73 -28.23 -12.77 -6.52
CA TYR E 73 -27.38 -13.05 -7.65
C TYR E 73 -25.94 -13.15 -7.19
N VAL E 74 -25.20 -13.99 -7.88
CA VAL E 74 -23.81 -14.25 -7.56
C VAL E 74 -23.08 -14.12 -8.87
N LYS E 75 -21.91 -13.52 -8.84
CA LYS E 75 -21.18 -13.23 -10.05
C LYS E 75 -19.71 -13.54 -9.87
N VAL E 76 -18.96 -13.31 -10.93
CA VAL E 76 -17.51 -13.42 -10.89
C VAL E 76 -16.97 -12.11 -11.45
N PRO E 77 -15.91 -11.55 -10.85
CA PRO E 77 -15.33 -10.35 -11.45
C PRO E 77 -14.87 -10.57 -12.89
N GLU E 78 -14.93 -9.52 -13.70
CA GLU E 78 -14.60 -9.60 -15.12
C GLU E 78 -13.21 -10.20 -15.33
N GLY E 79 -12.32 -9.93 -14.38
CA GLY E 79 -10.94 -10.42 -14.45
C GLY E 79 -10.77 -11.74 -13.70
N GLY E 80 -11.87 -12.28 -13.20
CA GLY E 80 -11.82 -13.46 -12.36
C GLY E 80 -11.62 -14.75 -13.14
N GLU E 81 -11.59 -15.86 -12.40
CA GLU E 81 -11.46 -17.18 -13.01
C GLU E 81 -12.82 -17.85 -12.97
N THR E 82 -13.09 -18.69 -13.96
CA THR E 82 -14.40 -19.33 -14.08
C THR E 82 -14.67 -20.20 -12.85
N GLN E 83 -15.94 -20.47 -12.60
CA GLN E 83 -16.36 -21.09 -11.36
C GLN E 83 -17.30 -22.25 -11.58
N ASP E 84 -17.47 -23.08 -10.54
CA ASP E 84 -18.43 -24.16 -10.56
C ASP E 84 -19.27 -24.11 -9.29
N LEU E 85 -20.56 -23.84 -9.46
CA LEU E 85 -21.45 -23.63 -8.32
C LEU E 85 -21.72 -24.95 -7.61
N LYS E 86 -21.43 -26.05 -8.29
CA LYS E 86 -21.60 -27.37 -7.71
C LYS E 86 -20.74 -27.47 -6.45
N TYR E 87 -19.59 -26.81 -6.47
CA TYR E 87 -18.64 -26.85 -5.37
C TYR E 87 -18.71 -25.65 -4.43
N VAL E 88 -19.57 -24.68 -4.74
CA VAL E 88 -19.82 -23.59 -3.81
C VAL E 88 -20.77 -24.08 -2.73
N THR E 89 -20.47 -23.73 -1.48
CA THR E 89 -21.29 -24.15 -0.35
C THR E 89 -21.83 -22.94 0.38
N TYR E 90 -23.12 -23.00 0.70
CA TYR E 90 -23.81 -21.89 1.35
C TYR E 90 -24.18 -22.13 2.79
N LEU E 91 -23.38 -21.57 3.69
CA LEU E 91 -23.61 -21.73 5.11
C LEU E 91 -24.63 -20.74 5.63
N TRP E 92 -25.48 -21.19 6.56
CA TRP E 92 -26.67 -20.44 6.93
C TRP E 92 -26.89 -20.38 8.43
N THR E 93 -27.47 -19.28 8.89
CA THR E 93 -27.75 -19.09 10.31
C THR E 93 -29.04 -18.31 10.49
N LYS E 94 -29.85 -18.71 11.47
CA LYS E 94 -31.00 -17.91 11.88
C LYS E 94 -30.83 -17.45 13.32
N GLU E 95 -30.57 -16.15 13.49
CA GLU E 95 -30.54 -15.54 14.82
C GLU E 95 -29.64 -16.34 15.79
N ASN E 96 -28.34 -16.30 15.54
CA ASN E 96 -27.32 -16.87 16.42
C ASN E 96 -27.84 -18.26 16.79
N LYS E 97 -28.06 -19.08 15.78
CA LYS E 97 -28.31 -20.51 15.98
C LYS E 97 -26.92 -21.07 15.67
N ALA E 98 -26.81 -22.39 15.60
CA ALA E 98 -25.54 -23.04 15.28
C ALA E 98 -25.52 -22.78 13.76
N VAL E 99 -24.71 -23.53 13.01
CA VAL E 99 -24.60 -23.31 11.57
C VAL E 99 -25.29 -24.59 11.16
N THR E 100 -25.73 -24.62 9.91
CA THR E 100 -26.02 -25.84 9.19
C THR E 100 -25.60 -25.39 7.80
N THR E 101 -25.02 -26.30 7.02
CA THR E 101 -24.64 -25.94 5.65
C THR E 101 -25.96 -26.14 4.91
N LEU E 102 -26.14 -25.45 3.80
CA LEU E 102 -27.40 -25.48 3.09
C LEU E 102 -27.66 -26.28 1.82
N THR E 103 -28.43 -27.34 1.98
CA THR E 103 -28.78 -28.24 0.87
C THR E 103 -29.47 -27.92 -0.46
N SER E 104 -30.55 -27.16 -0.38
CA SER E 104 -31.40 -26.95 -1.55
C SER E 104 -31.23 -25.65 -2.31
N ILE E 105 -30.35 -25.69 -3.32
CA ILE E 105 -30.08 -24.56 -4.20
C ILE E 105 -30.32 -24.71 -5.70
N THR E 106 -31.16 -23.84 -6.27
CA THR E 106 -31.58 -24.01 -7.66
C THR E 106 -30.50 -24.29 -8.71
N PRO E 107 -29.42 -23.48 -8.72
CA PRO E 107 -28.36 -23.79 -9.67
C PRO E 107 -27.40 -24.91 -9.29
N THR E 108 -27.92 -25.97 -8.69
CA THR E 108 -27.09 -27.03 -8.15
C THR E 108 -25.88 -27.39 -9.01
N ASN E 109 -26.11 -27.48 -10.32
CA ASN E 109 -25.06 -27.81 -11.26
C ASN E 109 -24.74 -27.05 -12.54
N GLN E 110 -24.16 -25.86 -12.38
CA GLN E 110 -23.79 -25.00 -13.49
C GLN E 110 -22.54 -24.17 -13.25
N GLN E 111 -21.88 -23.78 -14.34
CA GLN E 111 -20.71 -22.92 -14.25
C GLN E 111 -20.92 -21.46 -14.62
N LEU E 112 -20.10 -20.60 -14.05
CA LEU E 112 -20.08 -19.19 -14.36
C LEU E 112 -18.77 -18.79 -15.02
N ASN E 113 -18.82 -18.36 -16.27
CA ASN E 113 -17.65 -17.72 -16.88
C ASN E 113 -17.38 -16.44 -16.10
N PRO E 114 -16.10 -16.06 -16.00
CA PRO E 114 -15.86 -14.80 -15.29
C PRO E 114 -16.55 -13.62 -15.96
N GLY E 115 -17.13 -12.72 -15.16
CA GLY E 115 -17.91 -11.62 -15.70
C GLY E 115 -19.31 -12.06 -16.11
N ALA E 116 -19.87 -13.00 -15.37
CA ALA E 116 -21.24 -13.44 -15.57
C ALA E 116 -21.90 -13.67 -14.22
N ARG E 117 -23.22 -13.86 -14.24
CA ARG E 117 -24.00 -14.02 -13.01
C ARG E 117 -25.05 -15.11 -13.14
N VAL E 118 -25.63 -15.47 -12.00
CA VAL E 118 -26.67 -16.50 -11.94
C VAL E 118 -27.59 -16.19 -10.77
N LYS E 119 -28.86 -16.61 -10.87
CA LYS E 119 -29.77 -16.42 -9.75
C LYS E 119 -29.70 -17.63 -8.86
N VAL E 120 -29.08 -17.46 -7.69
CA VAL E 120 -29.02 -18.50 -6.68
C VAL E 120 -30.31 -18.46 -5.86
N THR E 121 -30.90 -19.61 -5.62
CA THR E 121 -32.09 -19.70 -4.77
C THR E 121 -31.87 -20.63 -3.59
N ILE E 122 -31.77 -20.04 -2.41
CA ILE E 122 -31.66 -20.79 -1.17
C ILE E 122 -32.98 -21.07 -0.47
N THR E 123 -33.22 -22.34 -0.13
CA THR E 123 -34.20 -22.67 0.89
C THR E 123 -33.67 -23.06 2.25
N ALA E 124 -34.05 -22.30 3.27
CA ALA E 124 -33.51 -22.55 4.61
C ALA E 124 -34.07 -23.86 5.14
N PRO E 125 -33.25 -24.62 5.89
CA PRO E 125 -33.67 -25.92 6.41
C PRO E 125 -34.76 -25.76 7.46
N THR E 126 -35.42 -26.85 7.80
CA THR E 126 -36.70 -26.81 8.51
C THR E 126 -36.72 -25.88 9.72
N GLY E 127 -35.65 -25.90 10.51
CA GLY E 127 -35.59 -25.12 11.73
C GLY E 127 -35.10 -23.69 11.56
N TYR E 128 -34.38 -23.44 10.48
CA TYR E 128 -33.63 -22.20 10.31
C TYR E 128 -34.32 -21.10 9.48
N LYS E 129 -35.59 -21.28 9.15
CA LYS E 129 -36.30 -20.27 8.36
C LYS E 129 -36.49 -19.00 9.20
N PRO E 130 -35.83 -17.89 8.82
CA PRO E 130 -35.93 -16.69 9.65
C PRO E 130 -37.24 -15.94 9.46
N ILE E 131 -37.68 -15.26 10.52
CA ILE E 131 -38.95 -14.54 10.53
C ILE E 131 -38.61 -13.08 10.78
N ALA E 132 -39.57 -12.20 10.48
CA ALA E 132 -39.33 -10.76 10.50
C ALA E 132 -38.70 -10.32 11.82
N GLY E 133 -37.59 -9.60 11.73
CA GLY E 133 -36.86 -9.13 12.90
C GLY E 133 -35.72 -10.05 13.33
N GLN E 134 -35.62 -11.22 12.70
CA GLN E 134 -34.55 -12.17 13.00
C GLN E 134 -33.43 -12.08 11.97
N LYS E 135 -32.22 -11.78 12.42
CA LYS E 135 -31.09 -11.71 11.49
C LYS E 135 -30.67 -13.09 11.05
N PHE E 136 -30.18 -13.17 9.82
CA PHE E 136 -29.58 -14.41 9.31
C PHE E 136 -28.26 -14.06 8.62
N VAL E 137 -27.34 -15.02 8.59
CA VAL E 137 -26.10 -14.85 7.85
C VAL E 137 -26.00 -15.95 6.80
N LEU E 138 -25.42 -15.56 5.66
CA LEU E 138 -25.17 -16.48 4.57
C LEU E 138 -23.73 -16.36 4.13
N GLU E 139 -22.92 -17.38 4.39
CA GLU E 139 -21.54 -17.37 3.96
C GLU E 139 -21.44 -18.11 2.63
N ILE E 140 -20.94 -17.41 1.63
CA ILE E 140 -20.77 -17.98 0.30
C ILE E 140 -19.33 -18.37 0.09
N LYS E 141 -19.12 -19.66 -0.11
CA LYS E 141 -17.79 -20.27 -0.09
C LYS E 141 -17.47 -20.93 -1.40
N PRO E 142 -16.97 -20.15 -2.37
CA PRO E 142 -16.54 -20.78 -3.61
C PRO E 142 -15.31 -21.63 -3.36
N LYS E 143 -15.18 -22.75 -4.05
CA LYS E 143 -13.97 -23.55 -3.93
C LYS E 143 -12.82 -22.74 -4.48
N THR E 144 -11.72 -22.70 -3.73
CA THR E 144 -10.55 -21.93 -4.11
C THR E 144 -10.92 -20.47 -4.37
N GLY E 145 -11.20 -19.75 -3.29
CA GLY E 145 -11.47 -18.33 -3.41
C GLY E 145 -11.90 -17.71 -2.09
N ALA E 146 -11.81 -16.39 -2.01
CA ALA E 146 -12.17 -15.67 -0.80
C ALA E 146 -13.65 -15.88 -0.54
N SER E 147 -13.98 -16.11 0.73
CA SER E 147 -15.33 -16.47 1.11
C SER E 147 -16.05 -15.25 1.66
N THR E 148 -17.23 -14.97 1.11
CA THR E 148 -17.97 -13.79 1.52
C THR E 148 -18.81 -14.14 2.71
N ILE E 149 -19.47 -13.15 3.27
CA ILE E 149 -20.59 -13.39 4.16
C ILE E 149 -21.54 -12.23 3.97
N VAL E 150 -22.84 -12.52 3.90
CA VAL E 150 -23.83 -11.47 3.85
C VAL E 150 -24.82 -11.67 4.97
N THR E 151 -24.75 -10.78 5.95
CA THR E 151 -25.67 -10.76 7.06
C THR E 151 -26.77 -9.76 6.77
N ARG E 152 -27.99 -10.14 7.11
CA ARG E 152 -29.14 -9.28 6.96
C ARG E 152 -30.01 -9.50 8.17
N THR E 153 -30.87 -8.54 8.46
CA THR E 153 -31.93 -8.76 9.42
C THR E 153 -33.21 -8.27 8.79
N LEU E 154 -34.20 -9.15 8.72
CA LEU E 154 -35.48 -8.78 8.20
C LEU E 154 -36.06 -7.71 9.10
N SER E 155 -36.46 -6.58 8.51
CA SER E 155 -37.12 -5.54 9.29
C SER E 155 -38.36 -6.19 9.89
N ASP E 156 -38.79 -5.75 11.05
CA ASP E 156 -39.93 -6.40 11.64
C ASP E 156 -41.12 -5.68 11.01
N GLY E 157 -41.73 -6.40 10.09
CA GLY E 157 -42.32 -5.83 8.90
C GLY E 157 -42.11 -6.95 7.90
N TYR E 158 -41.90 -6.61 6.63
CA TYR E 158 -41.42 -7.58 5.66
C TYR E 158 -42.41 -8.73 5.45
N ASN E 159 -43.52 -8.44 4.77
CA ASN E 159 -44.39 -9.49 4.28
C ASN E 159 -43.63 -10.30 3.23
N GLY E 160 -42.50 -9.78 2.77
CA GLY E 160 -41.63 -10.51 1.86
C GLY E 160 -40.76 -9.59 1.01
N GLY E 161 -40.35 -10.09 -0.16
CA GLY E 161 -39.67 -9.28 -1.16
C GLY E 161 -38.24 -8.90 -0.86
N VAL E 162 -37.81 -7.77 -1.38
CA VAL E 162 -36.42 -7.34 -1.29
C VAL E 162 -35.98 -7.23 0.16
N ILE E 163 -34.77 -7.69 0.43
CA ILE E 163 -34.16 -7.50 1.75
C ILE E 163 -33.23 -6.31 1.61
N ILE E 164 -33.62 -5.21 2.23
CA ILE E 164 -33.01 -3.92 2.00
C ILE E 164 -31.52 -3.94 2.36
N PHE F 1 50.27 -40.70 -7.94
CA PHE F 1 49.20 -39.89 -7.26
C PHE F 1 48.06 -40.82 -6.88
N SER F 2 47.68 -40.82 -5.61
CA SER F 2 46.68 -41.75 -5.09
C SER F 2 45.48 -41.01 -4.51
N GLY F 3 44.29 -41.57 -4.72
CA GLY F 3 43.07 -40.99 -4.19
C GLY F 3 42.95 -41.20 -2.71
N LEU F 4 43.90 -41.93 -2.13
CA LEU F 4 43.93 -42.16 -0.68
C LEU F 4 44.03 -40.84 0.04
N GLU F 5 44.88 -39.96 -0.48
CA GLU F 5 45.07 -38.63 0.09
C GLU F 5 43.88 -37.75 -0.25
N ALA F 6 43.28 -38.00 -1.40
CA ALA F 6 42.10 -37.25 -1.82
C ALA F 6 41.00 -37.46 -0.80
N ALA F 7 40.95 -38.67 -0.24
CA ALA F 7 39.99 -38.99 0.81
C ALA F 7 40.25 -38.09 2.01
N ILE F 8 41.52 -37.99 2.39
CA ILE F 8 41.93 -37.21 3.57
C ILE F 8 41.36 -35.80 3.46
N VAL F 9 41.43 -35.24 2.26
CA VAL F 9 40.91 -33.90 1.99
C VAL F 9 39.39 -33.92 1.91
N LEU F 10 38.86 -34.97 1.28
CA LEU F 10 37.43 -35.05 1.05
C LEU F 10 36.69 -34.98 2.38
N ILE F 11 37.32 -35.55 3.41
CA ILE F 11 36.82 -35.39 4.76
C ILE F 11 36.73 -33.90 5.04
N ALA F 12 37.85 -33.21 4.88
CA ALA F 12 37.96 -31.81 5.27
C ALA F 12 36.95 -30.93 4.54
N PHE F 13 36.74 -31.19 3.25
CA PHE F 13 35.75 -30.45 2.49
C PHE F 13 34.37 -30.69 3.09
N VAL F 14 34.07 -31.96 3.37
CA VAL F 14 32.79 -32.35 3.96
C VAL F 14 32.62 -31.79 5.36
N VAL F 15 33.68 -31.85 6.16
CA VAL F 15 33.57 -31.47 7.56
C VAL F 15 33.27 -29.98 7.68
N VAL F 16 34.07 -29.14 7.04
CA VAL F 16 33.86 -27.69 7.08
C VAL F 16 32.49 -27.35 6.50
N ALA F 17 32.05 -28.17 5.55
CA ALA F 17 30.73 -28.02 4.98
C ALA F 17 29.68 -28.28 6.04
N ALA F 18 29.82 -29.41 6.73
CA ALA F 18 28.89 -29.78 7.80
C ALA F 18 28.90 -28.77 8.93
N VAL F 19 30.08 -28.25 9.28
CA VAL F 19 30.18 -27.25 10.34
C VAL F 19 29.53 -25.96 9.87
N PHE F 20 29.83 -25.55 8.65
CA PHE F 20 29.19 -24.36 8.11
C PHE F 20 27.70 -24.60 8.02
N SER F 21 27.37 -25.80 7.55
CA SER F 21 25.98 -26.21 7.44
C SER F 21 25.35 -26.15 8.81
N TYR F 22 26.07 -26.70 9.78
CA TYR F 22 25.62 -26.74 11.16
C TYR F 22 25.35 -25.33 11.67
N VAL F 23 26.33 -24.44 11.53
CA VAL F 23 26.21 -23.09 12.04
C VAL F 23 25.21 -22.27 11.24
N MET F 24 25.25 -22.40 9.91
CA MET F 24 24.36 -21.61 9.06
C MET F 24 22.91 -21.90 9.43
N LEU F 25 22.64 -23.16 9.77
CA LEU F 25 21.32 -23.54 10.22
C LEU F 25 21.04 -22.83 11.54
N GLY F 26 22.00 -22.87 12.46
CA GLY F 26 21.88 -22.20 13.74
C GLY F 26 21.79 -20.69 13.54
N ALA F 27 22.60 -20.19 12.62
CA ALA F 27 22.57 -18.80 12.24
C ALA F 27 21.21 -18.51 11.63
N GLY F 28 20.75 -19.47 10.84
CA GLY F 28 19.48 -19.37 10.14
C GLY F 28 18.26 -19.43 11.01
N PHE F 29 18.25 -20.35 11.99
CA PHE F 29 17.09 -20.44 12.89
C PHE F 29 17.00 -19.14 13.64
N PHE F 30 18.13 -18.68 14.16
CA PHE F 30 18.16 -17.42 14.90
C PHE F 30 17.68 -16.29 14.00
N ALA F 31 18.11 -16.35 12.74
CA ALA F 31 17.68 -15.35 11.75
C ALA F 31 16.15 -15.38 11.70
N THR F 32 15.61 -16.58 11.59
CA THR F 32 14.18 -16.77 11.51
C THR F 32 13.50 -16.38 12.81
N GLN F 33 14.02 -16.93 13.91
CA GLN F 33 13.44 -16.70 15.23
C GLN F 33 13.53 -15.23 15.61
N LYS F 34 14.52 -14.53 15.08
CA LYS F 34 14.58 -13.08 15.22
C LYS F 34 13.54 -12.45 14.34
N SER F 35 13.46 -12.93 13.10
CA SER F 35 12.53 -12.40 12.10
C SER F 35 11.09 -12.54 12.59
N GLN F 36 10.86 -13.56 13.44
CA GLN F 36 9.56 -13.77 14.04
C GLN F 36 9.28 -12.77 15.15
N GLU F 37 10.30 -12.50 15.97
CA GLU F 37 10.14 -11.65 17.13
C GLU F 37 9.76 -10.23 16.74
N VAL F 38 10.47 -9.70 15.75
CA VAL F 38 10.19 -8.35 15.26
C VAL F 38 8.77 -8.24 14.69
N THR F 39 8.30 -9.35 14.12
CA THR F 39 6.95 -9.41 13.55
C THR F 39 5.91 -9.41 14.66
N TYR F 40 6.13 -10.22 15.68
CA TYR F 40 5.22 -10.31 16.81
C TYR F 40 5.17 -8.97 17.53
N SER F 41 6.35 -8.40 17.78
CA SER F 41 6.47 -7.09 18.35
C SER F 41 5.91 -6.05 17.39
N GLY F 42 6.06 -6.29 16.09
CA GLY F 42 5.60 -5.35 15.07
C GLY F 42 4.11 -5.17 15.11
N MET F 43 3.38 -6.27 15.20
CA MET F 43 1.93 -6.22 15.30
C MET F 43 1.53 -5.73 16.68
N LYS F 44 2.35 -6.07 17.66
CA LYS F 44 2.07 -5.73 19.04
C LYS F 44 2.30 -4.23 19.20
N GLN F 45 3.20 -3.69 18.39
CA GLN F 45 3.47 -2.26 18.39
C GLN F 45 2.25 -1.46 17.99
N ALA F 46 1.56 -1.93 16.95
CA ALA F 46 0.41 -1.22 16.40
C ALA F 46 -0.86 -1.47 17.22
N THR F 47 -1.06 -2.73 17.61
CA THR F 47 -2.31 -3.15 18.20
C THR F 47 -2.37 -2.89 19.70
N SER F 48 -1.24 -2.54 20.30
CA SER F 48 -1.16 -2.31 21.73
C SER F 48 -1.61 -0.88 22.07
N ASN F 49 -2.01 -0.15 21.03
CA ASN F 49 -2.46 1.24 21.17
C ASN F 49 -3.56 1.38 22.22
N LEU F 50 -3.47 2.48 22.97
CA LEU F 50 -4.42 2.82 24.03
C LEU F 50 -5.10 4.15 23.71
N ILE F 51 -6.32 4.31 24.22
CA ILE F 51 -7.21 5.36 23.75
C ILE F 51 -7.90 6.08 24.90
N LEU F 52 -8.05 7.39 24.76
CA LEU F 52 -8.92 8.16 25.63
C LEU F 52 -10.37 7.93 25.20
N ASP F 53 -11.22 7.57 26.14
CA ASP F 53 -12.61 7.24 25.86
C ASP F 53 -13.56 8.31 26.40
N GLY F 54 -14.21 9.03 25.49
CA GLY F 54 -15.21 10.01 25.87
C GLY F 54 -14.65 11.23 26.56
N MET F 55 -15.54 12.04 27.13
CA MET F 55 -15.21 13.39 27.59
C MET F 55 -14.17 13.41 28.69
N ILE F 56 -13.47 14.55 28.77
CA ILE F 56 -12.54 14.80 29.86
C ILE F 56 -13.17 15.73 30.89
N TYR F 57 -13.56 15.17 32.02
CA TYR F 57 -14.11 15.94 33.13
C TYR F 57 -13.00 16.50 34.01
N GLY F 58 -13.30 17.54 34.77
CA GLY F 58 -12.38 17.96 35.81
C GLY F 58 -13.00 18.65 37.00
N SER F 59 -12.32 18.52 38.15
CA SER F 59 -12.64 19.31 39.33
C SER F 59 -11.94 20.66 39.20
N TYR F 60 -12.60 21.71 39.67
CA TYR F 60 -12.10 23.06 39.48
C TYR F 60 -12.44 23.91 40.70
N SER F 61 -11.61 24.90 40.99
CA SER F 61 -11.81 25.75 42.16
C SER F 61 -11.53 27.22 41.83
N LYS F 62 -12.53 28.08 42.09
CA LYS F 62 -12.37 29.51 41.87
C LYS F 62 -11.39 30.06 42.89
N GLY F 63 -11.65 29.79 44.16
CA GLY F 63 -10.78 30.28 45.22
C GLY F 63 -9.48 29.48 45.26
N GLY F 64 -9.50 28.31 44.64
CA GLY F 64 -8.31 27.52 44.46
C GLY F 64 -7.51 28.05 43.29
N SER F 65 -6.42 27.37 42.96
CA SER F 65 -5.56 27.81 41.85
C SER F 65 -6.19 27.63 40.47
N GLY F 66 -7.08 26.63 40.35
CA GLY F 66 -7.70 26.35 39.06
C GLY F 66 -8.12 24.90 38.93
N LEU F 67 -8.16 24.41 37.70
CA LEU F 67 -8.39 22.98 37.45
C LEU F 67 -7.40 22.19 38.28
N ALA F 68 -7.91 21.26 39.08
CA ALA F 68 -7.10 20.54 40.04
C ALA F 68 -7.05 19.09 39.63
N GLN F 69 -8.12 18.35 39.92
CA GLN F 69 -8.25 17.01 39.40
C GLN F 69 -8.66 17.12 37.94
N LEU F 70 -8.34 16.09 37.16
CA LEU F 70 -8.89 15.96 35.82
C LEU F 70 -9.29 14.51 35.63
N TYR F 71 -10.45 14.29 35.04
CA TYR F 71 -10.99 12.95 34.91
C TYR F 71 -11.23 12.66 33.45
N PHE F 72 -10.61 11.59 32.99
CA PHE F 72 -10.87 11.12 31.64
C PHE F 72 -10.76 9.62 31.67
N TYR F 73 -11.66 8.96 31.00
CA TYR F 73 -11.58 7.52 30.89
C TYR F 73 -10.60 7.16 29.80
N VAL F 74 -9.94 6.03 30.01
CA VAL F 74 -8.95 5.51 29.09
C VAL F 74 -9.31 4.08 28.87
N LYS F 75 -9.18 3.63 27.63
CA LYS F 75 -9.62 2.29 27.29
C LYS F 75 -8.61 1.62 26.40
N VAL F 76 -8.91 0.39 26.02
CA VAL F 76 -8.13 -0.33 25.03
C VAL F 76 -9.11 -0.82 23.99
N PRO F 77 -8.73 -0.76 22.70
CA PRO F 77 -9.63 -1.33 21.68
C PRO F 77 -9.92 -2.82 21.92
N GLU F 78 -11.11 -3.25 21.53
CA GLU F 78 -11.55 -4.63 21.76
C GLU F 78 -10.54 -5.63 21.20
N GLY F 79 -9.88 -5.26 20.12
CA GLY F 79 -8.89 -6.10 19.48
C GLY F 79 -7.48 -5.83 19.97
N GLY F 80 -7.37 -4.94 20.96
CA GLY F 80 -6.07 -4.49 21.44
C GLY F 80 -5.38 -5.50 22.34
N GLU F 81 -4.19 -5.13 22.82
CA GLU F 81 -3.43 -5.95 23.75
C GLU F 81 -3.56 -5.35 25.13
N THR F 82 -3.52 -6.21 26.15
CA THR F 82 -3.73 -5.75 27.52
C THR F 82 -2.64 -4.77 27.91
N GLN F 83 -2.93 -3.95 28.92
CA GLN F 83 -2.08 -2.81 29.25
C GLN F 83 -1.77 -2.74 30.74
N ASP F 84 -0.75 -1.95 31.07
CA ASP F 84 -0.40 -1.67 32.46
C ASP F 84 -0.25 -0.17 32.66
N LEU F 85 -1.14 0.39 33.45
CA LEU F 85 -1.19 1.84 33.63
C LEU F 85 -0.01 2.32 34.45
N LYS F 86 0.64 1.40 35.15
CA LYS F 86 1.82 1.70 35.94
C LYS F 86 2.88 2.30 35.02
N TYR F 87 2.92 1.80 33.78
CA TYR F 87 3.92 2.23 32.81
C TYR F 87 3.43 3.29 31.84
N VAL F 88 2.16 3.67 31.91
CA VAL F 88 1.66 4.78 31.12
C VAL F 88 2.08 6.07 31.80
N THR F 89 2.54 7.03 31.01
CA THR F 89 3.00 8.32 31.53
C THR F 89 2.18 9.45 30.92
N TYR F 90 1.76 10.36 31.78
CA TYR F 90 0.90 11.46 31.38
C TYR F 90 1.59 12.82 31.39
N LEU F 91 1.97 13.27 30.19
CA LEU F 91 2.64 14.54 30.05
C LEU F 91 1.66 15.70 29.99
N TRP F 92 2.04 16.82 30.61
CA TRP F 92 1.07 17.88 30.87
C TRP F 92 1.63 19.27 30.56
N THR F 93 0.75 20.16 30.14
CA THR F 93 1.13 21.53 29.80
C THR F 93 0.02 22.49 30.16
N LYS F 94 0.39 23.65 30.72
CA LYS F 94 -0.55 24.74 30.91
C LYS F 94 -0.14 25.95 30.08
N GLU F 95 -0.90 26.22 29.01
CA GLU F 95 -0.71 27.42 28.21
C GLU F 95 0.75 27.61 27.81
N ASN F 96 1.22 26.75 26.91
CA ASN F 96 2.54 26.84 26.30
C ASN F 96 3.51 27.14 27.44
N LYS F 97 3.54 26.26 28.44
CA LYS F 97 4.58 26.26 29.45
C LYS F 97 5.51 25.18 28.91
N ALA F 98 6.52 24.82 29.71
CA ALA F 98 7.45 23.76 29.30
C ALA F 98 6.56 22.54 29.56
N VAL F 99 7.15 21.35 29.69
CA VAL F 99 6.37 20.14 29.88
C VAL F 99 6.80 19.90 31.31
N THR F 100 6.02 19.07 32.00
CA THR F 100 6.48 18.39 33.20
C THR F 100 5.68 17.10 33.01
N THR F 101 6.26 15.97 33.41
CA THR F 101 5.54 14.70 33.31
C THR F 101 4.71 14.73 34.59
N LEU F 102 3.60 14.01 34.59
CA LEU F 102 2.69 14.07 35.73
C LEU F 102 2.57 12.99 36.79
N THR F 103 3.06 13.31 37.98
CA THR F 103 3.04 12.39 39.11
C THR F 103 1.86 11.70 39.79
N SER F 104 0.81 12.46 40.06
CA SER F 104 -0.30 11.97 40.87
C SER F 104 -1.54 11.50 40.12
N ILE F 105 -1.55 10.20 39.82
CA ILE F 105 -2.69 9.54 39.18
C ILE F 105 -3.39 8.38 39.87
N THR F 106 -4.70 8.51 40.08
CA THR F 106 -5.42 7.53 40.90
C THR F 106 -5.20 6.06 40.60
N PRO F 107 -5.29 5.64 39.33
CA PRO F 107 -4.99 4.24 39.05
C PRO F 107 -3.53 3.85 38.96
N THR F 108 -2.71 4.41 39.83
CA THR F 108 -1.27 4.23 39.76
C THR F 108 -0.82 2.82 39.38
N ASN F 109 -1.48 1.83 39.97
CA ASN F 109 -1.17 0.44 39.72
C ASN F 109 -2.19 -0.66 39.37
N GLN F 110 -2.71 -0.58 38.15
CA GLN F 110 -3.70 -1.53 37.66
C GLN F 110 -3.61 -1.82 36.17
N GLN F 111 -4.09 -2.99 35.77
CA GLN F 111 -4.14 -3.35 34.36
C GLN F 111 -5.51 -3.27 33.69
N LEU F 112 -5.48 -3.06 32.38
CA LEU F 112 -6.68 -3.05 31.56
C LEU F 112 -6.65 -4.18 30.56
N ASN F 113 -7.58 -5.12 30.69
CA ASN F 113 -7.78 -6.10 29.63
C ASN F 113 -8.24 -5.36 28.40
N PRO F 114 -7.88 -5.84 27.21
CA PRO F 114 -8.37 -5.13 26.02
C PRO F 114 -9.89 -5.10 25.97
N GLY F 115 -10.46 -3.96 25.57
CA GLY F 115 -11.90 -3.80 25.57
C GLY F 115 -12.43 -3.51 26.96
N ALA F 116 -11.65 -2.79 27.75
CA ALA F 116 -12.06 -2.33 29.08
C ALA F 116 -11.58 -0.90 29.30
N ARG F 117 -12.08 -0.28 30.36
CA ARG F 117 -11.74 1.11 30.66
C ARG F 117 -11.51 1.34 32.15
N VAL F 118 -10.98 2.52 32.47
CA VAL F 118 -10.67 2.91 33.83
C VAL F 118 -10.80 4.41 33.97
N LYS F 119 -11.14 4.90 35.15
CA LYS F 119 -11.20 6.33 35.37
C LYS F 119 -9.83 6.83 35.84
N VAL F 120 -9.13 7.50 34.93
CA VAL F 120 -7.85 8.11 35.27
C VAL F 120 -8.12 9.46 35.90
N THR F 121 -7.41 9.76 37.01
CA THR F 121 -7.52 11.04 37.66
C THR F 121 -6.17 11.75 37.75
N ILE F 122 -6.01 12.80 36.96
CA ILE F 122 -4.82 13.64 37.00
C ILE F 122 -4.92 14.83 37.92
N THR F 123 -3.94 14.99 38.80
CA THR F 123 -3.67 16.27 39.42
C THR F 123 -2.49 17.07 38.90
N ALA F 124 -2.75 18.27 38.38
CA ALA F 124 -1.69 19.05 37.77
C ALA F 124 -0.73 19.53 38.85
N PRO F 125 0.57 19.59 38.54
CA PRO F 125 1.58 19.98 39.51
C PRO F 125 1.43 21.45 39.88
N THR F 126 2.09 21.87 40.96
CA THR F 126 1.78 23.13 41.63
C THR F 126 1.64 24.33 40.70
N GLY F 127 2.54 24.43 39.72
CA GLY F 127 2.56 25.58 38.83
C GLY F 127 1.66 25.45 37.61
N TYR F 128 1.29 24.22 37.26
CA TYR F 128 0.64 23.94 35.98
C TYR F 128 -0.89 23.83 36.00
N LYS F 129 -1.52 24.16 37.12
CA LYS F 129 -2.97 24.07 37.22
C LYS F 129 -3.62 25.12 36.31
N PRO F 130 -4.30 24.67 35.22
CA PRO F 130 -4.85 25.66 34.30
C PRO F 130 -6.13 26.32 34.81
N ILE F 131 -6.34 27.56 34.38
CA ILE F 131 -7.47 28.36 34.80
C ILE F 131 -8.31 28.68 33.57
N ALA F 132 -9.55 29.10 33.77
CA ALA F 132 -10.50 29.27 32.67
C ALA F 132 -9.91 30.15 31.56
N GLY F 133 -9.95 29.64 30.34
CA GLY F 133 -9.41 30.32 29.18
C GLY F 133 -7.98 29.92 28.84
N GLN F 134 -7.36 29.11 29.69
CA GLN F 134 -6.00 28.64 29.44
C GLN F 134 -6.01 27.21 28.89
N LYS F 135 -5.44 27.01 27.71
CA LYS F 135 -5.40 25.68 27.12
C LYS F 135 -4.37 24.81 27.84
N PHE F 136 -4.67 23.51 27.90
CA PHE F 136 -3.70 22.54 28.40
C PHE F 136 -3.64 21.36 27.44
N VAL F 137 -2.49 20.68 27.41
CA VAL F 137 -2.38 19.46 26.64
C VAL F 137 -2.01 18.31 27.55
N LEU F 138 -2.56 17.14 27.25
CA LEU F 138 -2.26 15.92 27.96
C LEU F 138 -1.88 14.83 26.99
N GLU F 139 -0.61 14.43 26.99
CA GLU F 139 -0.16 13.36 26.12
C GLU F 139 -0.19 12.06 26.90
N ILE F 140 -0.94 11.10 26.40
CA ILE F 140 -1.05 9.80 27.03
C ILE F 140 -0.17 8.80 26.29
N LYS F 141 0.80 8.27 27.04
CA LYS F 141 1.89 7.49 26.46
C LYS F 141 1.93 6.10 27.05
N PRO F 142 1.13 5.19 26.48
CA PRO F 142 1.22 3.81 26.94
C PRO F 142 2.55 3.21 26.52
N LYS F 143 3.13 2.36 27.34
CA LYS F 143 4.36 1.68 26.97
C LYS F 143 4.05 0.78 25.79
N THR F 144 4.90 0.86 24.75
CA THR F 144 4.70 0.07 23.54
C THR F 144 3.32 0.34 22.96
N GLY F 145 3.15 1.53 22.37
CA GLY F 145 1.91 1.85 21.69
C GLY F 145 1.87 3.29 21.22
N ALA F 146 0.96 3.56 20.30
CA ALA F 146 0.80 4.90 19.75
C ALA F 146 0.39 5.84 20.86
N SER F 147 0.99 7.02 20.87
CA SER F 147 0.79 7.97 21.96
C SER F 147 -0.19 9.03 21.52
N THR F 148 -1.22 9.23 22.34
CA THR F 148 -2.26 10.18 22.00
C THR F 148 -1.84 11.55 22.48
N ILE F 149 -2.63 12.55 22.15
CA ILE F 149 -2.58 13.83 22.85
C ILE F 149 -3.98 14.38 22.83
N VAL F 150 -4.40 14.93 23.97
CA VAL F 150 -5.69 15.61 24.01
C VAL F 150 -5.50 17.01 24.52
N THR F 151 -5.66 17.97 23.62
CA THR F 151 -5.60 19.37 23.94
C THR F 151 -7.01 19.89 24.17
N ARG F 152 -7.15 20.72 25.18
CA ARG F 152 -8.40 21.36 25.50
C ARG F 152 -8.08 22.78 25.92
N THR F 153 -9.07 23.66 25.83
CA THR F 153 -8.96 24.96 26.44
C THR F 153 -10.24 25.18 27.23
N LEU F 154 -10.07 25.47 28.52
CA LEU F 154 -11.21 25.76 29.34
C LEU F 154 -11.86 27.02 28.80
N SER F 155 -13.16 26.96 28.56
CA SER F 155 -13.89 28.14 28.12
C SER F 155 -13.72 29.14 29.25
N ASP F 156 -13.71 30.44 28.93
CA ASP F 156 -13.49 31.39 29.99
C ASP F 156 -14.89 31.60 30.56
N GLY F 157 -15.06 31.01 31.73
CA GLY F 157 -16.34 30.44 32.13
C GLY F 157 -15.87 29.27 32.99
N TYR F 158 -16.61 28.18 32.98
CA TYR F 158 -16.12 26.94 33.56
C TYR F 158 -15.83 27.04 35.05
N ASN F 159 -16.89 27.10 35.85
CA ASN F 159 -16.75 26.93 37.28
C ASN F 159 -16.28 25.50 37.58
N GLY F 160 -16.35 24.65 36.56
CA GLY F 160 -15.82 23.29 36.67
C GLY F 160 -16.49 22.32 35.71
N GLY F 161 -16.45 21.05 36.08
CA GLY F 161 -17.20 20.01 35.37
C GLY F 161 -16.66 19.59 34.02
N VAL F 162 -17.56 19.15 33.14
CA VAL F 162 -17.16 18.59 31.85
C VAL F 162 -16.36 19.60 31.04
N ILE F 163 -15.31 19.12 30.39
CA ILE F 163 -14.55 19.94 29.46
C ILE F 163 -15.05 19.57 28.07
N ILE F 164 -15.78 20.51 27.47
CA ILE F 164 -16.56 20.25 26.27
C ILE F 164 -15.66 19.79 25.13
N PHE G 1 45.85 -38.09 -6.72
CA PHE G 1 45.06 -36.83 -6.67
C PHE G 1 45.39 -36.10 -5.37
N SER G 2 45.80 -34.84 -5.48
CA SER G 2 46.25 -34.07 -4.32
C SER G 2 45.41 -32.81 -4.10
N GLY G 3 45.15 -32.50 -2.84
CA GLY G 3 44.39 -31.31 -2.49
C GLY G 3 45.19 -30.05 -2.70
N LEU G 4 46.45 -30.20 -3.07
CA LEU G 4 47.31 -29.05 -3.36
C LEU G 4 46.72 -28.24 -4.51
N GLU G 5 46.22 -28.95 -5.52
CA GLU G 5 45.59 -28.32 -6.66
C GLU G 5 44.21 -27.82 -6.29
N ALA G 6 43.56 -28.51 -5.35
CA ALA G 6 42.26 -28.11 -4.87
C ALA G 6 42.37 -26.72 -4.25
N ALA G 7 43.50 -26.46 -3.61
CA ALA G 7 43.77 -25.16 -3.02
C ALA G 7 43.80 -24.11 -4.12
N ILE G 8 44.49 -24.44 -5.21
CA ILE G 8 44.66 -23.51 -6.34
C ILE G 8 43.29 -23.03 -6.81
N VAL G 9 42.34 -23.96 -6.86
CA VAL G 9 40.98 -23.66 -7.27
C VAL G 9 40.23 -22.95 -6.15
N LEU G 10 40.46 -23.40 -4.93
CA LEU G 10 39.73 -22.87 -3.78
C LEU G 10 39.96 -21.38 -3.70
N ILE G 11 41.15 -20.94 -4.07
CA ILE G 11 41.43 -19.52 -4.21
C ILE G 11 40.41 -18.95 -5.17
N ALA G 12 40.35 -19.54 -6.36
CA ALA G 12 39.54 -18.99 -7.45
C ALA G 12 38.07 -18.91 -7.08
N PHE G 13 37.56 -19.93 -6.39
CA PHE G 13 36.19 -19.92 -5.94
C PHE G 13 35.99 -18.74 -4.97
N VAL G 14 36.93 -18.60 -4.04
CA VAL G 14 36.87 -17.54 -3.04
C VAL G 14 37.03 -16.16 -3.69
N VAL G 15 37.96 -16.04 -4.64
CA VAL G 15 38.28 -14.74 -5.20
C VAL G 15 37.08 -14.20 -5.98
N VAL G 16 36.54 -15.00 -6.91
CA VAL G 16 35.38 -14.57 -7.69
C VAL G 16 34.21 -14.29 -6.76
N ALA G 17 34.15 -15.01 -5.64
CA ALA G 17 33.14 -14.78 -4.63
C ALA G 17 33.33 -13.39 -4.03
N ALA G 18 34.57 -13.11 -3.60
CA ALA G 18 34.90 -11.81 -3.02
C ALA G 18 34.68 -10.67 -4.01
N VAL G 19 35.03 -10.89 -5.27
CA VAL G 19 34.81 -9.87 -6.29
C VAL G 19 33.33 -9.68 -6.51
N PHE G 20 32.58 -10.78 -6.63
CA PHE G 20 31.15 -10.65 -6.79
C PHE G 20 30.58 -10.03 -5.54
N SER G 21 31.10 -10.45 -4.40
CA SER G 21 30.68 -9.92 -3.12
C SER G 21 30.98 -8.44 -3.10
N TYR G 22 32.19 -8.10 -3.55
CA TYR G 22 32.64 -6.74 -3.62
C TYR G 22 31.71 -5.88 -4.47
N VAL G 23 31.45 -6.34 -5.69
CA VAL G 23 30.62 -5.58 -6.61
C VAL G 23 29.15 -5.59 -6.19
N MET G 24 28.65 -6.74 -5.76
CA MET G 24 27.25 -6.83 -5.38
C MET G 24 26.94 -5.85 -4.26
N LEU G 25 27.91 -5.66 -3.37
CA LEU G 25 27.78 -4.67 -2.31
C LEU G 25 27.73 -3.30 -2.95
N GLY G 26 28.66 -3.04 -3.87
CA GLY G 26 28.68 -1.77 -4.58
C GLY G 26 27.44 -1.60 -5.42
N ALA G 27 27.03 -2.69 -6.06
CA ALA G 27 25.78 -2.72 -6.81
C ALA G 27 24.64 -2.46 -5.86
N GLY G 28 24.77 -3.08 -4.69
CA GLY G 28 23.77 -2.98 -3.63
C GLY G 28 23.63 -1.64 -2.97
N PHE G 29 24.76 -1.00 -2.67
CA PHE G 29 24.71 0.31 -2.05
C PHE G 29 24.05 1.26 -3.03
N PHE G 30 24.49 1.21 -4.28
CA PHE G 30 23.91 2.05 -5.32
C PHE G 30 22.42 1.75 -5.46
N ALA G 31 22.07 0.48 -5.35
CA ALA G 31 20.67 0.08 -5.39
C ALA G 31 19.93 0.80 -4.27
N THR G 32 20.52 0.77 -3.08
CA THR G 32 19.94 1.40 -1.91
C THR G 32 19.94 2.91 -2.06
N GLN G 33 21.10 3.46 -2.40
CA GLN G 33 21.28 4.90 -2.51
C GLN G 33 20.40 5.45 -3.61
N LYS G 34 20.10 4.63 -4.61
CA LYS G 34 19.13 5.00 -5.64
C LYS G 34 17.73 4.92 -5.04
N SER G 35 17.48 3.84 -4.30
CA SER G 35 16.18 3.59 -3.70
C SER G 35 15.83 4.70 -2.72
N GLN G 36 16.86 5.33 -2.16
CA GLN G 36 16.68 6.47 -1.27
C GLN G 36 16.34 7.75 -2.03
N GLU G 37 16.99 7.95 -3.16
CA GLU G 37 16.83 9.17 -3.94
C GLU G 37 15.42 9.31 -4.45
N VAL G 38 14.90 8.22 -5.01
CA VAL G 38 13.53 8.21 -5.53
C VAL G 38 12.51 8.49 -4.43
N THR G 39 12.83 8.05 -3.22
CA THR G 39 11.98 8.25 -2.05
C THR G 39 11.99 9.72 -1.63
N TYR G 40 13.18 10.29 -1.58
CA TYR G 40 13.34 11.69 -1.20
C TYR G 40 12.66 12.57 -2.22
N SER G 41 12.92 12.27 -3.49
CA SER G 41 12.25 12.96 -4.59
C SER G 41 10.76 12.66 -4.56
N GLY G 42 10.41 11.44 -4.15
CA GLY G 42 9.02 11.01 -4.13
C GLY G 42 8.19 11.85 -3.18
N MET G 43 8.70 12.08 -1.99
CA MET G 43 8.02 12.93 -1.01
C MET G 43 8.10 14.37 -1.46
N LYS G 44 9.22 14.71 -2.10
CA LYS G 44 9.47 16.08 -2.52
C LYS G 44 8.54 16.36 -3.68
N GLN G 45 8.18 15.33 -4.43
CA GLN G 45 7.27 15.48 -5.54
C GLN G 45 5.89 15.93 -5.06
N ALA G 46 5.43 15.33 -3.98
CA ALA G 46 4.10 15.61 -3.45
C ALA G 46 4.06 16.88 -2.62
N THR G 47 5.08 17.06 -1.79
CA THR G 47 5.07 18.12 -0.78
C THR G 47 5.56 19.47 -1.36
N SER G 48 6.12 19.45 -2.55
CA SER G 48 6.65 20.66 -3.18
C SER G 48 5.53 21.43 -3.86
N ASN G 49 4.31 20.92 -3.74
CA ASN G 49 3.13 21.54 -4.35
C ASN G 49 2.99 23.01 -3.97
N LEU G 50 2.56 23.80 -4.95
CA LEU G 50 2.35 25.23 -4.80
C LEU G 50 0.89 25.59 -5.08
N ILE G 51 0.43 26.66 -4.45
CA ILE G 51 -1.00 26.93 -4.35
C ILE G 51 -1.33 28.38 -4.64
N LEU G 52 -2.44 28.60 -5.34
CA LEU G 52 -3.03 29.92 -5.46
C LEU G 52 -3.75 30.27 -4.16
N ASP G 53 -3.43 31.44 -3.61
CA ASP G 53 -3.98 31.85 -2.31
C ASP G 53 -4.97 32.99 -2.47
N GLY G 54 -6.25 32.70 -2.22
CA GLY G 54 -7.27 33.73 -2.22
C GLY G 54 -7.61 34.25 -3.61
N MET G 55 -8.35 35.34 -3.65
CA MET G 55 -8.99 35.82 -4.88
C MET G 55 -8.00 36.21 -5.97
N ILE G 56 -8.47 36.15 -7.21
CA ILE G 56 -7.70 36.62 -8.36
C ILE G 56 -8.22 37.98 -8.80
N TYR G 57 -7.46 39.03 -8.48
CA TYR G 57 -7.78 40.39 -8.91
C TYR G 57 -7.26 40.65 -10.31
N GLY G 58 -7.81 41.66 -10.99
CA GLY G 58 -7.19 42.12 -12.22
C GLY G 58 -7.45 43.57 -12.56
N SER G 59 -6.50 44.15 -13.29
CA SER G 59 -6.69 45.46 -13.90
C SER G 59 -7.42 45.26 -15.23
N TYR G 60 -8.30 46.20 -15.57
CA TYR G 60 -9.15 46.04 -16.73
C TYR G 60 -9.38 47.40 -17.38
N SER G 61 -9.59 47.40 -18.70
CA SER G 61 -9.77 48.64 -19.44
C SER G 61 -10.89 48.52 -20.46
N LYS G 62 -11.87 49.43 -20.37
CA LYS G 62 -12.97 49.44 -21.35
C LYS G 62 -12.44 49.89 -22.69
N GLY G 63 -11.76 51.03 -22.70
CA GLY G 63 -11.21 51.57 -23.94
C GLY G 63 -10.00 50.77 -24.37
N GLY G 64 -9.41 50.04 -23.43
CA GLY G 64 -8.33 49.12 -23.74
C GLY G 64 -8.91 47.83 -24.29
N SER G 65 -8.04 46.85 -24.55
CA SER G 65 -8.46 45.58 -25.11
C SER G 65 -9.27 44.72 -24.14
N GLY G 66 -9.02 44.87 -22.84
CA GLY G 66 -9.70 44.07 -21.84
C GLY G 66 -8.88 43.90 -20.59
N LEU G 67 -9.11 42.80 -19.88
CA LEU G 67 -8.28 42.43 -18.74
C LEU G 67 -6.82 42.46 -19.19
N ALA G 68 -6.01 43.20 -18.44
CA ALA G 68 -4.63 43.44 -18.86
C ALA G 68 -3.72 42.78 -17.84
N GLN G 69 -3.54 43.44 -16.70
CA GLN G 69 -2.84 42.81 -15.60
C GLN G 69 -3.80 41.82 -14.94
N LEU G 70 -3.26 40.81 -14.29
CA LEU G 70 -4.05 39.94 -13.43
C LEU G 70 -3.25 39.71 -12.16
N TYR G 71 -3.92 39.77 -11.02
CA TYR G 71 -3.22 39.68 -9.74
C TYR G 71 -3.81 38.53 -8.96
N PHE G 72 -2.94 37.61 -8.59
CA PHE G 72 -3.35 36.53 -7.71
C PHE G 72 -2.16 36.20 -6.84
N TYR G 73 -2.41 35.98 -5.57
CA TYR G 73 -1.35 35.57 -4.69
C TYR G 73 -1.12 34.08 -4.83
N VAL G 74 0.13 33.71 -4.64
CA VAL G 74 0.56 32.33 -4.77
C VAL G 74 1.35 32.05 -3.53
N LYS G 75 1.17 30.85 -2.96
CA LYS G 75 1.80 30.54 -1.70
C LYS G 75 2.36 29.13 -1.73
N VAL G 76 2.94 28.73 -0.62
CA VAL G 76 3.41 27.38 -0.44
C VAL G 76 2.81 26.90 0.89
N PRO G 77 2.35 25.65 0.95
CA PRO G 77 1.87 25.15 2.24
C PRO G 77 2.95 25.22 3.33
N GLU G 78 2.53 25.41 4.57
CA GLU G 78 3.44 25.56 5.69
C GLU G 78 4.41 24.38 5.79
N GLY G 79 3.93 23.20 5.39
CA GLY G 79 4.74 22.00 5.41
C GLY G 79 5.44 21.74 4.09
N GLY G 80 5.29 22.68 3.15
CA GLY G 80 5.80 22.50 1.80
C GLY G 80 7.31 22.69 1.69
N GLU G 81 7.81 22.55 0.46
CA GLU G 81 9.22 22.78 0.18
C GLU G 81 9.37 24.13 -0.51
N THR G 82 10.50 24.79 -0.30
CA THR G 82 10.70 26.13 -0.83
C THR G 82 10.67 26.09 -2.35
N GLN G 83 10.40 27.24 -2.96
CA GLN G 83 10.11 27.29 -4.39
C GLN G 83 10.89 28.39 -5.09
N ASP G 84 10.95 28.30 -6.41
CA ASP G 84 11.56 29.33 -7.24
C ASP G 84 10.61 29.72 -8.37
N LEU G 85 10.12 30.94 -8.32
CA LEU G 85 9.11 31.39 -9.27
C LEU G 85 9.69 31.55 -10.66
N LYS G 86 11.02 31.63 -10.72
CA LYS G 86 11.73 31.76 -11.98
C LYS G 86 11.36 30.56 -12.86
N TYR G 87 11.16 29.40 -12.21
CA TYR G 87 10.87 28.16 -12.92
C TYR G 87 9.38 27.80 -12.97
N VAL G 88 8.54 28.59 -12.32
CA VAL G 88 7.10 28.41 -12.44
C VAL G 88 6.65 29.01 -13.76
N THR G 89 5.79 28.30 -14.48
CA THR G 89 5.30 28.74 -15.77
C THR G 89 3.78 28.89 -15.73
N TYR G 90 3.31 30.01 -16.27
CA TYR G 90 1.89 30.33 -16.25
C TYR G 90 1.20 30.24 -17.59
N LEU G 91 0.50 29.14 -17.81
CA LEU G 91 -0.20 28.90 -19.05
C LEU G 91 -1.56 29.60 -19.08
N TRP G 92 -1.92 30.14 -20.24
CA TRP G 92 -3.05 31.07 -20.32
C TRP G 92 -3.95 30.79 -21.50
N THR G 93 -5.24 31.06 -21.33
CA THR G 93 -6.23 30.85 -22.37
C THR G 93 -7.31 31.92 -22.31
N LYS G 94 -7.73 32.41 -23.46
CA LYS G 94 -8.91 33.27 -23.54
C LYS G 94 -10.01 32.60 -24.35
N GLU G 95 -11.07 32.16 -23.69
CA GLU G 95 -12.25 31.62 -24.36
C GLU G 95 -11.88 30.57 -25.40
N ASN G 96 -11.43 29.42 -24.93
CA ASN G 96 -11.15 28.23 -25.76
C ASN G 96 -10.38 28.75 -26.97
N LYS G 97 -9.25 29.40 -26.72
CA LYS G 97 -8.28 29.70 -27.76
C LYS G 97 -7.28 28.57 -27.58
N ALA G 98 -6.16 28.63 -28.29
CA ALA G 98 -5.13 27.62 -28.16
C ALA G 98 -4.51 28.05 -26.82
N VAL G 99 -3.30 27.62 -26.52
CA VAL G 99 -2.68 27.95 -25.23
C VAL G 99 -1.61 28.87 -25.82
N THR G 100 -1.04 29.69 -24.93
CA THR G 100 0.23 30.33 -25.17
C THR G 100 0.73 30.33 -23.73
N THR G 101 2.03 30.14 -23.53
CA THR G 101 2.58 30.18 -22.18
C THR G 101 2.77 31.68 -21.98
N LEU G 102 2.77 32.11 -20.74
CA LEU G 102 2.82 33.54 -20.44
C LEU G 102 4.07 34.28 -19.98
N THR G 103 4.62 35.08 -20.87
CA THR G 103 5.83 35.85 -20.61
C THR G 103 6.10 36.90 -19.53
N SER G 104 5.15 37.80 -19.34
CA SER G 104 5.38 38.95 -18.47
C SER G 104 4.78 38.89 -17.08
N ILE G 105 5.59 38.38 -16.15
CA ILE G 105 5.25 38.31 -14.74
C ILE G 105 6.11 39.02 -13.68
N THR G 106 5.49 39.89 -12.89
CA THR G 106 6.24 40.75 -11.99
C THR G 106 7.32 40.11 -11.12
N PRO G 107 6.99 39.01 -10.43
CA PRO G 107 8.04 38.35 -9.65
C PRO G 107 8.98 37.43 -10.42
N THR G 108 9.37 37.86 -11.62
CA THR G 108 10.16 37.03 -12.52
C THR G 108 11.24 36.21 -11.82
N ASN G 109 11.95 36.85 -10.90
CA ASN G 109 13.02 36.20 -10.14
C ASN G 109 13.18 36.22 -8.63
N GLN G 110 12.32 35.49 -7.94
CA GLN G 110 12.31 35.40 -6.49
C GLN G 110 11.87 34.06 -5.94
N GLN G 111 12.33 33.74 -4.74
CA GLN G 111 11.92 32.53 -4.04
C GLN G 111 10.88 32.68 -2.94
N LEU G 112 10.12 31.61 -2.72
CA LEU G 112 9.16 31.54 -1.63
C LEU G 112 9.55 30.47 -0.64
N ASN G 113 9.88 30.88 0.59
CA ASN G 113 10.01 29.90 1.67
C ASN G 113 8.66 29.25 1.87
N PRO G 114 8.64 27.98 2.27
CA PRO G 114 7.32 27.38 2.50
C PRO G 114 6.56 28.12 3.60
N GLY G 115 5.26 28.30 3.39
CA GLY G 115 4.44 29.07 4.31
C GLY G 115 4.62 30.57 4.10
N ALA G 116 4.82 30.96 2.84
CA ALA G 116 4.90 32.37 2.48
C ALA G 116 4.18 32.60 1.16
N ARG G 117 3.97 33.86 0.81
CA ARG G 117 3.24 34.21 -0.41
C ARG G 117 3.87 35.37 -1.16
N VAL G 118 3.40 35.59 -2.37
CA VAL G 118 3.90 36.66 -3.24
C VAL G 118 2.77 37.13 -4.15
N LYS G 119 2.82 38.40 -4.57
CA LYS G 119 1.81 38.88 -5.50
C LYS G 119 2.31 38.66 -6.92
N VAL G 120 1.72 37.69 -7.60
CA VAL G 120 2.02 37.41 -9.00
C VAL G 120 1.20 38.36 -9.86
N THR G 121 1.84 38.96 -10.87
CA THR G 121 1.13 39.82 -11.79
C THR G 121 1.28 39.35 -13.23
N ILE G 122 0.21 38.80 -13.79
CA ILE G 122 0.17 38.39 -15.19
C ILE G 122 -0.33 39.44 -16.15
N THR G 123 0.42 39.69 -17.20
CA THR G 123 -0.12 40.33 -18.40
C THR G 123 -0.40 39.44 -19.59
N ALA G 124 -1.64 39.39 -20.03
CA ALA G 124 -2.01 38.48 -21.10
C ALA G 124 -1.40 38.98 -22.40
N PRO G 125 -0.97 38.05 -23.27
CA PRO G 125 -0.34 38.43 -24.53
C PRO G 125 -1.33 39.10 -25.47
N THR G 126 -0.82 39.74 -26.52
CA THR G 126 -1.59 40.71 -27.30
C THR G 126 -2.98 40.23 -27.69
N GLY G 127 -3.09 38.97 -28.11
CA GLY G 127 -4.34 38.43 -28.59
C GLY G 127 -5.26 37.87 -27.52
N TYR G 128 -4.68 37.52 -26.38
CA TYR G 128 -5.38 36.73 -25.35
C TYR G 128 -6.02 37.52 -24.22
N LYS G 129 -6.04 38.85 -24.30
CA LYS G 129 -6.62 39.65 -23.23
C LYS G 129 -8.14 39.42 -23.17
N PRO G 130 -8.63 38.79 -22.08
CA PRO G 130 -10.06 38.49 -22.04
C PRO G 130 -10.92 39.71 -21.72
N ILE G 131 -12.15 39.69 -22.22
CA ILE G 131 -13.09 40.79 -22.05
C ILE G 131 -14.30 40.25 -21.32
N ALA G 132 -15.10 41.14 -20.75
CA ALA G 132 -16.19 40.74 -19.86
C ALA G 132 -17.08 39.68 -20.52
N GLY G 133 -17.30 38.58 -19.80
CA GLY G 133 -18.09 37.47 -20.30
C GLY G 133 -17.28 36.37 -20.94
N GLN G 134 -15.98 36.61 -21.13
CA GLN G 134 -15.08 35.61 -21.72
C GLN G 134 -14.30 34.88 -20.64
N LYS G 135 -14.43 33.55 -20.58
CA LYS G 135 -13.69 32.79 -19.58
C LYS G 135 -12.22 32.69 -19.98
N PHE G 136 -11.36 32.63 -18.96
CA PHE G 136 -9.94 32.37 -19.17
C PHE G 136 -9.49 31.30 -18.18
N VAL G 137 -8.45 30.55 -18.55
CA VAL G 137 -7.84 29.61 -17.63
C VAL G 137 -6.39 29.96 -17.41
N LEU G 138 -5.92 29.76 -16.20
CA LEU G 138 -4.53 29.97 -15.86
C LEU G 138 -4.01 28.73 -15.14
N GLU G 139 -3.10 28.01 -15.79
CA GLU G 139 -2.48 26.84 -15.17
C GLU G 139 -1.17 27.26 -14.55
N ILE G 140 -1.05 27.03 -13.25
CA ILE G 140 0.17 27.37 -12.54
C ILE G 140 0.99 26.11 -12.32
N LYS G 141 2.19 26.12 -12.88
CA LYS G 141 3.02 24.93 -12.99
C LYS G 141 4.35 25.13 -12.30
N PRO G 142 4.38 24.89 -10.98
CA PRO G 142 5.67 24.96 -10.29
C PRO G 142 6.55 23.81 -10.75
N LYS G 143 7.85 24.03 -10.85
CA LYS G 143 8.76 22.95 -11.19
C LYS G 143 8.72 21.94 -10.05
N THR G 144 8.59 20.67 -10.40
CA THR G 144 8.51 19.59 -9.41
C THR G 144 7.38 19.87 -8.42
N GLY G 145 6.14 19.71 -8.89
CA GLY G 145 4.99 19.84 -8.02
C GLY G 145 3.68 19.75 -8.76
N ALA G 146 2.61 19.50 -8.02
CA ALA G 146 1.29 19.38 -8.60
C ALA G 146 0.92 20.70 -9.25
N SER G 147 0.32 20.63 -10.43
CA SER G 147 0.03 21.82 -11.19
C SER G 147 -1.43 22.18 -11.04
N THR G 148 -1.69 23.43 -10.69
CA THR G 148 -3.05 23.87 -10.45
C THR G 148 -3.63 24.32 -11.76
N ILE G 149 -4.93 24.65 -11.74
CA ILE G 149 -5.52 25.44 -12.80
C ILE G 149 -6.60 26.27 -12.14
N VAL G 150 -6.69 27.54 -12.52
CA VAL G 150 -7.78 28.37 -12.05
C VAL G 150 -8.50 28.98 -13.24
N THR G 151 -9.71 28.49 -13.46
CA THR G 151 -10.57 29.00 -14.50
C THR G 151 -11.52 30.02 -13.89
N ARG G 152 -11.74 31.10 -14.62
CA ARG G 152 -12.66 32.14 -14.23
C ARG G 152 -13.36 32.59 -15.47
N THR G 153 -14.53 33.19 -15.30
CA THR G 153 -15.16 33.91 -16.40
C THR G 153 -15.58 35.27 -15.86
N LEU G 154 -15.11 36.30 -16.53
CA LEU G 154 -15.48 37.65 -16.14
C LEU G 154 -16.98 37.77 -16.32
N SER G 155 -17.67 38.21 -15.29
CA SER G 155 -19.09 38.48 -15.40
C SER G 155 -19.24 39.51 -16.49
N ASP G 156 -20.34 39.50 -17.22
CA ASP G 156 -20.45 40.48 -18.29
C ASP G 156 -21.01 41.70 -17.61
N GLY G 157 -20.11 42.65 -17.44
CA GLY G 157 -20.09 43.52 -16.29
C GLY G 157 -18.61 43.77 -16.13
N TYR G 158 -18.15 43.93 -14.90
CA TYR G 158 -16.72 43.92 -14.62
C TYR G 158 -15.96 45.04 -15.33
N ASN G 159 -16.14 46.26 -14.84
CA ASN G 159 -15.28 47.36 -15.25
C ASN G 159 -13.85 47.08 -14.76
N GLY G 160 -13.71 46.10 -13.86
CA GLY G 160 -12.41 45.66 -13.41
C GLY G 160 -12.45 45.01 -12.03
N GLY G 161 -11.31 45.04 -11.34
CA GLY G 161 -11.23 44.64 -9.95
C GLY G 161 -11.30 43.15 -9.69
N VAL G 162 -11.80 42.80 -8.50
CA VAL G 162 -11.80 41.41 -8.05
C VAL G 162 -12.54 40.51 -9.04
N ILE G 163 -11.99 39.33 -9.30
CA ILE G 163 -12.68 38.33 -10.08
C ILE G 163 -13.30 37.35 -9.08
N ILE G 164 -14.62 37.41 -9.00
CA ILE G 164 -15.35 36.76 -7.93
C ILE G 164 -15.12 35.25 -7.93
N PHE H 1 42.37 -34.29 -5.59
CA PHE H 1 41.08 -33.59 -5.86
C PHE H 1 41.31 -32.54 -6.93
N SER H 2 40.51 -32.58 -7.99
CA SER H 2 40.70 -31.71 -9.14
C SER H 2 39.47 -30.86 -9.40
N GLY H 3 39.70 -29.58 -9.79
CA GLY H 3 38.61 -28.69 -10.10
C GLY H 3 37.95 -29.02 -11.42
N LEU H 4 38.49 -30.02 -12.12
CA LEU H 4 37.92 -30.48 -13.37
C LEU H 4 36.49 -30.96 -13.12
N GLU H 5 36.31 -31.69 -12.04
CA GLU H 5 35.00 -32.20 -11.66
C GLU H 5 34.15 -31.07 -11.10
N ALA H 6 34.79 -30.10 -10.47
CA ALA H 6 34.09 -28.95 -9.93
C ALA H 6 33.40 -28.22 -11.07
N ALA H 7 34.06 -28.22 -12.24
CA ALA H 7 33.49 -27.61 -13.44
C ALA H 7 32.20 -28.35 -13.80
N ILE H 8 32.26 -29.68 -13.77
CA ILE H 8 31.13 -30.51 -14.15
C ILE H 8 29.90 -30.10 -13.35
N VAL H 9 30.11 -29.84 -12.07
CA VAL H 9 29.06 -29.42 -11.16
C VAL H 9 28.69 -27.97 -11.41
N LEU H 10 29.71 -27.15 -11.64
CA LEU H 10 29.50 -25.72 -11.80
C LEU H 10 28.54 -25.47 -12.94
N ILE H 11 28.61 -26.32 -13.95
CA ILE H 11 27.62 -26.29 -15.02
C ILE H 11 26.25 -26.46 -14.38
N ALA H 12 26.10 -27.54 -13.61
CA ALA H 12 24.81 -27.94 -13.06
C ALA H 12 24.22 -26.85 -12.18
N PHE H 13 25.06 -26.20 -11.37
CA PHE H 13 24.60 -25.12 -10.52
C PHE H 13 24.10 -23.98 -11.41
N VAL H 14 24.87 -23.65 -12.45
CA VAL H 14 24.51 -22.59 -13.38
C VAL H 14 23.27 -22.94 -14.18
N VAL H 15 23.17 -24.18 -14.64
CA VAL H 15 22.09 -24.57 -15.54
C VAL H 15 20.75 -24.50 -14.80
N VAL H 16 20.66 -25.15 -13.64
CA VAL H 16 19.42 -25.12 -12.87
C VAL H 16 19.08 -23.69 -12.46
N ALA H 17 20.11 -22.87 -12.29
CA ALA H 17 19.94 -21.45 -12.02
C ALA H 17 19.29 -20.78 -13.22
N ALA H 18 19.85 -21.01 -14.40
CA ALA H 18 19.33 -20.43 -15.62
C ALA H 18 17.91 -20.92 -15.91
N VAL H 19 17.64 -22.20 -15.65
CA VAL H 19 16.30 -22.74 -15.86
C VAL H 19 15.35 -22.12 -14.85
N PHE H 20 15.76 -22.05 -13.60
CA PHE H 20 14.91 -21.43 -12.60
C PHE H 20 14.75 -19.97 -12.97
N SER H 21 15.85 -19.37 -13.39
CA SER H 21 15.86 -17.98 -13.81
C SER H 21 14.90 -17.83 -14.97
N TYR H 22 15.02 -18.77 -15.90
CA TYR H 22 14.19 -18.78 -17.10
C TYR H 22 12.71 -18.84 -16.72
N VAL H 23 12.36 -19.81 -15.88
CA VAL H 23 10.96 -20.01 -15.51
C VAL H 23 10.47 -18.91 -14.59
N MET H 24 11.28 -18.52 -13.62
CA MET H 24 10.87 -17.49 -12.66
C MET H 24 10.52 -16.21 -13.41
N LEU H 25 11.26 -15.92 -14.46
CA LEU H 25 10.94 -14.79 -15.31
C LEU H 25 9.59 -15.02 -15.98
N GLY H 26 9.41 -16.22 -16.54
CA GLY H 26 8.16 -16.59 -17.16
C GLY H 26 7.04 -16.61 -16.13
N ALA H 27 7.36 -17.14 -14.95
CA ALA H 27 6.43 -17.14 -13.83
C ALA H 27 6.14 -15.70 -13.46
N GLY H 28 7.21 -14.91 -13.51
CA GLY H 28 7.16 -13.50 -13.15
C GLY H 28 6.40 -12.61 -14.11
N PHE H 29 6.60 -12.82 -15.41
CA PHE H 29 5.88 -12.02 -16.39
C PHE H 29 4.41 -12.31 -16.24
N PHE H 30 4.07 -13.58 -16.16
CA PHE H 30 2.68 -14.00 -15.98
C PHE H 30 2.14 -13.40 -14.69
N ALA H 31 2.96 -13.38 -13.66
CA ALA H 31 2.58 -12.76 -12.39
C ALA H 31 2.22 -11.31 -12.65
N THR H 32 3.08 -10.63 -13.39
CA THR H 32 2.88 -9.23 -13.72
C THR H 32 1.68 -9.06 -14.65
N GLN H 33 1.67 -9.83 -15.73
CA GLN H 33 0.63 -9.74 -16.74
C GLN H 33 -0.73 -10.10 -16.15
N LYS H 34 -0.72 -10.93 -15.11
CA LYS H 34 -1.93 -11.23 -14.37
C LYS H 34 -2.26 -10.02 -13.49
N SER H 35 -1.23 -9.49 -12.84
CA SER H 35 -1.38 -8.36 -11.92
C SER H 35 -1.92 -7.15 -12.67
N GLN H 36 -1.64 -7.09 -13.98
CA GLN H 36 -2.15 -6.03 -14.82
C GLN H 36 -3.62 -6.23 -15.17
N GLU H 37 -3.98 -7.49 -15.44
CA GLU H 37 -5.34 -7.82 -15.89
C GLU H 37 -6.36 -7.48 -14.81
N VAL H 38 -6.06 -7.90 -13.57
CA VAL H 38 -6.95 -7.63 -12.45
C VAL H 38 -7.11 -6.12 -12.22
N THR H 39 -6.08 -5.37 -12.53
CA THR H 39 -6.09 -3.91 -12.38
C THR H 39 -6.97 -3.28 -13.44
N TYR H 40 -6.81 -3.73 -14.68
CA TYR H 40 -7.59 -3.23 -15.79
C TYR H 40 -9.06 -3.56 -15.58
N SER H 41 -9.31 -4.82 -15.20
CA SER H 41 -10.65 -5.26 -14.85
C SER H 41 -11.12 -4.53 -13.58
N GLY H 42 -10.19 -4.23 -12.69
CA GLY H 42 -10.52 -3.60 -11.43
C GLY H 42 -11.10 -2.21 -11.64
N MET H 43 -10.46 -1.43 -12.52
CA MET H 43 -10.96 -0.11 -12.85
C MET H 43 -12.21 -0.24 -13.70
N LYS H 44 -12.23 -1.28 -14.53
CA LYS H 44 -13.33 -1.49 -15.45
C LYS H 44 -14.53 -1.92 -14.65
N GLN H 45 -14.27 -2.56 -13.51
CA GLN H 45 -15.34 -2.99 -12.62
C GLN H 45 -16.11 -1.79 -12.07
N ALA H 46 -15.37 -0.76 -11.68
CA ALA H 46 -15.97 0.42 -11.05
C ALA H 46 -16.55 1.37 -12.08
N THR H 47 -15.81 1.57 -13.16
CA THR H 47 -16.15 2.61 -14.13
C THR H 47 -17.17 2.17 -15.16
N SER H 48 -17.44 0.86 -15.19
CA SER H 48 -18.39 0.31 -16.17
C SER H 48 -19.82 0.46 -15.67
N ASN H 49 -19.97 1.09 -14.51
CA ASN H 49 -21.27 1.31 -13.88
C ASN H 49 -22.26 1.99 -14.83
N LEU H 50 -23.50 1.54 -14.75
CA LEU H 50 -24.59 2.07 -15.56
C LEU H 50 -25.68 2.64 -14.67
N ILE H 51 -26.41 3.62 -15.20
CA ILE H 51 -27.26 4.48 -14.38
C ILE H 51 -28.63 4.70 -15.00
N LEU H 52 -29.64 4.72 -14.14
CA LEU H 52 -30.97 5.19 -14.53
C LEU H 52 -30.96 6.71 -14.60
N ASP H 53 -31.42 7.25 -15.74
CA ASP H 53 -31.38 8.68 -15.99
C ASP H 53 -32.76 9.28 -15.97
N GLY H 54 -33.05 10.10 -14.96
CA GLY H 54 -34.31 10.81 -14.88
C GLY H 54 -35.49 9.94 -14.57
N MET H 55 -36.70 10.50 -14.72
CA MET H 55 -37.93 9.89 -14.21
C MET H 55 -38.24 8.55 -14.85
N ILE H 56 -39.01 7.75 -14.11
CA ILE H 56 -39.53 6.49 -14.63
C ILE H 56 -40.99 6.65 -15.00
N TYR H 57 -41.26 6.72 -16.29
CA TYR H 57 -42.63 6.79 -16.82
C TYR H 57 -43.23 5.40 -16.95
N GLY H 58 -44.56 5.32 -17.01
CA GLY H 58 -45.19 4.07 -17.38
C GLY H 58 -46.54 4.20 -18.02
N SER H 59 -46.87 3.22 -18.86
CA SER H 59 -48.22 3.05 -19.39
C SER H 59 -49.03 2.28 -18.35
N TYR H 60 -50.31 2.63 -18.21
CA TYR H 60 -51.14 2.07 -17.18
C TYR H 60 -52.57 1.92 -17.70
N SER H 61 -53.28 0.93 -17.17
CA SER H 61 -54.65 0.64 -17.61
C SER H 61 -55.57 0.33 -16.44
N LYS H 62 -56.68 1.09 -16.34
CA LYS H 62 -57.65 0.85 -15.28
C LYS H 62 -58.36 -0.47 -15.55
N GLY H 63 -58.91 -0.60 -16.76
CA GLY H 63 -59.61 -1.81 -17.13
C GLY H 63 -58.64 -2.95 -17.37
N GLY H 64 -57.38 -2.60 -17.60
CA GLY H 64 -56.32 -3.59 -17.69
C GLY H 64 -55.90 -4.03 -16.29
N SER H 65 -54.88 -4.87 -16.22
CA SER H 65 -54.40 -5.38 -14.94
C SER H 65 -53.69 -4.31 -14.10
N GLY H 66 -53.07 -3.33 -14.76
CA GLY H 66 -52.34 -2.29 -14.04
C GLY H 66 -51.22 -1.70 -14.88
N LEU H 67 -50.18 -1.21 -14.22
CA LEU H 67 -48.98 -0.77 -14.91
C LEU H 67 -48.52 -1.86 -15.84
N ALA H 68 -48.35 -1.53 -17.10
CA ALA H 68 -48.06 -2.54 -18.12
C ALA H 68 -46.65 -2.29 -18.65
N GLN H 69 -46.52 -1.30 -19.52
CA GLN H 69 -45.20 -0.86 -19.94
C GLN H 69 -44.63 -0.01 -18.81
N LEU H 70 -43.31 0.06 -18.75
CA LEU H 70 -42.63 1.02 -17.88
C LEU H 70 -41.47 1.61 -18.66
N TYR H 71 -41.32 2.92 -18.57
CA TYR H 71 -40.32 3.62 -19.38
C TYR H 71 -39.38 4.34 -18.45
N PHE H 72 -38.10 4.04 -18.59
CA PHE H 72 -37.08 4.76 -17.86
C PHE H 72 -35.88 4.81 -18.75
N TYR H 73 -35.23 5.97 -18.80
CA TYR H 73 -34.01 6.06 -19.56
C TYR H 73 -32.86 5.55 -18.72
N VAL H 74 -31.89 4.97 -19.42
CA VAL H 74 -30.72 4.38 -18.82
C VAL H 74 -29.55 4.96 -19.57
N LYS H 75 -28.48 5.29 -18.84
CA LYS H 75 -27.36 5.96 -19.46
C LYS H 75 -26.07 5.38 -18.94
N VAL H 76 -24.97 5.92 -19.43
CA VAL H 76 -23.65 5.57 -18.95
C VAL H 76 -22.97 6.90 -18.61
N PRO H 77 -22.22 6.95 -17.50
CA PRO H 77 -21.47 8.17 -17.21
C PRO H 77 -20.50 8.54 -18.33
N GLU H 78 -20.27 9.83 -18.52
CA GLU H 78 -19.42 10.32 -19.59
C GLU H 78 -18.04 9.67 -19.56
N GLY H 79 -17.58 9.35 -18.35
CA GLY H 79 -16.28 8.72 -18.16
C GLY H 79 -16.38 7.20 -18.11
N GLY H 80 -17.58 6.68 -18.34
CA GLY H 80 -17.84 5.26 -18.19
C GLY H 80 -17.31 4.43 -19.36
N GLU H 81 -17.54 3.12 -19.28
CA GLU H 81 -17.17 2.19 -20.34
C GLU H 81 -18.43 1.81 -21.09
N THR H 82 -18.28 1.53 -22.40
CA THR H 82 -19.42 1.23 -23.24
C THR H 82 -20.14 -0.01 -22.74
N GLN H 83 -21.40 -0.17 -23.11
CA GLN H 83 -22.24 -1.20 -22.51
C GLN H 83 -23.01 -1.97 -23.58
N ASP H 84 -23.54 -3.12 -23.17
CA ASP H 84 -24.40 -3.93 -24.03
C ASP H 84 -25.66 -4.29 -23.26
N LEU H 85 -26.80 -3.78 -23.72
CA LEU H 85 -28.05 -3.95 -23.00
C LEU H 85 -28.55 -5.38 -23.13
N LYS H 86 -28.00 -6.11 -24.10
CA LYS H 86 -28.35 -7.50 -24.32
C LYS H 86 -28.04 -8.28 -23.03
N TYR H 87 -26.98 -7.86 -22.35
CA TYR H 87 -26.50 -8.54 -21.14
C TYR H 87 -26.97 -7.88 -19.84
N VAL H 88 -27.66 -6.76 -19.93
CA VAL H 88 -28.27 -6.16 -18.75
C VAL H 88 -29.55 -6.91 -18.44
N THR H 89 -29.76 -7.20 -17.15
CA THR H 89 -30.94 -7.95 -16.71
C THR H 89 -31.75 -7.09 -15.75
N TYR H 90 -33.07 -7.08 -15.95
CA TYR H 90 -33.95 -6.27 -15.17
C TYR H 90 -34.85 -7.05 -14.22
N LEU H 91 -34.47 -7.09 -12.95
CA LEU H 91 -35.21 -7.82 -11.94
C LEU H 91 -36.39 -7.02 -11.41
N TRP H 92 -37.51 -7.68 -11.16
CA TRP H 92 -38.77 -6.98 -10.91
C TRP H 92 -39.55 -7.56 -9.75
N THR H 93 -40.28 -6.70 -9.06
CA THR H 93 -41.09 -7.10 -7.92
C THR H 93 -42.36 -6.28 -7.85
N LYS H 94 -43.47 -6.93 -7.52
CA LYS H 94 -44.71 -6.23 -7.21
C LYS H 94 -45.11 -6.47 -5.78
N GLU H 95 -44.97 -5.46 -4.93
CA GLU H 95 -45.44 -5.50 -3.55
C GLU H 95 -44.99 -6.78 -2.84
N ASN H 96 -43.69 -6.83 -2.56
CA ASN H 96 -43.06 -7.91 -1.76
C ASN H 96 -43.65 -9.22 -2.29
N LYS H 97 -43.46 -9.45 -3.59
CA LYS H 97 -43.73 -10.76 -4.17
C LYS H 97 -42.32 -11.35 -4.19
N ALA H 98 -42.17 -12.50 -4.83
CA ALA H 98 -40.86 -13.13 -4.97
C ALA H 98 -40.27 -12.25 -6.07
N VAL H 99 -39.22 -12.71 -6.74
CA VAL H 99 -38.57 -11.90 -7.77
C VAL H 99 -39.02 -12.73 -8.95
N THR H 100 -38.94 -12.13 -10.12
CA THR H 100 -38.92 -12.86 -11.38
C THR H 100 -38.00 -11.92 -12.15
N THR H 101 -37.16 -12.46 -13.03
CA THR H 101 -36.30 -11.60 -13.83
C THR H 101 -37.23 -11.24 -14.98
N LEU H 102 -36.97 -10.13 -15.62
CA LEU H 102 -37.87 -9.62 -16.65
C LEU H 102 -37.62 -9.74 -18.15
N THR H 103 -38.37 -10.62 -18.80
CA THR H 103 -38.23 -10.87 -20.23
C THR H 103 -38.37 -9.90 -21.39
N SER H 104 -39.42 -9.08 -21.36
CA SER H 104 -39.77 -8.25 -22.50
C SER H 104 -39.33 -6.78 -22.44
N ILE H 105 -38.16 -6.52 -22.98
CA ILE H 105 -37.59 -5.18 -23.09
C ILE H 105 -37.23 -4.60 -24.46
N THR H 106 -37.80 -3.46 -24.81
CA THR H 106 -37.66 -2.92 -26.17
C THR H 106 -36.26 -2.88 -26.77
N PRO H 107 -35.28 -2.35 -26.03
CA PRO H 107 -33.92 -2.37 -26.57
C PRO H 107 -33.15 -3.67 -26.45
N THR H 108 -33.85 -4.79 -26.64
CA THR H 108 -33.26 -6.11 -26.41
C THR H 108 -31.82 -6.24 -26.86
N ASN H 109 -31.52 -5.71 -28.04
CA ASN H 109 -30.18 -5.76 -28.61
C ASN H 109 -29.41 -4.58 -29.18
N GLN H 110 -28.96 -3.70 -28.29
CA GLN H 110 -28.22 -2.50 -28.66
C GLN H 110 -27.17 -2.08 -27.65
N GLN H 111 -26.14 -1.37 -28.11
CA GLN H 111 -25.11 -0.83 -27.25
C GLN H 111 -25.21 0.66 -26.93
N LEU H 112 -24.67 1.03 -25.77
CA LEU H 112 -24.57 2.42 -25.37
C LEU H 112 -23.12 2.84 -25.24
N ASN H 113 -22.69 3.78 -26.09
CA ASN H 113 -21.41 4.42 -25.88
C ASN H 113 -21.47 5.17 -24.57
N PRO H 114 -20.33 5.26 -23.85
CA PRO H 114 -20.42 6.02 -22.59
C PRO H 114 -20.81 7.46 -22.83
N GLY H 115 -21.68 8.00 -21.98
CA GLY H 115 -22.21 9.34 -22.15
C GLY H 115 -23.33 9.35 -23.17
N ALA H 116 -24.11 8.28 -23.21
CA ALA H 116 -25.30 8.21 -24.06
C ALA H 116 -26.42 7.52 -23.29
N ARG H 117 -27.64 7.58 -23.85
CA ARG H 117 -28.81 7.01 -23.20
C ARG H 117 -29.72 6.29 -24.18
N VAL H 118 -30.68 5.57 -23.63
CA VAL H 118 -31.64 4.78 -24.41
C VAL H 118 -32.96 4.70 -23.65
N LYS H 119 -34.08 4.58 -24.37
CA LYS H 119 -35.35 4.41 -23.68
C LYS H 119 -35.59 2.91 -23.48
N VAL H 120 -35.47 2.47 -22.25
CA VAL H 120 -35.79 1.10 -21.89
C VAL H 120 -37.28 0.98 -21.64
N THR H 121 -37.90 -0.07 -22.19
CA THR H 121 -39.32 -0.32 -21.96
C THR H 121 -39.55 -1.69 -21.36
N ILE H 122 -39.93 -1.70 -20.08
CA ILE H 122 -40.28 -2.93 -19.38
C ILE H 122 -41.77 -3.27 -19.42
N THR H 123 -42.08 -4.49 -19.82
CA THR H 123 -43.37 -5.07 -19.49
C THR H 123 -43.39 -6.11 -18.38
N ALA H 124 -44.16 -5.83 -17.32
CA ALA H 124 -44.15 -6.73 -16.16
C ALA H 124 -44.85 -8.03 -16.54
N PRO H 125 -44.35 -9.15 -16.01
CA PRO H 125 -44.93 -10.45 -16.34
C PRO H 125 -46.33 -10.60 -15.78
N THR H 126 -47.06 -11.63 -16.25
CA THR H 126 -48.52 -11.68 -16.09
C THR H 126 -49.01 -11.38 -14.68
N GLY H 127 -48.32 -11.93 -13.68
CA GLY H 127 -48.75 -11.79 -12.30
C GLY H 127 -48.25 -10.53 -11.59
N TYR H 128 -47.18 -9.95 -12.12
CA TYR H 128 -46.46 -8.89 -11.41
C TYR H 128 -46.81 -7.46 -11.79
N LYS H 129 -47.85 -7.25 -12.59
CA LYS H 129 -48.22 -5.90 -13.01
C LYS H 129 -48.75 -5.11 -11.80
N PRO H 130 -48.01 -4.08 -11.37
CA PRO H 130 -48.45 -3.37 -10.15
C PRO H 130 -49.60 -2.41 -10.41
N ILE H 131 -50.42 -2.20 -9.38
CA ILE H 131 -51.60 -1.36 -9.48
C ILE H 131 -51.43 -0.23 -8.48
N ALA H 132 -52.21 0.83 -8.64
CA ALA H 132 -52.02 2.05 -7.86
C ALA H 132 -51.96 1.76 -6.37
N GLY H 133 -50.91 2.24 -5.72
CA GLY H 133 -50.69 2.03 -4.30
C GLY H 133 -49.80 0.85 -3.98
N GLN H 134 -49.43 0.08 -5.00
CA GLN H 134 -48.54 -1.07 -4.83
C GLN H 134 -47.12 -0.71 -5.25
N LYS H 135 -46.17 -0.85 -4.33
CA LYS H 135 -44.79 -0.56 -4.66
C LYS H 135 -44.18 -1.66 -5.51
N PHE H 136 -43.26 -1.26 -6.39
CA PHE H 136 -42.49 -2.21 -7.17
C PHE H 136 -41.01 -1.84 -7.11
N VAL H 137 -40.14 -2.83 -7.26
CA VAL H 137 -38.70 -2.55 -7.36
C VAL H 137 -38.19 -3.06 -8.69
N LEU H 138 -37.23 -2.33 -9.24
CA LEU H 138 -36.57 -2.70 -10.47
C LEU H 138 -35.07 -2.62 -10.26
N GLU H 139 -34.40 -3.77 -10.25
CA GLU H 139 -32.95 -3.81 -10.12
C GLU H 139 -32.35 -3.88 -11.51
N ILE H 140 -31.50 -2.90 -11.83
CA ILE H 140 -30.85 -2.86 -13.12
C ILE H 140 -29.41 -3.35 -12.97
N LYS H 141 -29.11 -4.43 -13.66
CA LYS H 141 -27.89 -5.18 -13.47
C LYS H 141 -27.07 -5.25 -14.73
N PRO H 142 -26.27 -4.21 -14.99
CA PRO H 142 -25.38 -4.29 -16.14
C PRO H 142 -24.31 -5.34 -15.91
N LYS H 143 -23.91 -6.06 -16.95
CA LYS H 143 -22.84 -7.02 -16.82
C LYS H 143 -21.57 -6.24 -16.47
N THR H 144 -20.84 -6.73 -15.46
CA THR H 144 -19.62 -6.06 -15.01
C THR H 144 -19.91 -4.60 -14.67
N GLY H 145 -20.59 -4.39 -13.55
CA GLY H 145 -20.83 -3.04 -13.07
C GLY H 145 -21.73 -3.01 -11.85
N ALA H 146 -21.71 -1.88 -11.16
CA ALA H 146 -22.53 -1.72 -9.96
C ALA H 146 -23.98 -1.80 -10.35
N SER H 147 -24.76 -2.49 -9.54
CA SER H 147 -26.16 -2.76 -9.87
C SER H 147 -27.05 -1.81 -9.10
N THR H 148 -27.93 -1.13 -9.82
CA THR H 148 -28.80 -0.14 -9.19
C THR H 148 -30.02 -0.84 -8.68
N ILE H 149 -30.88 -0.10 -7.99
CA ILE H 149 -32.24 -0.53 -7.76
C ILE H 149 -33.06 0.74 -7.71
N VAL H 150 -34.23 0.71 -8.36
CA VAL H 150 -35.15 1.83 -8.23
C VAL H 150 -36.50 1.33 -7.76
N THR H 151 -36.81 1.67 -6.52
CA THR H 151 -38.10 1.34 -5.94
C THR H 151 -39.01 2.54 -6.08
N ARG H 152 -40.27 2.24 -6.41
CA ARG H 152 -41.29 3.26 -6.52
C ARG H 152 -42.56 2.67 -5.95
N THR H 153 -43.48 3.53 -5.56
CA THR H 153 -44.83 3.08 -5.25
C THR H 153 -45.78 4.01 -5.98
N LEU H 154 -46.65 3.41 -6.78
CA LEU H 154 -47.64 4.19 -7.48
C LEU H 154 -48.53 4.82 -6.44
N SER H 155 -48.70 6.14 -6.53
CA SER H 155 -49.63 6.83 -5.65
C SER H 155 -50.98 6.20 -5.89
N ASP H 156 -51.84 6.14 -4.88
CA ASP H 156 -53.12 5.50 -5.11
C ASP H 156 -53.98 6.60 -5.69
N GLY H 157 -54.18 6.46 -6.99
CA GLY H 157 -54.28 7.59 -7.90
C GLY H 157 -53.68 7.00 -9.15
N TYR H 158 -53.00 7.84 -9.95
CA TYR H 158 -52.18 7.32 -11.04
C TYR H 158 -52.99 6.56 -12.08
N ASN H 159 -53.75 7.30 -12.89
CA ASN H 159 -54.36 6.72 -14.07
C ASN H 159 -53.23 6.34 -15.06
N GLY H 160 -52.02 6.83 -14.80
CA GLY H 160 -50.85 6.45 -15.56
C GLY H 160 -49.76 7.50 -15.53
N GLY H 161 -48.92 7.50 -16.57
CA GLY H 161 -47.93 8.54 -16.77
C GLY H 161 -46.73 8.50 -15.85
N VAL H 162 -46.15 9.68 -15.61
CA VAL H 162 -44.91 9.78 -14.85
C VAL H 162 -45.05 9.16 -13.47
N ILE H 163 -44.03 8.44 -13.04
CA ILE H 163 -43.98 7.94 -11.66
C ILE H 163 -43.08 8.90 -10.90
N ILE H 164 -43.72 9.66 -10.02
CA ILE H 164 -43.07 10.81 -9.38
C ILE H 164 -41.84 10.39 -8.59
N PHE I 1 38.42 -30.81 -5.87
CA PHE I 1 37.16 -30.23 -5.31
C PHE I 1 35.98 -31.04 -5.83
N SER I 2 35.14 -31.53 -4.92
CA SER I 2 34.04 -32.42 -5.28
C SER I 2 32.69 -31.83 -4.88
N GLY I 3 31.69 -32.03 -5.73
CA GLY I 3 30.34 -31.55 -5.45
C GLY I 3 29.66 -32.37 -4.38
N LEU I 4 30.34 -33.42 -3.92
CA LEU I 4 29.83 -34.27 -2.85
C LEU I 4 29.61 -33.43 -1.61
N GLU I 5 30.58 -32.57 -1.32
CA GLU I 5 30.51 -31.68 -0.19
C GLU I 5 29.52 -30.56 -0.45
N ALA I 6 29.41 -30.17 -1.72
CA ALA I 6 28.46 -29.14 -2.10
C ALA I 6 27.06 -29.59 -1.76
N ALA I 7 26.83 -30.90 -1.88
CA ALA I 7 25.55 -31.49 -1.51
C ALA I 7 25.31 -31.27 -0.03
N ILE I 8 26.34 -31.54 0.77
CA ILE I 8 26.25 -31.44 2.23
C ILE I 8 25.73 -30.06 2.62
N VAL I 9 26.24 -29.05 1.91
CA VAL I 9 25.85 -27.66 2.14
C VAL I 9 24.48 -27.40 1.55
N LEU I 10 24.24 -27.95 0.37
CA LEU I 10 23.00 -27.71 -0.36
C LEU I 10 21.83 -28.10 0.51
N ILE I 11 22.02 -29.16 1.29
CA ILE I 11 21.04 -29.54 2.29
C ILE I 11 20.81 -28.32 3.19
N ALA I 12 21.89 -27.82 3.76
CA ALA I 12 21.83 -26.78 4.77
C ALA I 12 21.15 -25.52 4.24
N PHE I 13 21.46 -25.15 3.01
CA PHE I 13 20.81 -24.00 2.38
C PHE I 13 19.32 -24.25 2.28
N VAL I 14 18.96 -25.45 1.83
CA VAL I 14 17.56 -25.85 1.66
C VAL I 14 16.85 -25.94 3.01
N VAL I 15 17.52 -26.52 4.00
CA VAL I 15 16.87 -26.78 5.28
C VAL I 15 16.53 -25.46 5.96
N VAL I 16 17.50 -24.58 6.12
CA VAL I 16 17.26 -23.28 6.75
C VAL I 16 16.22 -22.49 5.97
N ALA I 17 16.19 -22.73 4.65
CA ALA I 17 15.17 -22.12 3.81
C ALA I 17 13.80 -22.67 4.19
N ALA I 18 13.69 -23.98 4.27
CA ALA I 18 12.44 -24.63 4.64
C ALA I 18 11.99 -24.23 6.05
N VAL I 19 12.93 -24.13 6.97
CA VAL I 19 12.61 -23.72 8.32
C VAL I 19 12.15 -22.27 8.32
N PHE I 20 12.89 -21.41 7.63
CA PHE I 20 12.49 -20.03 7.54
C PHE I 20 11.15 -19.96 6.83
N SER I 21 11.04 -20.75 5.78
CA SER I 21 9.80 -20.85 5.02
C SER I 21 8.70 -21.29 5.94
N TYR I 22 9.01 -22.32 6.71
CA TYR I 22 8.07 -22.89 7.67
C TYR I 22 7.59 -21.82 8.65
N VAL I 23 8.53 -21.14 9.29
CA VAL I 23 8.19 -20.14 10.30
C VAL I 23 7.56 -18.91 9.67
N MET I 24 8.12 -18.43 8.56
CA MET I 24 7.60 -17.23 7.92
C MET I 24 6.13 -17.42 7.59
N LEU I 25 5.77 -18.64 7.18
CA LEU I 25 4.38 -18.96 6.91
C LEU I 25 3.61 -18.85 8.22
N GLY I 26 4.15 -19.46 9.28
CA GLY I 26 3.54 -19.40 10.59
C GLY I 26 3.50 -17.98 11.09
N ALA I 27 4.60 -17.26 10.87
CA ALA I 27 4.69 -15.85 11.20
C ALA I 27 3.65 -15.11 10.38
N GLY I 28 3.54 -15.54 9.12
CA GLY I 28 2.64 -14.95 8.17
C GLY I 28 1.17 -15.18 8.42
N PHE I 29 0.80 -16.41 8.78
CA PHE I 29 -0.60 -16.71 9.06
C PHE I 29 -1.01 -15.88 10.26
N PHE I 30 -0.16 -15.88 11.29
CA PHE I 30 -0.45 -15.10 12.49
C PHE I 30 -0.55 -13.62 12.12
N ALA I 31 0.31 -13.19 11.22
CA ALA I 31 0.27 -11.81 10.74
C ALA I 31 -1.11 -11.56 10.14
N THR I 32 -1.56 -12.49 9.31
CA THR I 32 -2.84 -12.39 8.66
C THR I 32 -3.98 -12.51 9.67
N GLN I 33 -3.91 -13.55 10.49
CA GLN I 33 -4.95 -13.84 11.45
C GLN I 33 -5.05 -12.72 12.48
N LYS I 34 -3.93 -12.03 12.71
CA LYS I 34 -3.96 -10.84 13.54
C LYS I 34 -4.60 -9.70 12.76
N SER I 35 -4.20 -9.58 11.49
CA SER I 35 -4.69 -8.52 10.61
C SER I 35 -6.20 -8.63 10.44
N GLN I 36 -6.71 -9.85 10.57
CA GLN I 36 -8.14 -10.10 10.52
C GLN I 36 -8.84 -9.67 11.79
N GLU I 37 -8.22 -9.95 12.94
CA GLU I 37 -8.83 -9.69 14.23
C GLU I 37 -9.06 -8.20 14.44
N VAL I 38 -8.03 -7.40 14.13
CA VAL I 38 -8.13 -5.95 14.28
C VAL I 38 -9.21 -5.38 13.37
N THR I 39 -9.43 -6.03 12.22
CA THR I 39 -10.45 -5.61 11.27
C THR I 39 -11.84 -5.92 11.80
N TYR I 40 -11.99 -7.13 12.34
CA TYR I 40 -13.27 -7.56 12.89
C TYR I 40 -13.62 -6.68 14.09
N SER I 41 -12.64 -6.49 14.95
CA SER I 41 -12.78 -5.59 16.09
C SER I 41 -12.96 -4.15 15.60
N GLY I 42 -12.30 -3.82 14.48
CA GLY I 42 -12.36 -2.48 13.94
C GLY I 42 -13.76 -2.09 13.52
N MET I 43 -14.45 -2.99 12.83
CA MET I 43 -15.83 -2.75 12.44
C MET I 43 -16.72 -2.85 13.66
N LYS I 44 -16.35 -3.73 14.57
CA LYS I 44 -17.14 -3.99 15.76
C LYS I 44 -17.01 -2.77 16.67
N GLN I 45 -15.88 -2.07 16.56
CA GLN I 45 -15.65 -0.87 17.34
C GLN I 45 -16.65 0.22 16.96
N ALA I 46 -16.89 0.38 15.65
CA ALA I 46 -17.75 1.43 15.15
C ALA I 46 -19.23 1.04 15.26
N THR I 47 -19.54 -0.20 14.91
CA THR I 47 -20.92 -0.64 14.77
C THR I 47 -21.56 -1.04 16.10
N SER I 48 -20.74 -1.20 17.14
CA SER I 48 -21.23 -1.62 18.43
C SER I 48 -21.78 -0.44 19.21
N ASN I 49 -21.78 0.73 18.59
CA ASN I 49 -22.27 1.95 19.19
C ASN I 49 -23.69 1.82 19.73
N LEU I 50 -23.92 2.44 20.89
CA LEU I 50 -25.20 2.43 21.56
C LEU I 50 -25.74 3.85 21.70
N ILE I 51 -27.07 3.97 21.76
CA ILE I 51 -27.72 5.25 21.57
C ILE I 51 -28.82 5.48 22.60
N LEU I 52 -28.92 6.72 23.06
CA LEU I 52 -30.09 7.18 23.81
C LEU I 52 -31.26 7.39 22.86
N ASP I 53 -32.38 6.79 23.17
CA ASP I 53 -33.56 6.85 22.30
C ASP I 53 -34.66 7.71 22.91
N GLY I 54 -34.93 8.85 22.28
CA GLY I 54 -36.02 9.71 22.70
C GLY I 54 -35.79 10.41 24.02
N MET I 55 -36.86 11.00 24.56
CA MET I 55 -36.75 11.94 25.68
C MET I 55 -36.19 11.31 26.94
N ILE I 56 -35.63 12.16 27.79
CA ILE I 56 -35.19 11.76 29.12
C ILE I 56 -36.17 12.24 30.17
N TYR I 57 -36.97 11.31 30.69
CA TYR I 57 -37.91 11.58 31.76
C TYR I 57 -37.22 11.51 33.12
N GLY I 58 -37.81 12.14 34.13
CA GLY I 58 -37.36 11.91 35.49
C GLY I 58 -38.42 12.09 36.57
N SER I 59 -38.23 11.37 37.67
CA SER I 59 -38.98 11.59 38.89
C SER I 59 -38.32 12.72 39.67
N TYR I 60 -39.12 13.56 40.30
CA TYR I 60 -38.61 14.76 40.96
C TYR I 60 -39.41 15.03 42.23
N SER I 61 -38.78 15.63 43.22
CA SER I 61 -39.42 15.91 44.49
C SER I 61 -39.08 17.31 45.00
N LYS I 62 -40.11 18.10 45.28
CA LYS I 62 -39.92 19.44 45.83
C LYS I 62 -39.40 19.33 47.25
N GLY I 63 -40.12 18.56 48.07
CA GLY I 63 -39.74 18.38 49.46
C GLY I 63 -38.54 17.47 49.55
N GLY I 64 -38.30 16.70 48.51
CA GLY I 64 -37.10 15.88 48.41
C GLY I 64 -35.93 16.75 47.98
N SER I 65 -34.78 16.12 47.76
CA SER I 65 -33.57 16.84 47.38
C SER I 65 -33.63 17.39 45.94
N GLY I 66 -34.38 16.71 45.08
CA GLY I 66 -34.46 17.13 43.68
C GLY I 66 -34.77 15.97 42.76
N LEU I 67 -34.33 16.08 41.51
CA LEU I 67 -34.41 14.97 40.56
C LEU I 67 -33.80 13.75 41.21
N ALA I 68 -34.56 12.66 41.24
CA ALA I 68 -34.15 11.47 41.97
C ALA I 68 -33.93 10.35 40.97
N GLN I 69 -35.01 9.76 40.50
CA GLN I 69 -34.90 8.82 39.40
C GLN I 69 -34.73 9.62 38.11
N LEU I 70 -34.11 9.01 37.10
CA LEU I 70 -34.11 9.58 35.77
C LEU I 70 -34.37 8.45 34.79
N TYR I 71 -35.22 8.70 33.80
CA TYR I 71 -35.64 7.65 32.90
C TYR I 71 -35.30 8.08 31.49
N PHE I 72 -34.54 7.24 30.81
CA PHE I 72 -34.24 7.46 29.41
C PHE I 72 -34.11 6.11 28.78
N TYR I 73 -34.69 5.95 27.60
CA TYR I 73 -34.54 4.72 26.87
C TYR I 73 -33.21 4.71 26.16
N VAL I 74 -32.66 3.52 26.03
CA VAL I 74 -31.37 3.31 25.39
C VAL I 74 -31.59 2.20 24.41
N LYS I 75 -31.00 2.33 23.23
CA LYS I 75 -31.25 1.36 22.18
C LYS I 75 -29.96 1.00 21.49
N VAL I 76 -30.06 0.14 20.49
CA VAL I 76 -28.94 -0.21 19.64
C VAL I 76 -29.44 -0.02 18.21
N PRO I 77 -28.61 0.54 17.32
CA PRO I 77 -29.04 0.62 15.92
C PRO I 77 -29.37 -0.73 15.32
N GLU I 78 -30.30 -0.75 14.38
CA GLU I 78 -30.78 -2.00 13.78
C GLU I 78 -29.62 -2.81 13.20
N GLY I 79 -28.59 -2.10 12.73
CA GLY I 79 -27.41 -2.73 12.15
C GLY I 79 -26.32 -2.93 13.16
N GLY I 80 -26.59 -2.61 14.43
CA GLY I 80 -25.59 -2.64 15.47
C GLY I 80 -25.28 -4.03 15.97
N GLU I 81 -24.37 -4.10 16.93
CA GLU I 81 -24.00 -5.36 17.58
C GLU I 81 -24.67 -5.42 18.94
N THR I 82 -25.00 -6.63 19.39
CA THR I 82 -25.72 -6.80 20.64
C THR I 82 -24.88 -6.27 21.80
N GLN I 83 -25.55 -5.96 22.90
CA GLN I 83 -24.92 -5.22 24.00
C GLN I 83 -25.20 -5.86 25.33
N ASP I 84 -24.40 -5.48 26.34
CA ASP I 84 -24.61 -5.90 27.71
C ASP I 84 -24.59 -4.70 28.63
N LEU I 85 -25.73 -4.38 29.23
CA LEU I 85 -25.86 -3.18 30.04
C LEU I 85 -25.10 -3.31 31.33
N LYS I 86 -24.75 -4.54 31.69
CA LYS I 86 -23.98 -4.81 32.90
C LYS I 86 -22.65 -4.05 32.79
N TYR I 87 -22.13 -3.96 31.56
CA TYR I 87 -20.84 -3.31 31.32
C TYR I 87 -20.93 -1.85 30.85
N VAL I 88 -22.15 -1.36 30.65
CA VAL I 88 -22.33 0.06 30.35
C VAL I 88 -22.23 0.83 31.67
N THR I 89 -21.52 1.95 31.62
CA THR I 89 -21.32 2.79 32.81
C THR I 89 -21.88 4.17 32.57
N TYR I 90 -22.62 4.67 33.55
CA TYR I 90 -23.28 5.96 33.45
C TYR I 90 -22.67 7.06 34.31
N LEU I 91 -21.88 7.90 33.69
CA LEU I 91 -21.21 9.00 34.39
C LEU I 91 -22.12 10.19 34.56
N TRP I 92 -22.04 10.86 35.71
CA TRP I 92 -23.05 11.83 36.09
C TRP I 92 -22.45 13.09 36.68
N THR I 93 -23.12 14.22 36.46
CA THR I 93 -22.66 15.51 36.95
C THR I 93 -23.85 16.39 37.32
N LYS I 94 -23.74 17.10 38.43
CA LYS I 94 -24.70 18.14 38.76
C LYS I 94 -24.05 19.50 38.79
N GLU I 95 -24.34 20.33 37.80
CA GLU I 95 -23.89 21.72 37.78
C GLU I 95 -22.38 21.82 38.05
N ASN I 96 -21.58 21.38 37.07
CA ASN I 96 -20.13 21.52 37.08
C ASN I 96 -19.68 21.12 38.49
N LYS I 97 -20.02 19.89 38.89
CA LYS I 97 -19.44 19.29 40.09
C LYS I 97 -18.35 18.42 39.46
N ALA I 98 -17.71 17.60 40.27
CA ALA I 98 -16.68 16.67 39.79
C ALA I 98 -17.58 15.64 39.11
N VAL I 99 -17.04 14.44 38.86
CA VAL I 99 -17.83 13.40 38.17
C VAL I 99 -17.96 12.50 39.38
N THR I 100 -18.93 11.58 39.28
CA THR I 100 -18.97 10.38 40.10
C THR I 100 -19.59 9.45 39.06
N THR I 101 -19.19 8.18 39.05
CA THR I 101 -19.79 7.23 38.14
C THR I 101 -21.04 6.82 38.90
N LEU I 102 -22.06 6.37 38.17
CA LEU I 102 -23.33 6.07 38.82
C LEU I 102 -23.84 4.67 39.13
N THR I 103 -23.83 4.35 40.41
CA THR I 103 -24.26 3.04 40.90
C THR I 103 -25.59 2.33 40.71
N SER I 104 -26.69 3.04 40.92
CA SER I 104 -28.01 2.43 40.98
C SER I 104 -28.86 2.55 39.72
N ILE I 105 -28.73 1.54 38.87
CA ILE I 105 -29.53 1.43 37.64
C ILE I 105 -30.42 0.20 37.42
N THR I 106 -31.71 0.44 37.19
CA THR I 106 -32.68 -0.66 37.15
C THR I 106 -32.32 -1.88 36.28
N PRO I 107 -31.90 -1.67 35.03
CA PRO I 107 -31.51 -2.83 34.24
C PRO I 107 -30.10 -3.37 34.49
N THR I 108 -29.69 -3.40 35.76
CA THR I 108 -28.32 -3.76 36.11
C THR I 108 -27.75 -4.91 35.30
N ASN I 109 -28.55 -5.94 35.09
CA ASN I 109 -28.15 -7.11 34.33
C ASN I 109 -28.93 -7.75 33.20
N GLN I 110 -28.95 -7.07 32.05
CA GLN I 110 -29.67 -7.54 30.86
C GLN I 110 -29.00 -7.15 29.55
N GLN I 111 -29.28 -7.93 28.50
CA GLN I 111 -28.77 -7.61 27.18
C GLN I 111 -29.77 -7.03 26.20
N LEU I 112 -29.26 -6.25 25.24
CA LEU I 112 -30.05 -5.70 24.17
C LEU I 112 -29.62 -6.26 22.83
N ASN I 113 -30.50 -7.01 22.17
CA ASN I 113 -30.26 -7.38 20.78
C ASN I 113 -30.24 -6.10 19.97
N PRO I 114 -29.44 -6.06 18.90
CA PRO I 114 -29.45 -4.84 18.10
C PRO I 114 -30.83 -4.54 17.54
N GLY I 115 -31.23 -3.27 17.56
CA GLY I 115 -32.57 -2.89 17.14
C GLY I 115 -33.60 -3.16 18.22
N ALA I 116 -33.19 -2.99 19.47
CA ALA I 116 -34.09 -3.10 20.62
C ALA I 116 -33.76 -2.02 21.62
N ARG I 117 -34.63 -1.86 22.62
CA ARG I 117 -34.48 -0.81 23.63
C ARG I 117 -34.82 -1.30 25.03
N VAL I 118 -34.49 -0.48 26.02
CA VAL I 118 -34.73 -0.80 27.42
C VAL I 118 -34.93 0.49 28.19
N LYS I 119 -35.71 0.45 29.27
CA LYS I 119 -35.87 1.64 30.09
C LYS I 119 -34.80 1.64 31.17
N VAL I 120 -33.83 2.53 31.00
CA VAL I 120 -32.77 2.72 32.01
C VAL I 120 -33.29 3.67 33.07
N THR I 121 -33.07 3.32 34.33
CA THR I 121 -33.45 4.20 35.44
C THR I 121 -32.25 4.56 36.31
N ILE I 122 -31.82 5.82 36.21
CA ILE I 122 -30.75 6.34 37.05
C ILE I 122 -31.22 7.01 38.32
N THR I 123 -30.64 6.60 39.45
CA THR I 123 -30.67 7.43 40.64
C THR I 123 -29.40 8.16 40.99
N ALA I 124 -29.47 9.49 41.07
CA ALA I 124 -28.27 10.28 41.30
C ALA I 124 -27.80 10.07 42.73
N PRO I 125 -26.48 10.05 42.94
CA PRO I 125 -25.93 9.80 44.28
C PRO I 125 -26.23 10.97 45.22
N THR I 126 -26.04 10.75 46.51
CA THR I 126 -26.61 11.61 47.54
C THR I 126 -26.41 13.11 47.30
N GLY I 127 -25.21 13.48 46.85
CA GLY I 127 -24.88 14.88 46.68
C GLY I 127 -25.24 15.46 45.32
N TYR I 128 -25.41 14.59 44.33
CA TYR I 128 -25.52 15.00 42.94
C TYR I 128 -26.93 15.15 42.38
N LYS I 129 -27.96 15.06 43.22
CA LYS I 129 -29.34 15.16 42.75
C LYS I 129 -29.61 16.60 42.27
N PRO I 130 -29.82 16.79 40.95
CA PRO I 130 -29.99 18.15 40.46
C PRO I 130 -31.38 18.72 40.75
N ILE I 131 -31.44 20.04 40.90
CA ILE I 131 -32.67 20.74 41.24
C ILE I 131 -32.96 21.70 40.10
N ALA I 132 -34.20 22.18 40.02
CA ALA I 132 -34.66 22.97 38.89
C ALA I 132 -33.71 24.14 38.60
N GLY I 133 -33.28 24.23 37.35
CA GLY I 133 -32.35 25.26 36.91
C GLY I 133 -30.89 24.82 36.94
N GLN I 134 -30.62 23.64 37.46
CA GLN I 134 -29.26 23.10 37.52
C GLN I 134 -29.04 22.08 36.41
N LYS I 135 -28.05 22.35 35.55
CA LYS I 135 -27.76 21.41 34.46
C LYS I 135 -27.07 20.17 34.98
N PHE I 136 -27.33 19.04 34.33
CA PHE I 136 -26.62 17.80 34.61
C PHE I 136 -26.17 17.18 33.30
N VAL I 137 -25.09 16.41 33.36
CA VAL I 137 -24.65 15.65 32.19
C VAL I 137 -24.66 14.16 32.53
N LEU I 138 -25.01 13.35 31.53
CA LEU I 138 -24.98 11.91 31.67
C LEU I 138 -24.24 11.32 30.47
N GLU I 139 -23.05 10.76 30.75
CA GLU I 139 -22.28 10.12 29.69
C GLU I 139 -22.58 8.64 29.71
N ILE I 140 -23.05 8.14 28.58
CA ILE I 140 -23.38 6.73 28.46
C ILE I 140 -22.27 6.02 27.70
N LYS I 141 -21.64 5.07 28.38
CA LYS I 141 -20.40 4.47 27.92
C LYS I 141 -20.57 2.96 27.76
N PRO I 142 -21.05 2.54 26.60
CA PRO I 142 -21.13 1.10 26.35
C PRO I 142 -19.73 0.54 26.19
N LYS I 143 -19.49 -0.67 26.67
CA LYS I 143 -18.19 -1.30 26.47
C LYS I 143 -18.01 -1.51 24.97
N THR I 144 -16.83 -1.15 24.47
CA THR I 144 -16.54 -1.26 23.06
C THR I 144 -17.60 -0.54 22.22
N GLY I 145 -17.54 0.78 22.23
CA GLY I 145 -18.44 1.57 21.41
C GLY I 145 -18.34 3.05 21.68
N ALA I 146 -18.83 3.85 20.73
CA ALA I 146 -18.79 5.30 20.88
C ALA I 146 -19.60 5.71 22.08
N SER I 147 -19.08 6.65 22.85
CA SER I 147 -19.70 7.04 24.10
C SER I 147 -20.48 8.33 23.91
N THR I 148 -21.74 8.32 24.31
CA THR I 148 -22.58 9.47 24.12
C THR I 148 -22.41 10.40 25.30
N ILE I 149 -23.04 11.56 25.22
CA ILE I 149 -23.28 12.38 26.40
C ILE I 149 -24.59 13.09 26.17
N VAL I 150 -25.42 13.15 27.21
CA VAL I 150 -26.65 13.93 27.11
C VAL I 150 -26.68 14.93 28.26
N THR I 151 -26.51 16.19 27.90
CA THR I 151 -26.60 17.28 28.85
C THR I 151 -28.00 17.86 28.78
N ARG I 152 -28.53 18.18 29.96
CA ARG I 152 -29.83 18.80 30.08
C ARG I 152 -29.72 19.82 31.19
N THR I 153 -30.62 20.79 31.18
CA THR I 153 -30.78 21.65 32.34
C THR I 153 -32.26 21.71 32.64
N LEU I 154 -32.61 21.37 33.87
CA LEU I 154 -33.99 21.45 34.29
C LEU I 154 -34.40 22.91 34.21
N SER I 155 -35.50 23.18 33.53
CA SER I 155 -36.04 24.53 33.48
C SER I 155 -36.34 24.90 34.92
N ASP I 156 -36.23 26.17 35.28
CA ASP I 156 -36.46 26.50 36.67
C ASP I 156 -37.97 26.68 36.73
N GLY I 157 -38.56 25.67 37.35
CA GLY I 157 -39.87 25.19 36.97
C GLY I 157 -39.74 23.72 37.28
N TYR I 158 -40.41 22.87 36.51
CA TYR I 158 -40.15 21.43 36.56
C TYR I 158 -40.46 20.82 37.93
N ASN I 159 -41.74 20.70 38.24
CA ASN I 159 -42.16 19.89 39.38
C ASN I 159 -41.81 18.43 39.10
N GLY I 160 -41.46 18.12 37.86
CA GLY I 160 -40.98 16.80 37.49
C GLY I 160 -41.22 16.46 36.03
N GLY I 161 -41.30 15.17 35.73
CA GLY I 161 -41.71 14.70 34.42
C GLY I 161 -40.68 14.83 33.31
N VAL I 162 -41.17 14.97 32.08
CA VAL I 162 -40.29 14.99 30.91
C VAL I 162 -39.26 16.09 31.00
N ILE I 163 -38.04 15.78 30.61
CA ILE I 163 -36.99 16.80 30.50
C ILE I 163 -36.92 17.18 29.02
N ILE I 164 -37.37 18.38 28.73
CA ILE I 164 -37.63 18.81 27.37
C ILE I 164 -36.36 18.75 26.53
N PHE J 1 33.81 -28.33 -5.18
CA PHE J 1 33.04 -27.10 -4.82
C PHE J 1 32.83 -27.09 -3.32
N SER J 2 33.23 -25.99 -2.67
CA SER J 2 33.20 -25.90 -1.20
C SER J 2 32.31 -24.76 -0.74
N GLY J 3 31.58 -24.99 0.35
CA GLY J 3 30.71 -23.97 0.92
C GLY J 3 31.50 -22.88 1.62
N LEU J 4 32.83 -23.06 1.67
CA LEU J 4 33.71 -22.06 2.28
C LEU J 4 33.57 -20.76 1.53
N GLU J 5 33.52 -20.85 0.20
CA GLU J 5 33.35 -19.68 -0.65
C GLU J 5 31.92 -19.17 -0.58
N ALA J 6 30.99 -20.10 -0.37
CA ALA J 6 29.59 -19.74 -0.24
C ALA J 6 29.42 -18.82 0.95
N ALA J 7 30.23 -19.05 1.97
CA ALA J 7 30.22 -18.21 3.15
C ALA J 7 30.65 -16.80 2.75
N ILE J 8 31.71 -16.71 1.95
CA ILE J 8 32.28 -15.43 1.54
C ILE J 8 31.18 -14.58 0.91
N VAL J 9 30.35 -15.22 0.10
CA VAL J 9 29.23 -14.55 -0.56
C VAL J 9 28.10 -14.30 0.42
N LEU J 10 27.85 -15.26 1.28
CA LEU J 10 26.73 -15.19 2.21
C LEU J 10 26.88 -13.94 3.07
N ILE J 11 28.12 -13.59 3.37
CA ILE J 11 28.40 -12.33 4.03
C ILE J 11 27.81 -11.22 3.16
N ALA J 12 28.22 -11.21 1.89
CA ALA J 12 27.88 -10.12 0.97
C ALA J 12 26.37 -9.97 0.81
N PHE J 13 25.67 -11.09 0.72
CA PHE J 13 24.21 -11.05 0.61
C PHE J 13 23.64 -10.42 1.89
N VAL J 14 24.14 -10.86 3.04
CA VAL J 14 23.71 -10.33 4.33
C VAL J 14 24.07 -8.86 4.49
N VAL J 15 25.28 -8.50 4.10
CA VAL J 15 25.77 -7.15 4.36
C VAL J 15 24.94 -6.13 3.57
N VAL J 16 24.81 -6.34 2.26
CA VAL J 16 24.03 -5.43 1.42
C VAL J 16 22.58 -5.40 1.91
N ALA J 17 22.12 -6.53 2.44
CA ALA J 17 20.80 -6.60 3.03
C ALA J 17 20.73 -5.67 4.24
N ALA J 18 21.69 -5.80 5.13
CA ALA J 18 21.75 -4.98 6.34
C ALA J 18 21.89 -3.51 6.00
N VAL J 19 22.71 -3.19 4.98
CA VAL J 19 22.88 -1.81 4.56
C VAL J 19 21.58 -1.29 3.96
N PHE J 20 20.98 -2.09 3.10
CA PHE J 20 19.70 -1.69 2.51
C PHE J 20 18.69 -1.58 3.63
N SER J 21 18.74 -2.55 4.53
CA SER J 21 17.85 -2.58 5.70
C SER J 21 18.10 -1.32 6.49
N TYR J 22 19.37 -1.04 6.71
CA TYR J 22 19.79 0.13 7.46
C TYR J 22 19.23 1.41 6.83
N VAL J 23 19.46 1.60 5.54
CA VAL J 23 19.04 2.80 4.85
C VAL J 23 17.53 2.85 4.69
N MET J 24 16.92 1.73 4.32
CA MET J 24 15.47 1.70 4.10
C MET J 24 14.75 2.13 5.37
N LEU J 25 15.29 1.73 6.52
CA LEU J 25 14.76 2.17 7.80
C LEU J 25 14.93 3.68 7.91
N GLY J 26 16.12 4.17 7.60
CA GLY J 26 16.40 5.59 7.62
C GLY J 26 15.56 6.31 6.58
N ALA J 27 15.45 5.70 5.41
CA ALA J 27 14.59 6.21 4.35
C ALA J 27 13.16 6.19 4.87
N GLY J 28 12.84 5.12 5.57
CA GLY J 28 11.52 4.89 6.11
C GLY J 28 11.11 5.81 7.25
N PHE J 29 12.03 6.07 8.18
CA PHE J 29 11.71 6.97 9.28
C PHE J 29 11.45 8.34 8.69
N PHE J 30 12.34 8.77 7.80
CA PHE J 30 12.18 10.06 7.16
C PHE J 30 10.87 10.11 6.39
N ALA J 31 10.53 8.98 5.77
CA ALA J 31 9.26 8.87 5.06
C ALA J 31 8.14 9.15 6.05
N THR J 32 8.22 8.48 7.19
CA THR J 32 7.24 8.62 8.25
C THR J 32 7.26 10.04 8.83
N GLN J 33 8.46 10.47 9.22
CA GLN J 33 8.62 11.76 9.87
C GLN J 33 8.23 12.89 8.92
N LYS J 34 8.34 12.64 7.63
CA LYS J 34 7.83 13.59 6.63
C LYS J 34 6.31 13.48 6.60
N SER J 35 5.82 12.24 6.60
CA SER J 35 4.39 11.97 6.53
C SER J 35 3.68 12.59 7.71
N GLN J 36 4.41 12.72 8.82
CA GLN J 36 3.88 13.35 10.02
C GLN J 36 3.82 14.88 9.87
N GLU J 37 4.86 15.45 9.28
CA GLU J 37 4.98 16.89 9.17
C GLU J 37 3.87 17.47 8.33
N VAL J 38 3.61 16.84 7.18
CA VAL J 38 2.55 17.29 6.27
C VAL J 38 1.18 17.21 6.95
N THR J 39 1.03 16.23 7.84
CA THR J 39 -0.21 16.05 8.59
C THR J 39 -0.39 17.14 9.62
N TYR J 40 0.68 17.43 10.35
CA TYR J 40 0.65 18.47 11.36
C TYR J 40 0.40 19.82 10.71
N SER J 41 1.12 20.07 9.63
CA SER J 41 0.92 21.27 8.82
C SER J 41 -0.46 21.23 8.18
N GLY J 42 -0.92 20.03 7.84
CA GLY J 42 -2.21 19.87 7.17
C GLY J 42 -3.35 20.32 8.05
N MET J 43 -3.34 19.91 9.31
CA MET J 43 -4.35 20.35 10.25
C MET J 43 -4.14 21.81 10.61
N LYS J 44 -2.87 22.21 10.62
CA LYS J 44 -2.51 23.56 11.00
C LYS J 44 -2.92 24.48 9.88
N GLN J 45 -2.95 23.96 8.66
CA GLN J 45 -3.38 24.73 7.51
C GLN J 45 -4.84 25.14 7.63
N ALA J 46 -5.68 24.20 8.07
CA ALA J 46 -7.11 24.42 8.17
C ALA J 46 -7.48 25.20 9.42
N THR J 47 -6.87 24.83 10.54
CA THR J 47 -7.27 25.33 11.85
C THR J 47 -6.64 26.68 12.18
N SER J 48 -5.66 27.10 11.39
CA SER J 48 -4.97 28.36 11.63
C SER J 48 -5.74 29.53 11.05
N ASN J 49 -6.91 29.21 10.50
CA ASN J 49 -7.77 30.22 9.89
C ASN J 49 -8.09 31.38 10.83
N LEU J 50 -8.12 32.57 10.25
CA LEU J 50 -8.41 33.80 10.98
C LEU J 50 -9.65 34.47 10.42
N ILE J 51 -10.34 35.22 11.27
CA ILE J 51 -11.71 35.66 10.97
C ILE J 51 -11.93 37.13 11.30
N LEU J 52 -12.68 37.81 10.46
CA LEU J 52 -13.22 39.12 10.78
C LEU J 52 -14.38 38.96 11.74
N ASP J 53 -14.33 39.70 12.85
CA ASP J 53 -15.33 39.58 13.90
C ASP J 53 -16.22 40.82 13.96
N GLY J 54 -17.49 40.66 13.60
CA GLY J 54 -18.45 41.74 13.72
C GLY J 54 -18.24 42.86 12.72
N MET J 55 -18.94 43.98 12.94
CA MET J 55 -19.06 45.04 11.95
C MET J 55 -17.74 45.69 11.58
N ILE J 56 -17.70 46.26 10.39
CA ILE J 56 -16.57 47.07 9.95
C ILE J 56 -16.91 48.55 10.04
N TYR J 57 -16.34 49.21 11.04
CA TYR J 57 -16.51 50.64 11.22
C TYR J 57 -15.49 51.41 10.39
N GLY J 58 -15.76 52.68 10.12
CA GLY J 58 -14.74 53.54 9.55
C GLY J 58 -14.88 55.01 9.87
N SER J 59 -13.74 55.69 9.87
CA SER J 59 -13.69 57.15 9.91
C SER J 59 -13.86 57.67 8.50
N TYR J 60 -14.57 58.78 8.34
CA TYR J 60 -14.90 59.31 7.03
C TYR J 60 -14.90 60.82 7.06
N SER J 61 -14.59 61.44 5.92
CA SER J 61 -14.50 62.89 5.84
C SER J 61 -15.14 63.43 4.56
N LYS J 62 -16.09 64.33 4.71
CA LYS J 62 -16.75 64.95 3.55
C LYS J 62 -15.74 65.85 2.85
N GLY J 63 -15.14 66.75 3.61
CA GLY J 63 -14.17 67.68 3.05
C GLY J 63 -12.86 66.97 2.75
N GLY J 64 -12.67 65.82 3.38
CA GLY J 64 -11.54 64.96 3.07
C GLY J 64 -11.82 64.17 1.81
N SER J 65 -10.92 63.27 1.46
CA SER J 65 -11.05 62.48 0.25
C SER J 65 -12.16 61.41 0.36
N GLY J 66 -12.42 60.94 1.57
CA GLY J 66 -13.42 59.90 1.76
C GLY J 66 -13.14 59.05 3.00
N LEU J 67 -13.60 57.81 2.98
CA LEU J 67 -13.26 56.84 4.01
C LEU J 67 -11.74 56.83 4.16
N ALA J 68 -11.28 57.04 5.39
CA ALA J 68 -9.87 57.21 5.66
C ALA J 68 -9.39 56.04 6.49
N GLN J 69 -9.68 56.08 7.78
CA GLN J 69 -9.45 54.92 8.63
C GLN J 69 -10.56 53.92 8.37
N LEU J 70 -10.28 52.64 8.61
CA LEU J 70 -11.33 51.63 8.63
C LEU J 70 -11.07 50.74 9.82
N TYR J 71 -12.12 50.40 10.56
CA TYR J 71 -11.97 49.65 11.80
C TYR J 71 -12.77 48.39 11.69
N PHE J 72 -12.10 47.26 11.86
CA PHE J 72 -12.79 45.99 11.93
C PHE J 72 -12.01 45.12 12.89
N TYR J 73 -12.73 44.41 13.73
CA TYR J 73 -12.07 43.49 14.64
C TYR J 73 -11.78 42.21 13.90
N VAL J 74 -10.69 41.58 14.30
CA VAL J 74 -10.21 40.35 13.71
C VAL J 74 -9.95 39.43 14.86
N LYS J 75 -10.31 38.15 14.70
CA LYS J 75 -10.20 37.22 15.79
C LYS J 75 -9.64 35.91 15.29
N VAL J 76 -9.52 34.96 16.21
CA VAL J 76 -9.14 33.60 15.89
C VAL J 76 -10.18 32.71 16.54
N PRO J 77 -10.61 31.64 15.85
CA PRO J 77 -11.54 30.72 16.50
C PRO J 77 -10.96 30.11 17.77
N GLU J 78 -11.83 29.82 18.74
CA GLU J 78 -11.41 29.31 20.04
C GLU J 78 -10.54 28.07 19.90
N GLY J 79 -10.78 27.28 18.85
CA GLY J 79 -10.02 26.09 18.59
C GLY J 79 -8.87 26.33 17.63
N GLY J 80 -8.67 27.59 17.26
CA GLY J 80 -7.67 27.94 16.26
C GLY J 80 -6.25 27.91 16.78
N GLU J 81 -5.31 28.24 15.89
CA GLU J 81 -3.90 28.34 16.24
C GLU J 81 -3.53 29.81 16.37
N THR J 82 -2.59 30.12 17.26
CA THR J 82 -2.22 31.50 17.51
C THR J 82 -1.67 32.14 16.24
N GLN J 83 -1.72 33.47 16.19
CA GLN J 83 -1.44 34.19 14.95
C GLN J 83 -0.46 35.33 15.18
N ASP J 84 0.10 35.83 14.07
CA ASP J 84 0.96 37.01 14.10
C ASP J 84 0.50 38.00 13.02
N LEU J 85 0.01 39.14 13.47
CA LEU J 85 -0.58 40.12 12.57
C LEU J 85 0.49 40.78 11.71
N LYS J 86 1.73 40.66 12.15
CA LYS J 86 2.86 41.21 11.43
C LYS J 86 2.88 40.59 10.03
N TYR J 87 2.48 39.32 9.94
CA TYR J 87 2.51 38.59 8.69
C TYR J 87 1.16 38.52 7.98
N VAL J 88 0.12 39.08 8.58
CA VAL J 88 -1.16 39.20 7.89
C VAL J 88 -1.08 40.39 6.94
N THR J 89 -1.59 40.21 5.73
CA THR J 89 -1.57 41.26 4.71
C THR J 89 -2.98 41.61 4.30
N TYR J 90 -3.24 42.91 4.22
CA TYR J 90 -4.56 43.42 3.90
C TYR J 90 -4.68 44.04 2.52
N LEU J 91 -5.23 43.28 1.58
CA LEU J 91 -5.40 43.73 0.23
C LEU J 91 -6.65 44.58 0.05
N TRP J 92 -6.56 45.62 -0.76
CA TRP J 92 -7.59 46.66 -0.79
C TRP J 92 -7.97 47.09 -2.19
N THR J 93 -9.23 47.45 -2.37
CA THR J 93 -9.75 47.89 -3.66
C THR J 93 -10.79 48.98 -3.47
N LYS J 94 -10.76 49.99 -4.33
CA LYS J 94 -11.83 50.97 -4.41
C LYS J 94 -12.51 50.92 -5.76
N GLU J 95 -13.73 50.41 -5.78
CA GLU J 95 -14.56 50.41 -6.99
C GLU J 95 -13.80 49.89 -8.20
N ASN J 96 -13.55 48.58 -8.20
CA ASN J 96 -12.96 47.87 -9.33
C ASN J 96 -11.78 48.74 -9.81
N LYS J 97 -10.85 49.00 -8.91
CA LYS J 97 -9.56 49.59 -9.27
C LYS J 97 -8.69 48.34 -9.31
N ALA J 98 -7.38 48.52 -9.47
CA ALA J 98 -6.44 47.41 -9.49
C ALA J 98 -6.40 47.10 -7.99
N VAL J 99 -5.38 46.38 -7.53
CA VAL J 99 -5.30 46.02 -6.12
C VAL J 99 -4.12 46.91 -5.77
N THR J 100 -3.95 47.15 -4.48
CA THR J 100 -2.70 47.61 -3.92
C THR J 100 -2.78 46.89 -2.59
N THR J 101 -1.65 46.43 -2.07
CA THR J 101 -1.66 45.78 -0.76
C THR J 101 -1.59 46.98 0.17
N LEU J 102 -2.08 46.83 1.39
CA LEU J 102 -2.16 47.95 2.30
C LEU J 102 -1.20 48.19 3.47
N THR J 103 -0.36 49.21 3.30
CA THR J 103 0.63 49.57 4.30
C THR J 103 0.43 49.97 5.76
N SER J 104 -0.52 50.86 6.02
CA SER J 104 -0.67 51.46 7.33
C SER J 104 -1.75 50.87 8.23
N ILE J 105 -1.34 49.88 9.04
CA ILE J 105 -2.20 49.24 10.02
C ILE J 105 -1.82 49.29 11.50
N THR J 106 -2.72 49.80 12.35
CA THR J 106 -2.38 50.04 13.74
C THR J 106 -1.70 48.92 14.53
N PRO J 107 -2.25 47.70 14.45
CA PRO J 107 -1.57 46.60 15.15
C PRO J 107 -0.37 45.98 14.41
N THR J 108 0.43 46.82 13.78
CA THR J 108 1.52 46.35 12.92
C THR J 108 2.27 45.15 13.47
N ASN J 109 2.56 45.20 14.78
CA ASN J 109 3.25 44.12 15.46
C ASN J 109 2.83 43.45 16.76
N GLN J 110 1.78 42.63 16.67
CA GLN J 110 1.23 41.93 17.82
C GLN J 110 0.65 40.56 17.47
N GLN J 111 0.62 39.67 18.46
CA GLN J 111 0.00 38.37 18.32
C GLN J 111 -1.38 38.19 18.92
N LEU J 112 -2.15 37.27 18.34
CA LEU J 112 -3.45 36.89 18.86
C LEU J 112 -3.45 35.44 19.31
N ASN J 113 -3.62 35.20 20.60
CA ASN J 113 -3.88 33.85 21.07
C ASN J 113 -5.21 33.42 20.48
N PRO J 114 -5.35 32.09 20.18
CA PRO J 114 -6.65 31.68 19.64
C PRO J 114 -7.78 31.99 20.61
N GLY J 115 -8.92 32.46 20.09
CA GLY J 115 -10.04 32.87 20.91
C GLY J 115 -9.81 34.24 21.50
N ALA J 116 -9.16 35.11 20.74
CA ALA J 116 -8.96 36.51 21.13
C ALA J 116 -9.14 37.40 19.90
N ARG J 117 -9.22 38.71 20.14
CA ARG J 117 -9.44 39.66 19.06
C ARG J 117 -8.60 40.93 19.21
N VAL J 118 -8.58 41.73 18.16
CA VAL J 118 -7.81 42.97 18.14
C VAL J 118 -8.50 43.96 17.23
N LYS J 119 -8.35 45.26 17.49
CA LYS J 119 -8.91 46.26 16.60
C LYS J 119 -7.90 46.60 15.53
N VAL J 120 -8.17 46.13 14.31
CA VAL J 120 -7.34 46.47 13.16
C VAL J 120 -7.80 47.81 12.61
N THR J 121 -6.85 48.68 12.30
CA THR J 121 -7.17 49.97 11.69
C THR J 121 -6.46 50.15 10.36
N ILE J 122 -7.23 50.09 9.29
CA ILE J 122 -6.72 50.34 7.94
C ILE J 122 -6.84 51.78 7.48
N THR J 123 -5.74 52.35 7.00
CA THR J 123 -5.81 53.53 6.14
C THR J 123 -5.58 53.31 4.65
N ALA J 124 -6.57 53.65 3.84
CA ALA J 124 -6.49 53.39 2.42
C ALA J 124 -5.44 54.30 1.80
N PRO J 125 -4.70 53.79 0.81
CA PRO J 125 -3.63 54.57 0.19
C PRO J 125 -4.20 55.74 -0.60
N THR J 126 -3.35 56.68 -0.99
CA THR J 126 -3.78 58.00 -1.44
C THR J 126 -4.91 57.98 -2.46
N GLY J 127 -4.82 57.08 -3.42
CA GLY J 127 -5.79 57.03 -4.51
C GLY J 127 -7.02 56.19 -4.22
N TYR J 128 -6.92 55.29 -3.25
CA TYR J 128 -7.93 54.26 -3.03
C TYR J 128 -8.97 54.56 -1.95
N LYS J 129 -8.99 55.76 -1.41
CA LYS J 129 -9.95 56.10 -0.37
C LYS J 129 -11.37 56.12 -0.95
N PRO J 130 -12.23 55.17 -0.53
CA PRO J 130 -13.56 55.11 -1.14
C PRO J 130 -14.51 56.17 -0.60
N ILE J 131 -15.45 56.59 -1.44
CA ILE J 131 -16.40 57.64 -1.11
C ILE J 131 -17.79 57.03 -1.19
N ALA J 132 -18.77 57.70 -0.58
CA ALA J 132 -20.11 57.15 -0.43
C ALA J 132 -20.66 56.63 -1.76
N GLY J 133 -21.11 55.38 -1.77
CA GLY J 133 -21.64 54.75 -2.96
C GLY J 133 -20.60 53.93 -3.73
N GLN J 134 -19.35 54.00 -3.32
CA GLN J 134 -18.28 53.24 -3.95
C GLN J 134 -17.93 52.00 -3.14
N LYS J 135 -18.07 50.83 -3.76
CA LYS J 135 -17.74 49.58 -3.06
C LYS J 135 -16.23 49.43 -2.92
N PHE J 136 -15.82 48.80 -1.82
CA PHE J 136 -14.43 48.42 -1.63
C PHE J 136 -14.37 46.98 -1.16
N VAL J 137 -13.24 46.31 -1.45
CA VAL J 137 -13.02 44.97 -0.93
C VAL J 137 -11.75 44.96 -0.09
N LEU J 138 -11.78 44.16 0.96
CA LEU J 138 -10.64 43.97 1.83
C LEU J 138 -10.40 42.48 2.02
N GLU J 139 -9.30 41.98 1.46
CA GLU J 139 -8.95 40.58 1.62
C GLU J 139 -7.97 40.46 2.78
N ILE J 140 -8.35 39.67 3.77
CA ILE J 140 -7.52 39.45 4.92
C ILE J 140 -6.82 38.11 4.81
N LYS J 141 -5.49 38.17 4.77
CA LYS J 141 -4.65 37.04 4.41
C LYS J 141 -3.70 36.69 5.52
N PRO J 142 -4.16 35.89 6.48
CA PRO J 142 -3.24 35.44 7.53
C PRO J 142 -2.22 34.48 6.93
N LYS J 143 -0.99 34.52 7.40
CA LYS J 143 0.01 33.56 6.94
C LYS J 143 -0.44 32.17 7.37
N THR J 144 -0.41 31.22 6.44
CA THR J 144 -0.84 29.86 6.72
C THR J 144 -2.26 29.85 7.25
N GLY J 145 -3.22 30.11 6.38
CA GLY J 145 -4.62 30.03 6.76
C GLY J 145 -5.55 30.49 5.65
N ALA J 146 -6.81 30.11 5.77
CA ALA J 146 -7.81 30.49 4.77
C ALA J 146 -7.94 31.99 4.75
N SER J 147 -8.03 32.55 3.54
CA SER J 147 -8.03 33.98 3.38
C SER J 147 -9.45 34.46 3.16
N THR J 148 -9.85 35.46 3.94
CA THR J 148 -11.21 35.97 3.88
C THR J 148 -11.27 37.03 2.81
N ILE J 149 -12.47 37.52 2.55
CA ILE J 149 -12.63 38.79 1.86
C ILE J 149 -13.90 39.41 2.40
N VAL J 150 -13.85 40.70 2.65
CA VAL J 150 -15.06 41.41 3.05
C VAL J 150 -15.28 42.58 2.11
N THR J 151 -16.31 42.44 1.28
CA THR J 151 -16.72 43.50 0.37
C THR J 151 -17.85 44.28 1.01
N ARG J 152 -17.80 45.59 0.86
CA ARG J 152 -18.82 46.48 1.35
C ARG J 152 -19.01 47.55 0.30
N THR J 153 -20.17 48.19 0.33
CA THR J 153 -20.34 49.42 -0.45
C THR J 153 -20.95 50.44 0.48
N LEU J 154 -20.29 51.59 0.59
CA LEU J 154 -20.81 52.65 1.40
C LEU J 154 -22.12 53.09 0.78
N SER J 155 -23.16 53.15 1.60
CA SER J 155 -24.46 53.64 1.13
C SER J 155 -24.19 55.06 0.69
N ASP J 156 -24.93 55.55 -0.30
CA ASP J 156 -24.63 56.89 -0.76
C ASP J 156 -25.44 57.77 0.18
N GLY J 157 -24.70 58.39 1.08
CA GLY J 157 -25.14 58.65 2.42
C GLY J 157 -23.83 58.56 3.19
N TYR J 158 -23.88 58.10 4.44
CA TYR J 158 -22.67 57.72 5.13
C TYR J 158 -21.71 58.90 5.35
N ASN J 159 -22.09 59.79 6.26
CA ASN J 159 -21.16 60.80 6.74
C ASN J 159 -20.02 60.11 7.51
N GLY J 160 -20.21 58.84 7.82
CA GLY J 160 -19.17 58.02 8.43
C GLY J 160 -19.72 56.86 9.24
N GLY J 161 -18.94 56.41 10.21
CA GLY J 161 -19.38 55.42 11.18
C GLY J 161 -19.52 54.00 10.68
N VAL J 162 -20.43 53.24 11.28
CA VAL J 162 -20.57 51.82 11.01
C VAL J 162 -20.86 51.59 9.53
N ILE J 163 -20.23 50.57 8.96
CA ILE J 163 -20.55 50.14 7.61
C ILE J 163 -21.48 48.94 7.75
N ILE J 164 -22.73 49.16 7.38
CA ILE J 164 -23.81 48.24 7.70
C ILE J 164 -23.56 46.87 7.07
N PHE K 1 30.10 -24.90 -3.69
CA PHE K 1 28.98 -23.96 -4.02
C PHE K 1 29.58 -22.59 -4.32
N SER K 2 29.25 -22.05 -5.49
CA SER K 2 29.85 -20.80 -5.96
C SER K 2 28.80 -19.71 -6.18
N GLY K 3 29.13 -18.49 -5.82
CA GLY K 3 28.23 -17.36 -6.03
C GLY K 3 28.12 -16.98 -7.49
N LEU K 4 28.92 -17.63 -8.34
CA LEU K 4 28.86 -17.40 -9.77
C LEU K 4 27.47 -17.70 -10.29
N GLU K 5 26.90 -18.80 -9.82
CA GLU K 5 25.55 -19.20 -10.20
C GLU K 5 24.53 -18.30 -9.51
N ALA K 6 24.87 -17.84 -8.32
CA ALA K 6 23.99 -16.93 -7.59
C ALA K 6 23.79 -15.67 -8.41
N ALA K 7 24.82 -15.27 -9.13
CA ALA K 7 24.75 -14.12 -10.01
C ALA K 7 23.70 -14.40 -11.10
N ILE K 8 23.78 -15.59 -11.68
CA ILE K 8 22.89 -15.99 -12.77
C ILE K 8 21.44 -15.78 -12.35
N VAL K 9 21.15 -16.14 -11.12
CA VAL K 9 19.81 -16.00 -10.56
C VAL K 9 19.54 -14.55 -10.20
N LEU K 10 20.56 -13.89 -9.64
CA LEU K 10 20.40 -12.52 -9.17
C LEU K 10 19.94 -11.64 -10.31
N ILE K 11 20.40 -11.96 -11.52
CA ILE K 11 19.90 -11.30 -12.71
C ILE K 11 18.39 -11.52 -12.75
N ALA K 12 17.99 -12.78 -12.68
CA ALA K 12 16.58 -13.16 -12.87
C ALA K 12 15.68 -12.49 -11.84
N PHE K 13 16.14 -12.42 -10.59
CA PHE K 13 15.36 -11.75 -9.55
C PHE K 13 15.22 -10.27 -9.92
N VAL K 14 16.32 -9.66 -10.35
CA VAL K 14 16.32 -8.25 -10.73
C VAL K 14 15.48 -8.01 -11.97
N VAL K 15 15.60 -8.89 -12.95
CA VAL K 15 14.95 -8.67 -14.24
C VAL K 15 13.43 -8.71 -14.07
N VAL K 16 12.91 -9.76 -13.46
CA VAL K 16 11.48 -9.88 -13.25
C VAL K 16 10.98 -8.73 -12.38
N ALA K 17 11.85 -8.26 -11.49
CA ALA K 17 11.55 -7.11 -10.66
C ALA K 17 11.39 -5.88 -11.55
N ALA K 18 12.38 -5.65 -12.42
CA ALA K 18 12.34 -4.52 -13.34
C ALA K 18 11.15 -4.60 -14.28
N VAL K 19 10.84 -5.80 -14.77
CA VAL K 19 9.69 -5.96 -15.66
C VAL K 19 8.41 -5.70 -14.88
N PHE K 20 8.31 -6.26 -13.68
CA PHE K 20 7.13 -6.01 -12.88
C PHE K 20 7.09 -4.53 -12.54
N SER K 21 8.26 -4.00 -12.21
CA SER K 21 8.40 -2.59 -11.90
C SER K 21 7.96 -1.79 -13.11
N TYR K 22 8.44 -2.22 -14.27
CA TYR K 22 8.12 -1.58 -15.53
C TYR K 22 6.62 -1.56 -15.77
N VAL K 23 5.99 -2.73 -15.67
CA VAL K 23 4.57 -2.84 -15.94
C VAL K 23 3.74 -2.19 -14.84
N MET K 24 4.11 -2.41 -13.59
CA MET K 24 3.33 -1.85 -12.48
C MET K 24 3.27 -0.33 -12.61
N LEU K 25 4.35 0.26 -13.07
CA LEU K 25 4.37 1.69 -13.34
C LEU K 25 3.39 2.00 -14.46
N GLY K 26 3.45 1.21 -15.53
CA GLY K 26 2.52 1.37 -16.65
C GLY K 26 1.11 1.08 -16.19
N ALA K 27 0.95 0.03 -15.40
CA ALA K 27 -0.33 -0.31 -14.80
C ALA K 27 -0.76 0.85 -13.91
N GLY K 28 0.23 1.40 -13.22
CA GLY K 28 0.02 2.49 -12.28
C GLY K 28 -0.34 3.82 -12.91
N PHE K 29 0.35 4.18 -13.99
CA PHE K 29 0.05 5.44 -14.66
C PHE K 29 -1.38 5.35 -15.19
N PHE K 30 -1.69 4.23 -15.84
CA PHE K 30 -3.03 4.03 -16.36
C PHE K 30 -4.04 4.08 -15.23
N ALA K 31 -3.67 3.50 -14.09
CA ALA K 31 -4.51 3.55 -12.91
C ALA K 31 -4.80 5.00 -12.57
N THR K 32 -3.72 5.79 -12.55
CA THR K 32 -3.81 7.20 -12.23
C THR K 32 -4.57 7.96 -13.32
N GLN K 33 -4.15 7.75 -14.56
CA GLN K 33 -4.73 8.45 -15.70
C GLN K 33 -6.19 8.09 -15.86
N LYS K 34 -6.57 6.89 -15.40
CA LYS K 34 -7.97 6.52 -15.36
C LYS K 34 -8.63 7.24 -14.20
N SER K 35 -7.94 7.25 -13.06
CA SER K 35 -8.45 7.87 -11.84
C SER K 35 -8.69 9.36 -12.07
N GLN K 36 -7.93 9.93 -12.99
CA GLN K 36 -8.10 11.33 -13.38
C GLN K 36 -9.32 11.54 -14.25
N GLU K 37 -9.54 10.62 -15.19
CA GLU K 37 -10.61 10.75 -16.17
C GLU K 37 -11.96 10.72 -15.48
N VAL K 38 -12.15 9.78 -14.58
CA VAL K 38 -13.41 9.66 -13.85
C VAL K 38 -13.69 10.91 -13.01
N THR K 39 -12.61 11.55 -12.55
CA THR K 39 -12.72 12.76 -11.76
C THR K 39 -13.13 13.94 -12.63
N TYR K 40 -12.51 14.04 -13.80
CA TYR K 40 -12.82 15.11 -14.72
C TYR K 40 -14.25 14.96 -15.22
N SER K 41 -14.60 13.73 -15.59
CA SER K 41 -15.96 13.40 -15.96
C SER K 41 -16.90 13.56 -14.77
N GLY K 42 -16.38 13.28 -13.57
CA GLY K 42 -17.18 13.35 -12.36
C GLY K 42 -17.66 14.76 -12.08
N MET K 43 -16.76 15.73 -12.20
CA MET K 43 -17.12 17.13 -12.04
C MET K 43 -17.95 17.59 -13.23
N LYS K 44 -17.62 17.04 -14.38
CA LYS K 44 -18.28 17.43 -15.61
C LYS K 44 -19.69 16.88 -15.58
N GLN K 45 -19.88 15.78 -14.88
CA GLN K 45 -21.20 15.19 -14.72
C GLN K 45 -22.14 16.13 -13.98
N ALA K 46 -21.63 16.75 -12.91
CA ALA K 46 -22.44 17.60 -12.06
C ALA K 46 -22.61 18.99 -12.67
N THR K 47 -21.51 19.54 -13.18
CA THR K 47 -21.46 20.94 -13.60
C THR K 47 -22.02 21.15 -15.01
N SER K 48 -22.23 20.06 -15.74
CA SER K 48 -22.72 20.16 -17.12
C SER K 48 -24.24 20.30 -17.14
N ASN K 49 -24.83 20.37 -15.95
CA ASN K 49 -26.27 20.51 -15.79
C ASN K 49 -26.83 21.68 -16.58
N LEU K 50 -28.01 21.45 -17.16
CA LEU K 50 -28.72 22.44 -17.96
C LEU K 50 -30.09 22.74 -17.32
N ILE K 51 -30.57 23.96 -17.56
CA ILE K 51 -31.69 24.50 -16.78
C ILE K 51 -32.72 25.18 -17.65
N LEU K 52 -33.98 25.00 -17.30
CA LEU K 52 -35.06 25.79 -17.85
C LEU K 52 -35.06 27.15 -17.20
N ASP K 53 -35.06 28.21 -18.03
CA ASP K 53 -34.96 29.57 -17.54
C ASP K 53 -36.27 30.33 -17.72
N GLY K 54 -36.93 30.64 -16.60
CA GLY K 54 -38.13 31.44 -16.64
C GLY K 54 -39.34 30.72 -17.22
N MET K 55 -40.39 31.48 -17.51
CA MET K 55 -41.71 30.92 -17.80
C MET K 55 -41.74 30.08 -19.05
N ILE K 56 -42.71 29.16 -19.10
CA ILE K 56 -42.98 28.36 -20.28
C ILE K 56 -44.19 28.90 -21.02
N TYR K 57 -43.94 29.58 -22.14
CA TYR K 57 -45.00 30.09 -22.99
C TYR K 57 -45.48 29.04 -23.96
N GLY K 58 -46.69 29.19 -24.50
CA GLY K 58 -47.09 28.35 -25.62
C GLY K 58 -48.12 28.98 -26.55
N SER K 59 -48.08 28.52 -27.80
CA SER K 59 -49.12 28.82 -28.77
C SER K 59 -50.25 27.83 -28.58
N TYR K 60 -51.48 28.29 -28.74
CA TYR K 60 -52.65 27.47 -28.45
C TYR K 60 -53.76 27.79 -29.44
N SER K 61 -54.60 26.79 -29.72
CA SER K 61 -55.68 26.95 -30.69
C SER K 61 -56.98 26.32 -30.19
N LYS K 62 -58.04 27.12 -30.14
CA LYS K 62 -59.35 26.60 -29.73
C LYS K 62 -59.88 25.68 -30.81
N GLY K 63 -59.91 26.18 -32.05
CA GLY K 63 -60.41 25.39 -33.17
C GLY K 63 -59.39 24.34 -33.55
N GLY K 64 -58.15 24.53 -33.14
CA GLY K 64 -57.12 23.53 -33.31
C GLY K 64 -57.25 22.46 -32.23
N SER K 65 -56.31 21.53 -32.20
CA SER K 65 -56.34 20.44 -31.25
C SER K 65 -56.04 20.89 -29.81
N GLY K 66 -55.24 21.95 -29.67
CA GLY K 66 -54.84 22.42 -28.35
C GLY K 66 -53.51 23.13 -28.37
N LEU K 67 -52.82 23.11 -27.24
CA LEU K 67 -51.45 23.61 -27.18
C LEU K 67 -50.65 22.96 -28.30
N ALA K 68 -50.01 23.79 -29.10
CA ALA K 68 -49.33 23.31 -30.30
C ALA K 68 -47.84 23.54 -30.14
N GLN K 69 -47.40 24.78 -30.33
CA GLN K 69 -46.05 25.13 -30.00
C GLN K 69 -45.95 25.30 -28.49
N LEU K 70 -44.75 25.11 -27.96
CA LEU K 70 -44.48 25.47 -26.56
C LEU K 70 -43.14 26.15 -26.52
N TYR K 71 -43.04 27.24 -25.77
CA TYR K 71 -41.83 28.04 -25.76
C TYR K 71 -41.33 28.12 -24.35
N PHE K 72 -40.09 27.71 -24.16
CA PHE K 72 -39.44 27.86 -22.88
C PHE K 72 -37.98 28.11 -23.15
N TYR K 73 -37.39 29.03 -22.44
CA TYR K 73 -35.98 29.27 -22.57
C TYR K 73 -35.22 28.24 -21.76
N VAL K 74 -34.05 27.91 -22.25
CA VAL K 74 -33.19 26.93 -21.62
C VAL K 74 -31.83 27.57 -21.56
N LYS K 75 -31.13 27.37 -20.46
CA LYS K 75 -29.88 28.05 -20.24
C LYS K 75 -28.86 27.10 -19.67
N VAL K 76 -27.67 27.62 -19.42
CA VAL K 76 -26.64 26.88 -18.73
C VAL K 76 -26.16 27.78 -17.61
N PRO K 77 -25.89 27.22 -16.41
CA PRO K 77 -25.34 28.06 -15.34
C PRO K 77 -24.01 28.72 -15.75
N GLU K 78 -23.76 29.91 -15.21
CA GLU K 78 -22.57 30.68 -15.56
C GLU K 78 -21.30 29.86 -15.37
N GLY K 79 -21.33 28.96 -14.38
CA GLY K 79 -20.19 28.12 -14.07
C GLY K 79 -20.26 26.77 -14.77
N GLY K 80 -21.27 26.61 -15.61
CA GLY K 80 -21.54 25.33 -16.25
C GLY K 80 -20.60 25.03 -17.41
N GLU K 81 -20.81 23.87 -18.02
CA GLU K 81 -20.05 23.46 -19.20
C GLU K 81 -20.91 23.65 -20.43
N THR K 82 -20.28 23.96 -21.56
CA THR K 82 -21.00 24.27 -22.78
C THR K 82 -21.82 23.04 -23.22
N GLN K 83 -22.86 23.28 -24.02
CA GLN K 83 -23.84 22.25 -24.32
C GLN K 83 -24.12 22.16 -25.80
N ASP K 84 -24.73 21.04 -26.19
CA ASP K 84 -25.19 20.85 -27.56
C ASP K 84 -26.65 20.38 -27.56
N LEU K 85 -27.52 21.23 -28.07
CA LEU K 85 -28.96 20.97 -28.01
C LEU K 85 -29.34 19.84 -28.95
N LYS K 86 -28.44 19.55 -29.90
CA LYS K 86 -28.65 18.46 -30.85
C LYS K 86 -28.84 17.16 -30.06
N TYR K 87 -28.12 17.05 -28.94
CA TYR K 87 -28.15 15.84 -28.12
C TYR K 87 -29.09 15.92 -26.91
N VAL K 88 -29.71 17.07 -26.69
CA VAL K 88 -30.73 17.18 -25.66
C VAL K 88 -32.03 16.58 -26.20
N THR K 89 -32.70 15.80 -25.37
CA THR K 89 -33.95 15.14 -25.77
C THR K 89 -35.08 15.60 -24.86
N TYR K 90 -36.21 15.91 -25.48
CA TYR K 90 -37.36 16.43 -24.77
C TYR K 90 -38.52 15.46 -24.68
N LEU K 91 -38.66 14.81 -23.53
CA LEU K 91 -39.71 13.84 -23.32
C LEU K 91 -41.02 14.52 -22.91
N TRP K 92 -42.13 14.00 -23.41
CA TRP K 92 -43.41 14.71 -23.31
C TRP K 92 -44.56 13.81 -22.92
N THR K 93 -45.52 14.39 -22.19
CA THR K 93 -46.69 13.66 -21.73
C THR K 93 -47.90 14.57 -21.74
N LYS K 94 -49.05 14.02 -22.16
CA LYS K 94 -50.33 14.70 -22.01
C LYS K 94 -51.25 13.93 -21.09
N GLU K 95 -51.45 14.43 -19.88
CA GLU K 95 -52.42 13.85 -18.94
C GLU K 95 -52.23 12.34 -18.80
N ASN K 96 -51.15 11.96 -18.15
CA ASN K 96 -50.86 10.57 -17.78
C ASN K 96 -51.16 9.73 -19.04
N LYS K 97 -50.49 10.06 -20.14
CA LYS K 97 -50.49 9.19 -21.31
C LYS K 97 -49.16 8.47 -21.13
N ALA K 98 -48.75 7.71 -22.13
CA ALA K 98 -47.48 7.00 -22.09
C ALA K 98 -46.53 8.17 -22.36
N VAL K 99 -45.30 7.89 -22.76
CA VAL K 99 -44.32 8.96 -22.99
C VAL K 99 -44.28 8.81 -24.51
N THR K 100 -43.76 9.83 -25.15
CA THR K 100 -43.25 9.74 -26.51
C THR K 100 -42.13 10.77 -26.37
N THR K 101 -41.00 10.54 -27.04
CA THR K 101 -39.91 11.51 -27.01
C THR K 101 -40.35 12.48 -28.09
N LEU K 102 -39.88 13.72 -27.99
CA LEU K 102 -40.33 14.75 -28.90
C LEU K 102 -39.52 15.27 -30.08
N THR K 103 -39.96 14.89 -31.29
CA THR K 103 -39.29 15.29 -32.51
C THR K 103 -38.99 16.69 -33.06
N SER K 104 -39.99 17.55 -33.02
CA SER K 104 -39.88 18.85 -33.67
C SER K 104 -39.54 20.05 -32.78
N ILE K 105 -38.24 20.32 -32.69
CA ILE K 105 -37.71 21.46 -31.95
C ILE K 105 -36.87 22.52 -32.67
N THR K 106 -37.28 23.78 -32.62
CA THR K 106 -36.65 24.82 -33.42
C THR K 106 -35.13 24.90 -33.41
N PRO K 107 -34.50 24.89 -32.21
CA PRO K 107 -33.05 24.89 -32.20
C PRO K 107 -32.37 23.54 -32.45
N THR K 108 -32.91 22.76 -33.38
CA THR K 108 -32.42 21.41 -33.59
C THR K 108 -30.92 21.24 -33.53
N ASN K 109 -30.20 22.19 -34.14
CA ASN K 109 -28.75 22.18 -34.15
C ASN K 109 -27.84 23.35 -33.80
N GLN K 110 -27.78 23.67 -32.50
CA GLN K 110 -26.98 24.77 -31.99
C GLN K 110 -26.40 24.52 -30.60
N GLN K 111 -25.29 25.19 -30.30
CA GLN K 111 -24.69 25.12 -28.98
C GLN K 111 -24.92 26.31 -28.06
N LEU K 112 -24.87 26.04 -26.76
CA LEU K 112 -24.98 27.07 -25.73
C LEU K 112 -23.68 27.16 -24.95
N ASN K 113 -22.99 28.29 -25.04
CA ASN K 113 -21.89 28.55 -24.12
C ASN K 113 -22.47 28.63 -22.72
N PRO K 114 -21.69 28.23 -21.71
CA PRO K 114 -22.25 28.35 -20.37
C PRO K 114 -22.58 29.81 -20.03
N GLY K 115 -23.70 30.04 -19.38
CA GLY K 115 -24.15 31.39 -19.08
C GLY K 115 -24.81 32.04 -20.28
N ALA K 116 -25.49 31.23 -21.08
CA ALA K 116 -26.27 31.72 -22.21
C ALA K 116 -27.58 30.97 -22.30
N ARG K 117 -28.48 31.46 -23.16
CA ARG K 117 -29.81 30.86 -23.30
C ARG K 117 -30.26 30.81 -24.76
N VAL K 118 -31.35 30.07 -24.97
CA VAL K 118 -31.92 29.89 -26.30
C VAL K 118 -33.41 29.68 -26.18
N LYS K 119 -34.17 30.07 -27.20
CA LYS K 119 -35.61 29.83 -27.18
C LYS K 119 -35.89 28.48 -27.80
N VAL K 120 -36.24 27.50 -26.96
CA VAL K 120 -36.63 26.19 -27.41
C VAL K 120 -38.11 26.22 -27.79
N THR K 121 -38.44 25.63 -28.94
CA THR K 121 -39.83 25.55 -29.37
C THR K 121 -40.26 24.10 -29.60
N ILE K 122 -41.09 23.60 -28.70
CA ILE K 122 -41.66 22.26 -28.82
C ILE K 122 -43.00 22.22 -29.53
N THR K 123 -43.12 21.36 -30.53
CA THR K 123 -44.43 20.91 -30.98
C THR K 123 -44.86 19.51 -30.57
N ALA K 124 -45.96 19.41 -29.85
CA ALA K 124 -46.38 18.12 -29.32
C ALA K 124 -46.85 17.25 -30.49
N PRO K 125 -46.60 15.94 -30.40
CA PRO K 125 -46.96 15.02 -31.48
C PRO K 125 -48.47 14.88 -31.59
N THR K 126 -48.94 14.31 -32.69
CA THR K 126 -50.34 14.42 -33.09
C THR K 126 -51.34 14.13 -31.98
N GLY K 127 -51.08 13.11 -31.19
CA GLY K 127 -52.00 12.69 -30.14
C GLY K 127 -51.84 13.40 -28.81
N TYR K 128 -50.66 13.98 -28.59
CA TYR K 128 -50.28 14.49 -27.28
C TYR K 128 -50.49 15.98 -27.03
N LYS K 129 -51.15 16.68 -27.94
CA LYS K 129 -51.36 18.12 -27.79
C LYS K 129 -52.33 18.36 -26.62
N PRO K 130 -51.83 18.97 -25.52
CA PRO K 130 -52.71 19.14 -24.35
C PRO K 130 -53.70 20.28 -24.53
N ILE K 131 -54.85 20.14 -23.88
CA ILE K 131 -55.93 21.11 -23.96
C ILE K 131 -56.17 21.65 -22.55
N ALA K 132 -56.86 22.80 -22.46
CA ALA K 132 -57.00 23.49 -21.19
C ALA K 132 -57.51 22.57 -20.09
N GLY K 133 -56.80 22.54 -18.97
CA GLY K 133 -57.14 21.70 -17.83
C GLY K 133 -56.40 20.37 -17.82
N GLN K 134 -55.66 20.07 -18.90
CA GLN K 134 -54.87 18.83 -18.98
C GLN K 134 -53.42 19.10 -18.67
N LYS K 135 -52.88 18.42 -17.66
CA LYS K 135 -51.48 18.61 -17.30
C LYS K 135 -50.58 17.92 -18.32
N PHE K 136 -49.41 18.50 -18.51
CA PHE K 136 -48.38 17.87 -19.32
C PHE K 136 -47.04 17.94 -18.59
N VAL K 137 -46.15 16.99 -18.87
CA VAL K 137 -44.80 17.04 -18.32
C VAL K 137 -43.80 17.09 -19.47
N LEU K 138 -42.73 17.84 -19.24
CA LEU K 138 -41.63 17.93 -20.19
C LEU K 138 -40.32 17.67 -19.46
N GLU K 139 -39.68 16.55 -19.77
CA GLU K 139 -38.41 16.24 -19.17
C GLU K 139 -37.31 16.68 -20.12
N ILE K 140 -36.44 17.54 -19.63
CA ILE K 140 -35.33 18.04 -20.44
C ILE K 140 -34.06 17.32 -20.04
N LYS K 141 -33.49 16.61 -21.00
CA LYS K 141 -32.42 15.66 -20.78
C LYS K 141 -31.18 16.02 -21.57
N PRO K 142 -30.36 16.92 -21.00
CA PRO K 142 -29.10 17.22 -21.67
C PRO K 142 -28.17 16.01 -21.60
N LYS K 143 -27.40 15.77 -22.66
CA LYS K 143 -26.42 14.69 -22.61
C LYS K 143 -25.41 15.02 -21.53
N THR K 144 -25.12 14.03 -20.68
CA THR K 144 -24.17 14.22 -19.59
C THR K 144 -24.60 15.40 -18.72
N GLY K 145 -25.66 15.22 -17.94
CA GLY K 145 -26.10 16.23 -17.01
C GLY K 145 -27.39 15.87 -16.32
N ALA K 146 -27.66 16.55 -15.21
CA ALA K 146 -28.87 16.31 -14.45
C ALA K 146 -30.07 16.65 -15.31
N SER K 147 -31.09 15.81 -15.24
CA SER K 147 -32.24 15.94 -16.12
C SER K 147 -33.38 16.58 -15.35
N THR K 148 -33.94 17.63 -15.93
CA THR K 148 -34.99 18.38 -15.26
C THR K 148 -36.32 17.73 -15.59
N ILE K 149 -37.38 18.22 -14.97
CA ILE K 149 -38.72 17.96 -15.47
C ILE K 149 -39.53 19.20 -15.12
N VAL K 150 -40.35 19.64 -16.05
CA VAL K 150 -41.27 20.73 -15.76
C VAL K 150 -42.69 20.29 -16.07
N THR K 151 -43.47 20.10 -15.01
CA THR K 151 -44.86 19.76 -15.13
C THR K 151 -45.68 21.03 -15.00
N ARG K 152 -46.70 21.12 -15.84
CA ARG K 152 -47.64 22.23 -15.82
C ARG K 152 -49.00 21.66 -16.06
N THR K 153 -50.02 22.40 -15.66
CA THR K 153 -51.38 22.10 -16.09
C THR K 153 -52.00 23.38 -16.58
N LEU K 154 -52.47 23.34 -17.81
CA LEU K 154 -53.14 24.50 -18.36
C LEU K 154 -54.38 24.75 -17.51
N SER K 155 -54.54 25.99 -17.04
CA SER K 155 -55.73 26.34 -16.32
C SER K 155 -56.88 26.12 -17.28
N ASP K 156 -58.07 25.77 -16.78
CA ASP K 156 -59.13 25.50 -17.72
C ASP K 156 -59.72 26.88 -17.97
N GLY K 157 -59.41 27.36 -19.16
CA GLY K 157 -59.19 28.76 -19.39
C GLY K 157 -58.15 28.70 -20.49
N TYR K 158 -57.24 29.68 -20.52
CA TYR K 158 -56.05 29.57 -21.36
C TYR K 158 -56.37 29.50 -22.85
N ASN K 159 -56.80 30.62 -23.42
CA ASN K 159 -56.89 30.73 -24.87
C ASN K 159 -55.46 30.65 -25.45
N GLY K 160 -54.45 30.76 -24.58
CA GLY K 160 -53.07 30.58 -24.99
C GLY K 160 -52.09 31.30 -24.09
N GLY K 161 -50.92 31.62 -24.63
CA GLY K 161 -49.95 32.47 -23.98
C GLY K 161 -49.20 31.85 -22.83
N VAL K 162 -48.78 32.68 -21.88
CA VAL K 162 -47.91 32.24 -20.78
C VAL K 162 -48.56 31.11 -20.00
N ILE K 163 -47.79 30.12 -19.63
CA ILE K 163 -48.24 29.07 -18.73
C ILE K 163 -47.72 29.43 -17.36
N ILE K 164 -48.66 29.82 -16.49
CA ILE K 164 -48.35 30.45 -15.23
C ILE K 164 -47.50 29.54 -14.35
N PHE L 1 98.21 -79.87 -14.54
CA PHE L 1 97.29 -78.72 -14.76
C PHE L 1 97.92 -77.48 -14.13
N SER L 2 98.06 -76.42 -14.93
CA SER L 2 98.76 -75.21 -14.49
C SER L 2 97.86 -73.99 -14.54
N GLY L 3 98.01 -73.11 -13.54
CA GLY L 3 97.23 -71.89 -13.49
C GLY L 3 97.69 -70.87 -14.52
N LEU L 4 98.75 -71.21 -15.23
CA LEU L 4 99.27 -70.36 -16.30
C LEU L 4 98.19 -70.15 -17.35
N GLU L 5 97.51 -71.23 -17.69
CA GLU L 5 96.42 -71.19 -18.66
C GLU L 5 95.20 -70.53 -18.05
N ALA L 6 95.02 -70.72 -16.73
CA ALA L 6 93.92 -70.11 -16.03
C ALA L 6 94.02 -68.60 -16.16
N ALA L 7 95.24 -68.11 -16.18
CA ALA L 7 95.49 -66.68 -16.38
C ALA L 7 94.97 -66.26 -17.74
N ILE L 8 95.29 -67.07 -18.76
CA ILE L 8 94.90 -66.77 -20.14
C ILE L 8 93.40 -66.53 -20.21
N VAL L 9 92.65 -67.36 -19.49
CA VAL L 9 91.20 -67.26 -19.44
C VAL L 9 90.78 -66.11 -18.55
N LEU L 10 91.48 -65.94 -17.45
CA LEU L 10 91.12 -64.91 -16.46
C LEU L 10 91.12 -63.56 -17.13
N ILE L 11 92.03 -63.39 -18.08
CA ILE L 11 92.02 -62.19 -18.91
C ILE L 11 90.64 -62.11 -19.56
N ALA L 12 90.27 -63.17 -20.26
CA ALA L 12 89.07 -63.19 -21.09
C ALA L 12 87.82 -62.92 -20.26
N PHE L 13 87.75 -63.49 -19.06
CA PHE L 13 86.63 -63.23 -18.17
C PHE L 13 86.59 -61.75 -17.81
N VAL L 14 87.76 -61.20 -17.48
CA VAL L 14 87.88 -59.80 -17.11
C VAL L 14 87.58 -58.89 -18.30
N VAL L 15 88.10 -59.24 -19.47
CA VAL L 15 87.99 -58.35 -20.62
C VAL L 15 86.52 -58.21 -21.04
N VAL L 16 85.83 -59.34 -21.24
CA VAL L 16 84.43 -59.29 -21.63
C VAL L 16 83.61 -58.59 -20.55
N ALA L 17 84.06 -58.72 -19.31
CA ALA L 17 83.43 -58.02 -18.20
C ALA L 17 83.61 -56.52 -18.39
N ALA L 18 84.84 -56.10 -18.63
CA ALA L 18 85.14 -54.69 -18.83
C ALA L 18 84.42 -54.12 -20.06
N VAL L 19 84.34 -54.91 -21.12
CA VAL L 19 83.64 -54.48 -22.32
C VAL L 19 82.15 -54.37 -22.03
N PHE L 20 81.60 -55.38 -21.37
CA PHE L 20 80.19 -55.34 -21.00
C PHE L 20 79.99 -54.18 -20.06
N SER L 21 80.93 -54.04 -19.11
CA SER L 21 80.91 -52.97 -18.15
C SER L 21 80.95 -51.66 -18.90
N TYR L 22 81.86 -51.59 -19.86
CA TYR L 22 82.04 -50.42 -20.69
C TYR L 22 80.75 -50.04 -21.39
N VAL L 23 80.16 -51.00 -22.09
CA VAL L 23 78.95 -50.75 -22.86
C VAL L 23 77.75 -50.52 -21.97
N MET L 24 77.60 -51.34 -20.92
CA MET L 24 76.45 -51.22 -20.03
C MET L 24 76.41 -49.82 -19.44
N LEU L 25 77.58 -49.26 -19.16
CA LEU L 25 77.66 -47.88 -18.68
C LEU L 25 77.17 -46.96 -19.79
N GLY L 26 77.67 -47.18 -21.00
CA GLY L 26 77.26 -46.39 -22.15
C GLY L 26 75.78 -46.61 -22.43
N ALA L 27 75.36 -47.86 -22.32
CA ALA L 27 73.95 -48.22 -22.46
C ALA L 27 73.18 -47.53 -21.35
N GLY L 28 73.80 -47.51 -20.18
CA GLY L 28 73.22 -46.94 -18.99
C GLY L 28 73.11 -45.44 -18.98
N PHE L 29 74.15 -44.74 -19.44
CA PHE L 29 74.10 -43.29 -19.48
C PHE L 29 73.01 -42.89 -20.45
N PHE L 30 72.99 -43.54 -21.61
CA PHE L 30 71.96 -43.26 -22.61
C PHE L 30 70.59 -43.55 -22.03
N ALA L 31 70.50 -44.63 -21.24
CA ALA L 31 69.27 -44.97 -20.57
C ALA L 31 68.85 -43.79 -19.71
N THR L 32 69.81 -43.30 -18.93
CA THR L 32 69.56 -42.18 -18.03
C THR L 32 69.28 -40.90 -18.82
N GLN L 33 70.14 -40.60 -19.77
CA GLN L 33 70.04 -39.39 -20.56
C GLN L 33 68.76 -39.38 -21.38
N LYS L 34 68.27 -40.58 -21.72
CA LYS L 34 66.97 -40.69 -22.35
C LYS L 34 65.88 -40.47 -21.29
N SER L 35 66.07 -41.08 -20.14
CA SER L 35 65.12 -40.99 -19.03
C SER L 35 64.96 -39.54 -18.59
N GLN L 36 66.01 -38.75 -18.80
CA GLN L 36 65.98 -37.32 -18.50
C GLN L 36 65.18 -36.55 -19.54
N GLU L 37 65.37 -36.90 -20.80
CA GLU L 37 64.76 -36.17 -21.91
C GLU L 37 63.24 -36.26 -21.86
N VAL L 38 62.74 -37.47 -21.63
CA VAL L 38 61.30 -37.70 -21.55
C VAL L 38 60.69 -36.93 -20.37
N THR L 39 61.48 -36.75 -19.32
CA THR L 39 61.05 -36.01 -18.14
C THR L 39 60.97 -34.53 -18.43
N TYR L 40 62.01 -34.00 -19.09
CA TYR L 40 62.06 -32.61 -19.45
C TYR L 40 60.94 -32.28 -20.41
N SER L 41 60.79 -33.14 -21.43
CA SER L 41 59.69 -33.03 -22.35
C SER L 41 58.36 -33.26 -21.64
N GLY L 42 58.38 -34.14 -20.64
CA GLY L 42 57.17 -34.49 -19.91
C GLY L 42 56.58 -33.30 -19.19
N MET L 43 57.44 -32.53 -18.51
CA MET L 43 57.01 -31.32 -17.82
C MET L 43 56.70 -30.25 -18.85
N LYS L 44 57.46 -30.27 -19.94
CA LYS L 44 57.32 -29.26 -20.98
C LYS L 44 56.02 -29.51 -21.70
N GLN L 45 55.60 -30.78 -21.73
CA GLN L 45 54.34 -31.15 -22.36
C GLN L 45 53.16 -30.50 -21.64
N ALA L 46 53.20 -30.52 -20.31
CA ALA L 46 52.10 -30.00 -19.49
C ALA L 46 52.16 -28.49 -19.38
N THR L 47 53.35 -27.97 -19.15
CA THR L 47 53.52 -26.55 -18.80
C THR L 47 53.55 -25.64 -20.04
N SER L 48 53.67 -26.23 -21.22
CA SER L 48 53.75 -25.46 -22.45
C SER L 48 52.36 -25.06 -22.93
N ASN L 49 51.35 -25.43 -22.15
CA ASN L 49 49.96 -25.15 -22.46
C ASN L 49 49.72 -23.66 -22.73
N LEU L 50 48.86 -23.41 -23.73
CA LEU L 50 48.49 -22.07 -24.14
C LEU L 50 46.99 -21.86 -23.97
N ILE L 51 46.60 -20.61 -23.75
CA ILE L 51 45.27 -20.29 -23.26
C ILE L 51 44.64 -19.12 -24.00
N LEU L 52 43.34 -19.25 -24.25
CA LEU L 52 42.54 -18.11 -24.70
C LEU L 52 42.25 -17.20 -23.52
N ASP L 53 42.56 -15.91 -23.68
CA ASP L 53 42.42 -14.94 -22.61
C ASP L 53 41.27 -13.98 -22.86
N GLY L 54 40.23 -14.09 -22.04
CA GLY L 54 39.11 -13.17 -22.11
C GLY L 54 38.24 -13.34 -23.35
N MET L 55 37.36 -12.37 -23.58
CA MET L 55 36.27 -12.51 -24.55
C MET L 55 36.76 -12.70 -25.97
N ILE L 56 35.90 -13.32 -26.78
CA ILE L 56 36.14 -13.45 -28.21
C ILE L 56 35.30 -12.43 -28.97
N TYR L 57 35.94 -11.37 -29.45
CA TYR L 57 35.28 -10.37 -30.27
C TYR L 57 35.26 -10.80 -31.74
N GLY L 58 34.35 -10.21 -32.52
CA GLY L 58 34.41 -10.37 -33.96
C GLY L 58 33.83 -9.23 -34.77
N SER L 59 34.36 -9.08 -35.99
CA SER L 59 33.77 -8.21 -36.99
C SER L 59 32.67 -8.99 -37.70
N TYR L 60 31.60 -8.31 -38.06
CA TYR L 60 30.43 -8.97 -38.62
C TYR L 60 29.78 -8.06 -39.66
N SER L 61 29.14 -8.65 -40.65
CA SER L 61 28.51 -7.90 -41.73
C SER L 61 27.14 -8.46 -42.09
N LYS L 62 26.12 -7.62 -42.04
CA LYS L 62 24.77 -8.02 -42.42
C LYS L 62 24.73 -8.26 -43.93
N GLY L 63 25.17 -7.27 -44.69
CA GLY L 63 25.17 -7.37 -46.13
C GLY L 63 26.27 -8.29 -46.60
N GLY L 64 27.25 -8.52 -45.73
CA GLY L 64 28.30 -9.50 -45.99
C GLY L 64 27.78 -10.89 -45.67
N SER L 65 28.65 -11.89 -45.77
CA SER L 65 28.27 -13.27 -45.52
C SER L 65 27.99 -13.57 -44.05
N GLY L 66 28.64 -12.83 -43.15
CA GLY L 66 28.48 -13.07 -41.72
C GLY L 66 29.70 -12.65 -40.92
N LEU L 67 29.91 -13.30 -39.79
CA LEU L 67 31.13 -13.12 -39.02
C LEU L 67 32.31 -13.32 -39.93
N ALA L 68 33.20 -12.33 -39.97
CA ALA L 68 34.30 -12.34 -40.93
C ALA L 68 35.60 -12.46 -40.16
N GLN L 69 36.05 -11.35 -39.57
CA GLN L 69 37.17 -11.42 -38.66
C GLN L 69 36.67 -11.97 -37.33
N LEU L 70 37.56 -12.57 -36.57
CA LEU L 70 37.25 -12.92 -35.18
C LEU L 70 38.47 -12.57 -34.35
N TYR L 71 38.24 -11.96 -33.19
CA TYR L 71 39.32 -11.46 -32.37
C TYR L 71 39.23 -12.11 -31.01
N PHE L 72 40.31 -12.76 -30.62
CA PHE L 72 40.41 -13.31 -29.29
C PHE L 72 41.86 -13.22 -28.90
N TYR L 73 42.10 -12.82 -27.66
CA TYR L 73 43.45 -12.80 -27.17
C TYR L 73 43.85 -14.18 -26.72
N VAL L 74 45.14 -14.45 -26.87
CA VAL L 74 45.71 -15.74 -26.54
C VAL L 74 46.92 -15.43 -25.70
N LYS L 75 47.13 -16.21 -24.66
CA LYS L 75 48.20 -15.93 -23.72
C LYS L 75 48.93 -17.19 -23.35
N VAL L 76 49.92 -17.05 -22.48
CA VAL L 76 50.63 -18.18 -21.91
C VAL L 76 50.61 -17.96 -20.41
N PRO L 77 50.39 -19.03 -19.63
CA PRO L 77 50.48 -18.87 -18.17
C PRO L 77 51.83 -18.33 -17.72
N GLU L 78 51.84 -17.56 -16.64
CA GLU L 78 53.05 -16.93 -16.13
C GLU L 78 54.16 -17.95 -15.91
N GLY L 79 53.77 -19.16 -15.55
CA GLY L 79 54.71 -20.24 -15.31
C GLY L 79 54.95 -21.10 -16.53
N GLY L 80 54.36 -20.70 -17.66
CA GLY L 80 54.39 -21.49 -18.87
C GLY L 80 55.71 -21.40 -19.61
N GLU L 81 55.78 -22.10 -20.74
CA GLU L 81 56.95 -22.07 -21.61
C GLU L 81 56.63 -21.20 -22.81
N THR L 82 57.64 -20.53 -23.34
CA THR L 82 57.45 -19.59 -24.45
C THR L 82 56.88 -20.34 -25.66
N GLN L 83 56.24 -19.60 -26.56
CA GLN L 83 55.47 -20.21 -27.63
C GLN L 83 55.79 -19.58 -28.98
N ASP L 84 55.40 -20.27 -30.04
CA ASP L 84 55.52 -19.76 -31.41
C ASP L 84 54.19 -19.92 -32.13
N LEU L 85 53.55 -18.80 -32.45
CA LEU L 85 52.23 -18.81 -33.03
C LEU L 85 52.26 -19.32 -34.46
N LYS L 86 53.46 -19.32 -35.05
CA LYS L 86 53.65 -19.81 -36.40
C LYS L 86 53.20 -21.28 -36.45
N TYR L 87 53.44 -21.99 -35.34
CA TYR L 87 53.13 -23.41 -35.27
C TYR L 87 51.79 -23.73 -34.59
N VAL L 88 51.10 -22.70 -34.09
CA VAL L 88 49.76 -22.89 -33.57
C VAL L 88 48.80 -22.97 -34.74
N THR L 89 47.87 -23.93 -34.68
CA THR L 89 46.88 -24.11 -35.76
C THR L 89 45.49 -23.94 -35.21
N TYR L 90 44.69 -23.19 -35.95
CA TYR L 90 43.33 -22.87 -35.55
C TYR L 90 42.24 -23.56 -36.34
N LEU L 91 41.70 -24.62 -35.77
CA LEU L 91 40.65 -25.39 -36.43
C LEU L 91 39.29 -24.76 -36.24
N TRP L 92 38.45 -24.81 -37.27
CA TRP L 92 37.24 -24.02 -37.32
C TRP L 92 36.04 -24.79 -37.83
N THR L 93 34.86 -24.45 -37.31
CA THR L 93 33.62 -25.09 -37.69
C THR L 93 32.47 -24.09 -37.70
N LYS L 94 31.61 -24.18 -38.70
CA LYS L 94 30.35 -23.45 -38.70
C LYS L 94 29.17 -24.39 -38.66
N GLU L 95 28.49 -24.45 -37.52
CA GLU L 95 27.25 -25.21 -37.37
C GLU L 95 27.39 -26.63 -37.92
N ASN L 96 28.17 -27.45 -37.19
CA ASN L 96 28.32 -28.88 -37.46
C ASN L 96 28.53 -29.00 -38.97
N LYS L 97 29.57 -28.33 -39.47
CA LYS L 97 30.05 -28.56 -40.83
C LYS L 97 31.22 -29.51 -40.55
N ALA L 98 32.01 -29.79 -41.58
CA ALA L 98 33.18 -30.66 -41.44
C ALA L 98 34.13 -29.66 -40.77
N VAL L 99 35.43 -29.94 -40.79
CA VAL L 99 36.40 -29.06 -40.13
C VAL L 99 37.03 -28.53 -41.39
N THR L 100 37.73 -27.41 -41.24
CA THR L 100 38.73 -26.98 -42.20
C THR L 100 39.69 -26.32 -41.21
N THR L 101 40.99 -26.42 -41.46
CA THR L 101 41.95 -25.76 -40.58
C THR L 101 41.95 -24.35 -41.14
N LEU L 102 42.32 -23.38 -40.31
CA LEU L 102 42.24 -21.98 -40.72
C LEU L 102 43.43 -21.14 -41.13
N THR L 103 43.51 -20.87 -42.43
CA THR L 103 44.60 -20.07 -43.00
C THR L 103 45.05 -18.66 -42.67
N SER L 104 44.09 -17.73 -42.57
CA SER L 104 44.41 -16.32 -42.44
C SER L 104 44.36 -15.73 -41.04
N ILE L 105 45.51 -15.75 -40.37
CA ILE L 105 45.67 -15.16 -39.05
C ILE L 105 46.73 -14.06 -38.83
N THR L 106 46.28 -12.90 -38.33
CA THR L 106 47.15 -11.74 -38.26
C THR L 106 48.55 -11.93 -37.67
N PRO L 107 48.65 -12.57 -36.50
CA PRO L 107 49.99 -12.83 -35.97
C PRO L 107 50.76 -14.00 -36.57
N THR L 108 50.62 -14.18 -37.88
CA THR L 108 51.19 -15.37 -38.55
C THR L 108 52.56 -15.79 -38.04
N ASN L 109 53.43 -14.80 -37.82
CA ASN L 109 54.78 -15.05 -37.33
C ASN L 109 55.45 -14.32 -36.16
N GLN L 110 54.99 -14.64 -34.95
CA GLN L 110 55.50 -14.03 -33.72
C GLN L 110 55.50 -14.97 -32.52
N GLN L 111 56.39 -14.69 -31.58
CA GLN L 111 56.43 -15.46 -30.32
C GLN L 111 55.84 -14.78 -29.10
N LEU L 112 55.37 -15.61 -28.17
CA LEU L 112 54.87 -15.14 -26.89
C LEU L 112 55.75 -15.64 -25.75
N ASN L 113 56.40 -14.72 -25.06
CA ASN L 113 57.06 -15.09 -23.80
C ASN L 113 55.97 -15.53 -22.84
N PRO L 114 56.30 -16.48 -21.93
CA PRO L 114 55.26 -16.88 -20.99
C PRO L 114 54.80 -15.70 -20.13
N GLY L 115 53.50 -15.60 -19.89
CA GLY L 115 52.94 -14.47 -19.17
C GLY L 115 52.79 -13.26 -20.07
N ALA L 116 52.49 -13.49 -21.33
CA ALA L 116 52.21 -12.41 -22.29
C ALA L 116 51.05 -12.81 -23.18
N ARG L 117 50.54 -11.86 -23.94
CA ARG L 117 49.38 -12.09 -24.80
C ARG L 117 49.53 -11.43 -26.18
N VAL L 118 48.63 -11.78 -27.09
CA VAL L 118 48.63 -11.26 -28.44
C VAL L 118 47.20 -11.24 -28.96
N LYS L 119 46.89 -10.32 -29.86
CA LYS L 119 45.56 -10.30 -30.47
C LYS L 119 45.59 -11.17 -31.71
N VAL L 120 44.95 -12.33 -31.62
CA VAL L 120 44.80 -13.22 -32.76
C VAL L 120 43.59 -12.78 -33.57
N THR L 121 43.74 -12.71 -34.88
CA THR L 121 42.63 -12.38 -35.76
C THR L 121 42.36 -13.48 -36.78
N ILE L 122 41.26 -14.18 -36.59
CA ILE L 122 40.81 -15.19 -37.53
C ILE L 122 39.84 -14.70 -38.59
N THR L 123 40.15 -14.99 -39.85
CA THR L 123 39.13 -14.96 -40.90
C THR L 123 38.61 -16.31 -41.38
N ALA L 124 37.31 -16.53 -41.24
CA ALA L 124 36.74 -17.83 -41.58
C ALA L 124 36.79 -17.99 -43.09
N PRO L 125 37.03 -19.23 -43.56
CA PRO L 125 37.13 -19.50 -44.99
C PRO L 125 35.79 -19.32 -45.67
N THR L 126 35.79 -19.25 -47.01
CA THR L 126 34.66 -18.73 -47.78
C THR L 126 33.30 -19.32 -47.36
N GLY L 127 33.27 -20.62 -47.11
CA GLY L 127 32.02 -21.29 -46.80
C GLY L 127 31.63 -21.28 -45.32
N TYR L 128 32.62 -21.08 -44.47
CA TYR L 128 32.46 -21.29 -43.03
C TYR L 128 32.13 -20.05 -42.19
N LYS L 129 31.86 -18.92 -42.83
CA LYS L 129 31.57 -17.69 -42.09
C LYS L 129 30.22 -17.83 -41.36
N PRO L 130 30.24 -17.87 -40.03
CA PRO L 130 28.97 -18.10 -39.32
C PRO L 130 28.10 -16.86 -39.25
N ILE L 131 26.78 -17.08 -39.20
CA ILE L 131 25.80 -16.00 -39.19
C ILE L 131 25.02 -16.12 -37.89
N ALA L 132 24.33 -15.06 -37.51
CA ALA L 132 23.68 -14.98 -36.20
C ALA L 132 22.81 -16.20 -35.93
N GLY L 133 23.03 -16.84 -34.80
CA GLY L 133 22.30 -18.03 -34.41
C GLY L 133 23.01 -19.33 -34.77
N GLN L 134 24.11 -19.23 -35.51
CA GLN L 134 24.90 -20.40 -35.90
C GLN L 134 26.12 -20.57 -34.99
N LYS L 135 26.22 -21.70 -34.31
CA LYS L 135 27.37 -21.94 -33.46
C LYS L 135 28.60 -22.24 -34.28
N PHE L 136 29.76 -21.84 -33.75
CA PHE L 136 31.05 -22.19 -34.34
C PHE L 136 31.96 -22.68 -33.24
N VAL L 137 32.92 -23.53 -33.60
CA VAL L 137 33.96 -23.95 -32.67
C VAL L 137 35.32 -23.57 -33.22
N LEU L 138 36.21 -23.19 -32.30
CA LEU L 138 37.57 -22.88 -32.64
C LEU L 138 38.51 -23.65 -31.71
N GLU L 139 39.23 -24.61 -32.27
CA GLU L 139 40.19 -25.37 -31.49
C GLU L 139 41.56 -24.73 -31.66
N ILE L 140 42.16 -24.34 -30.54
CA ILE L 140 43.47 -23.73 -30.57
C ILE L 140 44.51 -24.75 -30.15
N LYS L 141 45.43 -25.03 -31.07
CA LYS L 141 46.34 -26.16 -30.95
C LYS L 141 47.78 -25.68 -30.98
N PRO L 142 48.31 -25.28 -29.82
CA PRO L 142 49.72 -24.93 -29.76
C PRO L 142 50.56 -26.18 -29.96
N LYS L 143 51.69 -26.05 -30.64
CA LYS L 143 52.59 -27.17 -30.79
C LYS L 143 53.11 -27.54 -29.40
N THR L 144 53.08 -28.83 -29.08
CA THR L 144 53.51 -29.32 -27.78
C THR L 144 52.75 -28.59 -26.66
N GLY L 145 51.48 -28.94 -26.51
CA GLY L 145 50.70 -28.39 -25.41
C GLY L 145 49.24 -28.79 -25.48
N ALA L 146 48.54 -28.64 -24.37
CA ALA L 146 47.14 -29.01 -24.30
C ALA L 146 46.36 -28.12 -25.25
N SER L 147 45.42 -28.72 -25.96
CA SER L 147 44.69 -28.01 -27.01
C SER L 147 43.33 -27.60 -26.48
N THR L 148 43.02 -26.31 -26.64
CA THR L 148 41.77 -25.80 -26.13
C THR L 148 40.70 -26.00 -27.15
N ILE L 149 39.47 -25.67 -26.80
CA ILE L 149 38.42 -25.45 -27.79
C ILE L 149 37.51 -24.39 -27.21
N VAL L 150 37.11 -23.43 -28.04
CA VAL L 150 36.12 -22.46 -27.61
C VAL L 150 34.94 -22.47 -28.56
N THR L 151 33.83 -22.98 -28.08
CA THR L 151 32.60 -22.99 -28.83
C THR L 151 31.76 -21.79 -28.41
N ARG L 152 31.14 -21.17 -29.40
CA ARG L 152 30.26 -20.04 -29.18
C ARG L 152 29.10 -20.21 -30.13
N THR L 153 27.99 -19.58 -29.81
CA THR L 153 26.91 -19.43 -30.78
C THR L 153 26.50 -17.97 -30.77
N LEU L 154 26.54 -17.36 -31.95
CA LEU L 154 26.12 -16.00 -32.07
C LEU L 154 24.64 -15.94 -31.73
N SER L 155 24.29 -15.05 -30.80
CA SER L 155 22.88 -14.85 -30.46
C SER L 155 22.21 -14.44 -31.75
N ASP L 156 20.95 -14.77 -31.94
CA ASP L 156 20.32 -14.40 -33.19
C ASP L 156 19.84 -12.99 -32.95
N GLY L 157 20.59 -12.08 -33.57
CA GLY L 157 20.85 -10.78 -33.00
C GLY L 157 22.24 -10.52 -33.56
N TYR L 158 23.07 -9.80 -32.79
CA TYR L 158 24.49 -9.72 -33.11
C TYR L 158 24.77 -9.06 -34.45
N ASN L 159 24.57 -7.76 -34.52
CA ASN L 159 25.06 -7.00 -35.67
C ASN L 159 26.59 -7.03 -35.68
N GLY L 160 27.18 -7.50 -34.56
CA GLY L 160 28.61 -7.69 -34.49
C GLY L 160 29.16 -7.62 -33.09
N GLY L 161 30.43 -7.31 -32.96
CA GLY L 161 31.04 -7.01 -31.67
C GLY L 161 31.32 -8.21 -30.78
N VAL L 162 31.31 -7.96 -29.48
CA VAL L 162 31.68 -8.99 -28.50
C VAL L 162 30.81 -10.21 -28.63
N ILE L 163 31.42 -11.39 -28.54
CA ILE L 163 30.67 -12.63 -28.49
C ILE L 163 30.60 -13.02 -27.02
N ILE L 164 29.39 -12.91 -26.47
CA ILE L 164 29.18 -12.98 -25.03
C ILE L 164 29.64 -14.32 -24.46
N PHE M 1 26.47 -21.08 -3.65
CA PHE M 1 25.10 -20.60 -3.36
C PHE M 1 24.22 -20.89 -4.58
N SER M 2 23.10 -21.60 -4.35
CA SER M 2 22.24 -22.04 -5.44
C SER M 2 20.82 -21.47 -5.31
N GLY M 3 20.22 -21.11 -6.45
CA GLY M 3 18.87 -20.60 -6.47
C GLY M 3 17.85 -21.69 -6.20
N LEU M 4 18.32 -22.93 -6.10
CA LEU M 4 17.46 -24.05 -5.79
C LEU M 4 16.76 -23.84 -4.47
N GLU M 5 17.53 -23.36 -3.49
CA GLU M 5 17.02 -23.06 -2.17
C GLU M 5 16.18 -21.80 -2.21
N ALA M 6 16.55 -20.87 -3.10
CA ALA M 6 15.81 -19.63 -3.27
C ALA M 6 14.39 -19.97 -3.67
N ALA M 7 14.24 -21.02 -4.47
CA ALA M 7 12.93 -21.50 -4.89
C ALA M 7 12.14 -21.92 -3.66
N ILE M 8 12.79 -22.68 -2.78
CA ILE M 8 12.15 -23.21 -1.58
C ILE M 8 11.50 -22.08 -0.80
N VAL M 9 12.22 -20.96 -0.72
CA VAL M 9 11.74 -19.78 -0.01
C VAL M 9 10.69 -19.06 -0.84
N LEU M 10 10.93 -19.00 -2.15
CA LEU M 10 10.07 -18.24 -3.05
C LEU M 10 8.66 -18.79 -2.95
N ILE M 11 8.55 -20.10 -2.74
CA ILE M 11 7.26 -20.72 -2.45
C ILE M 11 6.70 -20.00 -1.23
N ALA M 12 7.47 -19.99 -0.15
CA ALA M 12 6.99 -19.50 1.14
C ALA M 12 6.54 -18.05 1.07
N PHE M 13 7.30 -17.22 0.34
CA PHE M 13 6.92 -15.83 0.15
C PHE M 13 5.57 -15.76 -0.58
N VAL M 14 5.44 -16.57 -1.63
CA VAL M 14 4.22 -16.61 -2.43
C VAL M 14 3.05 -17.18 -1.62
N VAL M 15 3.31 -18.22 -0.85
CA VAL M 15 2.23 -18.92 -0.16
C VAL M 15 1.62 -18.01 0.90
N VAL M 16 2.45 -17.44 1.77
CA VAL M 16 1.95 -16.54 2.81
C VAL M 16 1.27 -15.34 2.16
N ALA M 17 1.75 -14.95 1.00
CA ALA M 17 1.12 -13.88 0.23
C ALA M 17 -0.29 -14.31 -0.19
N ALA M 18 -0.38 -15.49 -0.77
CA ALA M 18 -1.68 -16.02 -1.22
C ALA M 18 -2.62 -16.20 -0.04
N VAL M 19 -2.11 -16.68 1.08
CA VAL M 19 -2.94 -16.86 2.27
C VAL M 19 -3.39 -15.52 2.80
N PHE M 20 -2.46 -14.57 2.87
CA PHE M 20 -2.83 -13.23 3.33
C PHE M 20 -3.79 -12.65 2.31
N SER M 21 -3.48 -12.88 1.03
CA SER M 21 -4.32 -12.41 -0.04
C SER M 21 -5.69 -13.04 0.12
N TYR M 22 -5.68 -14.34 0.38
CA TYR M 22 -6.90 -15.10 0.56
C TYR M 22 -7.74 -14.52 1.69
N VAL M 23 -7.12 -14.35 2.85
CA VAL M 23 -7.84 -13.86 4.02
C VAL M 23 -8.21 -12.39 3.88
N MET M 24 -7.29 -11.58 3.38
CA MET M 24 -7.54 -10.14 3.25
C MET M 24 -8.77 -9.92 2.38
N LEU M 25 -8.92 -10.75 1.36
CA LEU M 25 -10.10 -10.71 0.51
C LEU M 25 -11.32 -11.07 1.35
N GLY M 26 -11.21 -12.16 2.11
CA GLY M 26 -12.27 -12.58 2.99
C GLY M 26 -12.53 -11.53 4.05
N ALA M 27 -11.44 -10.99 4.60
CA ALA M 27 -11.53 -9.90 5.55
C ALA M 27 -12.18 -8.71 4.87
N GLY M 28 -11.79 -8.53 3.61
CA GLY M 28 -12.27 -7.42 2.79
C GLY M 28 -13.72 -7.51 2.39
N PHE M 29 -14.17 -8.70 1.98
CA PHE M 29 -15.56 -8.86 1.59
C PHE M 29 -16.42 -8.58 2.81
N PHE M 30 -16.04 -9.18 3.94
CA PHE M 30 -16.77 -8.96 5.17
C PHE M 30 -16.75 -7.49 5.53
N ALA M 31 -15.62 -6.84 5.30
CA ALA M 31 -15.51 -5.40 5.53
C ALA M 31 -16.56 -4.71 4.70
N THR M 32 -16.63 -5.08 3.43
CA THR M 32 -17.58 -4.50 2.49
C THR M 32 -19.01 -4.87 2.87
N GLN M 33 -19.24 -6.16 3.07
CA GLN M 33 -20.57 -6.67 3.35
C GLN M 33 -21.07 -6.12 4.69
N LYS M 34 -20.15 -5.79 5.59
CA LYS M 34 -20.50 -5.09 6.82
C LYS M 34 -20.81 -3.64 6.49
N SER M 35 -19.97 -3.05 5.66
CA SER M 35 -20.11 -1.65 5.26
C SER M 35 -21.43 -1.42 4.55
N GLN M 36 -21.93 -2.47 3.91
CA GLN M 36 -23.23 -2.44 3.25
C GLN M 36 -24.38 -2.50 4.25
N GLU M 37 -24.23 -3.34 5.25
CA GLU M 37 -25.29 -3.59 6.24
C GLU M 37 -25.61 -2.33 7.02
N VAL M 38 -24.56 -1.67 7.48
CA VAL M 38 -24.73 -0.43 8.25
C VAL M 38 -25.40 0.65 7.40
N THR M 39 -25.15 0.63 6.10
CA THR M 39 -25.74 1.57 5.16
C THR M 39 -27.22 1.29 4.97
N TYR M 40 -27.55 0.02 4.78
CA TYR M 40 -28.93 -0.40 4.59
C TYR M 40 -29.72 -0.11 5.85
N SER M 41 -29.14 -0.47 6.99
CA SER M 41 -29.73 -0.15 8.29
C SER M 41 -29.73 1.37 8.50
N GLY M 42 -28.72 2.04 7.97
CA GLY M 42 -28.59 3.47 8.15
C GLY M 42 -29.73 4.23 7.51
N MET M 43 -30.08 3.85 6.27
CA MET M 43 -31.22 4.46 5.60
C MET M 43 -32.51 3.98 6.23
N LYS M 44 -32.49 2.74 6.70
CA LYS M 44 -33.67 2.12 7.27
C LYS M 44 -33.92 2.77 8.62
N GLN M 45 -32.85 3.25 9.25
CA GLN M 45 -32.97 3.93 10.53
C GLN M 45 -33.77 5.23 10.38
N ALA M 46 -33.48 5.97 9.32
CA ALA M 46 -34.11 7.27 9.10
C ALA M 46 -35.51 7.13 8.50
N THR M 47 -35.63 6.23 7.52
CA THR M 47 -36.85 6.13 6.72
C THR M 47 -37.93 5.29 7.39
N SER M 48 -37.57 4.57 8.44
CA SER M 48 -38.51 3.69 9.13
C SER M 48 -39.35 4.48 10.13
N ASN M 49 -39.13 5.80 10.15
CA ASN M 49 -39.84 6.70 11.05
C ASN M 49 -41.35 6.56 10.94
N LEU M 50 -42.01 6.63 12.10
CA LEU M 50 -43.47 6.53 12.19
C LEU M 50 -44.05 7.82 12.78
N ILE M 51 -45.29 8.11 12.43
CA ILE M 51 -45.86 9.43 12.65
C ILE M 51 -47.27 9.37 13.21
N LEU M 52 -47.56 10.28 14.14
CA LEU M 52 -48.93 10.53 14.55
C LEU M 52 -49.65 11.34 13.49
N ASP M 53 -50.81 10.86 13.06
CA ASP M 53 -51.56 11.47 11.96
C ASP M 53 -52.83 12.14 12.48
N GLY M 54 -52.85 13.47 12.43
CA GLY M 54 -54.05 14.22 12.77
C GLY M 54 -54.36 14.22 14.26
N MET M 55 -55.55 14.67 14.62
CA MET M 55 -55.90 15.00 15.99
C MET M 55 -55.87 13.80 16.92
N ILE M 56 -55.67 14.09 18.21
CA ILE M 56 -55.75 13.07 19.25
C ILE M 56 -57.08 13.18 19.99
N TYR M 57 -57.99 12.27 19.70
CA TYR M 57 -59.28 12.20 20.38
C TYR M 57 -59.17 11.42 21.69
N GLY M 58 -60.11 11.63 22.59
CA GLY M 58 -60.20 10.74 23.75
C GLY M 58 -61.58 10.61 24.35
N SER M 59 -61.82 9.45 24.96
CA SER M 59 -63.00 9.24 25.80
C SER M 59 -62.70 9.79 27.19
N TYR M 60 -63.70 10.38 27.82
CA TYR M 60 -63.51 11.07 29.10
C TYR M 60 -64.75 10.88 29.96
N SER M 61 -64.55 10.88 31.28
CA SER M 61 -65.62 10.66 32.22
C SER M 61 -65.54 11.62 33.42
N LYS M 62 -66.62 12.38 33.64
CA LYS M 62 -66.67 13.27 34.79
C LYS M 62 -66.74 12.47 36.08
N GLY M 63 -67.70 11.55 36.14
CA GLY M 63 -67.88 10.72 37.31
C GLY M 63 -66.78 9.67 37.39
N GLY M 64 -66.14 9.42 36.24
CA GLY M 64 -64.99 8.55 36.20
C GLY M 64 -63.75 9.31 36.66
N SER M 65 -62.59 8.66 36.59
CA SER M 65 -61.35 9.27 37.03
C SER M 65 -60.87 10.39 36.10
N GLY M 66 -61.22 10.30 34.82
CA GLY M 66 -60.76 11.30 33.85
C GLY M 66 -60.67 10.74 32.44
N LEU M 67 -59.79 11.31 31.64
CA LEU M 67 -59.48 10.77 30.32
C LEU M 67 -59.14 9.29 30.49
N ALA M 68 -59.82 8.44 29.74
CA ALA M 68 -59.70 7.00 29.91
C ALA M 68 -59.09 6.41 28.66
N GLN M 69 -59.88 6.28 27.61
CA GLN M 69 -59.36 5.91 26.32
C GLN M 69 -58.72 7.15 25.72
N LEU M 70 -57.77 6.95 24.83
CA LEU M 70 -57.26 8.05 24.01
C LEU M 70 -57.10 7.52 22.59
N TYR M 71 -57.51 8.31 21.61
CA TYR M 71 -57.53 7.85 20.23
C TYR M 71 -56.69 8.80 19.42
N PHE M 72 -55.71 8.23 18.74
CA PHE M 72 -54.92 9.00 17.80
C PHE M 72 -54.53 8.05 16.70
N TYR M 73 -54.61 8.53 15.47
CA TYR M 73 -54.16 7.74 14.36
C TYR M 73 -52.66 7.84 14.23
N VAL M 74 -52.07 6.75 13.76
CA VAL M 74 -50.65 6.63 13.59
C VAL M 74 -50.46 6.12 12.18
N LYS M 75 -49.46 6.65 11.49
CA LYS M 75 -49.27 6.31 10.10
C LYS M 75 -47.79 6.09 9.81
N VAL M 76 -47.50 5.78 8.57
CA VAL M 76 -46.14 5.67 8.09
C VAL M 76 -46.06 6.54 6.85
N PRO M 77 -44.96 7.29 6.68
CA PRO M 77 -44.82 8.05 5.43
C PRO M 77 -44.86 7.17 4.19
N GLU M 78 -45.37 7.71 3.09
CA GLU M 78 -45.55 6.96 1.86
C GLU M 78 -44.24 6.31 1.41
N GLY M 79 -43.13 6.98 1.72
CA GLY M 79 -41.81 6.48 1.35
C GLY M 79 -41.18 5.67 2.47
N GLY M 80 -41.93 5.46 3.56
CA GLY M 80 -41.40 4.81 4.73
C GLY M 80 -41.26 3.31 4.60
N GLU M 81 -40.79 2.67 5.66
CA GLU M 81 -40.68 1.22 5.72
C GLU M 81 -41.81 0.67 6.56
N THR M 82 -42.26 -0.53 6.24
CA THR M 82 -43.41 -1.12 6.94
C THR M 82 -43.08 -1.29 8.42
N GLN M 83 -44.14 -1.40 9.24
CA GLN M 83 -43.97 -1.35 10.68
C GLN M 83 -44.73 -2.45 11.38
N ASP M 84 -44.39 -2.68 12.64
CA ASP M 84 -45.10 -3.62 13.48
C ASP M 84 -45.44 -2.96 14.81
N LEU M 85 -46.73 -2.77 15.06
CA LEU M 85 -47.18 -2.04 16.21
C LEU M 85 -46.97 -2.85 17.48
N LYS M 86 -46.76 -4.15 17.32
CA LYS M 86 -46.50 -5.05 18.43
C LYS M 86 -45.26 -4.54 19.17
N TYR M 87 -44.31 -4.00 18.41
CA TYR M 87 -43.03 -3.53 18.96
C TYR M 87 -42.97 -2.02 19.22
N VAL M 88 -44.03 -1.31 18.86
CA VAL M 88 -44.12 0.10 19.22
C VAL M 88 -44.54 0.20 20.68
N THR M 89 -43.88 1.10 21.43
CA THR M 89 -44.17 1.27 22.84
C THR M 89 -44.62 2.70 23.10
N TYR M 90 -45.69 2.83 23.88
CA TYR M 90 -46.30 4.11 24.16
C TYR M 90 -46.08 4.60 25.59
N LEU M 91 -45.13 5.50 25.76
CA LEU M 91 -44.80 6.04 27.07
C LEU M 91 -45.73 7.18 27.46
N TRP M 92 -46.12 7.24 28.72
CA TRP M 92 -47.21 8.11 29.15
C TRP M 92 -46.90 8.86 30.43
N THR M 93 -47.46 10.07 30.54
CA THR M 93 -47.26 10.92 31.72
C THR M 93 -48.51 11.72 32.00
N LYS M 94 -48.85 11.84 33.27
CA LYS M 94 -49.90 12.77 33.70
C LYS M 94 -49.32 13.84 34.60
N GLU M 95 -49.23 15.07 34.07
CA GLU M 95 -48.83 16.23 34.86
C GLU M 95 -47.55 15.97 35.64
N ASN M 96 -46.44 15.87 34.93
CA ASN M 96 -45.09 15.76 35.51
C ASN M 96 -45.21 14.70 36.62
N LYS M 97 -45.64 13.50 36.25
CA LYS M 97 -45.55 12.35 37.14
C LYS M 97 -44.29 11.68 36.60
N ALA M 98 -44.00 10.48 37.10
CA ALA M 98 -42.84 9.73 36.63
C ALA M 98 -43.38 9.25 35.28
N VAL M 99 -42.78 8.22 34.69
CA VAL M 99 -43.22 7.73 33.39
C VAL M 99 -43.78 6.41 33.90
N THR M 100 -44.62 5.81 33.05
CA THR M 100 -44.93 4.40 33.14
C THR M 100 -45.10 4.14 31.65
N THR M 101 -44.70 2.96 31.19
CA THR M 101 -44.88 2.61 29.78
C THR M 101 -46.33 2.12 29.78
N LEU M 102 -46.99 2.19 28.64
CA LEU M 102 -48.40 1.85 28.57
C LEU M 102 -48.94 0.56 28.00
N THR M 103 -49.44 -0.28 28.88
CA THR M 103 -49.98 -1.59 28.51
C THR M 103 -51.14 -1.92 27.58
N SER M 104 -52.24 -1.18 27.71
CA SER M 104 -53.46 -1.55 27.01
C SER M 104 -53.79 -0.74 25.75
N ILE M 105 -53.31 -1.29 24.61
CA ILE M 105 -53.57 -0.73 23.30
C ILE M 105 -54.29 -1.55 22.23
N THR M 106 -55.40 -1.05 21.70
CA THR M 106 -56.25 -1.84 20.83
C THR M 106 -55.57 -2.59 19.68
N PRO M 107 -54.72 -1.93 18.91
CA PRO M 107 -54.02 -2.67 17.86
C PRO M 107 -52.81 -3.48 18.29
N THR M 108 -52.91 -4.13 19.44
CA THR M 108 -51.78 -4.83 20.04
C THR M 108 -50.91 -5.57 19.04
N ASN M 109 -51.56 -6.27 18.11
CA ASN M 109 -50.86 -7.03 17.09
C ASN M 109 -51.14 -6.98 15.59
N GLN M 110 -50.74 -5.87 14.98
CA GLN M 110 -50.93 -5.63 13.55
C GLN M 110 -49.83 -4.82 12.89
N GLN M 111 -49.66 -5.01 11.58
CA GLN M 111 -48.70 -4.23 10.81
C GLN M 111 -49.27 -3.11 9.96
N LEU M 112 -48.43 -2.10 9.72
CA LEU M 112 -48.77 -1.00 8.82
C LEU M 112 -47.85 -0.98 7.62
N ASN M 113 -48.41 -1.21 6.43
CA ASN M 113 -47.65 -0.96 5.21
C ASN M 113 -47.33 0.53 5.17
N PRO M 114 -46.18 0.90 4.58
CA PRO M 114 -45.92 2.34 4.51
C PRO M 114 -46.98 3.07 3.71
N GLY M 115 -47.39 4.24 4.18
CA GLY M 115 -48.47 4.98 3.55
C GLY M 115 -49.84 4.43 3.95
N ALA M 116 -49.93 3.96 5.20
CA ALA M 116 -51.20 3.51 5.76
C ALA M 116 -51.31 3.97 7.19
N ARG M 117 -52.50 3.82 7.78
CA ARG M 117 -52.75 4.27 9.14
C ARG M 117 -53.60 3.28 9.93
N VAL M 118 -53.68 3.51 11.23
CA VAL M 118 -54.43 2.65 12.15
C VAL M 118 -54.94 3.50 13.31
N LYS M 119 -56.07 3.10 13.90
CA LYS M 119 -56.56 3.82 15.07
C LYS M 119 -55.98 3.17 16.32
N VAL M 120 -55.03 3.87 16.93
CA VAL M 120 -54.45 3.43 18.19
C VAL M 120 -55.35 3.89 19.33
N THR M 121 -55.62 2.98 20.27
CA THR M 121 -56.41 3.33 21.44
C THR M 121 -55.65 3.08 22.73
N ILE M 122 -55.25 4.16 23.40
CA ILE M 122 -54.57 4.08 24.68
C ILE M 122 -55.51 4.18 25.88
N THR M 123 -55.40 3.24 26.80
CA THR M 123 -55.91 3.44 28.15
C THR M 123 -54.88 3.74 29.23
N ALA M 124 -54.99 4.89 29.88
CA ALA M 124 -53.99 5.29 30.85
C ALA M 124 -54.10 4.40 32.07
N PRO M 125 -52.96 4.07 32.70
CA PRO M 125 -52.96 3.18 33.86
C PRO M 125 -53.62 3.84 35.06
N THR M 126 -53.93 3.06 36.09
CA THR M 126 -54.87 3.46 37.14
C THR M 126 -54.61 4.86 37.71
N GLY M 127 -53.35 5.18 37.93
CA GLY M 127 -53.00 6.44 38.55
C GLY M 127 -52.83 7.61 37.59
N TYR M 128 -52.59 7.30 36.32
CA TYR M 128 -52.17 8.30 35.34
C TYR M 128 -53.27 8.90 34.47
N LYS M 129 -54.53 8.61 34.77
CA LYS M 129 -55.62 9.15 33.96
C LYS M 129 -55.73 10.65 34.14
N PRO M 130 -55.42 11.44 33.08
CA PRO M 130 -55.42 12.89 33.26
C PRO M 130 -56.83 13.49 33.28
N ILE M 131 -56.97 14.60 34.00
CA ILE M 131 -58.24 15.28 34.19
C ILE M 131 -58.11 16.67 33.61
N ALA M 132 -59.24 17.32 33.34
CA ALA M 132 -59.23 18.59 32.62
C ALA M 132 -58.27 19.59 33.26
N GLY M 133 -57.39 20.16 32.44
CA GLY M 133 -56.40 21.10 32.90
C GLY M 133 -55.05 20.48 33.21
N GLN M 134 -54.99 19.15 33.19
CA GLN M 134 -53.73 18.44 33.43
C GLN M 134 -53.08 18.00 32.14
N LYS M 135 -51.84 18.44 31.91
CA LYS M 135 -51.14 18.06 30.68
C LYS M 135 -50.68 16.60 30.77
N PHE M 136 -50.64 15.94 29.62
CA PHE M 136 -50.07 14.62 29.52
C PHE M 136 -49.13 14.55 28.31
N VAL M 137 -48.13 13.68 28.36
CA VAL M 137 -47.29 13.45 27.20
C VAL M 137 -47.37 11.98 26.79
N LEU M 138 -47.31 11.77 25.49
CA LEU M 138 -47.30 10.43 24.93
C LEU M 138 -46.15 10.31 23.93
N GLU M 139 -45.15 9.51 24.30
CA GLU M 139 -44.02 9.29 23.41
C GLU M 139 -44.27 8.02 22.63
N ILE M 140 -44.27 8.13 21.31
CA ILE M 140 -44.49 6.99 20.44
C ILE M 140 -43.16 6.53 19.88
N LYS M 141 -42.82 5.29 20.20
CA LYS M 141 -41.49 4.75 19.98
C LYS M 141 -41.54 3.53 19.09
N PRO M 142 -41.55 3.75 17.77
CA PRO M 142 -41.50 2.60 16.87
C PRO M 142 -40.13 1.94 16.97
N LYS M 143 -40.07 0.62 16.87
CA LYS M 143 -38.78 -0.05 16.87
C LYS M 143 -38.03 0.38 15.62
N THR M 144 -36.77 0.75 15.78
CA THR M 144 -35.94 1.21 14.67
C THR M 144 -36.62 2.39 13.97
N GLY M 145 -36.62 3.55 14.63
CA GLY M 145 -37.15 4.75 14.01
C GLY M 145 -37.18 5.93 14.96
N ALA M 146 -37.29 7.12 14.40
CA ALA M 146 -37.33 8.33 15.19
C ALA M 146 -38.55 8.30 16.09
N SER M 147 -38.38 8.71 17.34
CA SER M 147 -39.44 8.60 18.31
C SER M 147 -40.10 9.95 18.49
N THR M 148 -41.43 9.96 18.39
CA THR M 148 -42.17 11.20 18.48
C THR M 148 -42.46 11.48 19.92
N ILE M 149 -43.05 12.64 20.20
CA ILE M 149 -43.72 12.88 21.45
C ILE M 149 -44.86 13.82 21.15
N VAL M 150 -46.03 13.55 21.71
CA VAL M 150 -47.13 14.49 21.59
C VAL M 150 -47.64 14.86 22.97
N THR M 151 -47.36 16.12 23.34
CA THR M 151 -47.83 16.67 24.58
C THR M 151 -49.12 17.44 24.33
N ARG M 152 -50.06 17.29 25.23
CA ARG M 152 -51.33 18.01 25.18
C ARG M 152 -51.65 18.40 26.60
N THR M 153 -52.52 19.40 26.74
CA THR M 153 -53.12 19.68 28.03
C THR M 153 -54.61 19.85 27.79
N LEU M 154 -55.39 19.05 28.50
CA LEU M 154 -56.82 19.17 28.40
C LEU M 154 -57.21 20.55 28.88
N SER M 155 -57.98 21.27 28.07
CA SER M 155 -58.48 22.57 28.48
C SER M 155 -59.30 22.31 29.72
N ASP M 156 -59.37 23.26 30.64
CA ASP M 156 -60.12 22.99 31.86
C ASP M 156 -61.55 23.35 31.47
N GLY M 157 -62.30 22.28 31.29
CA GLY M 157 -63.36 22.24 30.30
C GLY M 157 -63.33 20.80 29.90
N TYR M 158 -63.63 20.48 28.64
CA TYR M 158 -63.38 19.15 28.12
C TYR M 158 -64.17 18.06 28.83
N ASN M 159 -65.47 18.02 28.58
CA ASN M 159 -66.29 16.88 28.99
C ASN M 159 -65.83 15.65 28.20
N GLY M 160 -65.02 15.87 27.15
CA GLY M 160 -64.41 14.78 26.40
C GLY M 160 -64.07 15.17 24.98
N GLY M 161 -64.00 14.17 24.10
CA GLY M 161 -63.86 14.39 22.68
C GLY M 161 -62.50 14.83 22.20
N VAL M 162 -62.48 15.58 21.09
CA VAL M 162 -61.22 15.96 20.44
C VAL M 162 -60.34 16.72 21.40
N ILE M 163 -59.04 16.43 21.37
CA ILE M 163 -58.06 17.21 22.11
C ILE M 163 -57.44 18.17 21.12
N ILE M 164 -57.77 19.45 21.27
CA ILE M 164 -57.49 20.46 20.28
C ILE M 164 -55.99 20.58 20.01
N PHE N 1 21.91 -18.44 -3.53
CA PHE N 1 21.03 -17.39 -2.93
C PHE N 1 20.27 -18.01 -1.77
N SER N 2 20.35 -17.39 -0.59
CA SER N 2 19.77 -17.94 0.63
C SER N 2 18.75 -16.99 1.23
N GLY N 3 17.66 -17.55 1.76
CA GLY N 3 16.62 -16.78 2.39
C GLY N 3 17.07 -16.24 3.75
N LEU N 4 18.27 -16.64 4.18
CA LEU N 4 18.84 -16.17 5.43
C LEU N 4 18.97 -14.65 5.39
N GLU N 5 19.42 -14.15 4.25
CA GLU N 5 19.58 -12.72 4.05
C GLU N 5 18.22 -12.07 3.84
N ALA N 6 17.29 -12.82 3.26
CA ALA N 6 15.94 -12.34 3.04
C ALA N 6 15.32 -12.01 4.39
N ALA N 7 15.68 -12.81 5.39
CA ALA N 7 15.20 -12.59 6.74
C ALA N 7 15.72 -11.23 7.22
N ILE N 8 17.01 -10.98 7.00
CA ILE N 8 17.65 -9.74 7.44
C ILE N 8 16.86 -8.54 6.95
N VAL N 9 16.41 -8.62 5.71
CA VAL N 9 15.63 -7.56 5.10
C VAL N 9 14.20 -7.58 5.62
N LEU N 10 13.66 -8.78 5.78
CA LEU N 10 12.27 -8.93 6.19
C LEU N 10 12.06 -8.23 7.52
N ILE N 11 13.08 -8.26 8.36
CA ILE N 11 13.06 -7.47 9.58
C ILE N 11 12.82 -6.02 9.18
N ALA N 12 13.70 -5.51 8.31
CA ALA N 12 13.70 -4.11 7.95
C ALA N 12 12.38 -3.65 7.37
N PHE N 13 11.77 -4.49 6.52
CA PHE N 13 10.47 -4.17 5.95
C PHE N 13 9.45 -4.08 7.08
N VAL N 14 9.48 -5.05 8.00
CA VAL N 14 8.57 -5.09 9.14
C VAL N 14 8.81 -3.92 10.09
N VAL N 15 10.08 -3.62 10.35
CA VAL N 15 10.40 -2.62 11.36
C VAL N 15 9.91 -1.25 10.91
N VAL N 16 10.31 -0.83 9.71
CA VAL N 16 9.88 0.47 9.19
C VAL N 16 8.36 0.52 9.08
N ALA N 17 7.74 -0.63 8.83
CA ALA N 17 6.30 -0.74 8.82
C ALA N 17 5.76 -0.45 10.22
N ALA N 18 6.31 -1.12 11.22
CA ALA N 18 5.88 -0.92 12.61
C ALA N 18 6.11 0.52 13.06
N VAL N 19 7.24 1.10 12.67
CA VAL N 19 7.54 2.48 13.03
C VAL N 19 6.57 3.40 12.32
N PHE N 20 6.34 3.18 11.04
CA PHE N 20 5.39 4.00 10.33
C PHE N 20 4.02 3.76 10.93
N SER N 21 3.73 2.50 11.23
CA SER N 21 2.48 2.11 11.85
C SER N 21 2.37 2.83 13.18
N TYR N 22 3.46 2.79 13.92
CA TYR N 22 3.54 3.42 15.23
C TYR N 22 3.24 4.92 15.12
N VAL N 23 3.94 5.60 14.23
CA VAL N 23 3.78 7.04 14.09
C VAL N 23 2.45 7.40 13.47
N MET N 24 2.05 6.67 12.43
CA MET N 24 0.80 6.98 11.73
C MET N 24 -0.37 6.92 12.72
N LEU N 25 -0.29 5.98 13.66
CA LEU N 25 -1.28 5.89 14.71
C LEU N 25 -1.21 7.15 15.57
N GLY N 26 0.02 7.52 15.97
CA GLY N 26 0.25 8.72 16.74
C GLY N 26 -0.17 9.95 15.94
N ALA N 27 0.20 9.94 14.66
CA ALA N 27 -0.21 10.99 13.75
C ALA N 27 -1.72 10.99 13.66
N GLY N 28 -2.26 9.77 13.62
CA GLY N 28 -3.69 9.56 13.50
C GLY N 28 -4.51 9.94 14.71
N PHE N 29 -4.03 9.61 15.91
CA PHE N 29 -4.77 9.96 17.12
C PHE N 29 -4.81 11.48 17.20
N PHE N 30 -3.65 12.11 16.98
CA PHE N 30 -3.57 13.56 17.00
C PHE N 30 -4.50 14.13 15.95
N ALA N 31 -4.55 13.49 14.78
CA ALA N 31 -5.45 13.91 13.72
C ALA N 31 -6.87 13.88 14.27
N THR N 32 -7.23 12.80 14.92
CA THR N 32 -8.54 12.61 15.50
C THR N 32 -8.77 13.58 16.65
N GLN N 33 -7.83 13.62 17.58
CA GLN N 33 -7.93 14.45 18.76
C GLN N 33 -7.96 15.93 18.39
N LYS N 34 -7.35 16.26 17.25
CA LYS N 34 -7.47 17.61 16.71
C LYS N 34 -8.85 17.78 16.11
N SER N 35 -9.28 16.76 15.37
CA SER N 35 -10.57 16.77 14.68
C SER N 35 -11.70 16.91 15.69
N GLN N 36 -11.45 16.43 16.91
CA GLN N 36 -12.41 16.55 18.00
C GLN N 36 -12.44 17.97 18.56
N GLU N 37 -11.26 18.57 18.71
CA GLU N 37 -11.13 19.87 19.34
C GLU N 37 -11.86 20.94 18.53
N VAL N 38 -11.64 20.92 17.21
CA VAL N 38 -12.29 21.88 16.34
C VAL N 38 -13.80 21.74 16.36
N THR N 39 -14.27 20.52 16.59
CA THR N 39 -15.70 20.22 16.67
C THR N 39 -16.28 20.76 17.97
N TYR N 40 -15.58 20.53 19.07
CA TYR N 40 -16.02 21.01 20.37
C TYR N 40 -16.02 22.52 20.39
N SER N 41 -14.93 23.11 19.87
CA SER N 41 -14.85 24.55 19.71
C SER N 41 -15.89 25.02 18.68
N GLY N 42 -16.14 24.19 17.68
CA GLY N 42 -17.07 24.54 16.62
C GLY N 42 -18.47 24.75 17.14
N MET N 43 -18.94 23.83 18.00
CA MET N 43 -20.25 23.96 18.61
C MET N 43 -20.22 25.06 19.65
N LYS N 44 -19.05 25.20 20.29
CA LYS N 44 -18.91 26.17 21.36
C LYS N 44 -18.87 27.56 20.73
N GLN N 45 -18.41 27.62 19.49
CA GLN N 45 -18.39 28.88 18.75
C GLN N 45 -19.80 29.42 18.55
N ALA N 46 -20.72 28.53 18.18
CA ALA N 46 -22.09 28.92 17.86
C ALA N 46 -22.93 29.12 19.12
N THR N 47 -22.77 28.19 20.07
CA THR N 47 -23.66 28.13 21.24
C THR N 47 -23.23 29.09 22.35
N SER N 48 -22.03 29.63 22.24
CA SER N 48 -21.51 30.53 23.27
C SER N 48 -22.03 31.94 23.07
N ASN N 49 -22.89 32.11 22.07
CA ASN N 49 -23.48 33.40 21.75
C ASN N 49 -24.16 34.06 22.94
N LEU N 50 -23.98 35.37 23.04
CA LEU N 50 -24.55 36.19 24.10
C LEU N 50 -25.50 37.22 23.52
N ILE N 51 -26.49 37.62 24.32
CA ILE N 51 -27.63 38.36 23.82
C ILE N 51 -28.00 39.54 24.70
N LEU N 52 -28.37 40.64 24.06
CA LEU N 52 -29.03 41.75 24.75
C LEU N 52 -30.47 41.38 25.07
N ASP N 53 -30.86 41.54 26.32
CA ASP N 53 -32.19 41.13 26.79
C ASP N 53 -33.05 42.34 27.11
N GLY N 54 -34.08 42.57 26.30
CA GLY N 54 -35.04 43.63 26.57
C GLY N 54 -34.49 45.02 26.36
N MET N 55 -35.24 46.02 26.81
CA MET N 55 -35.00 47.42 26.46
C MET N 55 -33.65 47.93 26.92
N ILE N 56 -33.17 48.97 26.23
CA ILE N 56 -31.97 49.68 26.63
C ILE N 56 -32.34 51.00 27.30
N TYR N 57 -32.23 51.05 28.61
CA TYR N 57 -32.47 52.26 29.38
C TYR N 57 -31.24 53.15 29.41
N GLY N 58 -31.40 54.43 29.69
CA GLY N 58 -30.25 55.28 29.99
C GLY N 58 -30.54 56.45 30.88
N SER N 59 -29.49 56.88 31.61
CA SER N 59 -29.51 58.12 32.35
C SER N 59 -29.13 59.23 31.37
N TYR N 60 -29.74 60.40 31.53
CA TYR N 60 -29.57 61.50 30.58
C TYR N 60 -29.61 62.83 31.33
N SER N 61 -28.90 63.82 30.80
CA SER N 61 -28.81 65.12 31.44
C SER N 61 -28.92 66.26 30.42
N LYS N 62 -29.89 67.15 30.64
CA LYS N 62 -30.05 68.31 29.77
C LYS N 62 -28.88 69.26 29.96
N GLY N 63 -28.63 69.62 31.21
CA GLY N 63 -27.54 70.54 31.53
C GLY N 63 -26.20 69.83 31.41
N GLY N 64 -26.25 68.50 31.43
CA GLY N 64 -25.06 67.69 31.18
C GLY N 64 -24.83 67.60 29.67
N SER N 65 -23.83 66.81 29.29
CA SER N 65 -23.49 66.66 27.88
C SER N 65 -24.52 65.86 27.09
N GLY N 66 -25.22 64.95 27.77
CA GLY N 66 -26.20 64.10 27.08
C GLY N 66 -26.39 62.78 27.80
N LEU N 67 -26.78 61.76 27.03
CA LEU N 67 -26.83 60.39 27.55
C LEU N 67 -25.50 60.07 28.20
N ALA N 68 -25.55 59.63 29.46
CA ALA N 68 -24.34 59.43 30.23
C ALA N 68 -24.20 57.96 30.53
N GLN N 69 -24.96 57.48 31.49
CA GLN N 69 -25.05 56.04 31.72
C GLN N 69 -25.96 55.45 30.65
N LEU N 70 -25.77 54.18 30.34
CA LEU N 70 -26.72 53.45 29.54
C LEU N 70 -26.91 52.08 30.17
N TYR N 71 -28.16 51.64 30.25
CA TYR N 71 -28.47 50.40 30.94
C TYR N 71 -29.16 49.46 29.98
N PHE N 72 -28.59 48.28 29.84
CA PHE N 72 -29.21 47.24 29.07
C PHE N 72 -28.84 45.95 29.71
N TYR N 73 -29.81 45.05 29.80
CA TYR N 73 -29.52 43.74 30.34
C TYR N 73 -28.95 42.87 29.23
N VAL N 74 -28.08 41.96 29.65
CA VAL N 74 -27.39 41.06 28.76
C VAL N 74 -27.57 39.70 29.35
N LYS N 75 -27.82 38.71 28.50
CA LYS N 75 -28.12 37.39 28.99
C LYS N 75 -27.38 36.35 28.15
N VAL N 76 -27.61 35.09 28.51
CA VAL N 76 -27.09 33.97 27.74
C VAL N 76 -28.29 33.07 27.49
N PRO N 77 -28.39 32.50 26.28
CA PRO N 77 -29.48 31.54 26.05
C PRO N 77 -29.43 30.35 27.02
N GLU N 78 -30.59 29.80 27.36
CA GLU N 78 -30.69 28.72 28.32
C GLU N 78 -29.79 27.55 27.93
N GLY N 79 -29.63 27.35 26.62
CA GLY N 79 -28.79 26.28 26.10
C GLY N 79 -27.37 26.73 25.84
N GLY N 80 -27.06 27.96 26.20
CA GLY N 80 -25.77 28.56 25.89
C GLY N 80 -24.65 28.08 26.80
N GLU N 81 -23.45 28.61 26.56
CA GLU N 81 -22.29 28.31 27.38
C GLU N 81 -22.02 29.50 28.29
N THR N 82 -21.49 29.23 29.48
CA THR N 82 -21.28 30.26 30.47
C THR N 82 -20.30 31.31 29.92
N GLN N 83 -20.34 32.51 30.49
CA GLN N 83 -19.64 33.64 29.92
C GLN N 83 -18.85 34.41 30.97
N ASP N 84 -17.92 35.23 30.51
CA ASP N 84 -17.15 36.13 31.37
C ASP N 84 -17.20 37.54 30.81
N LEU N 85 -17.84 38.44 31.54
CA LEU N 85 -18.06 39.79 31.06
C LEU N 85 -16.76 40.58 31.05
N LYS N 86 -15.77 40.08 31.78
CA LYS N 86 -14.45 40.71 31.84
C LYS N 86 -13.89 40.77 30.42
N TYR N 87 -14.21 39.75 29.62
CA TYR N 87 -13.68 39.64 28.25
C TYR N 87 -14.66 40.13 27.19
N VAL N 88 -15.86 40.52 27.56
CA VAL N 88 -16.78 41.14 26.63
C VAL N 88 -16.38 42.58 26.43
N THR N 89 -16.39 43.05 25.19
CA THR N 89 -15.99 44.42 24.87
C THR N 89 -17.15 45.14 24.20
N TYR N 90 -17.38 46.37 24.65
CA TYR N 90 -18.49 47.17 24.17
C TYR N 90 -18.08 48.36 23.31
N LEU N 91 -18.22 48.17 22.00
CA LEU N 91 -17.86 49.21 21.05
C LEU N 91 -18.97 50.22 20.88
N TRP N 92 -18.61 51.50 20.73
CA TRP N 92 -19.58 52.58 20.84
C TRP N 92 -19.39 53.63 19.77
N THR N 93 -20.50 54.24 19.35
CA THR N 93 -20.48 55.28 18.33
C THR N 93 -21.55 56.33 18.63
N LYS N 94 -21.19 57.60 18.42
CA LYS N 94 -22.19 58.66 18.45
C LYS N 94 -22.30 59.33 17.09
N GLU N 95 -23.41 59.07 16.41
CA GLU N 95 -23.72 59.76 15.14
C GLU N 95 -22.54 59.70 14.17
N ASN N 96 -22.27 58.51 13.65
CA ASN N 96 -21.27 58.27 12.60
C ASN N 96 -20.04 59.05 13.03
N LYS N 97 -19.52 58.74 14.21
CA LYS N 97 -18.21 59.21 14.62
C LYS N 97 -17.35 57.99 14.30
N ALA N 98 -16.09 58.01 14.72
CA ALA N 98 -15.20 56.88 14.51
C ALA N 98 -15.73 55.96 15.59
N VAL N 99 -14.95 54.94 15.99
CA VAL N 99 -15.39 53.98 17.00
C VAL N 99 -14.46 54.43 18.09
N THR N 100 -14.80 54.04 19.33
CA THR N 100 -13.86 54.01 20.43
C THR N 100 -14.43 52.79 21.15
N THR N 101 -13.59 51.97 21.74
CA THR N 101 -14.07 50.83 22.50
C THR N 101 -14.40 51.48 23.84
N LEU N 102 -15.31 50.88 24.60
CA LEU N 102 -15.76 51.48 25.84
C LEU N 102 -15.33 51.03 27.22
N THR N 103 -14.50 51.86 27.85
CA THR N 103 -13.97 51.59 29.19
C THR N 103 -14.71 51.33 30.49
N SER N 104 -15.71 52.16 30.78
CA SER N 104 -16.37 52.12 32.09
C SER N 104 -17.70 51.38 32.16
N ILE N 105 -17.61 50.10 32.50
CA ILE N 105 -18.77 49.24 32.70
C ILE N 105 -18.99 48.56 34.06
N THR N 106 -20.14 48.80 34.67
CA THR N 106 -20.37 48.33 36.05
C THR N 106 -20.02 46.89 36.38
N PRO N 107 -20.47 45.94 35.57
CA PRO N 107 -20.07 44.56 35.84
C PRO N 107 -18.69 44.14 35.38
N THR N 108 -17.72 45.03 35.52
CA THR N 108 -16.38 44.80 34.99
C THR N 108 -15.87 43.38 35.14
N ASN N 109 -16.11 42.80 36.32
CA ASN N 109 -15.68 41.43 36.61
C ASN N 109 -16.56 40.34 37.20
N GLN N 110 -17.48 39.83 36.39
CA GLN N 110 -18.41 38.79 36.80
C GLN N 110 -18.80 37.83 35.69
N GLN N 111 -19.19 36.62 36.06
CA GLN N 111 -19.66 35.63 35.11
C GLN N 111 -21.17 35.43 35.03
N LEU N 112 -21.64 35.00 33.87
CA LEU N 112 -23.05 34.64 33.66
C LEU N 112 -23.17 33.16 33.35
N ASN N 113 -23.83 32.42 34.23
CA ASN N 113 -24.22 31.06 33.89
C ASN N 113 -25.21 31.14 32.73
N PRO N 114 -25.21 30.13 31.84
CA PRO N 114 -26.19 30.22 30.77
C PRO N 114 -27.61 30.24 31.29
N GLY N 115 -28.46 31.07 30.69
CA GLY N 115 -29.81 31.25 31.18
C GLY N 115 -29.87 32.17 32.37
N ALA N 116 -28.99 33.17 32.38
CA ALA N 116 -29.00 34.21 33.42
C ALA N 116 -28.71 35.55 32.79
N ARG N 117 -28.89 36.62 33.55
CA ARG N 117 -28.71 37.98 33.05
C ARG N 117 -28.01 38.88 34.06
N VAL N 118 -27.61 40.06 33.59
CA VAL N 118 -26.91 41.03 34.40
C VAL N 118 -27.23 42.43 33.90
N LYS N 119 -27.20 43.42 34.77
CA LYS N 119 -27.42 44.80 34.33
C LYS N 119 -26.08 45.41 33.96
N VAL N 120 -25.86 45.58 32.66
CA VAL N 120 -24.66 46.25 32.17
C VAL N 120 -24.90 47.74 32.19
N THR N 121 -23.92 48.50 32.68
CA THR N 121 -24.00 49.96 32.68
C THR N 121 -22.84 50.59 31.92
N ILE N 122 -23.15 51.14 30.75
CA ILE N 122 -22.18 51.86 29.95
C ILE N 122 -22.14 53.36 30.22
N THR N 123 -20.95 53.89 30.47
CA THR N 123 -20.70 55.31 30.30
C THR N 123 -19.92 55.74 29.06
N ALA N 124 -20.54 56.56 28.23
CA ALA N 124 -19.90 56.94 26.98
C ALA N 124 -18.72 57.84 27.27
N PRO N 125 -17.64 57.72 26.48
CA PRO N 125 -16.44 58.51 26.71
C PRO N 125 -16.68 59.98 26.41
N THR N 126 -15.76 60.84 26.85
CA THR N 126 -16.03 62.27 26.95
C THR N 126 -16.68 62.89 25.71
N GLY N 127 -16.21 62.49 24.53
CA GLY N 127 -16.70 63.08 23.29
C GLY N 127 -17.92 62.43 22.72
N TYR N 128 -18.18 61.19 23.11
CA TYR N 128 -19.18 60.35 22.45
C TYR N 128 -20.56 60.28 23.11
N LYS N 129 -20.81 61.13 24.10
CA LYS N 129 -22.11 61.12 24.78
C LYS N 129 -23.20 61.63 23.83
N PRO N 130 -24.13 60.74 23.42
CA PRO N 130 -25.13 61.18 22.45
C PRO N 130 -26.23 62.03 23.06
N ILE N 131 -26.78 62.91 22.24
CA ILE N 131 -27.81 63.85 22.67
C ILE N 131 -29.06 63.57 21.85
N ALA N 132 -30.19 64.05 22.30
CA ALA N 132 -31.48 63.71 21.70
C ALA N 132 -31.46 63.94 20.20
N GLY N 133 -31.86 62.91 19.45
CA GLY N 133 -31.87 62.96 17.99
C GLY N 133 -30.62 62.41 17.35
N GLN N 134 -29.61 62.08 18.15
CA GLN N 134 -28.36 61.52 17.64
C GLN N 134 -28.33 60.01 17.84
N LYS N 135 -28.19 59.26 16.75
CA LYS N 135 -28.14 57.82 16.84
C LYS N 135 -26.80 57.37 17.42
N PHE N 136 -26.82 56.27 18.14
CA PHE N 136 -25.61 55.62 18.61
C PHE N 136 -25.68 54.12 18.34
N VAL N 137 -24.53 53.48 18.18
CA VAL N 137 -24.49 52.03 18.05
C VAL N 137 -23.64 51.45 19.16
N LEU N 138 -24.06 50.29 19.64
CA LEU N 138 -23.32 49.55 20.65
C LEU N 138 -23.14 48.11 20.19
N GLU N 139 -21.90 47.75 19.88
CA GLU N 139 -21.61 46.36 19.48
C GLU N 139 -21.16 45.61 20.70
N ILE N 140 -21.87 44.52 20.99
CA ILE N 140 -21.54 43.69 22.13
C ILE N 140 -20.81 42.45 21.64
N LYS N 141 -19.57 42.30 22.11
CA LYS N 141 -18.64 41.33 21.57
C LYS N 141 -18.17 40.36 22.65
N PRO N 142 -18.96 39.32 22.90
CA PRO N 142 -18.49 38.31 23.84
C PRO N 142 -17.31 37.56 23.26
N LYS N 143 -16.34 37.19 24.09
CA LYS N 143 -15.24 36.39 23.61
C LYS N 143 -15.79 35.04 23.16
N THR N 144 -15.37 34.61 21.97
CA THR N 144 -15.85 33.35 21.41
C THR N 144 -17.37 33.34 21.35
N GLY N 145 -17.92 34.10 20.42
CA GLY N 145 -19.36 34.10 20.21
C GLY N 145 -19.81 35.14 19.20
N ALA N 146 -21.01 34.96 18.68
CA ALA N 146 -21.56 35.88 17.71
C ALA N 146 -21.69 37.25 18.35
N SER N 147 -21.34 38.29 17.60
CA SER N 147 -21.31 39.63 18.12
C SER N 147 -22.54 40.38 17.70
N THR N 148 -23.23 40.99 18.66
CA THR N 148 -24.47 41.67 18.36
C THR N 148 -24.14 43.09 17.98
N ILE N 149 -25.16 43.84 17.58
CA ILE N 149 -25.06 45.28 17.55
C ILE N 149 -26.45 45.80 17.84
N VAL N 150 -26.55 46.84 18.67
CA VAL N 150 -27.82 47.47 18.91
C VAL N 150 -27.70 48.95 18.63
N THR N 151 -28.32 49.35 17.53
CA THR N 151 -28.37 50.75 17.15
C THR N 151 -29.68 51.34 17.64
N ARG N 152 -29.59 52.57 18.14
CA ARG N 152 -30.75 53.31 18.60
C ARG N 152 -30.55 54.75 18.18
N THR N 153 -31.63 55.49 18.10
CA THR N 153 -31.52 56.94 17.99
C THR N 153 -32.48 57.53 19.01
N LEU N 154 -31.92 58.38 19.86
CA LEU N 154 -32.74 59.06 20.84
C LEU N 154 -33.72 59.93 20.10
N SER N 155 -35.01 59.78 20.42
CA SER N 155 -36.02 60.64 19.83
C SER N 155 -35.65 62.05 20.23
N ASP N 156 -35.94 63.03 19.40
CA ASP N 156 -35.53 64.38 19.76
C ASP N 156 -36.66 64.86 20.65
N GLY N 157 -36.32 64.90 21.93
CA GLY N 157 -37.24 64.61 22.99
C GLY N 157 -36.33 63.98 24.01
N TYR N 158 -36.84 63.03 24.79
CA TYR N 158 -35.98 62.20 25.61
C TYR N 158 -35.22 62.99 26.67
N ASN N 159 -35.93 63.43 27.71
CA ASN N 159 -35.27 63.98 28.88
C ASN N 159 -34.49 62.84 29.57
N GLY N 160 -34.77 61.60 29.16
CA GLY N 160 -34.03 60.44 29.64
C GLY N 160 -34.81 59.16 29.56
N GLY N 161 -34.45 58.19 30.41
CA GLY N 161 -35.21 56.98 30.58
C GLY N 161 -35.11 55.97 29.46
N VAL N 162 -36.18 55.17 29.29
CA VAL N 162 -36.17 54.06 28.35
C VAL N 162 -35.87 54.55 26.94
N ILE N 163 -35.04 53.79 26.21
CA ILE N 163 -34.82 54.07 24.81
C ILE N 163 -35.70 53.09 24.03
N ILE N 164 -36.73 53.65 23.41
CA ILE N 164 -37.83 52.87 22.85
C ILE N 164 -37.31 51.90 21.79
N PHE O 1 17.83 -15.46 -1.99
CA PHE O 1 16.91 -14.31 -2.21
C PHE O 1 17.56 -13.06 -1.61
N SER O 2 17.68 -12.01 -2.42
CA SER O 2 18.39 -10.80 -1.99
C SER O 2 17.48 -9.58 -2.04
N GLY O 3 17.63 -8.69 -1.06
CA GLY O 3 16.85 -7.47 -1.01
C GLY O 3 17.29 -6.47 -2.06
N LEU O 4 18.35 -6.81 -2.78
CA LEU O 4 18.87 -5.96 -3.85
C LEU O 4 17.78 -5.76 -4.90
N GLU O 5 17.10 -6.85 -5.23
CA GLU O 5 16.00 -6.83 -6.18
C GLU O 5 14.78 -6.17 -5.57
N ALA O 6 14.62 -6.33 -4.27
CA ALA O 6 13.52 -5.72 -3.55
C ALA O 6 13.60 -4.22 -3.69
N ALA O 7 14.84 -3.71 -3.74
CA ALA O 7 15.08 -2.29 -3.95
C ALA O 7 14.54 -1.89 -5.30
N ILE O 8 14.86 -2.70 -6.32
CA ILE O 8 14.46 -2.42 -7.70
C ILE O 8 12.95 -2.19 -7.76
N VAL O 9 12.21 -3.01 -7.03
CA VAL O 9 10.77 -2.91 -6.96
C VAL O 9 10.36 -1.74 -6.09
N LEU O 10 11.07 -1.56 -4.99
CA LEU O 10 10.71 -0.54 -4.01
C LEU O 10 10.70 0.82 -4.69
N ILE O 11 11.60 0.98 -5.65
CA ILE O 11 11.58 2.17 -6.49
C ILE O 11 10.20 2.25 -7.13
N ALA O 12 9.82 1.16 -7.82
CA ALA O 12 8.62 1.14 -8.63
C ALA O 12 7.37 1.42 -7.80
N PHE O 13 7.31 0.86 -6.59
CA PHE O 13 6.20 1.12 -5.71
C PHE O 13 6.16 2.61 -5.36
N VAL O 14 7.32 3.16 -5.04
CA VAL O 14 7.45 4.57 -4.69
C VAL O 14 7.15 5.47 -5.87
N VAL O 15 7.65 5.10 -7.05
CA VAL O 15 7.53 5.98 -8.21
C VAL O 15 6.06 6.12 -8.62
N VAL O 16 5.38 4.99 -8.80
CA VAL O 16 3.97 5.03 -9.18
C VAL O 16 3.15 5.73 -8.10
N ALA O 17 3.61 5.61 -6.86
CA ALA O 17 2.99 6.33 -5.76
C ALA O 17 3.16 7.83 -5.96
N ALA O 18 4.40 8.26 -6.21
CA ALA O 18 4.70 9.66 -6.44
C ALA O 18 3.95 10.21 -7.66
N VAL O 19 3.87 9.41 -8.71
CA VAL O 19 3.16 9.84 -9.91
C VAL O 19 1.68 9.94 -9.61
N PHE O 20 1.13 8.93 -8.93
CA PHE O 20 -0.27 8.98 -8.57
C PHE O 20 -0.46 10.15 -7.61
N SER O 21 0.48 10.29 -6.69
CA SER O 21 0.47 11.38 -5.73
C SER O 21 0.50 12.68 -6.50
N TYR O 22 1.40 12.74 -7.47
CA TYR O 22 1.57 13.91 -8.31
C TYR O 22 0.27 14.27 -9.00
N VAL O 23 -0.32 13.31 -9.69
CA VAL O 23 -1.54 13.55 -10.46
C VAL O 23 -2.73 13.79 -9.55
N MET O 24 -2.87 12.98 -8.50
CA MET O 24 -4.00 13.11 -7.60
C MET O 24 -4.05 14.51 -7.02
N LEU O 25 -2.88 15.06 -6.75
CA LEU O 25 -2.80 16.45 -6.30
C LEU O 25 -3.30 17.37 -7.41
N GLY O 26 -2.80 17.14 -8.62
CA GLY O 26 -3.23 17.90 -9.76
C GLY O 26 -4.71 17.68 -10.04
N ALA O 27 -5.13 16.44 -9.92
CA ALA O 27 -6.53 16.08 -10.04
C ALA O 27 -7.30 16.78 -8.93
N GLY O 28 -6.67 16.80 -7.76
CA GLY O 28 -7.24 17.39 -6.56
C GLY O 28 -7.35 18.89 -6.57
N PHE O 29 -6.32 19.58 -7.06
CA PHE O 29 -6.36 21.04 -7.11
C PHE O 29 -7.48 21.42 -8.07
N PHE O 30 -7.49 20.76 -9.23
CA PHE O 30 -8.53 21.04 -10.22
C PHE O 30 -9.90 20.74 -9.63
N ALA O 31 -9.98 19.68 -8.83
CA ALA O 31 -11.22 19.33 -8.15
C ALA O 31 -11.62 20.52 -7.28
N THR O 32 -10.66 21.02 -6.53
CA THR O 32 -10.89 22.15 -5.65
C THR O 32 -11.19 23.42 -6.43
N GLN O 33 -10.34 23.71 -7.39
CA GLN O 33 -10.44 24.92 -8.19
C GLN O 33 -11.74 24.92 -8.99
N LYS O 34 -12.22 23.72 -9.32
CA LYS O 34 -13.53 23.59 -9.95
C LYS O 34 -14.60 23.83 -8.88
N SER O 35 -14.40 23.22 -7.71
CA SER O 35 -15.35 23.33 -6.62
C SER O 35 -15.51 24.78 -6.19
N GLN O 36 -14.46 25.57 -6.41
CA GLN O 36 -14.50 27.00 -6.12
C GLN O 36 -15.31 27.75 -7.17
N GLU O 37 -15.12 27.39 -8.43
CA GLU O 37 -15.74 28.12 -9.54
C GLU O 37 -17.26 28.02 -9.46
N VAL O 38 -17.76 26.81 -9.23
CA VAL O 38 -19.19 26.59 -9.13
C VAL O 38 -19.80 27.36 -7.95
N THR O 39 -19.00 27.55 -6.91
CA THR O 39 -19.42 28.30 -5.73
C THR O 39 -19.51 29.79 -6.04
N TYR O 40 -18.48 30.30 -6.71
CA TYR O 40 -18.42 31.70 -7.09
C TYR O 40 -19.56 32.01 -8.05
N SER O 41 -19.72 31.14 -9.04
CA SER O 41 -20.82 31.24 -9.97
C SER O 41 -22.15 31.01 -9.25
N GLY O 42 -22.12 30.15 -8.24
CA GLY O 42 -23.32 29.81 -7.50
C GLY O 42 -23.90 31.01 -6.77
N MET O 43 -23.03 31.78 -6.11
CA MET O 43 -23.46 32.99 -5.44
C MET O 43 -23.78 34.05 -6.47
N LYS O 44 -23.04 34.02 -7.57
CA LYS O 44 -23.19 35.02 -8.61
C LYS O 44 -24.49 34.76 -9.33
N GLN O 45 -24.91 33.49 -9.34
CA GLN O 45 -26.17 33.12 -9.95
C GLN O 45 -27.34 33.77 -9.22
N ALA O 46 -27.30 33.77 -7.90
CA ALA O 46 -28.39 34.29 -7.08
C ALA O 46 -28.34 35.80 -6.98
N THR O 47 -27.14 36.33 -6.76
CA THR O 47 -26.98 37.74 -6.43
C THR O 47 -26.95 38.64 -7.66
N SER O 48 -26.85 38.04 -8.85
CA SER O 48 -26.78 38.81 -10.09
C SER O 48 -28.17 39.19 -10.57
N ASN O 49 -29.17 38.83 -9.76
CA ASN O 49 -30.57 39.10 -10.08
C ASN O 49 -30.82 40.59 -10.37
N LEU O 50 -31.68 40.83 -11.35
CA LEU O 50 -32.05 42.17 -11.77
C LEU O 50 -33.55 42.37 -11.59
N ILE O 51 -33.94 43.64 -11.38
CA ILE O 51 -35.27 43.94 -10.87
C ILE O 51 -35.91 45.10 -11.63
N LEU O 52 -37.22 44.98 -11.88
CA LEU O 52 -38.02 46.10 -12.32
C LEU O 52 -38.29 47.03 -11.14
N ASP O 53 -37.99 48.32 -11.33
CA ASP O 53 -38.12 49.30 -10.26
C ASP O 53 -39.27 50.26 -10.52
N GLY O 54 -40.31 50.16 -9.69
CA GLY O 54 -41.43 51.08 -9.75
C GLY O 54 -42.30 50.89 -10.98
N MET O 55 -43.19 51.86 -11.22
CA MET O 55 -44.29 51.70 -12.18
C MET O 55 -43.82 51.49 -13.60
N ILE O 56 -44.68 50.88 -14.41
CA ILE O 56 -44.45 50.74 -15.84
C ILE O 56 -45.30 51.74 -16.60
N TYR O 57 -44.67 52.79 -17.09
CA TYR O 57 -45.33 53.79 -17.92
C TYR O 57 -45.36 53.35 -19.38
N GLY O 58 -46.28 53.92 -20.15
CA GLY O 58 -46.22 53.74 -21.59
C GLY O 58 -46.82 54.87 -22.42
N SER O 59 -46.29 55.01 -23.63
CA SER O 59 -46.89 55.87 -24.64
C SER O 59 -47.99 55.08 -25.34
N TYR O 60 -49.07 55.77 -25.68
CA TYR O 60 -50.25 55.10 -26.23
C TYR O 60 -50.90 55.99 -27.27
N SER O 61 -51.56 55.39 -28.26
CA SER O 61 -52.20 56.12 -29.34
C SER O 61 -53.57 55.56 -29.69
N LYS O 62 -54.58 56.41 -29.63
CA LYS O 62 -55.93 56.00 -30.00
C LYS O 62 -55.99 55.74 -31.50
N GLY O 63 -55.56 56.72 -32.28
CA GLY O 63 -55.58 56.61 -33.72
C GLY O 63 -54.47 55.68 -34.18
N GLY O 64 -53.48 55.47 -33.32
CA GLY O 64 -52.44 54.48 -33.57
C GLY O 64 -52.96 53.09 -33.24
N SER O 65 -52.08 52.10 -33.35
CA SER O 65 -52.46 50.72 -33.08
C SER O 65 -52.73 50.44 -31.60
N GLY O 66 -52.07 51.18 -30.71
CA GLY O 66 -52.22 50.96 -29.29
C GLY O 66 -50.99 51.39 -28.51
N LEU O 67 -50.77 50.75 -27.36
CA LEU O 67 -49.54 50.94 -26.59
C LEU O 67 -48.37 50.73 -27.52
N ALA O 68 -47.48 51.72 -27.58
CA ALA O 68 -46.39 51.71 -28.55
C ALA O 68 -45.09 51.59 -27.78
N GLN O 69 -44.64 52.70 -27.20
CA GLN O 69 -43.50 52.66 -26.30
C GLN O 69 -43.99 52.12 -24.97
N LEU O 70 -43.09 51.51 -24.20
CA LEU O 70 -43.38 51.19 -22.82
C LEU O 70 -42.17 51.56 -21.98
N TYR O 71 -42.40 52.17 -20.84
CA TYR O 71 -41.30 52.68 -20.04
C TYR O 71 -41.38 52.05 -18.68
N PHE O 72 -40.30 51.40 -18.29
CA PHE O 72 -40.18 50.87 -16.94
C PHE O 72 -38.73 50.96 -16.56
N TYR O 73 -38.48 51.37 -15.33
CA TYR O 73 -37.13 51.40 -14.85
C TYR O 73 -36.73 50.02 -14.39
N VAL O 74 -35.43 49.75 -14.56
CA VAL O 74 -34.86 48.46 -14.21
C VAL O 74 -33.65 48.78 -13.38
N LYS O 75 -33.43 48.02 -12.34
CA LYS O 75 -32.35 48.31 -11.41
C LYS O 75 -31.61 47.05 -11.04
N VAL O 76 -30.62 47.20 -10.18
CA VAL O 76 -29.91 46.08 -9.61
C VAL O 76 -29.91 46.31 -8.10
N PRO O 77 -30.12 45.25 -7.30
CA PRO O 77 -30.02 45.43 -5.85
C PRO O 77 -28.67 45.97 -5.42
N GLU O 78 -28.65 46.75 -4.33
CA GLU O 78 -27.44 47.39 -3.85
C GLU O 78 -26.32 46.38 -3.63
N GLY O 79 -26.71 45.16 -3.25
CA GLY O 79 -25.76 44.09 -3.01
C GLY O 79 -25.53 43.23 -4.23
N GLY O 80 -26.14 43.61 -5.35
CA GLY O 80 -26.11 42.80 -6.55
C GLY O 80 -24.80 42.89 -7.30
N GLU O 81 -24.74 42.17 -8.43
CA GLU O 81 -23.57 42.20 -9.31
C GLU O 81 -23.91 43.06 -10.52
N THR O 82 -22.89 43.73 -11.06
CA THR O 82 -23.10 44.65 -12.18
C THR O 82 -23.67 43.90 -13.38
N GLN O 83 -24.32 44.62 -14.28
CA GLN O 83 -25.10 44.00 -15.34
C GLN O 83 -24.79 44.62 -16.70
N ASP O 84 -25.19 43.92 -17.75
CA ASP O 84 -25.08 44.42 -19.11
C ASP O 84 -26.41 44.25 -19.82
N LEU O 85 -27.06 45.36 -20.16
CA LEU O 85 -28.39 45.34 -20.72
C LEU O 85 -28.36 44.82 -22.15
N LYS O 86 -27.17 44.82 -22.75
CA LYS O 86 -26.98 44.31 -24.10
C LYS O 86 -27.43 42.85 -24.13
N TYR O 87 -27.20 42.15 -23.02
CA TYR O 87 -27.51 40.72 -22.93
C TYR O 87 -28.83 40.41 -22.23
N VAL O 88 -29.52 41.44 -21.73
CA VAL O 88 -30.86 41.24 -21.20
C VAL O 88 -31.82 41.15 -22.36
N THR O 89 -32.75 40.21 -22.29
CA THR O 89 -33.74 40.01 -23.35
C THR O 89 -35.13 40.19 -22.80
N TYR O 90 -35.95 40.92 -23.54
CA TYR O 90 -37.30 41.25 -23.12
C TYR O 90 -38.40 40.54 -23.90
N LEU O 91 -38.93 39.49 -23.33
CA LEU O 91 -39.99 38.70 -23.97
C LEU O 91 -41.35 39.33 -23.77
N TRP O 92 -42.19 39.27 -24.80
CA TRP O 92 -43.40 40.08 -24.84
C TRP O 92 -44.61 39.29 -25.34
N THR O 93 -45.78 39.65 -24.81
CA THR O 93 -47.02 38.99 -25.19
C THR O 93 -48.17 39.99 -25.19
N LYS O 94 -49.05 39.88 -26.18
CA LYS O 94 -50.30 40.62 -26.16
C LYS O 94 -51.49 39.67 -26.11
N GLU O 95 -52.15 39.62 -24.96
CA GLU O 95 -53.39 38.86 -24.80
C GLU O 95 -53.25 37.44 -25.33
N ASN O 96 -52.47 36.62 -24.62
CA ASN O 96 -52.32 35.19 -24.87
C ASN O 96 -52.11 35.06 -26.38
N LYS O 97 -51.08 35.72 -26.89
CA LYS O 97 -50.61 35.48 -28.25
C LYS O 97 -49.44 34.54 -27.97
N ALA O 98 -48.66 34.25 -29.01
CA ALA O 98 -47.48 33.38 -28.86
C ALA O 98 -46.54 34.38 -28.20
N VAL O 99 -45.23 34.11 -28.25
CA VAL O 99 -44.26 34.99 -27.59
C VAL O 99 -43.64 35.52 -28.87
N THR O 100 -42.94 36.64 -28.73
CA THR O 100 -41.94 37.07 -29.70
C THR O 100 -40.97 37.74 -28.72
N THR O 101 -39.68 37.63 -29.00
CA THR O 101 -38.71 38.31 -28.13
C THR O 101 -38.72 39.71 -28.70
N LEU O 102 -38.35 40.69 -27.88
CA LEU O 102 -38.44 42.08 -28.31
C LEU O 102 -37.25 42.92 -28.73
N THR O 103 -37.18 43.19 -30.03
CA THR O 103 -36.10 43.97 -30.62
C THR O 103 -35.64 45.39 -30.31
N SER O 104 -36.60 46.32 -30.21
CA SER O 104 -36.29 47.72 -30.09
C SER O 104 -36.33 48.33 -28.70
N ILE O 105 -35.18 48.32 -28.04
CA ILE O 105 -34.99 48.92 -26.73
C ILE O 105 -33.95 50.02 -26.53
N THR O 106 -34.39 51.18 -26.03
CA THR O 106 -33.52 52.36 -25.98
C THR O 106 -32.11 52.17 -25.40
N PRO O 107 -31.99 51.54 -24.23
CA PRO O 107 -30.66 51.30 -23.71
C PRO O 107 -29.90 50.10 -24.30
N THR O 108 -30.03 49.92 -25.61
CA THR O 108 -29.47 48.73 -26.26
C THR O 108 -28.10 48.33 -25.76
N ASN O 109 -27.24 49.32 -25.57
CA ASN O 109 -25.87 49.07 -25.07
C ASN O 109 -25.20 49.80 -23.92
N GLN O 110 -25.65 49.50 -22.70
CA GLN O 110 -25.14 50.11 -21.49
C GLN O 110 -25.12 49.19 -20.28
N GLN O 111 -24.22 49.48 -19.34
CA GLN O 111 -24.16 48.73 -18.09
C GLN O 111 -24.75 49.42 -16.87
N LEU O 112 -25.21 48.60 -15.91
CA LEU O 112 -25.71 49.08 -14.64
C LEU O 112 -24.81 48.59 -13.50
N ASN O 113 -24.15 49.52 -12.82
CA ASN O 113 -23.49 49.17 -11.57
C ASN O 113 -24.57 48.73 -10.58
N PRO O 114 -24.24 47.79 -9.69
CA PRO O 114 -25.27 47.40 -8.73
C PRO O 114 -25.72 48.59 -7.88
N GLY O 115 -27.03 48.68 -7.63
CA GLY O 115 -27.58 49.82 -6.92
C GLY O 115 -27.73 51.03 -7.82
N ALA O 116 -28.04 50.79 -9.09
CA ALA O 116 -28.33 51.85 -10.04
C ALA O 116 -29.50 51.44 -10.93
N ARG O 117 -30.02 52.38 -11.69
CA ARG O 117 -31.18 52.14 -12.55
C ARG O 117 -31.04 52.79 -13.91
N VAL O 118 -31.95 52.42 -14.82
CA VAL O 118 -31.96 52.93 -16.17
C VAL O 118 -33.40 52.95 -16.68
N LYS O 119 -33.71 53.85 -17.60
CA LYS O 119 -35.05 53.86 -18.19
C LYS O 119 -35.03 52.99 -19.43
N VAL O 120 -35.67 51.82 -19.32
CA VAL O 120 -35.82 50.93 -20.45
C VAL O 120 -37.04 51.35 -21.26
N THR O 121 -36.89 51.41 -22.57
CA THR O 121 -38.03 51.74 -23.44
C THR O 121 -38.30 50.63 -24.46
N ILE O 122 -39.40 49.92 -24.26
CA ILE O 122 -39.85 48.89 -25.18
C ILE O 122 -40.82 49.38 -26.23
N THR O 123 -40.53 49.08 -27.49
CA THR O 123 -41.55 49.09 -28.52
C THR O 123 -42.07 47.74 -28.99
N ALA O 124 -43.37 47.52 -28.83
CA ALA O 124 -43.94 46.22 -29.16
C ALA O 124 -43.91 46.04 -30.67
N PRO O 125 -43.67 44.80 -31.13
CA PRO O 125 -43.57 44.52 -32.56
C PRO O 125 -44.94 44.68 -33.24
N THR O 126 -44.94 44.74 -34.57
CA THR O 126 -46.08 45.24 -35.33
C THR O 126 -47.43 44.67 -34.90
N GLY O 127 -47.46 43.36 -34.64
CA GLY O 127 -48.71 42.70 -34.31
C GLY O 127 -49.08 42.72 -32.83
N TYR O 128 -48.09 42.93 -31.98
CA TYR O 128 -48.24 42.73 -30.53
C TYR O 128 -48.56 43.98 -29.71
N LYS O 129 -48.84 45.12 -30.36
CA LYS O 129 -49.13 46.33 -29.63
C LYS O 129 -50.47 46.21 -28.90
N PRO O 130 -50.44 46.18 -27.55
CA PRO O 130 -51.70 45.96 -26.84
C PRO O 130 -52.57 47.20 -26.77
N ILE O 131 -53.89 46.97 -26.70
CA ILE O 131 -54.87 48.05 -26.69
C ILE O 131 -55.64 47.95 -25.38
N ALA O 132 -56.33 49.01 -25.01
CA ALA O 132 -56.97 49.10 -23.70
C ALA O 132 -57.84 47.88 -23.43
N GLY O 133 -57.61 47.25 -22.27
CA GLY O 133 -58.33 46.07 -21.87
C GLY O 133 -57.62 44.77 -22.23
N GLN O 134 -56.52 44.86 -22.98
CA GLN O 134 -55.75 43.68 -23.35
C GLN O 134 -54.51 43.53 -22.46
N LYS O 135 -54.40 42.41 -21.78
CA LYS O 135 -53.24 42.17 -20.91
C LYS O 135 -52.01 41.87 -21.75
N PHE O 136 -50.86 42.28 -21.24
CA PHE O 136 -49.59 41.92 -21.83
C PHE O 136 -48.64 41.45 -20.74
N VAL O 137 -47.69 40.58 -21.10
CA VAL O 137 -46.64 40.18 -20.17
C VAL O 137 -45.29 40.57 -20.72
N LEU O 138 -44.39 40.94 -19.82
CA LEU O 138 -43.03 41.26 -20.17
C LEU O 138 -42.09 40.51 -19.25
N GLU O 139 -41.37 39.54 -19.80
CA GLU O 139 -40.40 38.79 -19.03
C GLU O 139 -39.04 39.42 -19.21
N ILE O 140 -38.43 39.83 -18.11
CA ILE O 140 -37.10 40.44 -18.14
C ILE O 140 -36.07 39.42 -17.72
N LYS O 141 -35.16 39.13 -18.64
CA LYS O 141 -34.25 38.01 -18.53
C LYS O 141 -32.81 38.48 -18.57
N PRO O 142 -32.28 38.89 -17.41
CA PRO O 142 -30.86 39.26 -17.37
C PRO O 142 -30.02 38.01 -17.56
N LYS O 143 -28.90 38.12 -18.26
CA LYS O 143 -28.00 37.00 -18.39
C LYS O 143 -27.47 36.64 -17.02
N THR O 144 -27.50 35.35 -16.68
CA THR O 144 -27.04 34.90 -15.38
C THR O 144 -27.80 35.62 -14.27
N GLY O 145 -29.07 35.28 -14.09
CA GLY O 145 -29.84 35.84 -13.01
C GLY O 145 -31.30 35.43 -13.07
N ALA O 146 -31.99 35.59 -11.93
CA ALA O 146 -33.39 35.23 -11.85
C ALA O 146 -34.18 36.10 -12.80
N SER O 147 -35.12 35.50 -13.51
CA SER O 147 -35.87 36.19 -14.54
C SER O 147 -37.22 36.61 -14.02
N THR O 148 -37.54 37.89 -14.20
CA THR O 148 -38.78 38.41 -13.67
C THR O 148 -39.86 38.20 -14.69
N ILE O 149 -41.09 38.53 -14.32
CA ILE O 149 -42.14 38.74 -15.31
C ILE O 149 -43.05 39.80 -14.73
N VAL O 150 -43.46 40.75 -15.57
CA VAL O 150 -44.45 41.72 -15.13
C VAL O 150 -45.63 41.71 -16.09
N THR O 151 -46.74 41.20 -15.58
CA THR O 151 -47.98 41.17 -16.32
C THR O 151 -48.80 42.38 -15.91
N ARG O 152 -49.43 42.99 -16.90
CA ARG O 152 -50.32 44.11 -16.68
C ARG O 152 -51.50 43.93 -17.62
N THR O 153 -52.61 44.58 -17.31
CA THR O 153 -53.68 44.72 -18.26
C THR O 153 -54.10 46.16 -18.27
N LEU O 154 -54.07 46.76 -19.46
CA LEU O 154 -54.51 48.13 -19.59
C LEU O 154 -55.97 48.18 -19.22
N SER O 155 -56.32 49.09 -18.32
CA SER O 155 -57.72 49.28 -17.96
C SER O 155 -58.41 49.69 -19.25
N ASP O 156 -59.68 49.35 -19.42
CA ASP O 156 -60.30 49.70 -20.67
C ASP O 156 -60.78 51.12 -20.44
N GLY O 157 -60.05 52.02 -21.08
CA GLY O 157 -59.78 53.32 -20.54
C GLY O 157 -58.38 53.59 -21.09
N TYR O 158 -57.56 54.31 -20.35
CA TYR O 158 -56.14 54.39 -20.67
C TYR O 158 -55.88 55.03 -22.03
N ASN O 159 -56.07 56.34 -22.11
CA ASN O 159 -55.60 57.09 -23.26
C ASN O 159 -54.07 57.06 -23.29
N GLY O 160 -53.46 56.61 -22.18
CA GLY O 160 -52.04 56.41 -22.11
C GLY O 160 -51.49 56.50 -20.70
N GLY O 161 -50.20 56.82 -20.60
CA GLY O 161 -49.58 57.13 -19.32
C GLY O 161 -49.28 55.94 -18.42
N VAL O 162 -49.29 56.19 -17.11
CA VAL O 162 -48.91 55.18 -16.14
C VAL O 162 -49.79 53.95 -16.25
N ILE O 163 -49.18 52.77 -16.14
CA ILE O 163 -49.92 51.53 -16.07
C ILE O 163 -49.97 51.16 -14.60
N ILE O 164 -51.18 51.28 -14.04
CA ILE O 164 -51.38 51.22 -12.59
C ILE O 164 -50.91 49.89 -12.03
N PHE P 1 14.39 -11.51 -1.43
CA PHE P 1 12.99 -11.00 -1.44
C PHE P 1 12.65 -10.58 -2.87
N SER P 2 11.56 -11.11 -3.41
CA SER P 2 11.18 -10.89 -4.79
C SER P 2 9.82 -10.21 -4.92
N GLY P 3 9.70 -9.30 -5.87
CA GLY P 3 8.43 -8.62 -6.11
C GLY P 3 7.40 -9.53 -6.77
N LEU P 4 7.84 -10.75 -7.10
CA LEU P 4 6.93 -11.74 -7.69
C LEU P 4 5.79 -12.02 -6.74
N GLU P 5 6.12 -12.14 -5.46
CA GLU P 5 5.13 -12.38 -4.43
C GLU P 5 4.34 -11.11 -4.14
N ALA P 6 5.00 -9.98 -4.31
CA ALA P 6 4.35 -8.68 -4.12
C ALA P 6 3.20 -8.56 -5.10
N ALA P 7 3.41 -9.12 -6.30
CA ALA P 7 2.36 -9.15 -7.31
C ALA P 7 1.17 -9.93 -6.79
N ILE P 8 1.45 -11.09 -6.21
CA ILE P 8 0.41 -11.99 -5.70
C ILE P 8 -0.51 -11.23 -4.76
N VAL P 9 0.10 -10.40 -3.92
CA VAL P 9 -0.64 -9.57 -2.96
C VAL P 9 -1.30 -8.40 -3.67
N LEU P 10 -0.59 -7.81 -4.61
CA LEU P 10 -1.06 -6.62 -5.30
C LEU P 10 -2.39 -6.91 -5.97
N ILE P 11 -2.53 -8.14 -6.43
CA ILE P 11 -3.82 -8.61 -6.93
C ILE P 11 -4.83 -8.42 -5.80
N ALA P 12 -4.52 -9.01 -4.65
CA ALA P 12 -5.46 -9.06 -3.54
C ALA P 12 -5.88 -7.68 -3.06
N PHE P 13 -4.92 -6.75 -3.02
CA PHE P 13 -5.24 -5.38 -2.65
C PHE P 13 -6.20 -4.78 -3.67
N VAL P 14 -5.91 -5.01 -4.95
CA VAL P 14 -6.72 -4.49 -6.04
C VAL P 14 -8.10 -5.16 -6.05
N VAL P 15 -8.14 -6.48 -5.83
CA VAL P 15 -9.39 -7.22 -5.97
C VAL P 15 -10.38 -6.76 -4.89
N VAL P 16 -9.95 -6.78 -3.64
CA VAL P 16 -10.83 -6.37 -2.53
C VAL P 16 -11.25 -4.92 -2.73
N ALA P 17 -10.35 -4.14 -3.34
CA ALA P 17 -10.65 -2.75 -3.68
C ALA P 17 -11.79 -2.71 -4.70
N ALA P 18 -11.64 -3.48 -5.77
CA ALA P 18 -12.65 -3.56 -6.82
C ALA P 18 -13.97 -4.08 -6.28
N VAL P 19 -13.92 -5.07 -5.41
CA VAL P 19 -15.14 -5.63 -4.82
C VAL P 19 -15.78 -4.59 -3.91
N PHE P 20 -14.97 -3.95 -3.08
CA PHE P 20 -15.50 -2.90 -2.23
C PHE P 20 -16.02 -1.78 -3.11
N SER P 21 -15.24 -1.48 -4.14
CA SER P 21 -15.62 -0.45 -5.09
C SER P 21 -16.93 -0.85 -5.74
N TYR P 22 -16.99 -2.11 -6.13
CA TYR P 22 -18.17 -2.67 -6.76
C TYR P 22 -19.39 -2.52 -5.86
N VAL P 23 -19.28 -2.97 -4.61
CA VAL P 23 -20.39 -2.95 -3.69
C VAL P 23 -20.71 -1.53 -3.25
N MET P 24 -19.69 -0.75 -2.95
CA MET P 24 -19.91 0.62 -2.47
C MET P 24 -20.71 1.40 -3.50
N LEU P 25 -20.43 1.14 -4.77
CA LEU P 25 -21.20 1.74 -5.84
C LEU P 25 -22.64 1.26 -5.75
N GLY P 26 -22.81 -0.05 -5.60
CA GLY P 26 -24.13 -0.65 -5.46
C GLY P 26 -24.79 -0.16 -4.19
N ALA P 27 -24.00 -0.08 -3.11
CA ALA P 27 -24.46 0.48 -1.86
C ALA P 27 -24.83 1.93 -2.09
N GLY P 28 -24.00 2.59 -2.88
CA GLY P 28 -24.15 3.99 -3.20
C GLY P 28 -25.33 4.33 -4.08
N PHE P 29 -25.57 3.53 -5.12
CA PHE P 29 -26.70 3.80 -6.00
C PHE P 29 -27.97 3.64 -5.17
N PHE P 30 -28.03 2.55 -4.40
CA PHE P 30 -29.19 2.32 -3.55
C PHE P 30 -29.34 3.46 -2.56
N ALA P 31 -28.22 3.95 -2.05
CA ALA P 31 -28.23 5.10 -1.15
C ALA P 31 -28.90 6.26 -1.86
N THR P 32 -28.47 6.49 -3.10
CA THR P 32 -29.00 7.57 -3.91
C THR P 32 -30.46 7.31 -4.27
N GLN P 33 -30.72 6.12 -4.80
CA GLN P 33 -32.04 5.76 -5.26
C GLN P 33 -33.03 5.74 -4.09
N LYS P 34 -32.52 5.49 -2.90
CA LYS P 34 -33.34 5.62 -1.69
C LYS P 34 -33.54 7.10 -1.39
N SER P 35 -32.45 7.85 -1.49
CA SER P 35 -32.45 9.29 -1.20
C SER P 35 -33.41 10.01 -2.13
N GLN P 36 -33.61 9.43 -3.32
CA GLN P 36 -34.55 9.98 -4.29
C GLN P 36 -36.00 9.66 -3.90
N GLU P 37 -36.23 8.44 -3.43
CA GLU P 37 -37.57 7.98 -3.13
C GLU P 37 -38.18 8.80 -2.00
N VAL P 38 -37.42 9.02 -0.94
CA VAL P 38 -37.89 9.80 0.19
C VAL P 38 -38.21 11.24 -0.22
N THR P 39 -37.47 11.74 -1.21
CA THR P 39 -37.69 13.09 -1.72
C THR P 39 -38.97 13.16 -2.53
N TYR P 40 -39.17 12.17 -3.39
CA TYR P 40 -40.37 12.11 -4.21
C TYR P 40 -41.59 11.94 -3.32
N SER P 41 -41.49 11.02 -2.37
CA SER P 41 -42.52 10.84 -1.37
C SER P 41 -42.64 12.08 -0.50
N GLY P 42 -41.52 12.74 -0.25
CA GLY P 42 -41.49 13.92 0.60
C GLY P 42 -42.32 15.05 0.04
N MET P 43 -42.17 15.31 -1.26
CA MET P 43 -42.97 16.32 -1.92
C MET P 43 -44.40 15.84 -2.08
N LYS P 44 -44.53 14.53 -2.27
CA LYS P 44 -45.83 13.93 -2.51
C LYS P 44 -46.59 13.95 -1.19
N GLN P 45 -45.86 13.91 -0.09
CA GLN P 45 -46.46 13.99 1.23
C GLN P 45 -47.17 15.31 1.44
N ALA P 46 -46.52 16.40 1.03
CA ALA P 46 -47.04 17.74 1.24
C ALA P 46 -48.10 18.10 0.21
N THR P 47 -47.83 17.77 -1.06
CA THR P 47 -48.64 18.23 -2.17
C THR P 47 -49.87 17.36 -2.41
N SER P 48 -49.94 16.21 -1.76
CA SER P 48 -51.05 15.29 -1.93
C SER P 48 -52.22 15.68 -1.04
N ASN P 49 -52.05 16.78 -0.32
CA ASN P 49 -53.07 17.31 0.57
C ASN P 49 -54.43 17.48 -0.10
N LEU P 50 -55.47 17.15 0.65
CA LEU P 50 -56.85 17.25 0.18
C LEU P 50 -57.64 18.21 1.06
N ILE P 51 -58.66 18.83 0.47
CA ILE P 51 -59.29 20.00 1.07
C ILE P 51 -60.81 19.92 1.02
N LEU P 52 -61.45 20.37 2.09
CA LEU P 52 -62.89 20.63 2.08
C LEU P 52 -63.15 21.93 1.33
N ASP P 53 -64.05 21.87 0.35
CA ASP P 53 -64.34 23.02 -0.49
C ASP P 53 -65.73 23.60 -0.20
N GLY P 54 -65.76 24.80 0.36
CA GLY P 54 -67.02 25.49 0.59
C GLY P 54 -67.86 24.89 1.69
N MET P 55 -69.11 25.34 1.78
CA MET P 55 -69.96 25.07 2.93
C MET P 55 -70.25 23.60 3.14
N ILE P 56 -70.57 23.25 4.37
CA ILE P 56 -71.03 21.91 4.73
C ILE P 56 -72.54 21.91 4.91
N TYR P 57 -73.25 21.36 3.94
CA TYR P 57 -74.70 21.21 4.02
C TYR P 57 -75.07 19.94 4.75
N GLY P 58 -76.31 19.87 5.25
CA GLY P 58 -76.82 18.60 5.75
C GLY P 58 -78.32 18.45 5.69
N SER P 59 -78.75 17.19 5.58
CA SER P 59 -80.14 16.82 5.74
C SER P 59 -80.41 16.65 7.23
N TYR P 60 -81.59 17.06 7.68
CA TYR P 60 -81.92 17.07 9.09
C TYR P 60 -83.39 16.71 9.30
N SER P 61 -83.70 16.11 10.44
CA SER P 61 -85.06 15.68 10.73
C SER P 61 -85.45 15.99 12.17
N LYS P 62 -86.55 16.71 12.34
CA LYS P 62 -87.05 17.03 13.68
C LYS P 62 -87.59 15.75 14.32
N GLY P 63 -88.48 15.07 13.60
CA GLY P 63 -89.07 13.84 14.12
C GLY P 63 -88.07 12.71 14.04
N GLY P 64 -87.04 12.88 13.23
CA GLY P 64 -85.93 11.95 13.19
C GLY P 64 -84.98 12.22 14.34
N SER P 65 -83.88 11.49 14.38
CA SER P 65 -82.91 11.64 15.46
C SER P 65 -82.13 12.96 15.40
N GLY P 66 -81.95 13.50 14.20
CA GLY P 66 -81.19 14.72 14.03
C GLY P 66 -80.56 14.83 12.66
N LEU P 67 -79.45 15.55 12.57
CA LEU P 67 -78.65 15.60 11.35
C LEU P 67 -78.37 14.17 10.91
N ALA P 68 -78.71 13.86 9.67
CA ALA P 68 -78.63 12.49 9.18
C ALA P 68 -77.57 12.43 8.10
N GLN P 69 -77.91 12.89 6.91
CA GLN P 69 -76.92 13.06 5.87
C GLN P 69 -76.13 14.32 6.17
N LEU P 70 -74.89 14.38 5.69
CA LEU P 70 -74.13 15.62 5.71
C LEU P 70 -73.44 15.76 4.37
N TYR P 71 -73.47 16.94 3.81
CA TYR P 71 -72.95 17.16 2.46
C TYR P 71 -71.88 18.22 2.52
N PHE P 72 -70.69 17.86 2.06
CA PHE P 72 -69.62 18.80 1.93
C PHE P 72 -68.82 18.40 0.72
N TYR P 73 -68.43 19.38 -0.07
CA TYR P 73 -67.59 19.09 -1.21
C TYR P 73 -66.15 18.98 -0.74
N VAL P 74 -65.41 18.15 -1.44
CA VAL P 74 -64.02 17.89 -1.14
C VAL P 74 -63.30 18.01 -2.45
N LYS P 75 -62.12 18.62 -2.42
CA LYS P 75 -61.41 18.90 -3.64
C LYS P 75 -59.94 18.59 -3.46
N VAL P 76 -59.18 18.83 -4.52
CA VAL P 76 -57.74 18.72 -4.48
C VAL P 76 -57.20 20.03 -5.05
N PRO P 77 -56.14 20.58 -4.46
CA PRO P 77 -55.55 21.79 -5.07
C PRO P 77 -55.10 21.54 -6.50
N GLU P 78 -55.17 22.60 -7.33
CA GLU P 78 -54.85 22.50 -8.75
C GLU P 78 -53.46 21.92 -8.96
N GLY P 79 -52.55 22.19 -8.02
CA GLY P 79 -51.19 21.69 -8.08
C GLY P 79 -51.01 20.39 -7.34
N GLY P 80 -52.10 19.85 -6.82
CA GLY P 80 -52.06 18.67 -5.98
C GLY P 80 -51.85 17.38 -6.75
N GLU P 81 -51.81 16.27 -6.01
CA GLU P 81 -51.69 14.95 -6.60
C GLU P 81 -53.05 14.27 -6.56
N THR P 82 -53.33 13.43 -7.54
CA THR P 82 -54.63 12.78 -7.66
C THR P 82 -54.90 11.93 -6.43
N GLN P 83 -56.17 11.66 -6.17
CA GLN P 83 -56.58 11.05 -4.92
C GLN P 83 -57.53 9.88 -5.13
N ASP P 84 -57.68 9.06 -4.09
CA ASP P 84 -58.64 7.97 -4.09
C ASP P 84 -59.48 8.03 -2.82
N LEU P 85 -60.77 8.29 -2.99
CA LEU P 85 -61.65 8.51 -1.85
C LEU P 85 -61.92 7.20 -1.13
N LYS P 86 -61.64 6.09 -1.81
CA LYS P 86 -61.80 4.77 -1.23
C LYS P 86 -60.94 4.69 0.04
N TYR P 87 -59.78 5.35 0.00
CA TYR P 87 -58.82 5.32 1.10
C TYR P 87 -58.90 6.51 2.04
N VAL P 88 -59.76 7.49 1.73
CA VAL P 88 -60.01 8.58 2.66
C VAL P 88 -60.95 8.10 3.73
N THR P 89 -60.65 8.45 4.98
CA THR P 89 -61.46 8.03 6.13
C THR P 89 -62.00 9.25 6.85
N TYR P 90 -63.29 9.19 7.17
CA TYR P 90 -63.98 10.30 7.81
C TYR P 90 -64.34 10.07 9.26
N LEU P 91 -63.54 10.63 10.15
CA LEU P 91 -63.75 10.49 11.58
C LEU P 91 -64.79 11.47 12.10
N TRP P 92 -65.62 11.02 13.03
CA TRP P 92 -66.81 11.78 13.40
C TRP P 92 -67.04 11.84 14.91
N THR P 93 -67.60 12.94 15.36
CA THR P 93 -67.88 13.15 16.77
C THR P 93 -69.18 13.92 16.96
N LYS P 94 -69.98 13.53 17.94
CA LYS P 94 -71.12 14.33 18.36
C LYS P 94 -70.95 14.79 19.80
N GLU P 95 -70.70 16.09 19.96
CA GLU P 95 -70.64 16.70 21.29
C GLU P 95 -69.76 15.92 22.24
N ASN P 96 -68.45 15.97 22.01
CA ASN P 96 -67.42 15.40 22.88
C ASN P 96 -67.94 14.00 23.26
N LYS P 97 -68.18 13.17 22.24
CA LYS P 97 -68.42 11.74 22.47
C LYS P 97 -67.03 11.18 22.15
N ALA P 98 -66.91 9.86 22.09
CA ALA P 98 -65.65 9.21 21.76
C ALA P 98 -65.63 9.47 20.24
N VAL P 99 -64.83 8.71 19.49
CA VAL P 99 -64.73 8.93 18.05
C VAL P 99 -65.42 7.65 17.65
N THR P 100 -65.86 7.62 16.39
CA THR P 100 -66.16 6.38 15.70
C THR P 100 -65.73 6.83 14.31
N THR P 101 -65.16 5.93 13.52
CA THR P 101 -64.79 6.27 12.14
C THR P 101 -66.11 6.07 11.42
N LEU P 102 -66.28 6.76 10.29
CA LEU P 102 -67.55 6.72 9.59
C LEU P 102 -67.82 5.91 8.32
N THR P 103 -68.60 4.84 8.49
CA THR P 103 -68.94 3.95 7.38
C THR P 103 -69.63 4.26 6.08
N SER P 104 -70.72 5.02 6.14
CA SER P 104 -71.58 5.22 4.97
C SER P 104 -71.40 6.52 4.21
N ILE P 105 -70.53 6.47 3.20
CA ILE P 105 -70.28 7.59 2.31
C ILE P 105 -70.52 7.44 0.81
N THR P 106 -71.35 8.31 0.23
CA THR P 106 -71.78 8.13 -1.15
C THR P 106 -70.71 7.85 -2.21
N PRO P 107 -69.63 8.65 -2.22
CA PRO P 107 -68.57 8.34 -3.18
C PRO P 107 -67.60 7.23 -2.79
N THR P 108 -68.13 6.17 -2.19
CA THR P 108 -67.30 5.11 -1.64
C THR P 108 -66.09 4.74 -2.49
N ASN P 109 -66.32 4.65 -3.81
CA ASN P 109 -65.27 4.32 -4.76
C ASN P 109 -64.96 5.07 -6.04
N GLN P 110 -64.38 6.26 -5.89
CA GLN P 110 -64.01 7.12 -7.00
C GLN P 110 -62.77 7.94 -6.77
N GLN P 111 -62.10 8.32 -7.86
CA GLN P 111 -60.94 9.20 -7.80
C GLN P 111 -61.16 10.65 -8.16
N LEU P 112 -60.31 11.52 -7.60
CA LEU P 112 -60.31 12.93 -7.92
C LEU P 112 -59.00 13.33 -8.58
N ASN P 113 -59.06 13.74 -9.83
CA ASN P 113 -57.90 14.38 -10.44
C ASN P 113 -57.62 15.67 -9.69
N PRO P 114 -56.34 16.05 -9.59
CA PRO P 114 -56.10 17.32 -8.88
C PRO P 114 -56.80 18.49 -9.56
N GLY P 115 -57.38 19.39 -8.77
CA GLY P 115 -58.16 20.48 -9.31
C GLY P 115 -59.55 20.05 -9.71
N ALA P 116 -60.10 19.11 -8.96
CA ALA P 116 -61.48 18.67 -9.16
C ALA P 116 -62.14 18.44 -7.81
N ARG P 117 -63.46 18.25 -7.80
CA ARG P 117 -64.22 18.09 -6.58
C ARG P 117 -65.28 17.01 -6.69
N VAL P 118 -65.86 16.66 -5.56
CA VAL P 118 -66.89 15.63 -5.48
C VAL P 118 -67.82 15.93 -4.32
N LYS P 119 -69.08 15.52 -4.41
CA LYS P 119 -69.99 15.71 -3.29
C LYS P 119 -69.92 14.49 -2.37
N VAL P 120 -69.29 14.68 -1.22
CA VAL P 120 -69.22 13.65 -0.21
C VAL P 120 -70.50 13.70 0.62
N THR P 121 -71.10 12.53 0.88
CA THR P 121 -72.28 12.45 1.72
C THR P 121 -72.06 11.53 2.91
N ILE P 122 -71.95 12.13 4.09
CA ILE P 122 -71.84 11.38 5.34
C ILE P 122 -73.15 11.11 6.03
N THR P 123 -73.39 9.84 6.38
CA THR P 123 -74.37 9.52 7.40
C THR P 123 -73.83 9.13 8.77
N ALA P 124 -74.21 9.88 9.79
CA ALA P 124 -73.66 9.65 11.12
C ALA P 124 -74.22 8.34 11.66
N PRO P 125 -73.39 7.59 12.41
CA PRO P 125 -73.81 6.29 12.94
C PRO P 125 -74.90 6.45 13.99
N THR P 126 -75.57 5.36 14.35
CA THR P 126 -76.84 5.41 15.06
C THR P 126 -76.85 6.35 16.25
N GLY P 127 -75.77 6.33 17.05
CA GLY P 127 -75.71 7.12 18.26
C GLY P 127 -75.21 8.54 18.09
N TYR P 128 -74.51 8.79 16.99
CA TYR P 128 -73.76 10.04 16.81
C TYR P 128 -74.46 11.12 16.00
N LYS P 129 -75.73 10.94 15.66
CA LYS P 129 -76.44 11.95 14.87
C LYS P 129 -76.64 13.22 15.71
N PRO P 130 -75.98 14.33 15.31
CA PRO P 130 -76.07 15.53 16.14
C PRO P 130 -77.38 16.28 15.96
N ILE P 131 -77.81 16.96 17.01
CA ILE P 131 -79.07 17.68 17.03
C ILE P 131 -78.75 19.15 17.27
N ALA P 132 -79.71 20.03 16.97
CA ALA P 132 -79.47 21.47 16.97
C ALA P 132 -78.84 21.92 18.30
N GLY P 133 -77.72 22.64 18.20
CA GLY P 133 -77.00 23.10 19.35
C GLY P 133 -75.85 22.19 19.79
N GLN P 134 -75.75 21.02 19.16
CA GLN P 134 -74.68 20.08 19.47
C GLN P 134 -73.57 20.16 18.43
N LYS P 135 -72.35 20.46 18.88
CA LYS P 135 -71.23 20.52 17.95
C LYS P 135 -70.81 19.14 17.50
N PHE P 136 -70.33 19.05 16.26
CA PHE P 136 -69.72 17.82 15.76
C PHE P 136 -68.41 18.16 15.07
N VAL P 137 -67.48 17.20 15.05
CA VAL P 137 -66.25 17.37 14.30
C VAL P 137 -66.14 16.27 13.25
N LEU P 138 -65.58 16.64 12.10
CA LEU P 138 -65.33 15.71 11.03
C LEU P 138 -63.89 15.85 10.57
N GLU P 139 -63.08 14.82 10.83
CA GLU P 139 -61.70 14.83 10.40
C GLU P 139 -61.60 14.10 9.08
N ILE P 140 -61.10 14.79 8.06
CA ILE P 140 -60.95 14.20 6.75
C ILE P 140 -59.50 13.82 6.53
N LYS P 141 -59.30 12.52 6.32
CA LYS P 141 -57.96 11.92 6.35
C LYS P 141 -57.65 11.25 5.04
N PRO P 142 -57.15 12.03 4.07
CA PRO P 142 -56.74 11.38 2.83
C PRO P 142 -55.50 10.55 3.06
N LYS P 143 -55.38 9.41 2.39
CA LYS P 143 -54.17 8.61 2.51
C LYS P 143 -53.01 9.42 1.96
N THR P 144 -51.91 9.48 2.70
CA THR P 144 -50.74 10.24 2.30
C THR P 144 -51.11 11.69 2.05
N GLY P 145 -51.38 12.43 3.12
CA GLY P 145 -51.66 13.85 3.01
C GLY P 145 -52.08 14.48 4.31
N ALA P 146 -51.99 15.79 4.38
CA ALA P 146 -52.36 16.52 5.58
C ALA P 146 -53.83 16.30 5.87
N SER P 147 -54.16 16.08 7.14
CA SER P 147 -55.51 15.72 7.52
C SER P 147 -56.22 16.94 8.06
N THR P 148 -57.40 17.21 7.52
CA THR P 148 -58.14 18.40 7.92
C THR P 148 -58.98 18.05 9.12
N ILE P 149 -59.64 19.05 9.68
CA ILE P 149 -60.75 18.83 10.58
C ILE P 149 -61.71 19.98 10.38
N VAL P 150 -63.00 19.67 10.32
CA VAL P 150 -63.99 20.72 10.27
C VAL P 150 -64.99 20.54 11.40
N THR P 151 -64.90 21.44 12.37
CA THR P 151 -65.83 21.45 13.49
C THR P 151 -66.92 22.46 13.19
N ARG P 152 -68.14 22.08 13.54
CA ARG P 152 -69.29 22.94 13.39
C ARG P 152 -70.16 22.72 14.61
N THR P 153 -71.02 23.68 14.89
CA THR P 153 -72.08 23.47 15.85
C THR P 153 -73.36 23.95 15.23
N LEU P 154 -74.35 23.06 15.17
CA LEU P 154 -75.63 23.44 14.65
C LEU P 154 -76.20 24.51 15.55
N SER P 155 -76.62 25.63 14.97
CA SER P 155 -77.27 26.68 15.73
C SER P 155 -78.49 26.04 16.33
N ASP P 156 -78.93 26.48 17.51
CA ASP P 156 -80.07 25.83 18.09
C ASP P 156 -81.25 26.55 17.47
N GLY P 157 -81.87 25.82 16.56
CA GLY P 157 -82.47 26.38 15.37
C GLY P 157 -82.26 25.26 14.38
N TYR P 158 -82.05 25.60 13.11
CA TYR P 158 -81.59 24.61 12.13
C TYR P 158 -82.57 23.46 11.93
N ASN P 159 -83.68 23.76 11.25
CA ASN P 159 -84.56 22.69 10.78
C ASN P 159 -83.80 21.87 9.71
N GLY P 160 -82.68 22.40 9.25
CA GLY P 160 -81.80 21.68 8.34
C GLY P 160 -80.94 22.59 7.49
N GLY P 161 -80.54 22.08 6.33
CA GLY P 161 -79.86 22.88 5.31
C GLY P 161 -78.43 23.26 5.61
N VAL P 162 -78.00 24.40 5.07
CA VAL P 162 -76.61 24.83 5.16
C VAL P 162 -76.17 24.94 6.60
N ILE P 163 -74.95 24.48 6.87
CA ILE P 163 -74.34 24.69 8.19
C ILE P 163 -73.41 25.87 8.05
N ILE P 164 -73.80 26.98 8.65
CA ILE P 164 -73.18 28.27 8.42
C ILE P 164 -71.70 28.26 8.78
N PHE Q 1 10.08 -8.49 -1.67
CA PHE Q 1 9.01 -7.69 -0.99
C PHE Q 1 7.87 -8.62 -0.61
N SER Q 2 7.50 -8.61 0.67
CA SER Q 2 6.50 -9.54 1.20
C SER Q 2 5.30 -8.80 1.77
N GLY Q 3 4.11 -9.35 1.56
CA GLY Q 3 2.89 -8.77 2.10
C GLY Q 3 2.78 -8.98 3.60
N LEU Q 4 3.73 -9.71 4.18
CA LEU Q 4 3.77 -9.93 5.61
C LEU Q 4 3.88 -8.59 6.33
N GLU Q 5 4.72 -7.73 5.81
CA GLU Q 5 4.91 -6.40 6.36
C GLU Q 5 3.72 -5.53 6.03
N ALA Q 6 3.11 -5.77 4.87
CA ALA Q 6 1.94 -5.03 4.46
C ALA Q 6 0.83 -5.24 5.50
N ALA Q 7 0.78 -6.44 6.06
CA ALA Q 7 -0.16 -6.75 7.11
C ALA Q 7 0.09 -5.85 8.30
N ILE Q 8 1.37 -5.73 8.68
CA ILE Q 8 1.78 -4.95 9.84
C ILE Q 8 1.22 -3.54 9.75
N VAL Q 9 1.27 -3.00 8.53
CA VAL Q 9 0.75 -1.66 8.26
C VAL Q 9 -0.76 -1.68 8.18
N LEU Q 10 -1.29 -2.72 7.57
CA LEU Q 10 -2.73 -2.81 7.35
C LEU Q 10 -3.45 -2.75 8.67
N ILE Q 11 -2.83 -3.30 9.70
CA ILE Q 11 -3.33 -3.14 11.06
C ILE Q 11 -3.42 -1.64 11.33
N ALA Q 12 -2.29 -0.95 11.16
CA ALA Q 12 -2.19 0.45 11.53
C ALA Q 12 -3.20 1.32 10.81
N PHE Q 13 -3.40 1.06 9.53
CA PHE Q 13 -4.41 1.79 8.77
C PHE Q 13 -5.79 1.54 9.36
N VAL Q 14 -6.07 0.28 9.67
CA VAL Q 14 -7.36 -0.11 10.25
C VAL Q 14 -7.52 0.47 11.65
N VAL Q 15 -6.47 0.40 12.45
CA VAL Q 15 -6.57 0.79 13.85
C VAL Q 15 -6.87 2.28 13.97
N VAL Q 16 -6.07 3.12 13.32
CA VAL Q 16 -6.27 4.56 13.35
C VAL Q 16 -7.65 4.91 12.77
N ALA Q 17 -8.09 4.09 11.82
CA ALA Q 17 -9.42 4.23 11.25
C ALA Q 17 -10.47 3.97 12.33
N ALA Q 18 -10.32 2.84 13.02
CA ALA Q 18 -11.25 2.48 14.09
C ALA Q 18 -11.23 3.50 15.22
N VAL Q 19 -10.05 4.01 15.57
CA VAL Q 19 -9.95 5.02 16.61
C VAL Q 19 -10.61 6.31 16.14
N PHE Q 20 -10.31 6.71 14.91
CA PHE Q 20 -10.94 7.92 14.38
C PHE Q 20 -12.43 7.66 14.29
N SER Q 21 -12.78 6.45 13.83
CA SER Q 21 -14.16 6.05 13.73
C SER Q 21 -14.79 6.11 15.11
N TYR Q 22 -14.06 5.57 16.07
CA TYR Q 22 -14.50 5.55 17.45
C TYR Q 22 -14.77 6.96 17.97
N VAL Q 23 -13.80 7.84 17.81
CA VAL Q 23 -13.92 9.20 18.31
C VAL Q 23 -14.92 10.00 17.52
N MET Q 24 -14.88 9.88 16.19
CA MET Q 24 -15.78 10.66 15.34
C MET Q 24 -17.22 10.37 15.70
N LEU Q 25 -17.49 9.11 16.05
CA LEU Q 25 -18.81 8.73 16.53
C LEU Q 25 -19.09 9.45 17.84
N GLY Q 26 -18.11 9.40 18.75
CA GLY Q 26 -18.25 10.09 20.02
C GLY Q 26 -18.33 11.59 19.81
N ALA Q 27 -17.52 12.09 18.89
CA ALA Q 27 -17.55 13.49 18.50
C ALA Q 27 -18.92 13.77 17.89
N GLY Q 28 -19.38 12.80 17.12
CA GLY Q 28 -20.65 12.89 16.43
C GLY Q 28 -21.88 12.83 17.31
N PHE Q 29 -21.88 11.92 18.29
CA PHE Q 29 -23.02 11.83 19.18
C PHE Q 29 -23.12 13.15 19.94
N PHE Q 30 -21.99 13.61 20.46
CA PHE Q 30 -21.97 14.87 21.19
C PHE Q 30 -22.43 16.00 20.28
N ALA Q 31 -22.02 15.94 19.01
CA ALA Q 31 -22.45 16.92 18.03
C ALA Q 31 -23.98 16.89 17.98
N THR Q 32 -24.52 15.69 17.88
CA THR Q 32 -25.95 15.50 17.81
C THR Q 32 -26.63 15.90 19.11
N GLN Q 33 -26.10 15.35 20.21
CA GLN Q 33 -26.68 15.58 21.53
C GLN Q 33 -26.61 17.06 21.90
N LYS Q 34 -25.60 17.76 21.35
CA LYS Q 34 -25.54 19.21 21.50
C LYS Q 34 -26.58 19.84 20.61
N SER Q 35 -26.67 19.34 19.37
CA SER Q 35 -27.60 19.87 18.38
C SER Q 35 -29.04 19.72 18.88
N GLN Q 36 -29.26 18.73 19.72
CA GLN Q 36 -30.57 18.51 20.34
C GLN Q 36 -30.84 19.51 21.45
N GLU Q 37 -29.82 19.79 22.26
CA GLU Q 37 -29.98 20.64 23.43
C GLU Q 37 -30.35 22.05 23.01
N VAL Q 38 -29.65 22.59 22.01
CA VAL Q 38 -29.93 23.93 21.53
C VAL Q 38 -31.35 24.03 20.96
N THR Q 39 -31.83 22.92 20.41
CA THR Q 39 -33.17 22.86 19.85
C THR Q 39 -34.22 22.87 20.95
N TYR Q 40 -33.98 22.06 21.97
CA TYR Q 40 -34.90 21.99 23.11
C TYR Q 40 -34.93 23.32 23.83
N SER Q 41 -33.76 23.88 24.06
CA SER Q 41 -33.64 25.22 24.63
C SER Q 41 -34.21 26.25 23.66
N GLY Q 42 -34.07 26.00 22.36
CA GLY Q 42 -34.52 26.92 21.34
C GLY Q 42 -36.02 27.11 21.38
N MET Q 43 -36.75 26.00 21.47
CA MET Q 43 -38.20 26.05 21.59
C MET Q 43 -38.58 26.56 22.97
N LYS Q 44 -37.77 26.21 23.96
CA LYS Q 44 -38.05 26.58 25.33
C LYS Q 44 -37.81 28.06 25.47
N GLN Q 45 -36.92 28.61 24.65
CA GLN Q 45 -36.64 30.03 24.65
C GLN Q 45 -37.87 30.83 24.25
N ALA Q 46 -38.58 30.36 23.22
CA ALA Q 46 -39.71 31.06 22.67
C ALA Q 46 -40.97 30.81 23.50
N THR Q 47 -41.19 29.56 23.89
CA THR Q 47 -42.44 29.14 24.50
C THR Q 47 -42.49 29.41 26.01
N SER Q 48 -41.34 29.75 26.58
CA SER Q 48 -41.28 30.00 28.03
C SER Q 48 -41.71 31.44 28.34
N ASN Q 49 -42.13 32.15 27.31
CA ASN Q 49 -42.58 33.53 27.44
C ASN Q 49 -43.66 33.70 28.49
N LEU Q 50 -43.58 34.79 29.24
CA LEU Q 50 -44.52 35.13 30.29
C LEU Q 50 -45.20 36.46 29.98
N ILE Q 51 -46.42 36.62 30.48
CA ILE Q 51 -47.31 37.68 30.02
C ILE Q 51 -48.00 38.39 31.17
N LEU Q 52 -48.14 39.71 31.02
CA LEU Q 52 -49.01 40.49 31.88
C LEU Q 52 -50.46 40.26 31.46
N ASP Q 53 -51.31 39.90 32.42
CA ASP Q 53 -52.70 39.55 32.15
C ASP Q 53 -53.65 40.62 32.68
N GLY Q 54 -54.29 41.35 31.77
CA GLY Q 54 -55.30 42.32 32.15
C GLY Q 54 -54.75 43.55 32.82
N MET Q 55 -55.63 44.36 33.41
CA MET Q 55 -55.30 45.72 33.84
C MET Q 55 -54.24 45.75 34.95
N ILE Q 56 -53.56 46.88 35.02
CA ILE Q 56 -52.62 47.13 36.10
C ILE Q 56 -53.25 48.08 37.14
N TYR Q 57 -53.63 47.52 38.26
CA TYR Q 57 -54.18 48.30 39.37
C TYR Q 57 -53.07 48.86 40.23
N GLY Q 58 -53.36 49.91 41.01
CA GLY Q 58 -52.42 50.33 42.04
C GLY Q 58 -53.06 51.03 43.23
N SER Q 59 -52.38 50.90 44.37
CA SER Q 59 -52.69 51.70 45.55
C SER Q 59 -51.99 53.04 45.42
N TYR Q 60 -52.65 54.10 45.88
CA TYR Q 60 -52.15 55.45 45.69
C TYR Q 60 -52.49 56.31 46.89
N SER Q 61 -51.65 57.30 47.18
CA SER Q 61 -51.85 58.15 48.33
C SER Q 61 -51.59 59.62 48.00
N LYS Q 62 -52.58 60.47 48.27
CA LYS Q 62 -52.42 61.90 48.03
C LYS Q 62 -51.43 62.47 49.05
N GLY Q 63 -51.68 62.20 50.32
CA GLY Q 63 -50.82 62.69 51.38
C GLY Q 63 -49.52 61.90 51.41
N GLY Q 64 -49.54 60.73 50.81
CA GLY Q 64 -48.34 59.93 50.62
C GLY Q 64 -47.54 60.47 49.45
N SER Q 65 -46.46 59.78 49.11
CA SER Q 65 -45.60 60.21 48.01
C SER Q 65 -46.25 60.02 46.64
N GLY Q 66 -47.13 59.03 46.50
CA GLY Q 66 -47.76 58.74 45.23
C GLY Q 66 -48.18 57.28 45.12
N LEU Q 67 -48.22 56.79 43.88
CA LEU Q 67 -48.44 55.37 43.64
C LEU Q 67 -47.45 54.58 44.47
N ALA Q 68 -47.97 53.65 45.27
CA ALA Q 68 -47.14 52.93 46.23
C ALA Q 68 -47.09 51.48 45.83
N GLN Q 69 -48.16 50.74 46.13
CA GLN Q 69 -48.29 49.41 45.62
C GLN Q 69 -48.72 49.50 44.15
N LEU Q 70 -48.39 48.47 43.38
CA LEU Q 70 -48.95 48.33 42.04
C LEU Q 70 -49.35 46.89 41.85
N TYR Q 71 -50.51 46.66 41.27
CA TYR Q 71 -51.05 45.31 41.16
C TYR Q 71 -51.30 45.02 39.70
N PHE Q 72 -50.68 43.95 39.22
CA PHE Q 72 -50.95 43.48 37.88
C PHE Q 72 -50.82 41.98 37.92
N TYR Q 73 -51.74 41.30 37.26
CA TYR Q 73 -51.65 39.86 37.17
C TYR Q 73 -50.68 39.49 36.08
N VAL Q 74 -50.02 38.37 36.29
CA VAL Q 74 -49.02 37.86 35.37
C VAL Q 74 -49.39 36.42 35.16
N LYS Q 75 -49.27 35.95 33.92
CA LYS Q 75 -49.71 34.62 33.58
C LYS Q 75 -48.69 33.95 32.69
N VAL Q 76 -49.00 32.72 32.30
CA VAL Q 76 -48.21 31.99 31.34
C VAL Q 76 -49.21 31.49 30.30
N PRO Q 77 -48.83 31.55 29.00
CA PRO Q 77 -49.73 30.97 28.00
C PRO Q 77 -50.01 29.48 28.24
N GLU Q 78 -51.21 29.05 27.85
CA GLU Q 78 -51.65 27.68 28.10
C GLU Q 78 -50.64 26.67 27.54
N GLY Q 79 -49.99 27.04 26.45
CA GLY Q 79 -49.00 26.19 25.82
C GLY Q 79 -47.59 26.47 26.31
N GLY Q 80 -47.47 27.35 27.28
CA GLY Q 80 -46.17 27.79 27.75
C GLY Q 80 -45.48 26.80 28.65
N GLU Q 81 -44.29 27.19 29.12
CA GLU Q 81 -43.52 26.37 30.05
C GLU Q 81 -43.65 26.97 31.44
N THR Q 82 -43.60 26.12 32.47
CA THR Q 82 -43.81 26.58 33.83
C THR Q 82 -42.72 27.58 34.22
N GLN Q 83 -43.00 28.39 35.23
CA GLN Q 83 -42.15 29.53 35.54
C GLN Q 83 -41.84 29.61 37.03
N ASP Q 84 -40.81 30.41 37.35
CA ASP Q 84 -40.46 30.68 38.74
C ASP Q 84 -40.31 32.19 38.92
N LEU Q 85 -41.20 32.76 39.73
CA LEU Q 85 -41.25 34.20 39.89
C LEU Q 85 -40.06 34.70 40.69
N LYS Q 86 -39.41 33.78 41.39
CA LYS Q 86 -38.24 34.08 42.19
C LYS Q 86 -37.18 34.68 41.27
N TYR Q 87 -37.14 34.18 40.03
CA TYR Q 87 -36.14 34.60 39.05
C TYR Q 87 -36.63 35.66 38.06
N VAL Q 88 -37.90 36.03 38.15
CA VAL Q 88 -38.41 37.13 37.35
C VAL Q 88 -37.99 38.44 38.03
N THR Q 89 -37.53 39.39 37.22
CA THR Q 89 -37.08 40.68 37.73
C THR Q 89 -37.89 41.80 37.13
N TYR Q 90 -38.31 42.73 37.99
CA TYR Q 90 -39.18 43.82 37.59
C TYR Q 90 -38.49 45.18 37.58
N LEU Q 91 -38.11 45.62 36.38
CA LEU Q 91 -37.44 46.89 36.22
C LEU Q 91 -38.43 48.04 36.17
N TRP Q 92 -38.05 49.17 36.78
CA TRP Q 92 -39.01 50.24 37.05
C TRP Q 92 -38.45 51.62 36.72
N THR Q 93 -39.34 52.51 36.30
CA THR Q 93 -38.96 53.88 35.96
C THR Q 93 -40.06 54.85 36.32
N LYS Q 94 -39.70 56.00 36.87
CA LYS Q 94 -40.64 57.09 37.05
C LYS Q 94 -40.24 58.29 36.21
N GLU Q 95 -41.00 58.57 35.15
CA GLU Q 95 -40.82 59.76 34.33
C GLU Q 95 -39.36 59.95 33.94
N ASN Q 96 -38.89 59.08 33.04
CA ASN Q 96 -37.56 59.18 32.41
C ASN Q 96 -36.59 59.48 33.57
N LYS Q 97 -36.56 58.60 34.56
CA LYS Q 97 -35.50 58.63 35.57
C LYS Q 97 -34.58 57.53 35.03
N ALA Q 98 -33.57 57.17 35.82
CA ALA Q 98 -32.64 56.12 35.41
C ALA Q 98 -33.53 54.90 35.69
N VAL Q 99 -32.93 53.71 35.81
CA VAL Q 99 -33.72 52.49 36.02
C VAL Q 99 -33.29 52.26 37.45
N THR Q 100 -34.05 51.43 38.14
CA THR Q 100 -33.60 50.76 39.35
C THR Q 100 -34.39 49.46 39.17
N THR Q 101 -33.81 48.34 39.57
CA THR Q 101 -34.53 47.07 39.48
C THR Q 101 -35.35 47.11 40.76
N LEU Q 102 -36.46 46.39 40.77
CA LEU Q 102 -37.37 46.46 41.91
C LEU Q 102 -37.49 45.38 42.97
N THR Q 103 -36.99 45.70 44.16
CA THR Q 103 -37.00 44.79 45.30
C THR Q 103 -38.18 44.10 45.99
N SER Q 104 -39.23 44.87 46.25
CA SER Q 104 -40.33 44.37 47.08
C SER Q 104 -41.58 43.90 46.34
N ILE Q 105 -41.59 42.60 46.04
CA ILE Q 105 -42.72 41.94 45.41
C ILE Q 105 -43.43 40.78 46.10
N THR Q 106 -44.73 40.90 46.32
CA THR Q 106 -45.46 39.93 47.14
C THR Q 106 -45.23 38.45 46.86
N PRO Q 107 -45.32 38.04 45.59
CA PRO Q 107 -45.03 36.63 45.31
C PRO Q 107 -43.57 36.24 45.21
N THR Q 108 -42.74 36.82 46.09
CA THR Q 108 -41.30 36.63 46.01
C THR Q 108 -40.86 35.22 45.64
N ASN Q 109 -41.50 34.24 46.24
CA ASN Q 109 -41.21 32.83 45.99
C ASN Q 109 -42.21 31.74 45.66
N GLN Q 110 -42.75 31.81 44.44
CA GLN Q 110 -43.75 30.85 43.96
C GLN Q 110 -43.66 30.56 42.46
N GLN Q 111 -44.13 29.38 42.07
CA GLN Q 111 -44.20 29.01 40.67
C GLN Q 111 -45.56 29.10 39.99
N LEU Q 112 -45.53 29.31 38.68
CA LEU Q 112 -46.75 29.31 37.87
C LEU Q 112 -46.72 28.17 36.87
N ASN Q 113 -47.64 27.23 37.00
CA ASN Q 113 -47.85 26.24 35.97
C ASN Q 113 -48.31 26.98 34.72
N PRO Q 114 -47.95 26.49 33.52
CA PRO Q 114 -48.45 27.20 32.34
C PRO Q 114 -49.97 27.21 32.28
N GLY Q 115 -50.55 28.36 31.90
CA GLY Q 115 -51.97 28.51 31.91
C GLY Q 115 -52.51 28.82 33.30
N ALA Q 116 -51.71 29.55 34.08
CA ALA Q 116 -52.14 30.00 35.40
C ALA Q 116 -51.66 31.43 35.61
N ARG Q 117 -52.14 32.07 36.68
CA ARG Q 117 -51.81 33.46 36.97
C ARG Q 117 -51.58 33.68 38.45
N VAL Q 118 -51.04 34.87 38.75
CA VAL Q 118 -50.73 35.26 40.13
C VAL Q 118 -50.86 36.78 40.25
N LYS Q 119 -51.19 37.26 41.45
CA LYS Q 119 -51.25 38.70 41.65
C LYS Q 119 -49.88 39.19 42.10
N VAL Q 120 -49.19 39.87 41.20
CA VAL Q 120 -47.91 40.48 41.52
C VAL Q 120 -48.16 41.85 42.16
N THR Q 121 -47.46 42.13 43.24
CA THR Q 121 -47.57 43.43 43.91
C THR Q 121 -46.22 44.14 43.98
N ILE Q 122 -46.07 45.18 43.19
CA ILE Q 122 -44.87 46.02 43.22
C ILE Q 122 -44.98 47.21 44.14
N THR Q 123 -43.98 47.38 45.01
CA THR Q 123 -43.72 48.67 45.62
C THR Q 123 -42.55 49.46 45.08
N ALA Q 124 -42.80 50.66 44.58
CA ALA Q 124 -41.74 51.44 43.95
C ALA Q 124 -40.78 51.92 45.02
N PRO Q 125 -39.49 51.99 44.70
CA PRO Q 125 -38.47 52.39 45.68
C PRO Q 125 -38.61 53.86 46.04
N THR Q 126 -37.96 54.28 47.11
CA THR Q 126 -38.26 55.54 47.77
C THR Q 126 -38.40 56.72 46.83
N GLY Q 127 -37.51 56.83 45.85
CA GLY Q 127 -37.49 57.97 44.95
C GLY Q 127 -38.40 57.84 43.75
N TYR Q 128 -38.76 56.61 43.39
CA TYR Q 128 -39.43 56.32 42.12
C TYR Q 128 -40.95 56.22 42.15
N LYS Q 129 -41.57 56.56 43.28
CA LYS Q 129 -43.03 56.46 43.37
C LYS Q 129 -43.68 57.50 42.45
N PRO Q 130 -44.37 57.04 41.39
CA PRO Q 130 -44.93 58.03 40.45
C PRO Q 130 -46.20 58.68 40.97
N ILE Q 131 -46.41 59.93 40.52
CA ILE Q 131 -47.55 60.73 40.96
C ILE Q 131 -48.38 61.05 39.72
N ALA Q 132 -49.63 61.46 39.93
CA ALA Q 132 -50.57 61.62 38.83
C ALA Q 132 -50.00 62.49 37.72
N GLY Q 133 -50.05 61.98 36.50
CA GLY Q 133 -49.51 62.66 35.33
C GLY Q 133 -48.08 62.26 34.98
N GLN Q 134 -47.45 61.46 35.84
CA GLN Q 134 -46.10 60.96 35.59
C GLN Q 134 -46.12 59.55 35.05
N LYS Q 135 -45.55 59.34 33.86
CA LYS Q 135 -45.50 58.02 33.28
C LYS Q 135 -44.47 57.14 34.01
N PHE Q 136 -44.75 55.85 34.08
CA PHE Q 136 -43.79 54.88 34.57
C PHE Q 136 -43.73 53.70 33.61
N VAL Q 137 -42.59 53.02 33.59
CA VAL Q 137 -42.48 51.78 32.81
C VAL Q 137 -42.11 50.64 33.74
N LEU Q 138 -42.65 49.47 33.44
CA LEU Q 138 -42.34 48.26 34.17
C LEU Q 138 -41.98 47.16 33.17
N GLU Q 139 -40.70 46.77 33.19
CA GLU Q 139 -40.25 45.69 32.33
C GLU Q 139 -40.28 44.39 33.11
N ILE Q 140 -41.03 43.43 32.60
CA ILE Q 140 -41.13 42.13 33.25
C ILE Q 140 -40.26 41.13 32.52
N LYS Q 141 -39.28 40.60 33.26
CA LYS Q 141 -38.20 39.83 32.69
C LYS Q 141 -38.16 38.44 33.27
N PRO Q 142 -38.95 37.52 32.71
CA PRO Q 142 -38.86 36.15 33.18
C PRO Q 142 -37.54 35.55 32.76
N LYS Q 143 -36.95 34.70 33.60
CA LYS Q 143 -35.73 34.01 33.20
C LYS Q 143 -36.04 33.12 32.03
N THR Q 144 -35.20 33.19 31.00
CA THR Q 144 -35.39 32.40 29.79
C THR Q 144 -36.78 32.66 29.20
N GLY Q 145 -36.96 33.84 28.62
CA GLY Q 145 -38.20 34.16 27.94
C GLY Q 145 -38.25 35.59 27.47
N ALA Q 146 -39.16 35.87 26.54
CA ALA Q 146 -39.30 37.19 25.99
C ALA Q 146 -39.72 38.15 27.09
N SER Q 147 -39.12 39.33 27.10
CA SER Q 147 -39.32 40.27 28.18
C SER Q 147 -40.31 41.33 27.74
N THR Q 148 -41.32 41.55 28.57
CA THR Q 148 -42.38 42.49 28.23
C THR Q 148 -41.96 43.86 28.69
N ILE Q 149 -42.75 44.86 28.36
CA ILE Q 149 -42.69 46.14 29.05
C ILE Q 149 -44.10 46.69 29.05
N VAL Q 150 -44.51 47.24 30.18
CA VAL Q 150 -45.79 47.92 30.23
C VAL Q 150 -45.60 49.33 30.74
N THR Q 151 -45.77 50.28 29.82
CA THR Q 151 -45.71 51.68 30.14
C THR Q 151 -47.11 52.21 30.37
N ARG Q 152 -47.25 53.05 31.38
CA ARG Q 152 -48.51 53.68 31.69
C ARG Q 152 -48.18 55.10 32.09
N THR Q 153 -49.17 55.97 32.01
CA THR Q 153 -49.07 57.28 32.63
C THR Q 153 -50.34 57.52 33.41
N LEU Q 154 -50.17 57.79 34.69
CA LEU Q 154 -51.31 58.10 35.53
C LEU Q 154 -51.96 59.35 34.98
N SER Q 155 -53.26 59.29 34.73
CA SER Q 155 -53.99 60.47 34.31
C SER Q 155 -53.82 61.47 35.41
N ASP Q 156 -53.81 62.76 35.10
CA ASP Q 156 -53.59 63.72 36.16
C ASP Q 156 -54.99 63.94 36.72
N GLY Q 157 -55.15 63.36 37.89
CA GLY Q 157 -56.42 62.79 38.30
C GLY Q 157 -55.95 61.63 39.17
N TYR Q 158 -56.69 60.53 39.17
CA TYR Q 158 -56.19 59.30 39.76
C TYR Q 158 -55.90 59.40 41.24
N ASN Q 159 -56.96 59.47 42.05
CA ASN Q 159 -56.81 59.31 43.48
C ASN Q 159 -56.34 57.87 43.78
N GLY Q 160 -56.41 57.01 42.76
CA GLY Q 160 -55.88 55.66 42.87
C GLY Q 160 -56.56 54.68 41.93
N GLY Q 161 -56.51 53.41 42.30
CA GLY Q 161 -57.27 52.37 41.61
C GLY Q 161 -56.73 51.95 40.26
N VAL Q 162 -57.63 51.51 39.38
CA VAL Q 162 -57.23 50.94 38.08
C VAL Q 162 -56.43 51.94 37.28
N ILE Q 163 -55.40 51.46 36.62
CA ILE Q 163 -54.65 52.27 35.69
C ILE Q 163 -55.15 51.90 34.31
N ILE Q 164 -55.87 52.84 33.70
CA ILE Q 164 -56.66 52.57 32.50
C ILE Q 164 -55.77 52.10 31.37
N PHE R 1 5.66 -5.89 -0.45
CA PHE R 1 4.87 -4.62 -0.40
C PHE R 1 5.21 -3.89 0.90
N SER R 2 5.61 -2.62 0.77
CA SER R 2 6.07 -1.85 1.92
C SER R 2 5.22 -0.60 2.15
N GLY R 3 4.97 -0.28 3.42
CA GLY R 3 4.22 0.91 3.76
C GLY R 3 5.01 2.18 3.53
N LEU R 4 6.27 2.02 3.16
CA LEU R 4 7.13 3.16 2.86
C LEU R 4 6.52 3.97 1.71
N GLU R 5 6.03 3.26 0.71
CA GLU R 5 5.40 3.88 -0.43
C GLU R 5 4.02 4.39 -0.06
N ALA R 6 3.37 3.69 0.88
CA ALA R 6 2.07 4.10 1.37
C ALA R 6 2.18 5.49 1.98
N ALA R 7 3.32 5.74 2.61
CA ALA R 7 3.59 7.05 3.18
C ALA R 7 3.62 8.10 2.09
N ILE R 8 4.30 7.78 1.00
CA ILE R 8 4.46 8.69 -0.13
C ILE R 8 3.08 9.17 -0.59
N VAL R 9 2.14 8.24 -0.64
CA VAL R 9 0.77 8.53 -1.05
C VAL R 9 0.03 9.26 0.07
N LEU R 10 0.26 8.81 1.29
CA LEU R 10 -0.45 9.35 2.45
C LEU R 10 -0.23 10.84 2.52
N ILE R 11 0.96 11.27 2.13
CA ILE R 11 1.23 12.68 1.99
C ILE R 11 0.21 13.25 1.02
N ALA R 12 0.15 12.67 -0.17
CA ALA R 12 -0.67 13.20 -1.25
C ALA R 12 -2.14 13.28 -0.88
N PHE R 13 -2.64 12.27 -0.18
CA PHE R 13 -4.01 12.28 0.28
C PHE R 13 -4.22 13.45 1.25
N VAL R 14 -3.26 13.61 2.17
CA VAL R 14 -3.31 14.69 3.16
C VAL R 14 -3.16 16.05 2.51
N VAL R 15 -2.24 16.17 1.55
CA VAL R 15 -1.93 17.46 0.99
C VAL R 15 -3.13 18.00 0.21
N VAL R 16 -3.66 17.20 -0.70
CA VAL R 16 -4.83 17.62 -1.48
C VAL R 16 -6.00 17.91 -0.57
N ALA R 17 -6.06 17.19 0.55
CA ALA R 17 -7.06 17.42 1.58
C ALA R 17 -6.86 18.81 2.18
N ALA R 18 -5.62 19.10 2.59
CA ALA R 18 -5.30 20.39 3.18
C ALA R 18 -5.53 21.53 2.19
N VAL R 19 -5.18 21.31 0.91
CA VAL R 19 -5.39 22.33 -0.10
C VAL R 19 -6.88 22.52 -0.33
N PHE R 20 -7.62 21.42 -0.44
CA PHE R 20 -9.06 21.54 -0.59
C PHE R 20 -9.62 22.18 0.65
N SER R 21 -9.10 21.75 1.80
CA SER R 21 -9.52 22.29 3.08
C SER R 21 -9.21 23.78 3.08
N TYR R 22 -8.00 24.10 2.63
CA TYR R 22 -7.56 25.48 2.55
C TYR R 22 -8.50 26.32 1.72
N VAL R 23 -8.77 25.85 0.49
CA VAL R 23 -9.60 26.61 -0.44
C VAL R 23 -11.05 26.61 -0.01
N MET R 24 -11.56 25.45 0.42
CA MET R 24 -12.96 25.36 0.82
C MET R 24 -13.25 26.36 1.93
N LEU R 25 -12.29 26.54 2.83
CA LEU R 25 -12.42 27.53 3.87
C LEU R 25 -12.47 28.92 3.23
N GLY R 26 -11.54 29.17 2.29
CA GLY R 26 -11.52 30.42 1.58
C GLY R 26 -12.78 30.59 0.75
N ALA R 27 -13.19 29.50 0.10
CA ALA R 27 -14.44 29.47 -0.65
C ALA R 27 -15.58 29.72 0.33
N GLY R 28 -15.45 29.11 1.50
CA GLY R 28 -16.44 29.22 2.55
C GLY R 28 -16.57 30.57 3.21
N PHE R 29 -15.44 31.21 3.50
CA PHE R 29 -15.49 32.53 4.12
C PHE R 29 -16.15 33.47 3.13
N PHE R 30 -15.73 33.40 1.87
CA PHE R 30 -16.31 34.24 0.85
C PHE R 30 -17.79 33.94 0.72
N ALA R 31 -18.15 32.67 0.83
CA ALA R 31 -19.55 32.27 0.80
C ALA R 31 -20.27 33.00 1.91
N THR R 32 -19.69 32.96 3.11
CA THR R 32 -20.26 33.60 4.27
C THR R 32 -20.26 35.12 4.12
N GLN R 33 -19.10 35.66 3.77
CA GLN R 33 -18.93 37.11 3.65
C GLN R 33 -19.81 37.66 2.55
N LYS R 34 -20.11 36.83 1.55
CA LYS R 34 -21.09 37.19 0.54
C LYS R 34 -22.48 37.11 1.13
N SER R 35 -22.73 36.03 1.87
CA SER R 35 -24.03 35.79 2.48
C SER R 35 -24.37 36.91 3.46
N GLN R 36 -23.34 37.54 4.01
CA GLN R 36 -23.51 38.68 4.90
C GLN R 36 -23.87 39.94 4.14
N GLU R 37 -23.21 40.15 2.99
CA GLU R 37 -23.38 41.37 2.22
C GLU R 37 -24.81 41.49 1.70
N VAL R 38 -25.33 40.40 1.15
CA VAL R 38 -26.69 40.39 0.63
C VAL R 38 -27.70 40.68 1.74
N THR R 39 -27.37 40.25 2.97
CA THR R 39 -28.22 40.46 4.13
C THR R 39 -28.22 41.91 4.54
N TYR R 40 -27.03 42.49 4.59
CA TYR R 40 -26.87 43.89 4.96
C TYR R 40 -27.55 44.77 3.93
N SER R 41 -27.29 44.47 2.66
CA SER R 41 -27.97 45.14 1.57
C SER R 41 -29.46 44.84 1.59
N GLY R 42 -29.81 43.63 2.02
CA GLY R 42 -31.20 43.20 2.05
C GLY R 42 -32.03 44.04 3.00
N MET R 43 -31.50 44.27 4.19
CA MET R 43 -32.18 45.12 5.16
C MET R 43 -32.11 46.57 4.71
N LYS R 44 -30.99 46.91 4.06
CA LYS R 44 -30.74 48.27 3.63
C LYS R 44 -31.67 48.56 2.47
N GLN R 45 -32.03 47.52 1.72
CA GLN R 45 -32.96 47.66 0.62
C GLN R 45 -34.33 48.12 1.10
N ALA R 46 -34.79 47.51 2.20
CA ALA R 46 -36.12 47.79 2.73
C ALA R 46 -36.16 49.07 3.54
N THR R 47 -35.13 49.26 4.38
CA THR R 47 -35.14 50.33 5.37
C THR R 47 -34.66 51.67 4.79
N SER R 48 -34.10 51.63 3.58
CA SER R 48 -33.57 52.85 2.97
C SER R 48 -34.69 53.61 2.27
N ASN R 49 -35.91 53.11 2.40
CA ASN R 49 -37.09 53.72 1.80
C ASN R 49 -37.24 55.19 2.16
N LEU R 50 -37.67 55.98 1.18
CA LEU R 50 -37.88 57.41 1.34
C LEU R 50 -39.34 57.76 1.07
N ILE R 51 -39.80 58.84 1.69
CA ILE R 51 -41.23 59.12 1.78
C ILE R 51 -41.56 60.56 1.48
N LEU R 52 -42.67 60.77 0.79
CA LEU R 52 -43.26 62.09 0.67
C LEU R 52 -43.98 62.45 1.97
N ASP R 53 -43.67 63.62 2.52
CA ASP R 53 -44.21 64.02 3.80
C ASP R 53 -45.20 65.17 3.65
N GLY R 54 -46.47 64.88 3.92
CA GLY R 54 -47.49 65.92 3.90
C GLY R 54 -47.83 66.43 2.52
N MET R 55 -48.58 67.52 2.47
CA MET R 55 -49.23 67.99 1.24
C MET R 55 -48.24 68.38 0.15
N ILE R 56 -48.72 68.30 -1.10
CA ILE R 56 -47.96 68.77 -2.24
C ILE R 56 -48.47 70.14 -2.69
N TYR R 57 -47.72 71.18 -2.38
CA TYR R 57 -48.04 72.53 -2.82
C TYR R 57 -47.52 72.80 -4.22
N GLY R 58 -48.08 73.79 -4.89
CA GLY R 58 -47.47 74.25 -6.14
C GLY R 58 -47.72 75.71 -6.47
N SER R 59 -46.78 76.28 -7.21
CA SER R 59 -46.97 77.59 -7.84
C SER R 59 -47.70 77.38 -9.16
N TYR R 60 -48.58 78.30 -9.50
CA TYR R 60 -49.45 78.14 -10.67
C TYR R 60 -49.68 79.51 -11.31
N SER R 61 -49.89 79.50 -12.63
CA SER R 61 -50.07 80.75 -13.38
C SER R 61 -51.20 80.62 -14.40
N LYS R 62 -52.19 81.51 -14.31
CA LYS R 62 -53.28 81.52 -15.28
C LYS R 62 -52.77 81.96 -16.62
N GLY R 63 -52.08 83.11 -16.66
CA GLY R 63 -51.53 83.63 -17.89
C GLY R 63 -50.32 82.84 -18.32
N GLY R 64 -49.74 82.11 -17.38
CA GLY R 64 -48.66 81.20 -17.67
C GLY R 64 -49.22 79.90 -18.23
N SER R 65 -48.35 78.93 -18.49
CA SER R 65 -48.78 77.66 -19.04
C SER R 65 -49.59 76.80 -18.06
N GLY R 66 -49.33 76.96 -16.77
CA GLY R 66 -50.02 76.16 -15.76
C GLY R 66 -49.19 75.99 -14.50
N LEU R 67 -49.42 74.89 -13.78
CA LEU R 67 -48.58 74.52 -12.65
C LEU R 67 -47.13 74.55 -13.10
N ALA R 68 -46.30 75.31 -12.38
CA ALA R 68 -44.93 75.54 -12.78
C ALA R 68 -44.00 74.91 -11.77
N GLN R 69 -43.83 75.56 -10.62
CA GLN R 69 -43.13 74.93 -9.53
C GLN R 69 -44.09 73.94 -8.87
N LEU R 70 -43.54 72.94 -8.20
CA LEU R 70 -44.32 72.08 -7.34
C LEU R 70 -43.52 71.83 -6.08
N TYR R 71 -44.18 71.92 -4.93
CA TYR R 71 -43.48 71.83 -3.67
C TYR R 71 -44.06 70.69 -2.87
N PHE R 72 -43.20 69.76 -2.49
CA PHE R 72 -43.60 68.69 -1.60
C PHE R 72 -42.41 68.37 -0.75
N TYR R 73 -42.65 68.15 0.52
CA TYR R 73 -41.58 67.75 1.40
C TYR R 73 -41.35 66.26 1.26
N VAL R 74 -40.10 65.87 1.45
CA VAL R 74 -39.68 64.51 1.33
C VAL R 74 -38.88 64.22 2.57
N LYS R 75 -39.05 63.05 3.14
CA LYS R 75 -38.42 62.74 4.40
C LYS R 75 -37.86 61.33 4.37
N VAL R 76 -37.27 60.93 5.49
CA VAL R 76 -36.80 59.58 5.69
C VAL R 76 -37.40 59.11 7.00
N PRO R 77 -37.86 57.85 7.07
CA PRO R 77 -38.32 57.37 8.38
C PRO R 77 -37.25 57.43 9.46
N GLU R 78 -37.67 57.63 10.70
CA GLU R 78 -36.74 57.79 11.82
C GLU R 78 -35.78 56.61 11.91
N GLY R 79 -36.25 55.44 11.52
CA GLY R 79 -35.45 54.23 11.54
C GLY R 79 -34.75 53.97 10.21
N GLY R 80 -34.90 54.90 9.28
CA GLY R 80 -34.40 54.71 7.93
C GLY R 80 -32.89 54.91 7.81
N GLU R 81 -32.39 54.76 6.59
CA GLU R 81 -30.99 54.99 6.30
C GLU R 81 -30.85 56.33 5.59
N THR R 82 -29.72 56.99 5.80
CA THR R 82 -29.52 58.33 5.26
C THR R 82 -29.56 58.28 3.74
N GLN R 83 -29.83 59.43 3.12
CA GLN R 83 -30.13 59.47 1.70
C GLN R 83 -29.35 60.57 1.00
N ASP R 84 -29.29 60.47 -0.33
CA ASP R 84 -28.69 61.50 -1.17
C ASP R 84 -29.65 61.88 -2.29
N LEU R 85 -30.13 63.11 -2.26
CA LEU R 85 -31.14 63.55 -3.18
C LEU R 85 -30.56 63.72 -4.58
N LYS R 86 -29.23 63.79 -4.66
CA LYS R 86 -28.54 63.91 -5.93
C LYS R 86 -28.90 62.70 -6.80
N TYR R 87 -29.10 61.55 -6.14
CA TYR R 87 -29.39 60.29 -6.84
C TYR R 87 -30.88 59.94 -6.88
N VAL R 88 -31.72 60.74 -6.23
CA VAL R 88 -33.16 60.56 -6.34
C VAL R 88 -33.62 61.15 -7.67
N THR R 89 -34.49 60.43 -8.38
CA THR R 89 -34.98 60.86 -9.67
C THR R 89 -36.49 61.01 -9.62
N TYR R 90 -36.98 62.13 -10.16
CA TYR R 90 -38.38 62.45 -10.14
C TYR R 90 -39.08 62.35 -11.48
N LEU R 91 -39.78 61.24 -11.70
CA LEU R 91 -40.49 61.01 -12.94
C LEU R 91 -41.84 61.70 -12.96
N TRP R 92 -42.22 62.23 -14.11
CA TRP R 92 -43.35 63.16 -14.19
C TRP R 92 -44.26 62.87 -15.38
N THR R 93 -45.54 63.15 -15.19
CA THR R 93 -46.55 62.93 -16.24
C THR R 93 -47.62 64.00 -16.17
N LYS R 94 -48.04 64.49 -17.34
CA LYS R 94 -49.23 65.34 -17.41
C LYS R 94 -50.32 64.67 -18.21
N GLU R 95 -51.37 64.23 -17.54
CA GLU R 95 -52.57 63.69 -18.19
C GLU R 95 -52.20 62.64 -19.24
N ASN R 96 -51.75 61.48 -18.76
CA ASN R 96 -51.47 60.30 -19.59
C ASN R 96 -50.71 60.81 -20.81
N LYS R 97 -49.57 61.46 -20.55
CA LYS R 97 -48.61 61.76 -21.60
C LYS R 97 -47.61 60.61 -21.42
N ALA R 98 -46.49 60.69 -22.13
CA ALA R 98 -45.45 59.68 -22.01
C ALA R 98 -44.84 60.12 -20.68
N VAL R 99 -43.62 59.68 -20.39
CA VAL R 99 -42.97 60.01 -19.11
C VAL R 99 -41.92 60.94 -19.69
N THR R 100 -41.35 61.76 -18.81
CA THR R 100 -40.09 62.40 -19.05
C THR R 100 -39.58 62.41 -17.61
N THR R 101 -38.28 62.22 -17.41
CA THR R 101 -37.72 62.27 -16.08
C THR R 101 -37.54 63.77 -15.88
N LEU R 102 -37.52 64.22 -14.63
CA LEU R 102 -37.47 65.64 -14.36
C LEU R 102 -36.23 66.38 -13.90
N THR R 103 -35.68 67.18 -14.81
CA THR R 103 -34.47 67.95 -14.54
C THR R 103 -34.21 69.00 -13.47
N SER R 104 -35.15 69.92 -13.28
CA SER R 104 -34.92 71.06 -12.42
C SER R 104 -35.51 70.99 -11.01
N ILE R 105 -34.69 70.51 -10.09
CA ILE R 105 -35.03 70.44 -8.67
C ILE R 105 -34.17 71.16 -7.64
N THR R 106 -34.78 72.03 -6.84
CA THR R 106 -34.02 72.90 -5.95
C THR R 106 -32.95 72.26 -5.08
N PRO R 107 -33.27 71.16 -4.38
CA PRO R 107 -32.22 70.50 -3.61
C PRO R 107 -31.27 69.60 -4.38
N THR R 108 -30.89 70.02 -5.59
CA THR R 108 -30.11 69.17 -6.47
C THR R 108 -29.03 68.36 -5.78
N ASN R 109 -28.32 69.00 -4.86
CA ASN R 109 -27.24 68.36 -4.11
C ASN R 109 -27.07 68.40 -2.60
N GLN R 110 -27.94 67.65 -1.90
CA GLN R 110 -27.94 67.58 -0.45
C GLN R 110 -28.37 66.25 0.11
N GLN R 111 -27.91 65.92 1.32
CA GLN R 111 -28.32 64.71 2.00
C GLN R 111 -29.34 64.88 3.12
N LEU R 112 -30.10 63.81 3.35
CA LEU R 112 -31.06 63.75 4.43
C LEU R 112 -30.66 62.67 5.44
N ASN R 113 -30.34 63.08 6.65
CA ASN R 113 -30.20 62.12 7.74
C ASN R 113 -31.55 61.46 7.96
N PRO R 114 -31.56 60.19 8.37
CA PRO R 114 -32.89 59.59 8.60
C PRO R 114 -33.64 60.34 9.69
N GLY R 115 -34.94 60.53 9.50
CA GLY R 115 -35.75 61.30 10.41
C GLY R 115 -35.57 62.80 10.19
N ALA R 116 -35.37 63.19 8.94
CA ALA R 116 -35.30 64.60 8.56
C ALA R 116 -36.03 64.81 7.25
N ARG R 117 -36.24 66.07 6.88
CA ARG R 117 -36.98 66.41 5.67
C ARG R 117 -36.34 67.58 4.91
N VAL R 118 -36.83 67.79 3.70
CA VAL R 118 -36.33 68.84 2.83
C VAL R 118 -37.46 69.31 1.92
N LYS R 119 -37.42 70.57 1.51
CA LYS R 119 -38.44 71.05 0.56
C LYS R 119 -37.94 70.83 -0.85
N VAL R 120 -38.53 69.85 -1.53
CA VAL R 120 -38.23 69.58 -2.92
C VAL R 120 -39.07 70.51 -3.79
N THR R 121 -38.43 71.11 -4.80
CA THR R 121 -39.15 71.96 -5.73
C THR R 121 -38.99 71.47 -7.17
N ILE R 122 -40.07 70.93 -7.72
CA ILE R 122 -40.11 70.51 -9.11
C ILE R 122 -40.62 71.57 -10.08
N THR R 123 -39.86 71.81 -11.13
CA THR R 123 -40.41 72.44 -12.32
C THR R 123 -40.69 71.55 -13.51
N ALA R 124 -41.94 71.49 -13.95
CA ALA R 124 -42.32 70.57 -15.02
C ALA R 124 -41.71 71.07 -16.31
N PRO R 125 -41.29 70.13 -17.19
CA PRO R 125 -40.65 70.52 -18.46
C PRO R 125 -41.65 71.16 -19.40
N THR R 126 -41.14 71.81 -20.45
CA THR R 126 -41.92 72.76 -21.22
C THR R 126 -43.32 72.29 -21.61
N GLY R 127 -43.42 71.03 -22.03
CA GLY R 127 -44.69 70.49 -22.51
C GLY R 127 -45.59 69.93 -21.42
N TYR R 128 -45.00 69.57 -20.27
CA TYR R 128 -45.69 68.80 -19.25
C TYR R 128 -46.32 69.58 -18.12
N LYS R 129 -46.36 70.91 -18.21
CA LYS R 129 -46.94 71.72 -17.13
C LYS R 129 -48.45 71.50 -17.07
N PRO R 130 -48.94 70.87 -15.98
CA PRO R 130 -50.37 70.58 -15.93
C PRO R 130 -51.23 71.79 -15.61
N ILE R 131 -52.46 71.77 -16.10
CA ILE R 131 -53.40 72.87 -15.94
C ILE R 131 -54.60 72.33 -15.19
N ALA R 132 -55.40 73.22 -14.62
CA ALA R 132 -56.49 72.83 -13.73
C ALA R 132 -57.38 71.77 -14.38
N GLY R 133 -57.60 70.66 -13.66
CA GLY R 133 -58.39 69.56 -14.14
C GLY R 133 -57.58 68.46 -14.80
N GLN R 134 -56.28 68.70 -14.97
CA GLN R 134 -55.40 67.68 -15.57
C GLN R 134 -54.60 66.97 -14.50
N LYS R 135 -54.73 65.65 -14.43
CA LYS R 135 -53.99 64.88 -13.43
C LYS R 135 -52.52 64.78 -13.82
N PHE R 136 -51.65 64.73 -12.82
CA PHE R 136 -50.25 64.46 -13.03
C PHE R 136 -49.78 63.40 -12.04
N VAL R 137 -48.74 62.66 -12.41
CA VAL R 137 -48.13 61.71 -11.48
C VAL R 137 -46.67 62.07 -11.28
N LEU R 138 -46.20 61.88 -10.06
CA LEU R 138 -44.81 62.08 -9.72
C LEU R 138 -44.28 60.86 -8.99
N GLU R 139 -43.38 60.13 -9.64
CA GLU R 139 -42.76 58.97 -9.03
C GLU R 139 -41.44 59.39 -8.43
N ILE R 140 -41.31 59.16 -7.12
CA ILE R 140 -40.10 59.50 -6.41
C ILE R 140 -39.27 58.25 -6.18
N LYS R 141 -38.07 58.26 -6.75
CA LYS R 141 -37.25 57.07 -6.86
C LYS R 141 -35.91 57.27 -6.17
N PRO R 142 -35.88 57.04 -4.86
CA PRO R 142 -34.59 57.11 -4.17
C PRO R 142 -33.71 55.96 -4.61
N LYS R 143 -32.41 56.19 -4.74
CA LYS R 143 -31.50 55.10 -5.06
C LYS R 143 -31.53 54.10 -3.93
N THR R 144 -31.65 52.82 -4.27
CA THR R 144 -31.73 51.76 -3.27
C THR R 144 -32.86 52.03 -2.28
N GLY R 145 -34.10 51.86 -2.74
CA GLY R 145 -35.24 52.01 -1.87
C GLY R 145 -36.56 51.91 -2.61
N ALA R 146 -37.63 51.66 -1.86
CA ALA R 146 -38.95 51.54 -2.44
C ALA R 146 -39.33 52.85 -3.08
N SER R 147 -39.93 52.77 -4.26
CA SER R 147 -40.22 53.97 -5.04
C SER R 147 -41.68 54.33 -4.89
N THR R 148 -41.94 55.58 -4.53
CA THR R 148 -43.30 56.02 -4.29
C THR R 148 -43.90 56.45 -5.61
N ILE R 149 -45.18 56.79 -5.57
CA ILE R 149 -45.78 57.57 -6.64
C ILE R 149 -46.86 58.41 -5.99
N VAL R 150 -46.95 59.67 -6.37
CA VAL R 150 -48.04 60.51 -5.90
C VAL R 150 -48.77 61.11 -7.08
N THR R 151 -49.99 60.61 -7.29
CA THR R 151 -50.84 61.13 -8.34
C THR R 151 -51.79 62.14 -7.73
N ARG R 152 -52.01 63.22 -8.47
CA ARG R 152 -52.94 64.26 -8.07
C ARG R 152 -53.65 64.69 -9.33
N THR R 153 -54.81 65.31 -9.14
CA THR R 153 -55.44 66.02 -10.24
C THR R 153 -55.86 67.38 -9.71
N LEU R 154 -55.39 68.41 -10.38
CA LEU R 154 -55.77 69.75 -10.00
C LEU R 154 -57.26 69.88 -10.18
N SER R 155 -57.95 70.33 -9.14
CA SER R 155 -59.38 70.58 -9.25
C SER R 155 -59.53 71.62 -10.33
N ASP R 156 -60.63 71.60 -11.08
CA ASP R 156 -60.74 72.57 -12.14
C ASP R 156 -61.30 73.80 -11.47
N GLY R 157 -60.40 74.75 -11.31
CA GLY R 157 -60.39 75.62 -10.16
C GLY R 157 -58.91 75.87 -10.01
N TYR R 158 -58.44 76.04 -8.78
CA TYR R 158 -57.01 76.02 -8.51
C TYR R 158 -56.25 77.15 -9.22
N ASN R 159 -56.43 78.37 -8.74
CA ASN R 159 -55.57 79.47 -9.16
C ASN R 159 -54.14 79.20 -8.67
N GLY R 160 -54.00 78.22 -7.77
CA GLY R 160 -52.69 77.77 -7.31
C GLY R 160 -52.73 77.13 -5.94
N GLY R 161 -51.58 77.18 -5.26
CA GLY R 161 -51.49 76.79 -3.86
C GLY R 161 -51.56 75.30 -3.59
N VAL R 162 -52.06 74.94 -2.41
CA VAL R 162 -52.06 73.55 -1.95
C VAL R 162 -52.80 72.66 -2.92
N ILE R 163 -52.25 71.47 -3.17
CA ILE R 163 -52.95 70.47 -3.95
C ILE R 163 -53.55 69.51 -2.96
N ILE R 164 -54.88 69.55 -2.87
CA ILE R 164 -55.60 68.91 -1.78
C ILE R 164 -55.37 67.39 -1.79
N PHE S 1 2.18 -2.08 0.68
CA PHE S 1 0.89 -1.39 0.41
C PHE S 1 1.12 -0.33 -0.66
N SER S 2 0.31 -0.40 -1.72
CA SER S 2 0.49 0.48 -2.88
C SER S 2 -0.73 1.34 -3.14
N GLY S 3 -0.50 2.59 -3.53
CA GLY S 3 -1.59 3.50 -3.84
C GLY S 3 -2.27 3.15 -5.16
N LEU S 4 -1.73 2.15 -5.85
CA LEU S 4 -2.30 1.68 -7.10
C LEU S 4 -3.73 1.20 -6.85
N GLU S 5 -3.90 0.47 -5.76
CA GLU S 5 -5.21 -0.03 -5.37
C GLU S 5 -6.07 1.09 -4.82
N ALA S 6 -5.42 2.07 -4.19
CA ALA S 6 -6.12 3.23 -3.66
C ALA S 6 -6.80 3.96 -4.80
N ALA S 7 -6.16 3.95 -5.97
CA ALA S 7 -6.73 4.54 -7.16
C ALA S 7 -8.02 3.81 -7.52
N ILE S 8 -7.95 2.49 -7.48
CA ILE S 8 -9.10 1.64 -7.86
C ILE S 8 -10.32 2.06 -7.05
N VAL S 9 -10.10 2.32 -5.76
CA VAL S 9 -11.16 2.74 -4.87
C VAL S 9 -11.52 4.19 -5.11
N LEU S 10 -10.51 5.02 -5.36
CA LEU S 10 -10.71 6.46 -5.52
C LEU S 10 -11.68 6.70 -6.66
N ILE S 11 -11.61 5.83 -7.67
CA ILE S 11 -12.60 5.85 -8.73
C ILE S 11 -13.97 5.69 -8.08
N ALA S 12 -14.12 4.61 -7.31
CA ALA S 12 -15.41 4.21 -6.76
C ALA S 12 -16.00 5.31 -5.88
N PHE S 13 -15.16 5.95 -5.08
CA PHE S 13 -15.61 7.05 -4.24
C PHE S 13 -16.12 8.19 -5.12
N VAL S 14 -15.36 8.50 -6.16
CA VAL S 14 -15.71 9.56 -7.10
C VAL S 14 -16.96 9.20 -7.90
N VAL S 15 -17.06 7.95 -8.35
CA VAL S 15 -18.15 7.57 -9.23
C VAL S 15 -19.47 7.65 -8.50
N VAL S 16 -19.57 7.00 -7.33
CA VAL S 16 -20.80 7.04 -6.54
C VAL S 16 -21.14 8.47 -6.15
N ALA S 17 -20.10 9.28 -5.98
CA ALA S 17 -20.29 10.70 -5.73
C ALA S 17 -20.94 11.37 -6.92
N ALA S 18 -20.38 11.13 -8.10
CA ALA S 18 -20.91 11.70 -9.34
C ALA S 18 -22.33 11.21 -9.60
N VAL S 19 -22.59 9.94 -9.35
CA VAL S 19 -23.93 9.39 -9.55
C VAL S 19 -24.89 10.01 -8.55
N PHE S 20 -24.48 10.08 -7.29
CA PHE S 20 -25.31 10.72 -6.29
C PHE S 20 -25.48 12.18 -6.66
N SER S 21 -24.37 12.79 -7.09
CA SER S 21 -24.37 14.17 -7.51
C SER S 21 -25.33 14.30 -8.67
N TYR S 22 -25.21 13.37 -9.61
CA TYR S 22 -26.05 13.35 -10.79
C TYR S 22 -27.52 13.29 -10.41
N VAL S 23 -27.88 12.32 -9.57
CA VAL S 23 -29.27 12.12 -9.18
C VAL S 23 -29.77 13.23 -8.28
N MET S 24 -28.95 13.63 -7.31
CA MET S 24 -29.36 14.65 -6.36
C MET S 24 -29.72 15.93 -7.10
N LEU S 25 -28.97 16.21 -8.17
CA LEU S 25 -29.29 17.35 -9.02
C LEU S 25 -30.65 17.11 -9.68
N GLY S 26 -30.83 15.91 -10.23
CA GLY S 26 -32.09 15.53 -10.84
C GLY S 26 -33.20 15.51 -9.80
N ALA S 27 -32.88 14.98 -8.64
CA ALA S 27 -33.80 14.99 -7.51
C ALA S 27 -34.08 16.43 -7.13
N GLY S 28 -33.03 17.23 -7.18
CA GLY S 28 -33.07 18.64 -6.85
C GLY S 28 -33.83 19.52 -7.81
N PHE S 29 -33.64 19.32 -9.11
CA PHE S 29 -34.36 20.11 -10.08
C PHE S 29 -35.84 19.82 -9.93
N PHE S 30 -36.17 18.53 -9.83
CA PHE S 30 -37.56 18.13 -9.65
C PHE S 30 -38.10 18.73 -8.36
N ALA S 31 -37.27 18.77 -7.33
CA ALA S 31 -37.64 19.37 -6.08
C ALA S 31 -38.01 20.83 -6.34
N THR S 32 -37.16 21.50 -7.08
CA THR S 32 -37.36 22.90 -7.43
C THR S 32 -38.56 23.07 -8.34
N GLN S 33 -38.58 22.29 -9.41
CA GLN S 33 -39.61 22.38 -10.42
C GLN S 33 -40.97 22.02 -9.83
N LYS S 34 -40.96 21.18 -8.79
CA LYS S 34 -42.17 20.90 -8.04
C LYS S 34 -42.49 22.12 -7.16
N SER S 35 -41.47 22.64 -6.51
CA SER S 35 -41.62 23.77 -5.61
C SER S 35 -42.16 24.99 -6.36
N GLN S 36 -41.88 25.03 -7.66
CA GLN S 36 -42.38 26.09 -8.52
C GLN S 36 -43.86 25.88 -8.85
N GLU S 37 -44.23 24.63 -9.12
CA GLU S 37 -45.58 24.30 -9.56
C GLU S 37 -46.60 24.65 -8.47
N VAL S 38 -46.29 24.24 -7.24
CA VAL S 38 -47.19 24.50 -6.13
C VAL S 38 -47.35 26.00 -5.89
N THR S 39 -46.31 26.77 -6.20
CA THR S 39 -46.33 28.22 -6.07
C THR S 39 -47.21 28.85 -7.14
N TYR S 40 -47.06 28.38 -8.37
CA TYR S 40 -47.85 28.89 -9.47
C TYR S 40 -49.31 28.55 -9.25
N SER S 41 -49.55 27.30 -8.87
CA SER S 41 -50.89 26.86 -8.51
C SER S 41 -51.36 27.59 -7.25
N GLY S 42 -50.42 27.89 -6.36
CA GLY S 42 -50.74 28.55 -5.11
C GLY S 42 -51.32 29.93 -5.32
N MET S 43 -50.69 30.71 -6.20
CA MET S 43 -51.20 32.03 -6.53
C MET S 43 -52.45 31.89 -7.39
N LYS S 44 -52.47 30.85 -8.20
CA LYS S 44 -53.58 30.62 -9.12
C LYS S 44 -54.78 30.20 -8.31
N GLN S 45 -54.52 29.56 -7.17
CA GLN S 45 -55.58 29.13 -6.27
C GLN S 45 -56.35 30.33 -5.72
N ALA S 46 -55.61 31.36 -5.34
CA ALA S 46 -56.21 32.54 -4.72
C ALA S 46 -56.79 33.49 -5.76
N THR S 47 -56.05 33.71 -6.85
CA THR S 47 -56.39 34.74 -7.82
C THR S 47 -57.43 34.27 -8.84
N SER S 48 -57.70 32.97 -8.87
CA SER S 48 -58.64 32.42 -9.83
C SER S 48 -60.07 32.56 -9.33
N ASN S 49 -60.22 33.20 -8.17
CA ASN S 49 -61.51 33.42 -7.54
C ASN S 49 -62.51 34.10 -8.48
N LEU S 50 -63.76 33.65 -8.40
CA LEU S 50 -64.85 34.17 -9.20
C LEU S 50 -65.93 34.76 -8.31
N ILE S 51 -66.67 35.73 -8.85
CA ILE S 51 -67.50 36.59 -8.03
C ILE S 51 -68.89 36.80 -8.64
N LEU S 52 -69.89 36.83 -7.78
CA LEU S 52 -71.22 37.29 -8.16
C LEU S 52 -71.21 38.82 -8.25
N ASP S 53 -71.67 39.34 -9.38
CA ASP S 53 -71.64 40.77 -9.64
C ASP S 53 -73.04 41.38 -9.61
N GLY S 54 -73.31 42.20 -8.60
CA GLY S 54 -74.56 42.92 -8.52
C GLY S 54 -75.75 42.03 -8.21
N MET S 55 -76.96 42.59 -8.36
CA MET S 55 -78.18 41.99 -7.84
C MET S 55 -78.49 40.65 -8.47
N ILE S 56 -79.26 39.85 -7.73
CA ILE S 56 -79.79 38.58 -8.23
C ILE S 56 -81.25 38.74 -8.61
N TYR S 57 -81.52 38.82 -9.90
CA TYR S 57 -82.89 38.88 -10.41
C TYR S 57 -83.49 37.48 -10.54
N GLY S 58 -84.81 37.39 -10.58
CA GLY S 58 -85.45 36.15 -10.95
C GLY S 58 -86.81 36.28 -11.60
N SER S 59 -87.15 35.29 -12.42
CA SER S 59 -88.49 35.11 -12.95
C SER S 59 -89.29 34.35 -11.90
N TYR S 60 -90.56 34.70 -11.77
CA TYR S 60 -91.41 34.15 -10.72
C TYR S 60 -92.83 33.99 -11.23
N SER S 61 -93.56 33.00 -10.69
CA SER S 61 -94.90 32.71 -11.14
C SER S 61 -95.83 32.41 -9.95
N LYS S 62 -96.92 33.15 -9.85
CA LYS S 62 -97.90 32.93 -8.78
C LYS S 62 -98.61 31.60 -9.04
N GLY S 63 -99.15 31.45 -10.26
CA GLY S 63 -99.87 30.26 -10.63
C GLY S 63 -98.90 29.11 -10.86
N GLY S 64 -97.64 29.46 -11.09
CA GLY S 64 -96.58 28.47 -11.19
C GLY S 64 -96.15 28.05 -9.79
N SER S 65 -95.12 27.21 -9.70
CA SER S 65 -94.64 26.71 -8.43
C SER S 65 -93.93 27.78 -7.60
N GLY S 66 -93.33 28.76 -8.25
CA GLY S 66 -92.58 29.80 -7.55
C GLY S 66 -91.48 30.39 -8.39
N LEU S 67 -90.43 30.88 -7.75
CA LEU S 67 -89.23 31.32 -8.44
C LEU S 67 -88.77 30.20 -9.37
N ALA S 68 -88.61 30.55 -10.64
CA ALA S 68 -88.31 29.53 -11.64
C ALA S 68 -86.92 29.78 -12.19
N GLN S 69 -86.80 30.78 -13.06
CA GLN S 69 -85.47 31.21 -13.48
C GLN S 69 -84.89 32.06 -12.38
N LEU S 70 -83.56 32.14 -12.30
CA LEU S 70 -82.90 33.10 -11.45
C LEU S 70 -81.74 33.68 -12.24
N TYR S 71 -81.58 35.01 -12.15
CA TYR S 71 -80.60 35.69 -12.95
C TYR S 71 -79.65 36.41 -12.05
N PHE S 72 -78.38 36.12 -12.19
CA PHE S 72 -77.35 36.85 -11.48
C PHE S 72 -76.14 36.88 -12.37
N TYR S 73 -75.50 38.04 -12.42
CA TYR S 73 -74.28 38.14 -13.18
C TYR S 73 -73.13 37.63 -12.35
N VAL S 74 -72.16 37.06 -13.06
CA VAL S 74 -70.99 36.46 -12.45
C VAL S 74 -69.82 37.04 -13.20
N LYS S 75 -68.76 37.37 -12.49
CA LYS S 75 -67.63 38.04 -13.11
C LYS S 75 -66.33 37.44 -12.60
N VAL S 76 -65.23 37.99 -13.09
CA VAL S 76 -63.91 37.64 -12.61
C VAL S 76 -63.23 38.98 -12.28
N PRO S 77 -62.50 39.03 -11.17
CA PRO S 77 -61.74 40.26 -10.90
C PRO S 77 -60.77 40.63 -12.02
N GLU S 78 -60.54 41.92 -12.21
CA GLU S 78 -59.70 42.41 -13.31
C GLU S 78 -58.32 41.76 -13.27
N GLY S 79 -57.85 41.44 -12.06
CA GLY S 79 -56.56 40.82 -11.88
C GLY S 79 -56.65 39.30 -11.81
N GLY S 80 -57.84 38.78 -12.05
CA GLY S 80 -58.10 37.36 -11.88
C GLY S 80 -57.59 36.52 -13.04
N GLU S 81 -57.80 35.22 -12.95
CA GLU S 81 -57.45 34.27 -14.01
C GLU S 81 -58.71 33.89 -14.76
N THR S 82 -58.56 33.61 -16.06
CA THR S 82 -59.71 33.31 -16.90
C THR S 82 -60.41 32.05 -16.39
N GLN S 83 -61.68 31.90 -16.75
CA GLN S 83 -62.52 30.88 -16.16
C GLN S 83 -63.30 30.09 -17.20
N ASP S 84 -63.83 28.95 -16.80
CA ASP S 84 -64.69 28.14 -17.65
C ASP S 84 -65.94 27.76 -16.88
N LEU S 85 -67.08 28.28 -17.32
CA LEU S 85 -68.34 28.11 -16.61
C LEU S 85 -68.82 26.68 -16.73
N LYS S 86 -68.29 25.95 -17.69
CA LYS S 86 -68.63 24.56 -17.90
C LYS S 86 -68.31 23.79 -16.62
N TYR S 87 -67.26 24.21 -15.93
CA TYR S 87 -66.77 23.53 -14.73
C TYR S 87 -67.24 24.20 -13.42
N VAL S 88 -67.92 25.33 -13.53
CA VAL S 88 -68.53 25.93 -12.34
C VAL S 88 -69.81 25.18 -12.02
N THR S 89 -70.01 24.89 -10.73
CA THR S 89 -71.19 24.15 -10.28
C THR S 89 -71.99 25.00 -9.32
N TYR S 90 -73.30 25.02 -9.51
CA TYR S 90 -74.21 25.83 -8.73
C TYR S 90 -75.10 25.04 -7.78
N LEU S 91 -74.70 25.02 -6.51
CA LEU S 91 -75.45 24.29 -5.49
C LEU S 91 -76.62 25.10 -4.96
N TRP S 92 -77.74 24.44 -4.71
CA TRP S 92 -79.00 25.13 -4.46
C TRP S 92 -79.77 24.56 -3.29
N THR S 93 -80.50 25.43 -2.59
CA THR S 93 -81.30 25.03 -1.45
C THR S 93 -82.58 25.85 -1.38
N LYS S 94 -83.69 25.19 -1.06
CA LYS S 94 -84.91 25.90 -0.73
C LYS S 94 -85.33 25.66 0.71
N GLU S 95 -85.17 26.69 1.55
CA GLU S 95 -85.64 26.65 2.92
C GLU S 95 -85.18 25.38 3.65
N ASN S 96 -83.87 25.31 3.93
CA ASN S 96 -83.26 24.25 4.72
C ASN S 96 -83.84 22.95 4.20
N LYS S 97 -83.66 22.70 2.90
CA LYS S 97 -83.93 21.38 2.34
C LYS S 97 -82.51 20.80 2.30
N ALA S 98 -82.37 19.65 1.66
CA ALA S 98 -81.05 19.01 1.52
C ALA S 98 -80.48 19.89 0.43
N VAL S 99 -79.42 19.42 -0.25
CA VAL S 99 -78.78 20.23 -1.29
C VAL S 99 -79.24 19.39 -2.46
N THR S 100 -79.17 19.99 -3.66
CA THR S 100 -79.15 19.26 -4.91
C THR S 100 -78.23 20.19 -5.68
N THR S 101 -77.39 19.64 -6.54
CA THR S 101 -76.54 20.49 -7.35
C THR S 101 -77.47 20.86 -8.51
N LEU S 102 -77.22 21.98 -9.16
CA LEU S 102 -78.13 22.46 -10.19
C LEU S 102 -77.86 22.34 -11.69
N THR S 103 -78.62 21.46 -12.32
CA THR S 103 -78.50 21.21 -13.75
C THR S 103 -78.64 22.17 -14.92
N SER S 104 -79.70 22.98 -14.89
CA SER S 104 -80.04 23.81 -16.04
C SER S 104 -79.61 25.27 -15.99
N ILE S 105 -78.43 25.53 -16.52
CA ILE S 105 -77.87 26.88 -16.65
C ILE S 105 -77.51 27.44 -18.02
N THR S 106 -78.08 28.60 -18.36
CA THR S 106 -77.95 29.12 -19.73
C THR S 106 -76.55 29.15 -20.33
N PRO S 107 -75.56 29.69 -19.60
CA PRO S 107 -74.22 29.67 -20.16
C PRO S 107 -73.44 28.36 -20.03
N THR S 108 -74.14 27.25 -20.22
CA THR S 108 -73.55 25.93 -19.98
C THR S 108 -72.11 25.80 -20.43
N ASN S 109 -71.83 26.32 -21.63
CA ASN S 109 -70.48 26.27 -22.19
C ASN S 109 -69.72 27.45 -22.78
N GLN S 110 -69.26 28.33 -21.88
CA GLN S 110 -68.53 29.53 -22.27
C GLN S 110 -67.46 29.96 -21.27
N GLN S 111 -66.44 30.68 -21.75
CA GLN S 111 -65.41 31.22 -20.87
C GLN S 111 -65.50 32.70 -20.56
N LEU S 112 -64.97 33.08 -19.41
CA LEU S 112 -64.87 34.47 -19.01
C LEU S 112 -63.41 34.89 -18.90
N ASN S 113 -62.99 35.83 -19.75
CA ASN S 113 -61.69 36.47 -19.55
C ASN S 113 -61.76 37.22 -18.24
N PRO S 114 -60.63 37.33 -17.52
CA PRO S 114 -60.69 38.09 -16.27
C PRO S 114 -61.11 39.54 -16.53
N GLY S 115 -61.96 40.08 -15.66
CA GLY S 115 -62.50 41.41 -15.85
C GLY S 115 -63.62 41.42 -16.86
N ALA S 116 -64.41 40.35 -16.89
CA ALA S 116 -65.59 40.27 -17.73
C ALA S 116 -66.71 39.59 -16.96
N ARG S 117 -67.92 39.63 -17.52
CA ARG S 117 -69.10 39.07 -16.86
C ARG S 117 -70.00 38.35 -17.83
N VAL S 118 -70.97 37.62 -17.26
CA VAL S 118 -71.93 36.84 -18.04
C VAL S 118 -73.24 36.75 -17.27
N LYS S 119 -74.35 36.63 -17.98
CA LYS S 119 -75.64 36.46 -17.30
C LYS S 119 -75.89 34.97 -17.09
N VAL S 120 -75.76 34.53 -15.85
CA VAL S 120 -76.07 33.16 -15.49
C VAL S 120 -77.55 33.04 -15.23
N THR S 121 -78.18 31.99 -15.78
CA THR S 121 -79.60 31.74 -15.53
C THR S 121 -79.82 30.37 -14.92
N ILE S 122 -80.20 30.37 -13.65
CA ILE S 122 -80.55 29.15 -12.94
C ILE S 122 -82.02 28.81 -12.97
N THR S 123 -82.34 27.57 -13.36
CA THR S 123 -83.63 27.00 -13.03
C THR S 123 -83.66 25.97 -11.91
N ALA S 124 -84.42 26.25 -10.85
CA ALA S 124 -84.40 25.37 -9.69
C ALA S 124 -85.10 24.05 -10.07
N PRO S 125 -84.61 22.94 -9.52
CA PRO S 125 -85.16 21.62 -9.83
C PRO S 125 -86.57 21.48 -9.28
N THR S 126 -87.30 20.47 -9.73
CA THR S 126 -88.77 20.41 -9.58
C THR S 126 -89.25 20.71 -8.16
N GLY S 127 -88.56 20.16 -7.16
CA GLY S 127 -88.99 20.31 -5.78
C GLY S 127 -88.49 21.57 -5.08
N TYR S 128 -87.41 22.16 -5.61
CA TYR S 128 -86.68 23.21 -4.92
C TYR S 128 -87.04 24.65 -5.32
N LYS S 129 -88.09 24.85 -6.10
CA LYS S 129 -88.44 26.19 -6.52
C LYS S 129 -88.98 26.99 -5.31
N PRO S 130 -88.24 28.03 -4.89
CA PRO S 130 -88.68 28.74 -3.68
C PRO S 130 -89.83 29.70 -3.95
N ILE S 131 -90.64 29.92 -2.92
CA ILE S 131 -91.83 30.75 -2.99
C ILE S 131 -91.66 31.89 -2.01
N ALA S 132 -92.43 32.95 -2.18
CA ALA S 132 -92.25 34.17 -1.40
C ALA S 132 -92.18 33.89 0.10
N GLY S 133 -91.13 34.38 0.74
CA GLY S 133 -90.90 34.17 2.16
C GLY S 133 -90.01 32.99 2.48
N GLN S 134 -89.64 32.21 1.45
CA GLN S 134 -88.74 31.07 1.63
C GLN S 134 -87.32 31.41 1.20
N LYS S 135 -86.37 31.29 2.13
CA LYS S 135 -84.99 31.59 1.80
C LYS S 135 -84.40 30.48 0.93
N PHE S 136 -83.48 30.86 0.06
CA PHE S 136 -82.70 29.91 -0.73
C PHE S 136 -81.24 30.29 -0.67
N VAL S 137 -80.36 29.30 -0.82
CA VAL S 137 -78.92 29.59 -0.92
C VAL S 137 -78.41 29.06 -2.25
N LEU S 138 -77.46 29.80 -2.81
CA LEU S 138 -76.80 29.41 -4.05
C LEU S 138 -75.29 29.50 -3.85
N GLU S 139 -74.63 28.36 -3.84
CA GLU S 139 -73.18 28.33 -3.71
C GLU S 139 -72.58 28.25 -5.09
N ILE S 140 -71.74 29.21 -5.42
CA ILE S 140 -71.08 29.25 -6.71
C ILE S 140 -69.65 28.77 -6.56
N LYS S 141 -69.36 27.68 -7.26
CA LYS S 141 -68.13 26.93 -7.06
C LYS S 141 -67.32 26.85 -8.33
N PRO S 142 -66.51 27.88 -8.60
CA PRO S 142 -65.63 27.81 -9.76
C PRO S 142 -64.56 26.75 -9.52
N LYS S 143 -64.17 26.04 -10.56
CA LYS S 143 -63.09 25.08 -10.43
C LYS S 143 -61.82 25.86 -10.08
N THR S 144 -61.08 25.39 -9.08
CA THR S 144 -59.86 26.05 -8.64
C THR S 144 -60.15 27.51 -8.30
N GLY S 145 -60.82 27.73 -7.17
CA GLY S 145 -61.06 29.08 -6.70
C GLY S 145 -61.96 29.12 -5.49
N ALA S 146 -61.94 30.26 -4.78
CA ALA S 146 -62.75 30.41 -3.60
C ALA S 146 -64.21 30.33 -3.98
N SER S 147 -64.99 29.64 -3.16
CA SER S 147 -66.38 29.38 -3.49
C SER S 147 -67.27 30.33 -2.72
N THR S 148 -68.17 30.99 -3.43
CA THR S 148 -69.03 31.99 -2.82
C THR S 148 -70.25 31.29 -2.28
N ILE S 149 -71.09 32.03 -1.60
CA ILE S 149 -72.46 31.61 -1.36
C ILE S 149 -73.30 32.87 -1.31
N VAL S 150 -74.45 32.85 -1.94
CA VAL S 150 -75.37 33.97 -1.84
C VAL S 150 -76.73 33.46 -1.35
N THR S 151 -77.03 33.80 -0.12
CA THR S 151 -78.31 33.48 0.48
C THR S 151 -79.23 34.68 0.33
N ARG S 152 -80.48 34.38 0.01
CA ARG S 152 -81.51 35.39 -0.11
C ARG S 152 -82.77 34.81 0.49
N THR S 153 -83.69 35.67 0.87
CA THR S 153 -85.04 35.22 1.18
C THR S 153 -86.00 36.15 0.46
N LEU S 154 -86.87 35.54 -0.34
CA LEU S 154 -87.87 36.31 -1.04
C LEU S 154 -88.75 36.96 0.01
N SER S 155 -88.93 38.27 -0.10
CA SER S 155 -89.85 38.96 0.79
C SER S 155 -91.20 38.33 0.55
N ASP S 156 -92.05 38.28 1.56
CA ASP S 156 -93.33 37.63 1.34
C ASP S 156 -94.19 38.74 0.76
N GLY S 157 -94.40 38.59 -0.54
CA GLY S 157 -94.51 39.71 -1.45
C GLY S 157 -93.91 39.12 -2.70
N TYR S 158 -93.25 39.94 -3.50
CA TYR S 158 -92.43 39.42 -4.59
C TYR S 158 -93.23 38.67 -5.64
N ASN S 159 -94.01 39.39 -6.44
CA ASN S 159 -94.61 38.80 -7.63
C ASN S 159 -93.50 38.43 -8.62
N GLY S 160 -92.28 38.92 -8.35
CA GLY S 160 -91.12 38.54 -9.14
C GLY S 160 -90.02 39.58 -9.10
N GLY S 161 -89.17 39.57 -10.13
CA GLY S 161 -88.19 40.61 -10.36
C GLY S 161 -86.99 40.59 -9.43
N VAL S 162 -86.41 41.76 -9.20
CA VAL S 162 -85.17 41.86 -8.45
C VAL S 162 -85.31 41.26 -7.07
N ILE S 163 -84.28 40.54 -6.64
CA ILE S 163 -84.23 40.05 -5.26
C ILE S 163 -83.33 41.01 -4.50
N ILE S 164 -83.96 41.78 -3.62
CA ILE S 164 -83.31 42.93 -3.00
C ILE S 164 -82.08 42.51 -2.20
N PHE T 1 94.77 -75.92 -13.96
CA PHE T 1 93.36 -75.41 -13.99
C PHE T 1 93.04 -74.97 -15.42
N SER T 2 91.95 -75.50 -15.96
CA SER T 2 91.58 -75.27 -17.35
C SER T 2 90.23 -74.58 -17.48
N GLY T 3 90.11 -73.66 -18.42
CA GLY T 3 88.85 -72.97 -18.67
C GLY T 3 87.83 -73.88 -19.35
N LEU T 4 88.25 -75.08 -19.68
CA LEU T 4 87.36 -76.08 -20.29
C LEU T 4 86.20 -76.35 -19.35
N GLU T 5 86.53 -76.51 -18.07
CA GLU T 5 85.53 -76.75 -17.03
C GLU T 5 84.74 -75.47 -16.77
N ALA T 6 85.41 -74.34 -16.90
CA ALA T 6 84.76 -73.05 -16.70
C ALA T 6 83.62 -72.91 -17.71
N ALA T 7 83.82 -73.47 -18.89
CA ALA T 7 82.79 -73.47 -19.92
C ALA T 7 81.59 -74.27 -19.41
N ILE T 8 81.87 -75.43 -18.83
CA ILE T 8 80.82 -76.34 -18.34
C ILE T 8 79.89 -75.57 -17.40
N VAL T 9 80.49 -74.75 -16.56
CA VAL T 9 79.75 -73.94 -15.60
C VAL T 9 79.10 -72.77 -16.30
N LEU T 10 79.82 -72.16 -17.23
CA LEU T 10 79.36 -70.97 -17.90
C LEU T 10 78.03 -71.25 -18.58
N ILE T 11 77.89 -72.48 -19.06
CA ILE T 11 76.60 -72.94 -19.57
C ILE T 11 75.58 -72.75 -18.45
N ALA T 12 75.87 -73.36 -17.31
CA ALA T 12 74.93 -73.43 -16.20
C ALA T 12 74.51 -72.04 -15.73
N PHE T 13 75.47 -71.11 -15.66
CA PHE T 13 75.16 -69.74 -15.27
C PHE T 13 74.21 -69.14 -16.31
N VAL T 14 74.51 -69.35 -17.57
CA VAL T 14 73.70 -68.83 -18.67
C VAL T 14 72.32 -69.50 -18.69
N VAL T 15 72.28 -70.81 -18.50
CA VAL T 15 71.03 -71.53 -18.65
C VAL T 15 70.03 -71.11 -17.59
N VAL T 16 70.45 -71.14 -16.32
CA VAL T 16 69.57 -70.73 -15.22
C VAL T 16 69.15 -69.28 -15.40
N ALA T 17 70.05 -68.49 -15.99
CA ALA T 17 69.75 -67.10 -16.32
C ALA T 17 68.63 -67.05 -17.34
N ALA T 18 68.78 -67.81 -18.42
CA ALA T 18 67.78 -67.87 -19.49
C ALA T 18 66.45 -68.39 -18.97
N VAL T 19 66.49 -69.41 -18.10
CA VAL T 19 65.27 -69.96 -17.53
C VAL T 19 64.63 -68.93 -16.62
N PHE T 20 65.43 -68.29 -15.77
CA PHE T 20 64.89 -67.26 -14.91
C PHE T 20 64.38 -66.13 -15.79
N SER T 21 65.17 -65.80 -16.81
CA SER T 21 64.81 -64.77 -17.76
C SER T 21 63.50 -65.17 -18.42
N TYR T 22 63.44 -66.43 -18.82
CA TYR T 22 62.26 -66.99 -19.46
C TYR T 22 61.03 -66.84 -18.57
N VAL T 23 61.14 -67.30 -17.33
CA VAL T 23 60.02 -67.28 -16.42
C VAL T 23 59.69 -65.87 -15.96
N MET T 24 60.72 -65.08 -15.64
CA MET T 24 60.50 -63.72 -15.15
C MET T 24 59.71 -62.93 -16.18
N LEU T 25 59.99 -63.18 -17.45
CA LEU T 25 59.23 -62.57 -18.53
C LEU T 25 57.78 -63.05 -18.45
N GLY T 26 57.62 -64.37 -18.31
CA GLY T 26 56.30 -64.95 -18.19
C GLY T 26 55.63 -64.47 -16.93
N ALA T 27 56.41 -64.41 -15.85
CA ALA T 27 55.93 -63.88 -14.58
C ALA T 27 55.57 -62.42 -14.80
N GLY T 28 56.41 -61.75 -15.58
CA GLY T 28 56.26 -60.34 -15.88
C GLY T 28 55.09 -59.99 -16.77
N PHE T 29 54.86 -60.77 -17.82
CA PHE T 29 53.73 -60.50 -18.71
C PHE T 29 52.46 -60.67 -17.89
N PHE T 30 52.39 -61.75 -17.13
CA PHE T 30 51.23 -62.01 -16.29
C PHE T 30 51.07 -60.87 -15.28
N ALA T 31 52.19 -60.39 -14.77
CA ALA T 31 52.18 -59.24 -13.86
C ALA T 31 51.51 -58.08 -14.56
N THR T 32 51.95 -57.84 -15.78
CA THR T 32 51.42 -56.75 -16.60
C THR T 32 49.97 -56.99 -16.98
N GLN T 33 49.72 -58.18 -17.52
CA GLN T 33 48.39 -58.54 -17.99
C GLN T 33 47.39 -58.56 -16.83
N LYS T 34 47.89 -58.83 -15.63
CA LYS T 34 47.07 -58.71 -14.43
C LYS T 34 46.87 -57.23 -14.12
N SER T 35 47.96 -56.48 -14.21
CA SER T 35 47.95 -55.06 -13.89
C SER T 35 47.00 -54.32 -14.83
N GLN T 36 46.82 -54.88 -16.02
CA GLN T 36 45.88 -54.33 -17.00
C GLN T 36 44.43 -54.65 -16.62
N GLU T 37 44.20 -55.87 -16.16
CA GLU T 37 42.85 -56.33 -15.88
C GLU T 37 42.22 -55.53 -14.75
N VAL T 38 42.99 -55.32 -13.68
CA VAL T 38 42.50 -54.55 -12.54
C VAL T 38 42.19 -53.11 -12.94
N THR T 39 42.94 -52.59 -13.93
CA THR T 39 42.73 -51.24 -14.43
C THR T 39 41.45 -51.16 -15.24
N TYR T 40 41.26 -52.14 -16.12
CA TYR T 40 40.06 -52.19 -16.94
C TYR T 40 38.84 -52.36 -16.06
N SER T 41 38.93 -53.28 -15.13
CA SER T 41 37.88 -53.48 -14.13
C SER T 41 37.77 -52.25 -13.25
N GLY T 42 38.89 -51.60 -12.99
CA GLY T 42 38.91 -50.43 -12.13
C GLY T 42 38.09 -49.29 -12.67
N MET T 43 38.24 -49.02 -13.97
CA MET T 43 37.46 -47.98 -14.64
C MET T 43 36.03 -48.48 -14.80
N LYS T 44 35.89 -49.78 -15.01
CA LYS T 44 34.60 -50.37 -15.26
C LYS T 44 33.82 -50.37 -13.95
N GLN T 45 34.55 -50.41 -12.85
CA GLN T 45 33.93 -50.36 -11.53
C GLN T 45 33.23 -49.03 -11.31
N ALA T 46 33.89 -47.93 -11.72
CA ALA T 46 33.36 -46.60 -11.50
C ALA T 46 32.31 -46.23 -12.54
N THR T 47 32.59 -46.55 -13.80
CA THR T 47 31.79 -46.08 -14.91
C THR T 47 30.56 -46.94 -15.16
N SER T 48 30.49 -48.09 -14.52
CA SER T 48 29.37 -49.02 -14.72
C SER T 48 28.20 -48.63 -13.84
N ASN T 49 28.36 -47.52 -13.11
CA ASN T 49 27.34 -47.02 -12.21
C ASN T 49 25.98 -46.84 -12.89
N LEU T 50 24.93 -47.18 -12.17
CA LEU T 50 23.56 -47.06 -12.63
C LEU T 50 22.77 -46.11 -11.75
N ILE T 51 21.75 -45.48 -12.34
CA ILE T 51 21.11 -44.33 -11.74
C ILE T 51 19.60 -44.39 -11.80
N LEU T 52 18.95 -43.96 -10.73
CA LEU T 52 17.51 -43.69 -10.76
C LEU T 52 17.25 -42.38 -11.48
N ASP T 53 16.36 -42.43 -12.47
CA ASP T 53 16.07 -41.27 -13.31
C ASP T 53 14.70 -40.69 -13.03
N GLY T 54 14.66 -39.50 -12.45
CA GLY T 54 13.41 -38.80 -12.22
C GLY T 54 12.55 -39.42 -11.13
N MET T 55 11.29 -38.98 -11.06
CA MET T 55 10.44 -39.25 -9.91
C MET T 55 10.14 -40.72 -9.71
N ILE T 56 9.81 -41.09 -8.48
CA ILE T 56 9.34 -42.43 -8.16
C ILE T 56 7.83 -42.43 -7.98
N TYR T 57 7.13 -42.96 -8.97
CA TYR T 57 5.68 -43.11 -8.91
C TYR T 57 5.30 -44.39 -8.19
N GLY T 58 4.07 -44.46 -7.69
CA GLY T 58 3.55 -45.73 -7.22
C GLY T 58 2.04 -45.89 -7.28
N SER T 59 1.62 -47.14 -7.41
CA SER T 59 0.22 -47.52 -7.26
C SER T 59 -0.05 -47.69 -5.77
N TYR T 60 -1.25 -47.30 -5.34
CA TYR T 60 -1.58 -47.30 -3.92
C TYR T 60 -3.05 -47.65 -3.74
N SER T 61 -3.37 -48.26 -2.61
CA SER T 61 -4.74 -48.70 -2.33
C SER T 61 -5.14 -48.40 -0.88
N LYS T 62 -6.23 -47.67 -0.71
CA LYS T 62 -6.75 -47.38 0.62
C LYS T 62 -7.30 -48.66 1.24
N GLY T 63 -8.18 -49.33 0.51
CA GLY T 63 -8.78 -50.56 1.01
C GLY T 63 -7.78 -51.69 0.94
N GLY T 64 -6.74 -51.51 0.13
CA GLY T 64 -5.63 -52.45 0.08
C GLY T 64 -4.69 -52.19 1.25
N SER T 65 -3.59 -52.92 1.29
CA SER T 65 -2.63 -52.78 2.39
C SER T 65 -1.85 -51.47 2.34
N GLY T 66 -1.66 -50.91 1.14
CA GLY T 66 -0.90 -49.68 0.99
C GLY T 66 -0.26 -49.57 -0.38
N LEU T 67 0.86 -48.85 -0.43
CA LEU T 67 1.67 -48.79 -1.65
C LEU T 67 1.95 -50.22 -2.10
N ALA T 68 1.63 -50.51 -3.36
CA ALA T 68 1.70 -51.87 -3.85
C ALA T 68 2.76 -51.93 -4.92
N GLN T 69 2.44 -51.45 -6.12
CA GLN T 69 3.44 -51.28 -7.14
C GLN T 69 4.23 -50.02 -6.82
N LEU T 70 5.47 -49.96 -7.29
CA LEU T 70 6.23 -48.72 -7.25
C LEU T 70 6.93 -48.57 -8.60
N TYR T 71 6.91 -47.37 -9.15
CA TYR T 71 7.44 -47.15 -10.48
C TYR T 71 8.51 -46.10 -10.40
N PHE T 72 9.70 -46.45 -10.86
CA PHE T 72 10.78 -45.50 -10.98
C PHE T 72 11.59 -45.89 -12.17
N TYR T 73 11.98 -44.91 -12.97
CA TYR T 73 12.84 -45.19 -14.09
C TYR T 73 14.27 -45.30 -13.62
N VAL T 74 15.01 -46.14 -14.31
CA VAL T 74 16.40 -46.40 -13.99
C VAL T 74 17.13 -46.26 -15.31
N LYS T 75 18.31 -45.66 -15.25
CA LYS T 75 19.04 -45.36 -16.48
C LYS T 75 20.50 -45.68 -16.29
N VAL T 76 21.27 -45.44 -17.34
CA VAL T 76 22.71 -45.55 -17.29
C VAL T 76 23.25 -44.24 -17.85
N PRO T 77 24.32 -43.69 -17.24
CA PRO T 77 24.91 -42.48 -17.84
C PRO T 77 25.36 -42.70 -19.27
N GLU T 78 25.31 -41.64 -20.08
CA GLU T 78 25.64 -41.72 -21.49
C GLU T 78 27.03 -42.31 -21.70
N GLY T 79 27.93 -42.04 -20.74
CA GLY T 79 29.30 -42.54 -20.82
C GLY T 79 29.47 -43.86 -20.06
N GLY T 80 28.36 -44.40 -19.57
CA GLY T 80 28.40 -45.59 -18.74
C GLY T 80 28.61 -46.87 -19.52
N GLU T 81 28.64 -47.99 -18.80
CA GLU T 81 28.77 -49.31 -19.40
C GLU T 81 27.41 -49.98 -19.38
N THR T 82 27.14 -50.82 -20.37
CA THR T 82 25.83 -51.45 -20.51
C THR T 82 25.56 -52.32 -19.28
N GLN T 83 24.28 -52.60 -19.03
CA GLN T 83 23.86 -53.22 -17.78
C GLN T 83 22.91 -54.39 -18.02
N ASP T 84 22.75 -55.21 -16.99
CA ASP T 84 21.78 -56.30 -17.01
C ASP T 84 20.93 -56.26 -15.75
N LEU T 85 19.64 -55.98 -15.93
CA LEU T 85 18.76 -55.77 -14.79
C LEU T 85 18.48 -57.10 -14.08
N LYS T 86 18.78 -58.19 -14.77
CA LYS T 86 18.60 -59.52 -14.20
C LYS T 86 19.45 -59.62 -12.94
N TYR T 87 20.61 -58.96 -12.95
CA TYR T 87 21.56 -59.00 -11.84
C TYR T 87 21.48 -57.81 -10.89
N VAL T 88 20.62 -56.84 -11.21
CA VAL T 88 20.37 -55.75 -10.28
C VAL T 88 19.41 -56.25 -9.20
N THR T 89 19.71 -55.91 -7.95
CA THR T 89 18.89 -56.33 -6.82
C THR T 89 18.34 -55.12 -6.09
N TYR T 90 17.05 -55.18 -5.77
CA TYR T 90 16.36 -54.08 -5.14
C TYR T 90 15.98 -54.33 -3.69
N LEU T 91 16.78 -53.77 -2.78
CA LEU T 91 16.55 -53.93 -1.35
C LEU T 91 15.52 -52.95 -0.84
N TRP T 92 14.67 -53.40 0.09
CA TRP T 92 13.48 -52.65 0.45
C TRP T 92 13.25 -52.61 1.96
N THR T 93 12.67 -51.50 2.42
CA THR T 93 12.38 -51.32 3.83
C THR T 93 11.09 -50.55 4.01
N LYS T 94 10.28 -50.94 4.99
CA LYS T 94 9.14 -50.14 5.40
C LYS T 94 9.30 -49.69 6.84
N GLU T 95 9.55 -48.40 7.03
CA GLU T 95 9.59 -47.79 8.36
C GLU T 95 10.47 -48.60 9.32
N ASN T 96 11.78 -48.55 9.08
CA ASN T 96 12.79 -49.13 9.96
C ASN T 96 12.27 -50.53 10.32
N LYS T 97 12.05 -51.35 9.30
CA LYS T 97 11.81 -52.77 9.50
C LYS T 97 13.19 -53.33 9.19
N ALA T 98 13.30 -54.65 9.11
CA ALA T 98 14.57 -55.30 8.78
C ALA T 98 14.60 -55.02 7.28
N VAL T 99 15.42 -55.77 6.53
CA VAL T 99 15.53 -55.54 5.09
C VAL T 99 14.83 -56.83 4.67
N THR T 100 14.40 -56.85 3.41
CA THR T 100 14.11 -58.07 2.70
C THR T 100 14.55 -57.61 1.31
N THR T 101 15.13 -58.51 0.51
CA THR T 101 15.51 -58.15 -0.84
C THR T 101 14.19 -58.35 -1.57
N LEU T 102 14.02 -57.65 -2.69
CA LEU T 102 12.76 -57.68 -3.41
C LEU T 102 12.51 -58.47 -4.68
N THR T 103 11.73 -59.53 -4.54
CA THR T 103 11.39 -60.41 -5.65
C THR T 103 10.71 -60.09 -6.97
N SER T 104 9.62 -59.33 -6.91
CA SER T 104 8.77 -59.12 -8.07
C SER T 104 8.96 -57.81 -8.82
N ILE T 105 9.84 -57.85 -9.83
CA ILE T 105 10.11 -56.72 -10.71
C ILE T 105 9.87 -56.86 -12.22
N THR T 106 9.04 -55.98 -12.78
CA THR T 106 8.63 -56.15 -14.18
C THR T 106 9.71 -56.42 -15.22
N PRO T 107 10.78 -55.62 -15.22
CA PRO T 107 11.85 -55.92 -16.18
C PRO T 107 12.82 -57.03 -15.79
N THR T 108 12.28 -58.10 -15.20
CA THR T 108 13.11 -59.17 -14.65
C THR T 108 14.32 -59.53 -15.52
N ASN T 109 14.10 -59.61 -16.82
CA ASN T 109 15.15 -59.94 -17.77
C ASN T 109 15.48 -59.17 -19.05
N GLN T 110 16.06 -57.99 -18.86
CA GLN T 110 16.43 -57.12 -19.97
C GLN T 110 17.69 -56.29 -19.73
N GLN T 111 18.35 -55.90 -20.81
CA GLN T 111 19.52 -55.04 -20.72
C GLN T 111 19.31 -53.57 -21.08
N LEU T 112 20.14 -52.71 -20.50
CA LEU T 112 20.15 -51.30 -20.81
C LEU T 112 21.47 -50.90 -21.45
N ASN T 113 21.43 -50.46 -22.70
CA ASN T 113 22.59 -49.83 -23.31
C ASN T 113 22.86 -48.55 -22.52
N PRO T 114 24.15 -48.16 -22.41
CA PRO T 114 24.38 -46.91 -21.69
C PRO T 114 23.69 -45.73 -22.36
N GLY T 115 23.10 -44.84 -21.57
CA GLY T 115 22.33 -43.73 -22.10
C GLY T 115 20.95 -44.16 -22.51
N ALA T 116 20.38 -45.10 -21.77
CA ALA T 116 18.99 -45.55 -21.99
C ALA T 116 18.34 -45.78 -20.65
N ARG T 117 17.02 -45.97 -20.66
CA ARG T 117 16.23 -46.14 -19.44
C ARG T 117 15.18 -47.22 -19.59
N VAL T 118 14.60 -47.59 -18.45
CA VAL T 118 13.57 -48.61 -18.39
C VAL T 118 12.63 -48.32 -17.23
N LYS T 119 11.36 -48.73 -17.34
CA LYS T 119 10.45 -48.55 -16.23
C LYS T 119 10.51 -49.77 -15.33
N VAL T 120 11.13 -49.59 -14.17
CA VAL T 120 11.18 -50.65 -13.16
C VAL T 120 9.89 -50.61 -12.34
N THR T 121 9.30 -51.77 -12.10
CA THR T 121 8.10 -51.86 -11.27
C THR T 121 8.32 -52.78 -10.08
N ILE T 122 8.42 -52.20 -8.89
CA ILE T 122 8.52 -52.96 -7.65
C ILE T 122 7.19 -53.25 -6.98
N THR T 123 6.96 -54.51 -6.64
CA THR T 123 5.97 -54.85 -5.63
C THR T 123 6.49 -55.25 -4.26
N ALA T 124 6.10 -54.51 -3.23
CA ALA T 124 6.64 -54.75 -1.91
C ALA T 124 6.08 -56.07 -1.38
N PRO T 125 6.90 -56.82 -0.64
CA PRO T 125 6.47 -58.13 -0.12
C PRO T 125 5.38 -57.97 0.92
N THR T 126 4.71 -59.07 1.26
CA THR T 126 3.43 -59.03 1.97
C THR T 126 3.41 -58.10 3.18
N GLY T 127 4.48 -58.12 3.97
CA GLY T 127 4.53 -57.35 5.20
C GLY T 127 5.03 -55.93 5.03
N TYR T 128 5.75 -55.67 3.94
CA TYR T 128 6.50 -54.42 3.78
C TYR T 128 5.81 -53.32 2.98
N LYS T 129 4.55 -53.50 2.63
CA LYS T 129 3.84 -52.48 1.85
C LYS T 129 3.64 -51.23 2.70
N PRO T 130 4.31 -50.11 2.31
CA PRO T 130 4.21 -48.92 3.15
C PRO T 130 2.90 -48.16 2.97
N ILE T 131 2.46 -47.48 4.02
CA ILE T 131 1.19 -46.76 4.04
C ILE T 131 1.53 -45.30 4.29
N ALA T 132 0.57 -44.41 3.99
CA ALA T 132 0.81 -42.98 4.02
C ALA T 132 1.43 -42.55 5.35
N GLY T 133 2.55 -41.83 5.26
CA GLY T 133 3.27 -41.36 6.44
C GLY T 133 4.40 -42.29 6.86
N GLN T 134 4.51 -43.46 6.23
CA GLN T 134 5.58 -44.40 6.53
C GLN T 134 6.70 -44.31 5.51
N LYS T 135 7.91 -44.02 5.96
CA LYS T 135 9.05 -43.94 5.05
C LYS T 135 9.46 -45.33 4.58
N PHE T 136 9.96 -45.40 3.35
CA PHE T 136 10.57 -46.62 2.84
C PHE T 136 11.89 -46.28 2.18
N VAL T 137 12.80 -47.24 2.16
CA VAL T 137 14.05 -47.08 1.41
C VAL T 137 14.15 -48.15 0.34
N LEU T 138 14.73 -47.77 -0.79
CA LEU T 138 14.98 -48.70 -1.88
C LEU T 138 16.43 -48.56 -2.31
N GLU T 139 17.24 -49.59 -2.06
CA GLU T 139 18.63 -49.57 -2.48
C GLU T 139 18.73 -50.30 -3.81
N ILE T 140 19.24 -49.60 -4.81
CA ILE T 140 19.40 -50.17 -6.13
C ILE T 140 20.86 -50.55 -6.34
N LYS T 141 21.06 -51.84 -6.55
CA LYS T 141 22.39 -52.45 -6.51
C LYS T 141 22.71 -53.11 -7.84
N PRO T 142 23.21 -52.34 -8.81
CA PRO T 142 23.65 -52.95 -10.05
C PRO T 142 24.88 -53.79 -9.81
N LYS T 143 25.00 -54.93 -10.48
CA LYS T 143 26.21 -55.73 -10.38
C LYS T 143 27.37 -54.90 -10.90
N THR T 144 28.47 -54.87 -10.16
CA THR T 144 29.64 -54.11 -10.53
C THR T 144 29.27 -52.65 -10.78
N GLY T 145 28.99 -51.93 -9.69
CA GLY T 145 28.71 -50.51 -9.81
C GLY T 145 28.29 -49.89 -8.48
N ALA T 146 28.38 -48.57 -8.41
CA ALA T 146 28.01 -47.85 -7.20
C ALA T 146 26.53 -48.07 -6.93
N SER T 147 26.19 -48.31 -5.68
CA SER T 147 24.84 -48.66 -5.30
C SER T 147 24.12 -47.44 -4.75
N THR T 148 22.95 -47.17 -5.29
CA THR T 148 22.21 -45.99 -4.89
C THR T 148 21.36 -46.35 -3.70
N ILE T 149 20.70 -45.35 -3.13
CA ILE T 149 19.57 -45.60 -2.25
C ILE T 149 18.62 -44.44 -2.44
N VAL T 150 17.33 -44.73 -2.52
CA VAL T 150 16.34 -43.66 -2.56
C VAL T 150 15.34 -43.87 -1.45
N THR T 151 15.42 -42.98 -0.46
CA THR T 151 14.49 -42.98 0.64
C THR T 151 13.39 -41.97 0.35
N ARG T 152 12.17 -42.35 0.69
CA ARG T 152 11.01 -41.49 0.53
C ARG T 152 10.14 -41.72 1.74
N THR T 153 9.28 -40.75 2.04
CA THR T 153 8.21 -40.99 2.99
C THR T 153 6.94 -40.48 2.35
N LEU T 154 5.95 -41.37 2.28
CA LEU T 154 4.67 -40.99 1.74
C LEU T 154 4.09 -39.93 2.66
N SER T 155 3.69 -38.80 2.07
CA SER T 155 3.03 -37.76 2.86
C SER T 155 1.79 -38.40 3.43
N ASP T 156 1.36 -37.97 4.60
CA ASP T 156 0.21 -38.63 5.17
C ASP T 156 -0.97 -37.90 4.55
N GLY T 157 -1.58 -38.63 3.62
CA GLY T 157 -2.16 -38.04 2.44
C GLY T 157 -1.95 -39.16 1.44
N TYR T 158 -1.74 -38.81 0.17
CA TYR T 158 -1.26 -39.78 -0.80
C TYR T 158 -2.24 -40.93 -1.04
N ASN T 159 -3.35 -40.63 -1.71
CA ASN T 159 -4.22 -41.68 -2.21
C ASN T 159 -3.46 -42.50 -3.27
N GLY T 160 -2.33 -41.96 -3.72
CA GLY T 160 -1.45 -42.68 -4.63
C GLY T 160 -0.58 -41.76 -5.46
N GLY T 161 -0.17 -42.25 -6.63
CA GLY T 161 0.51 -41.45 -7.63
C GLY T 161 1.95 -41.07 -7.31
N VAL T 162 2.38 -39.93 -7.84
CA VAL T 162 3.77 -39.51 -7.75
C VAL T 162 4.20 -39.41 -6.29
N ILE T 163 5.42 -39.87 -6.01
CA ILE T 163 6.02 -39.68 -4.69
C ILE T 163 6.95 -38.49 -4.82
N ILE T 164 6.56 -37.40 -4.19
CA ILE T 164 7.18 -36.10 -4.42
C ILE T 164 8.65 -36.13 -4.06
N PHE U 1 90.46 -72.89 -14.21
CA PHE U 1 89.39 -72.09 -13.54
C PHE U 1 88.25 -73.03 -13.16
N SER U 2 87.87 -73.03 -11.89
CA SER U 2 86.86 -73.96 -11.37
C SER U 2 85.66 -73.22 -10.80
N GLY U 3 84.47 -73.78 -11.03
CA GLY U 3 83.25 -73.20 -10.50
C GLY U 3 83.12 -73.42 -9.00
N LEU U 4 84.06 -74.16 -8.43
CA LEU U 4 84.10 -74.39 -6.99
C LEU U 4 84.19 -73.07 -6.27
N GLU U 5 85.05 -72.19 -6.77
CA GLU U 5 85.23 -70.87 -6.20
C GLU U 5 84.04 -69.99 -6.53
N ALA U 6 83.45 -70.22 -7.69
CA ALA U 6 82.27 -69.47 -8.11
C ALA U 6 81.16 -69.70 -7.08
N ALA U 7 81.12 -70.90 -6.53
CA ALA U 7 80.15 -71.23 -5.49
C ALA U 7 80.40 -70.34 -4.29
N ILE U 8 81.67 -70.23 -3.90
CA ILE U 8 82.08 -69.46 -2.72
C ILE U 8 81.51 -68.05 -2.82
N VAL U 9 81.58 -67.49 -4.02
CA VAL U 9 81.06 -66.15 -4.28
C VAL U 9 79.56 -66.16 -4.37
N LEU U 10 79.02 -67.20 -5.01
CA LEU U 10 77.58 -67.29 -5.24
C LEU U 10 76.85 -67.22 -3.91
N ILE U 11 77.47 -67.80 -2.88
CA ILE U 11 76.96 -67.64 -1.53
C ILE U 11 76.86 -66.16 -1.25
N ALA U 12 77.99 -65.47 -1.40
CA ALA U 12 78.11 -64.06 -1.01
C ALA U 12 77.10 -63.19 -1.74
N PHE U 13 76.89 -63.44 -3.02
CA PHE U 13 75.91 -62.69 -3.79
C PHE U 13 74.52 -62.95 -3.20
N VAL U 14 74.22 -64.21 -2.91
CA VAL U 14 72.94 -64.60 -2.34
C VAL U 14 72.76 -64.05 -0.93
N VAL U 15 73.82 -64.11 -0.13
CA VAL U 15 73.70 -63.75 1.28
C VAL U 15 73.41 -62.24 1.40
N VAL U 16 74.21 -61.41 0.76
CA VAL U 16 74.00 -59.96 0.81
C VAL U 16 72.64 -59.61 0.22
N ALA U 17 72.20 -60.42 -0.73
CA ALA U 17 70.88 -60.26 -1.31
C ALA U 17 69.82 -60.54 -0.24
N ALA U 18 69.96 -61.67 0.43
CA ALA U 18 69.02 -62.05 1.49
C ALA U 18 69.03 -61.04 2.64
N VAL U 19 70.20 -60.53 3.00
CA VAL U 19 70.31 -59.53 4.05
C VAL U 19 69.66 -58.23 3.59
N PHE U 20 69.96 -57.82 2.36
CA PHE U 20 69.34 -56.61 1.84
C PHE U 20 67.85 -56.86 1.74
N SER U 21 67.50 -58.07 1.27
CA SER U 21 66.12 -58.47 1.14
C SER U 21 65.48 -58.42 2.51
N TYR U 22 66.20 -58.97 3.49
CA TYR U 22 65.75 -59.00 4.86
C TYR U 22 65.47 -57.60 5.38
N VAL U 23 66.45 -56.72 5.24
CA VAL U 23 66.33 -55.37 5.76
C VAL U 23 65.33 -54.54 4.96
N MET U 24 65.39 -54.65 3.63
CA MET U 24 64.49 -53.87 2.79
C MET U 24 63.05 -54.16 3.13
N LEU U 25 62.78 -55.43 3.47
CA LEU U 25 61.45 -55.82 3.93
C LEU U 25 61.17 -55.11 5.25
N GLY U 26 62.13 -55.15 6.16
CA GLY U 26 62.00 -54.48 7.45
C GLY U 26 61.91 -52.99 7.25
N ALA U 27 62.74 -52.47 6.34
CA ALA U 27 62.69 -51.07 5.97
C ALA U 27 61.34 -50.78 5.35
N GLY U 28 60.88 -51.75 4.56
CA GLY U 28 59.62 -51.64 3.86
C GLY U 28 58.38 -51.71 4.73
N PHE U 29 58.37 -52.62 5.69
CA PHE U 29 57.22 -52.72 6.58
C PHE U 29 57.12 -51.42 7.35
N PHE U 30 58.24 -50.97 7.88
CA PHE U 30 58.27 -49.71 8.63
C PHE U 30 57.82 -48.57 7.73
N ALA U 31 58.23 -48.63 6.46
CA ALA U 31 57.81 -47.63 5.49
C ALA U 31 56.29 -47.65 5.42
N THR U 32 55.75 -48.85 5.30
CA THR U 32 54.31 -49.04 5.21
C THR U 32 53.63 -48.66 6.53
N GLN U 33 54.14 -49.21 7.62
CA GLN U 33 53.55 -49.00 8.93
C GLN U 33 53.64 -47.52 9.32
N LYS U 34 54.64 -46.82 8.78
CA LYS U 34 54.71 -45.38 8.95
C LYS U 34 53.65 -44.73 8.05
N SER U 35 53.58 -45.21 6.82
CA SER U 35 52.66 -44.68 5.83
C SER U 35 51.22 -44.82 6.30
N GLN U 36 50.99 -45.83 7.14
CA GLN U 36 49.68 -46.06 7.75
C GLN U 36 49.39 -45.06 8.86
N GLU U 37 50.40 -44.79 9.69
CA GLU U 37 50.24 -43.95 10.86
C GLU U 37 49.88 -42.53 10.46
N VAL U 38 50.59 -41.99 9.48
CA VAL U 38 50.31 -40.63 8.99
C VAL U 38 48.90 -40.53 8.42
N THR U 39 48.41 -41.63 7.84
CA THR U 39 47.08 -41.68 7.28
C THR U 39 46.03 -41.70 8.37
N TYR U 40 46.26 -42.51 9.39
CA TYR U 40 45.35 -42.59 10.50
C TYR U 40 45.29 -41.27 11.23
N SER U 41 46.46 -40.70 11.48
CA SER U 41 46.58 -39.39 12.07
C SER U 41 46.02 -38.34 11.11
N GLY U 42 46.18 -38.58 9.82
CA GLY U 42 45.74 -37.63 8.81
C GLY U 42 44.23 -37.45 8.83
N MET U 43 43.49 -38.55 8.91
CA MET U 43 42.05 -38.51 9.02
C MET U 43 41.65 -38.01 10.38
N LYS U 44 42.46 -38.37 11.38
CA LYS U 44 42.18 -38.03 12.75
C LYS U 44 42.42 -36.54 12.92
N GLN U 45 43.30 -35.98 12.11
CA GLN U 45 43.59 -34.56 12.13
C GLN U 45 42.36 -33.76 11.72
N ALA U 46 41.68 -34.22 10.68
CA ALA U 46 40.53 -33.51 10.14
C ALA U 46 39.26 -33.76 10.95
N THR U 47 39.05 -35.01 11.32
CA THR U 47 37.80 -35.45 11.91
C THR U 47 37.74 -35.19 13.41
N SER U 48 38.87 -34.85 14.02
CA SER U 48 38.94 -34.62 15.46
C SER U 48 38.49 -33.20 15.79
N ASN U 49 38.09 -32.45 14.76
CA ASN U 49 37.64 -31.07 14.90
C ASN U 49 36.54 -30.92 15.94
N LEU U 50 36.64 -29.83 16.70
CA LEU U 50 35.67 -29.50 17.76
C LEU U 50 34.99 -28.17 17.45
N ILE U 51 33.78 -28.02 17.95
CA ILE U 51 32.90 -26.96 17.48
C ILE U 51 32.19 -26.25 18.62
N LEU U 52 32.05 -24.93 18.50
CA LEU U 52 31.17 -24.17 19.36
C LEU U 52 29.73 -24.38 18.93
N ASP U 53 28.87 -24.75 19.88
CA ASP U 53 27.49 -25.09 19.59
C ASP U 53 26.53 -24.02 20.12
N GLY U 54 25.89 -23.28 19.21
CA GLY U 54 24.88 -22.32 19.59
C GLY U 54 25.44 -21.09 20.28
N MET U 55 24.54 -20.29 20.86
CA MET U 55 24.88 -18.94 21.32
C MET U 55 25.92 -18.92 22.42
N ILE U 56 26.62 -17.79 22.52
CA ILE U 56 27.54 -17.54 23.62
C ILE U 56 26.91 -16.61 24.65
N TYR U 57 26.51 -17.19 25.78
CA TYR U 57 25.96 -16.42 26.88
C TYR U 57 27.07 -15.86 27.77
N GLY U 58 26.77 -14.83 28.55
CA GLY U 58 27.69 -14.41 29.59
C GLY U 58 27.06 -13.72 30.78
N SER U 59 27.73 -13.87 31.92
CA SER U 59 27.41 -13.08 33.11
C SER U 59 28.11 -11.73 32.99
N TYR U 60 27.45 -10.68 33.46
CA TYR U 60 27.95 -9.33 33.27
C TYR U 60 27.59 -8.50 34.51
N SER U 61 28.43 -7.49 34.80
CA SER U 61 28.24 -6.65 35.97
C SER U 61 28.51 -5.18 35.64
N LYS U 62 27.52 -4.33 35.92
CA LYS U 62 27.68 -2.89 35.71
C LYS U 62 28.65 -2.34 36.73
N GLY U 63 28.39 -2.63 38.00
CA GLY U 63 29.25 -2.15 39.07
C GLY U 63 30.54 -2.94 39.10
N GLY U 64 30.52 -4.12 38.49
CA GLY U 64 31.72 -4.90 38.30
C GLY U 64 32.53 -4.36 37.13
N SER U 65 33.62 -5.04 36.80
CA SER U 65 34.49 -4.60 35.71
C SER U 65 33.85 -4.78 34.32
N GLY U 66 32.97 -5.77 34.19
CA GLY U 66 32.35 -6.05 32.89
C GLY U 66 31.93 -7.49 32.76
N LEU U 67 31.89 -7.98 31.53
CA LEU U 67 31.67 -9.40 31.27
C LEU U 67 32.66 -10.20 32.10
N ALA U 68 32.14 -11.13 32.89
CA ALA U 68 32.95 -11.85 33.85
C ALA U 68 33.00 -13.31 33.44
N GLN U 69 31.93 -14.04 33.71
CA GLN U 69 31.81 -15.37 33.19
C GLN U 69 31.39 -15.27 31.73
N LEU U 70 31.71 -16.29 30.94
CA LEU U 70 31.18 -16.41 29.59
C LEU U 70 30.77 -17.86 29.39
N TYR U 71 29.61 -18.08 28.80
CA TYR U 71 29.07 -19.42 28.67
C TYR U 71 28.84 -19.70 27.20
N PHE U 72 29.45 -20.77 26.72
CA PHE U 72 29.20 -21.23 25.39
C PHE U 72 29.32 -22.73 25.41
N TYR U 73 28.41 -23.39 24.72
CA TYR U 73 28.49 -24.83 24.62
C TYR U 73 29.48 -25.19 23.52
N VAL U 74 30.13 -26.31 23.74
CA VAL U 74 31.13 -26.82 22.82
C VAL U 74 30.77 -28.26 22.59
N LYS U 75 30.90 -28.71 21.35
CA LYS U 75 30.46 -30.04 21.00
C LYS U 75 31.48 -30.71 20.10
N VAL U 76 31.17 -31.93 19.71
CA VAL U 76 31.97 -32.65 18.73
C VAL U 76 30.98 -33.14 17.67
N PRO U 77 31.36 -33.08 16.40
CA PRO U 77 30.47 -33.64 15.38
C PRO U 77 30.19 -35.12 15.61
N GLU U 78 29.00 -35.56 15.20
CA GLU U 78 28.54 -36.92 15.43
C GLU U 78 29.55 -37.93 14.87
N GLY U 79 30.23 -37.56 13.79
CA GLY U 79 31.22 -38.40 13.16
C GLY U 79 32.63 -38.13 13.64
N GLY U 80 32.74 -37.24 14.64
CA GLY U 80 34.03 -36.80 15.12
C GLY U 80 34.71 -37.81 16.02
N GLU U 81 35.90 -37.44 16.51
CA GLU U 81 36.66 -38.27 17.43
C GLU U 81 36.52 -37.68 18.82
N THR U 82 36.56 -38.54 19.84
CA THR U 82 36.35 -38.09 21.22
C THR U 82 37.43 -37.10 21.61
N GLN U 83 37.14 -36.30 22.63
CA GLN U 83 37.99 -35.16 22.96
C GLN U 83 38.30 -35.10 24.45
N ASP U 84 39.31 -34.32 24.80
CA ASP U 84 39.66 -34.04 26.18
C ASP U 84 39.81 -32.54 26.39
N LEU U 85 38.92 -31.97 27.18
CA LEU U 85 38.86 -30.53 27.36
C LEU U 85 40.05 -30.05 28.19
N LYS U 86 40.68 -30.99 28.88
CA LYS U 86 41.86 -30.69 29.69
C LYS U 86 42.93 -30.08 28.79
N TYR U 87 42.98 -30.57 27.54
CA TYR U 87 43.99 -30.14 26.57
C TYR U 87 43.50 -29.07 25.60
N VAL U 88 42.22 -28.70 25.67
CA VAL U 88 41.73 -27.58 24.88
C VAL U 88 42.15 -26.29 25.57
N THR U 89 42.62 -25.33 24.78
CA THR U 89 43.07 -24.04 25.31
C THR U 89 42.25 -22.92 24.71
N TYR U 90 41.83 -22.00 25.58
CA TYR U 90 40.98 -20.90 25.18
C TYR U 90 41.65 -19.55 25.18
N LEU U 91 42.04 -19.09 24.01
CA LEU U 91 42.72 -17.81 23.86
C LEU U 91 41.75 -16.65 23.80
N TRP U 92 42.12 -15.54 24.43
CA TRP U 92 41.15 -14.48 24.70
C TRP U 92 41.71 -13.09 24.40
N THR U 93 40.84 -12.19 23.97
CA THR U 93 41.22 -10.82 23.65
C THR U 93 40.11 -9.86 24.01
N LYS U 94 40.47 -8.71 24.57
CA LYS U 94 39.53 -7.62 24.77
C LYS U 94 39.95 -6.41 23.94
N GLU U 95 39.19 -6.14 22.88
CA GLU U 95 39.38 -4.93 22.07
C GLU U 95 40.84 -4.74 21.68
N ASN U 96 41.32 -5.59 20.79
CA ASN U 96 42.65 -5.49 20.17
C ASN U 96 43.61 -5.21 21.33
N LYS U 97 43.64 -6.09 22.32
CA LYS U 97 44.68 -6.09 23.34
C LYS U 97 45.61 -7.16 22.80
N ALA U 98 46.61 -7.55 23.59
CA ALA U 98 47.54 -8.60 23.19
C ALA U 98 46.66 -9.81 23.44
N VAL U 99 47.24 -11.00 23.56
CA VAL U 99 46.45 -12.22 23.74
C VAL U 99 46.88 -12.47 25.17
N THR U 100 46.10 -13.30 25.86
CA THR U 100 46.55 -13.99 27.05
C THR U 100 45.76 -15.27 26.86
N THR U 101 46.33 -16.41 27.25
CA THR U 101 45.61 -17.67 27.15
C THR U 101 44.78 -17.65 28.41
N LEU U 102 43.66 -18.36 28.41
CA LEU U 102 42.75 -18.31 29.54
C LEU U 102 42.62 -19.40 30.60
N THR U 103 43.11 -19.09 31.79
CA THR U 103 43.09 -20.01 32.91
C THR U 103 41.90 -20.70 33.58
N SER U 104 40.85 -19.93 33.85
CA SER U 104 39.74 -20.43 34.65
C SER U 104 38.51 -20.89 33.91
N ILE U 105 38.48 -22.20 33.60
CA ILE U 105 37.36 -22.85 32.94
C ILE U 105 36.64 -24.02 33.64
N THR U 106 35.34 -23.88 33.84
CA THR U 106 34.60 -24.88 34.64
C THR U 106 34.83 -26.35 34.35
N PRO U 107 34.75 -26.75 33.07
CA PRO U 107 35.04 -28.15 32.78
C PRO U 107 36.51 -28.54 32.68
N THR U 108 37.33 -27.99 33.58
CA THR U 108 38.77 -28.17 33.51
C THR U 108 39.21 -29.58 33.13
N ASN U 109 38.56 -30.57 33.73
CA ASN U 109 38.86 -31.96 33.46
C ASN U 109 37.84 -33.05 33.10
N GLN U 110 37.32 -32.97 31.87
CA GLN U 110 36.34 -33.92 31.38
C GLN U 110 36.43 -34.20 29.89
N GLN U 111 35.95 -35.37 29.47
CA GLN U 111 35.91 -35.73 28.07
C GLN U 111 34.54 -35.63 27.38
N LEU U 112 34.59 -35.40 26.07
CA LEU U 112 33.38 -35.39 25.25
C LEU U 112 33.41 -36.53 24.24
N ASN U 113 32.49 -37.47 24.36
CA ASN U 113 32.29 -38.44 23.30
C ASN U 113 31.83 -37.69 22.08
N PRO U 114 32.20 -38.17 20.86
CA PRO U 114 31.71 -37.45 19.69
C PRO U 114 30.19 -37.42 19.63
N GLY U 115 29.62 -36.29 19.24
CA GLY U 115 28.18 -36.12 19.24
C GLY U 115 27.65 -35.83 20.63
N ALA U 116 28.43 -35.12 21.42
CA ALA U 116 28.01 -34.67 22.75
C ALA U 116 28.48 -33.25 22.98
N ARG U 117 27.99 -32.62 24.04
CA ARG U 117 28.32 -31.24 24.36
C ARG U 117 28.56 -31.01 25.84
N VAL U 118 29.08 -29.84 26.17
CA VAL U 118 29.38 -29.46 27.54
C VAL U 118 29.25 -27.96 27.68
N LYS U 119 28.91 -27.47 28.88
CA LYS U 119 28.86 -26.04 29.09
C LYS U 119 30.22 -25.55 29.55
N VAL U 120 30.93 -24.87 28.67
CA VAL U 120 32.20 -24.26 29.01
C VAL U 120 31.94 -22.91 29.66
N THR U 121 32.64 -22.63 30.76
CA THR U 121 32.54 -21.34 31.42
C THR U 121 33.88 -20.63 31.52
N ILE U 122 34.04 -19.58 30.73
CA ILE U 122 35.23 -18.75 30.79
C ILE U 122 35.13 -17.56 31.71
N THR U 123 36.11 -17.40 32.59
CA THR U 123 36.38 -16.12 33.22
C THR U 123 37.55 -15.33 32.71
N ALA U 124 37.30 -14.13 32.20
CA ALA U 124 38.36 -13.34 31.59
C ALA U 124 39.32 -12.86 32.68
N PRO U 125 40.62 -12.80 32.36
CA PRO U 125 41.63 -12.41 33.35
C PRO U 125 41.48 -10.94 33.72
N THR U 126 42.13 -10.53 34.81
CA THR U 126 41.82 -9.28 35.50
C THR U 126 41.68 -8.08 34.56
N GLY U 127 42.59 -7.97 33.58
CA GLY U 127 42.60 -6.83 32.69
C GLY U 127 41.72 -6.94 31.48
N TYR U 128 41.35 -8.17 31.12
CA TYR U 128 40.71 -8.44 29.84
C TYR U 128 39.19 -8.54 29.86
N LYS U 129 38.55 -8.21 30.98
CA LYS U 129 37.10 -8.31 31.05
C LYS U 129 36.45 -7.26 30.14
N PRO U 130 35.77 -7.71 29.07
CA PRO U 130 35.22 -6.72 28.13
C PRO U 130 33.95 -6.05 28.66
N ILE U 131 33.73 -4.82 28.22
CA ILE U 131 32.60 -4.01 28.65
C ILE U 131 31.78 -3.68 27.42
N ALA U 132 30.52 -3.27 27.62
CA ALA U 132 29.59 -3.08 26.52
C ALA U 132 30.18 -2.21 25.41
N GLY U 133 30.13 -2.72 24.18
CA GLY U 133 30.69 -2.02 23.03
C GLY U 133 32.11 -2.42 22.68
N GLN U 134 32.73 -3.24 23.55
CA GLN U 134 34.09 -3.71 23.29
C GLN U 134 34.08 -5.13 22.74
N LYS U 135 34.66 -5.32 21.55
CA LYS U 135 34.70 -6.65 20.96
C LYS U 135 35.73 -7.52 21.68
N PHE U 136 35.44 -8.82 21.74
CA PHE U 136 36.40 -9.80 22.23
C PHE U 136 36.46 -10.97 21.27
N VAL U 137 37.60 -11.66 21.23
CA VAL U 137 37.72 -12.88 20.46
C VAL U 137 38.08 -14.03 21.37
N LEU U 138 37.53 -15.20 21.06
CA LEU U 138 37.84 -16.41 21.78
C LEU U 138 38.21 -17.51 20.79
N GLU U 139 39.49 -17.90 20.80
CA GLU U 139 39.94 -18.97 19.92
C GLU U 139 39.91 -20.27 20.69
N ILE U 140 39.15 -21.24 20.17
CA ILE U 140 39.05 -22.53 20.81
C ILE U 140 39.93 -23.53 20.08
N LYS U 141 40.89 -24.06 20.81
CA LYS U 141 41.99 -24.84 20.25
C LYS U 141 42.02 -26.23 20.81
N PRO U 142 41.22 -27.15 20.25
CA PRO U 142 41.30 -28.54 20.69
C PRO U 142 42.63 -29.13 20.28
N LYS U 143 43.21 -29.99 21.11
CA LYS U 143 44.45 -30.66 20.73
C LYS U 143 44.14 -31.55 19.53
N THR U 144 44.99 -31.47 18.51
CA THR U 144 44.80 -32.26 17.29
C THR U 144 43.43 -31.97 16.71
N GLY U 145 43.25 -30.79 16.12
CA GLY U 145 42.01 -30.46 15.45
C GLY U 145 41.97 -29.02 14.98
N ALA U 146 41.06 -28.75 14.05
CA ALA U 146 40.92 -27.40 13.51
C ALA U 146 40.51 -26.46 14.62
N SER U 147 41.10 -25.28 14.64
CA SER U 147 40.90 -24.35 15.73
C SER U 147 39.91 -23.29 15.30
N THR U 148 38.90 -23.08 16.12
CA THR U 148 37.85 -22.13 15.78
C THR U 148 38.27 -20.76 16.26
N ILE U 149 37.48 -19.75 15.93
CA ILE U 149 37.53 -18.49 16.64
C ILE U 149 36.13 -17.93 16.62
N VAL U 150 35.71 -17.39 17.76
CA VAL U 150 34.42 -16.71 17.80
C VAL U 150 34.61 -15.30 18.32
N THR U 151 34.45 -14.35 17.41
CA THR U 151 34.51 -12.95 17.76
C THR U 151 33.11 -12.42 17.97
N ARG U 152 32.96 -11.59 19.00
CA ARG U 152 31.70 -10.96 19.31
C ARG U 152 32.02 -9.54 19.72
N THR U 153 31.03 -8.67 19.65
CA THR U 153 31.14 -7.37 20.28
C THR U 153 29.87 -7.14 21.04
N LEU U 154 30.02 -6.87 22.33
CA LEU U 154 28.88 -6.58 23.16
C LEU U 154 28.24 -5.31 22.63
N SER U 155 26.93 -5.38 22.37
CA SER U 155 26.21 -4.20 21.95
C SER U 155 26.38 -3.19 23.06
N ASP U 156 26.39 -1.89 22.76
CA ASP U 156 26.60 -0.96 23.83
C ASP U 156 25.21 -0.74 24.39
N GLY U 157 25.02 -1.35 25.55
CA GLY U 157 23.75 -1.91 25.95
C GLY U 157 24.21 -3.08 26.80
N TYR U 158 23.46 -4.17 26.80
CA TYR U 158 23.95 -5.43 27.36
C TYR U 158 24.24 -5.33 28.85
N ASN U 159 23.18 -5.26 29.65
CA ASN U 159 23.31 -5.44 31.09
C ASN U 159 23.79 -6.87 31.38
N GLY U 160 23.72 -7.73 30.36
CA GLY U 160 24.24 -9.09 30.46
C GLY U 160 23.57 -10.05 29.49
N GLY U 161 23.60 -11.33 29.84
CA GLY U 161 22.86 -12.36 29.14
C GLY U 161 23.41 -12.77 27.79
N VAL U 162 22.52 -13.21 26.90
CA VAL U 162 22.92 -13.75 25.60
C VAL U 162 23.72 -12.75 24.82
N ILE U 163 24.78 -13.22 24.17
CA ILE U 163 25.54 -12.39 23.23
C ILE U 163 25.04 -12.76 21.84
N ILE U 164 24.33 -11.81 21.24
CA ILE U 164 23.55 -12.07 20.05
C ILE U 164 24.44 -12.53 18.89
N PHE V 1 86.04 -70.29 -12.98
CA PHE V 1 85.25 -69.03 -12.94
C PHE V 1 85.57 -68.31 -11.63
N SER V 2 85.98 -67.05 -11.73
CA SER V 2 86.44 -66.28 -10.57
C SER V 2 85.59 -65.03 -10.34
N GLY V 3 85.33 -64.73 -9.08
CA GLY V 3 84.56 -63.54 -8.73
C GLY V 3 85.37 -62.27 -8.94
N LEU V 4 86.64 -62.42 -9.31
CA LEU V 4 87.49 -61.28 -9.59
C LEU V 4 86.90 -60.46 -10.72
N GLU V 5 86.42 -61.15 -11.74
CA GLU V 5 85.78 -60.53 -12.89
C GLU V 5 84.41 -60.02 -12.51
N ALA V 6 83.75 -60.72 -11.59
CA ALA V 6 82.45 -60.32 -11.11
C ALA V 6 82.55 -58.94 -10.48
N ALA V 7 83.68 -58.69 -9.84
CA ALA V 7 83.96 -57.38 -9.24
C ALA V 7 83.98 -56.33 -10.34
N ILE V 8 84.68 -56.65 -11.42
CA ILE V 8 84.86 -55.71 -12.54
C ILE V 8 83.49 -55.23 -13.01
N VAL V 9 82.54 -56.16 -13.08
CA VAL V 9 81.18 -55.87 -13.50
C VAL V 9 80.43 -55.14 -12.38
N LEU V 10 80.65 -55.61 -11.15
CA LEU V 10 79.92 -55.08 -10.00
C LEU V 10 80.15 -53.60 -9.90
N ILE V 11 81.35 -53.15 -10.28
CA ILE V 11 81.62 -51.74 -10.40
C ILE V 11 80.60 -51.16 -11.37
N ALA V 12 80.55 -51.74 -12.58
CA ALA V 12 79.75 -51.19 -13.66
C ALA V 12 78.27 -51.11 -13.29
N PHE V 13 77.77 -52.12 -12.61
CA PHE V 13 76.38 -52.12 -12.16
C PHE V 13 76.18 -50.95 -11.18
N VAL V 14 77.12 -50.82 -10.25
CA VAL V 14 77.06 -49.74 -9.25
C VAL V 14 77.23 -48.37 -9.88
N VAL V 15 78.15 -48.26 -10.83
CA VAL V 15 78.48 -46.95 -11.39
C VAL V 15 77.28 -46.40 -12.17
N VAL V 16 76.75 -47.19 -13.10
CA VAL V 16 75.59 -46.76 -13.88
C VAL V 16 74.42 -46.48 -12.95
N ALA V 17 74.35 -47.21 -11.86
CA ALA V 17 73.33 -46.99 -10.84
C ALA V 17 73.54 -45.59 -10.23
N ALA V 18 74.76 -45.32 -9.80
CA ALA V 18 75.09 -44.04 -9.20
C ALA V 18 74.87 -42.89 -10.19
N VAL V 19 75.23 -43.10 -11.45
CA VAL V 19 75.03 -42.06 -12.46
C VAL V 19 73.53 -41.87 -12.69
N PHE V 20 72.80 -42.96 -12.82
CA PHE V 20 71.36 -42.84 -12.98
C PHE V 20 70.79 -42.22 -11.73
N SER V 21 71.30 -42.66 -10.59
CA SER V 21 70.88 -42.13 -9.30
C SER V 21 71.17 -40.65 -9.29
N TYR V 22 72.38 -40.32 -9.73
CA TYR V 22 72.84 -38.94 -9.78
C TYR V 22 71.91 -38.09 -10.63
N VAL V 23 71.66 -38.54 -11.86
CA VAL V 23 70.83 -37.78 -12.78
C VAL V 23 69.37 -37.77 -12.37
N MET V 24 68.86 -38.93 -11.95
CA MET V 24 67.46 -39.03 -11.56
C MET V 24 67.15 -38.04 -10.44
N LEU V 25 68.11 -37.88 -9.54
CA LEU V 25 67.99 -36.88 -8.48
C LEU V 25 67.93 -35.50 -9.11
N GLY V 26 68.86 -35.25 -10.04
CA GLY V 26 68.89 -33.97 -10.74
C GLY V 26 67.65 -33.80 -11.59
N ALA V 27 67.24 -34.88 -12.24
CA ALA V 27 66.00 -34.90 -13.00
C ALA V 27 64.85 -34.66 -12.03
N GLY V 28 64.97 -35.28 -10.87
CA GLY V 28 63.97 -35.19 -9.82
C GLY V 28 63.83 -33.84 -9.15
N PHE V 29 64.96 -33.20 -8.84
CA PHE V 29 64.91 -31.89 -8.22
C PHE V 29 64.25 -30.94 -9.19
N PHE V 30 64.70 -30.98 -10.45
CA PHE V 30 64.12 -30.15 -11.48
C PHE V 30 62.64 -30.44 -11.62
N ALA V 31 62.28 -31.71 -11.52
CA ALA V 31 60.88 -32.11 -11.57
C ALA V 31 60.15 -31.39 -10.45
N THR V 32 60.72 -31.44 -9.26
CA THR V 32 60.14 -30.81 -8.09
C THR V 32 60.15 -29.30 -8.22
N GLN V 33 61.31 -28.75 -8.56
CA GLN V 33 61.47 -27.31 -8.67
C GLN V 33 60.61 -26.74 -9.78
N LYS V 34 60.31 -27.57 -10.78
CA LYS V 34 59.35 -27.18 -11.80
C LYS V 34 57.95 -27.27 -11.21
N SER V 35 57.70 -28.35 -10.49
CA SER V 35 56.39 -28.60 -9.88
C SER V 35 56.04 -27.49 -8.90
N GLN V 36 57.06 -26.87 -8.34
CA GLN V 36 56.89 -25.74 -7.44
C GLN V 36 56.54 -24.47 -8.19
N GLU V 37 57.20 -24.25 -9.33
CA GLU V 37 57.05 -23.02 -10.09
C GLU V 37 55.63 -22.88 -10.61
N VAL V 38 55.11 -23.98 -11.18
CA VAL V 38 53.74 -23.96 -11.71
C VAL V 38 52.73 -23.70 -10.61
N THR V 39 53.04 -24.15 -9.39
CA THR V 39 52.18 -23.95 -8.23
C THR V 39 52.19 -22.49 -7.80
N TYR V 40 53.39 -21.90 -7.74
CA TYR V 40 53.54 -20.52 -7.35
C TYR V 40 52.87 -19.62 -8.38
N SER V 41 53.13 -19.92 -9.64
CA SER V 41 52.47 -19.23 -10.74
C SER V 41 50.98 -19.53 -10.74
N GLY V 42 50.62 -20.76 -10.31
CA GLY V 42 49.24 -21.18 -10.30
C GLY V 42 48.40 -20.34 -9.35
N MET V 43 48.91 -20.12 -8.15
CA MET V 43 48.23 -19.28 -7.18
C MET V 43 48.31 -17.83 -7.62
N LYS V 44 49.43 -17.49 -8.25
CA LYS V 44 49.69 -16.12 -8.66
C LYS V 44 48.76 -15.82 -9.84
N GLN V 45 48.41 -16.85 -10.59
CA GLN V 45 47.48 -16.70 -11.71
C GLN V 45 46.11 -16.25 -11.22
N ALA V 46 45.65 -16.86 -10.14
CA ALA V 46 44.31 -16.58 -9.62
C ALA V 46 44.28 -15.31 -8.79
N THR V 47 45.29 -15.14 -7.94
CA THR V 47 45.28 -14.07 -6.95
C THR V 47 45.77 -12.73 -7.51
N SER V 48 46.34 -12.75 -8.71
CA SER V 48 46.87 -11.53 -9.31
C SER V 48 45.76 -10.76 -10.01
N ASN V 49 44.53 -11.27 -9.89
CA ASN V 49 43.36 -10.64 -10.48
C ASN V 49 43.21 -9.18 -10.11
N LEU V 50 42.79 -8.38 -11.09
CA LEU V 50 42.59 -6.94 -10.93
C LEU V 50 41.13 -6.58 -11.21
N ILE V 51 40.66 -5.52 -10.58
CA ILE V 51 39.22 -5.25 -10.50
C ILE V 51 38.91 -3.79 -10.77
N LEU V 52 37.80 -3.56 -11.48
CA LEU V 52 37.21 -2.25 -11.60
C LEU V 52 36.49 -1.91 -10.30
N ASP V 53 36.80 -0.74 -9.73
CA ASP V 53 36.24 -0.35 -8.44
C ASP V 53 35.25 0.80 -8.60
N GLY V 54 33.98 0.51 -8.34
CA GLY V 54 32.96 1.54 -8.35
C GLY V 54 32.63 2.08 -9.74
N MET V 55 31.88 3.17 -9.78
CA MET V 55 31.25 3.65 -11.01
C MET V 55 32.24 4.04 -12.09
N ILE V 56 31.77 3.99 -13.33
CA ILE V 56 32.54 4.46 -14.46
C ILE V 56 32.04 5.84 -14.90
N TYR V 57 32.79 6.87 -14.59
CA TYR V 57 32.48 8.23 -15.00
C TYR V 57 33.00 8.50 -16.40
N GLY V 58 32.45 9.51 -17.08
CA GLY V 58 33.08 9.98 -18.30
C GLY V 58 32.82 11.44 -18.64
N SER V 59 33.78 12.02 -19.36
CA SER V 59 33.59 13.34 -19.98
C SER V 59 32.87 13.14 -21.30
N TYR V 60 31.99 14.08 -21.64
CA TYR V 60 31.14 13.93 -22.82
C TYR V 60 30.92 15.30 -23.45
N SER V 61 30.72 15.31 -24.76
CA SER V 61 30.54 16.54 -25.50
C SER V 61 29.42 16.43 -26.53
N LYS V 62 28.44 17.33 -26.45
CA LYS V 62 27.35 17.36 -27.43
C LYS V 62 27.88 17.80 -28.77
N GLY V 63 28.56 18.95 -28.77
CA GLY V 63 29.11 19.49 -29.99
C GLY V 63 30.33 18.70 -30.43
N GLY V 64 30.91 17.97 -29.49
CA GLY V 64 31.99 17.04 -29.79
C GLY V 64 31.42 15.76 -30.36
N SER V 65 32.29 14.78 -30.61
CA SER V 65 31.86 13.51 -31.19
C SER V 65 31.05 12.65 -30.23
N GLY V 66 31.30 12.79 -28.92
CA GLY V 66 30.61 11.98 -27.93
C GLY V 66 31.42 11.80 -26.68
N LEU V 67 31.19 10.70 -25.96
CA LEU V 67 32.02 10.32 -24.83
C LEU V 67 33.47 10.35 -25.27
N ALA V 68 34.29 11.10 -24.53
CA ALA V 68 35.67 11.33 -24.92
C ALA V 68 36.58 10.68 -23.91
N GLN V 69 36.75 11.32 -22.76
CA GLN V 69 37.44 10.69 -21.67
C GLN V 69 36.48 9.70 -21.02
N LEU V 70 37.02 8.68 -20.36
CA LEU V 70 36.22 7.81 -19.51
C LEU V 70 37.01 7.56 -18.24
N TYR V 71 36.35 7.63 -17.10
CA TYR V 71 37.04 7.53 -15.83
C TYR V 71 36.44 6.38 -15.06
N PHE V 72 37.31 5.45 -14.67
CA PHE V 72 36.90 4.37 -13.81
C PHE V 72 38.09 4.04 -12.95
N TYR V 73 37.83 3.81 -11.66
CA TYR V 73 38.89 3.40 -10.79
C TYR V 73 39.12 1.91 -10.94
N VAL V 74 40.37 1.53 -10.75
CA VAL V 74 40.79 0.15 -10.87
C VAL V 74 41.58 -0.14 -9.63
N LYS V 75 41.40 -1.33 -9.08
CA LYS V 75 42.02 -1.65 -7.81
C LYS V 75 42.58 -3.06 -7.85
N VAL V 76 43.16 -3.47 -6.74
CA VAL V 76 43.62 -4.84 -6.56
C VAL V 76 43.02 -5.31 -5.23
N PRO V 77 42.55 -6.56 -5.18
CA PRO V 77 42.07 -7.06 -3.89
C PRO V 77 43.14 -7.01 -2.80
N GLU V 78 42.72 -6.82 -1.56
CA GLU V 78 43.63 -6.67 -0.44
C GLU V 78 44.60 -7.85 -0.34
N GLY V 79 44.12 -9.03 -0.76
CA GLY V 79 44.93 -10.23 -0.74
C GLY V 79 45.63 -10.49 -2.06
N GLY V 80 45.49 -9.54 -2.99
CA GLY V 80 46.01 -9.72 -4.34
C GLY V 80 47.51 -9.52 -4.44
N GLU V 81 48.02 -9.66 -5.65
CA GLU V 81 49.43 -9.44 -5.93
C GLU V 81 49.58 -8.08 -6.62
N THR V 82 50.72 -7.42 -6.39
CA THR V 82 50.91 -6.08 -6.93
C THR V 82 50.88 -6.11 -8.44
N GLN V 83 50.61 -4.96 -9.06
CA GLN V 83 50.34 -4.90 -10.49
C GLN V 83 51.13 -3.80 -11.17
N ASP V 84 51.19 -3.88 -12.49
CA ASP V 84 51.80 -2.85 -13.31
C ASP V 84 50.85 -2.46 -14.44
N LEU V 85 50.37 -1.23 -14.39
CA LEU V 85 49.36 -0.77 -15.35
C LEU V 85 49.96 -0.60 -16.72
N LYS V 86 51.29 -0.52 -16.78
CA LYS V 86 51.99 -0.40 -18.05
C LYS V 86 51.62 -1.58 -18.93
N TYR V 87 51.42 -2.75 -18.29
CA TYR V 87 51.13 -3.98 -19.01
C TYR V 87 49.64 -4.35 -19.06
N VAL V 88 48.81 -3.55 -18.41
CA VAL V 88 47.36 -3.74 -18.54
C VAL V 88 46.92 -3.13 -19.86
N THR V 89 46.06 -3.84 -20.59
CA THR V 89 45.57 -3.39 -21.88
C THR V 89 44.06 -3.23 -21.84
N TYR V 90 43.59 -2.11 -22.37
CA TYR V 90 42.16 -1.80 -22.36
C TYR V 90 41.49 -1.88 -23.71
N LEU V 91 40.78 -2.97 -23.93
CA LEU V 91 40.09 -3.20 -25.19
C LEU V 91 38.74 -2.50 -25.21
N TRP V 92 38.37 -1.96 -26.36
CA TRP V 92 37.24 -1.03 -26.44
C TRP V 92 36.34 -1.31 -27.64
N THR V 93 35.06 -1.03 -27.46
CA THR V 93 34.07 -1.23 -28.51
C THR V 93 32.99 -0.17 -28.44
N LYS V 94 32.57 0.33 -29.60
CA LYS V 94 31.39 1.19 -29.68
C LYS V 94 30.31 0.51 -30.51
N GLU V 95 29.24 0.08 -29.84
CA GLU V 95 28.06 -0.46 -30.51
C GLU V 95 28.43 -1.49 -31.56
N ASN V 96 28.88 -2.65 -31.10
CA ASN V 96 29.16 -3.82 -31.92
C ASN V 96 29.95 -3.31 -33.14
N LYS V 97 31.07 -2.67 -32.87
CA LYS V 97 32.04 -2.35 -33.92
C LYS V 97 33.04 -3.49 -33.73
N ALA V 98 34.16 -3.43 -34.43
CA ALA V 98 35.20 -4.43 -34.32
C ALA V 98 35.81 -4.02 -32.97
N VAL V 99 37.02 -4.45 -32.66
CA VAL V 99 37.64 -4.12 -31.38
C VAL V 99 38.70 -3.20 -31.94
N THR V 100 39.27 -2.39 -31.06
CA THR V 100 40.55 -1.75 -31.28
C THR V 100 41.04 -1.75 -29.85
N THR V 101 42.34 -1.94 -29.64
CA THR V 101 42.88 -1.92 -28.29
C THR V 101 43.07 -0.41 -28.09
N LEU V 102 43.07 0.02 -26.83
CA LEU V 102 43.12 1.44 -26.53
C LEU V 102 44.37 2.17 -26.05
N THR V 103 44.93 2.98 -26.95
CA THR V 103 46.14 3.75 -26.67
C THR V 103 46.39 4.78 -25.58
N SER V 104 45.45 5.70 -25.40
CA SER V 104 45.67 6.84 -24.53
C SER V 104 45.07 6.77 -23.13
N ILE V 105 45.88 6.26 -22.20
CA ILE V 105 45.53 6.17 -20.78
C ILE V 105 46.38 6.89 -19.73
N THR V 106 45.77 7.75 -18.94
CA THR V 106 46.52 8.61 -18.03
C THR V 106 47.58 7.95 -17.15
N PRO V 107 47.25 6.85 -16.48
CA PRO V 107 48.29 6.18 -15.69
C PRO V 107 49.25 5.28 -16.47
N THR V 108 49.64 5.71 -17.66
CA THR V 108 50.43 4.88 -18.55
C THR V 108 51.51 4.06 -17.86
N ASN V 109 52.21 4.69 -16.93
CA ASN V 109 53.28 4.04 -16.18
C ASN V 109 53.44 4.06 -14.67
N GLN V 110 52.55 3.32 -13.99
CA GLN V 110 52.56 3.23 -12.53
C GLN V 110 52.11 1.88 -12.00
N GLN V 111 52.57 1.55 -10.78
CA GLN V 111 52.14 0.33 -10.11
C GLN V 111 51.11 0.48 -9.01
N LEU V 112 50.35 -0.59 -8.79
CA LEU V 112 49.38 -0.66 -7.70
C LEU V 112 49.77 -1.73 -6.71
N ASN V 113 50.08 -1.34 -5.49
CA ASN V 113 50.22 -2.32 -4.41
C ASN V 113 48.87 -2.96 -4.21
N PRO V 114 48.84 -4.25 -3.81
CA PRO V 114 47.52 -4.84 -3.60
C PRO V 114 46.76 -4.11 -2.50
N GLY V 115 45.46 -3.91 -2.72
CA GLY V 115 44.64 -3.15 -1.79
C GLY V 115 44.82 -1.65 -2.00
N ALA V 116 45.04 -1.25 -3.25
CA ALA V 116 45.12 0.16 -3.61
C ALA V 116 44.39 0.38 -4.93
N ARG V 117 44.19 1.66 -5.29
CA ARG V 117 43.45 2.00 -6.50
C ARG V 117 44.09 3.17 -7.23
N VAL V 118 43.62 3.40 -8.45
CA VAL V 118 44.13 4.46 -9.31
C VAL V 118 43.01 4.94 -10.22
N LYS V 119 43.05 6.21 -10.63
CA LYS V 119 42.05 6.71 -11.57
C LYS V 119 42.56 6.49 -12.99
N VAL V 120 41.97 5.51 -13.67
CA VAL V 120 42.28 5.26 -15.07
C VAL V 120 41.46 6.20 -15.93
N THR V 121 42.10 6.81 -16.93
CA THR V 121 41.39 7.67 -17.86
C THR V 121 41.56 7.21 -19.31
N ILE V 122 40.48 6.67 -19.87
CA ILE V 122 40.45 6.26 -21.27
C ILE V 122 39.95 7.32 -22.22
N THR V 123 40.71 7.58 -23.27
CA THR V 123 40.18 8.22 -24.46
C THR V 123 39.90 7.33 -25.66
N ALA V 124 38.65 7.28 -26.10
CA ALA V 124 38.29 6.38 -27.18
C ALA V 124 38.91 6.89 -28.48
N PRO V 125 39.34 5.96 -29.35
CA PRO V 125 39.98 6.35 -30.61
C PRO V 125 38.99 7.03 -31.55
N THR V 126 39.50 7.67 -32.59
CA THR V 126 38.75 8.64 -33.37
C THR V 126 37.36 8.17 -33.77
N GLY V 127 37.24 6.90 -34.19
CA GLY V 127 35.98 6.38 -34.69
C GLY V 127 35.07 5.80 -33.62
N TYR V 128 35.64 5.44 -32.48
CA TYR V 128 34.94 4.66 -31.47
C TYR V 128 34.30 5.44 -30.32
N LYS V 129 34.28 6.76 -30.40
CA LYS V 129 33.69 7.56 -29.32
C LYS V 129 32.18 7.34 -29.28
N PRO V 130 31.68 6.70 -28.19
CA PRO V 130 30.25 6.41 -28.16
C PRO V 130 29.38 7.62 -27.82
N ILE V 131 28.16 7.60 -28.34
CA ILE V 131 27.23 8.71 -28.17
C ILE V 131 26.01 8.16 -27.44
N ALA V 132 25.20 9.05 -26.86
CA ALA V 132 24.11 8.65 -26.00
C ALA V 132 23.22 7.59 -26.66
N GLY V 133 22.99 6.49 -25.94
CA GLY V 133 22.21 5.39 -26.45
C GLY V 133 23.02 4.29 -27.10
N GLN V 134 24.32 4.52 -27.28
CA GLN V 134 25.22 3.53 -27.87
C GLN V 134 26.00 2.79 -26.79
N LYS V 135 25.87 1.47 -26.74
CA LYS V 135 26.60 0.69 -25.75
C LYS V 135 28.07 0.59 -26.13
N PHE V 136 28.93 0.52 -25.11
CA PHE V 136 30.35 0.27 -25.32
C PHE V 136 30.80 -0.80 -24.34
N VAL V 137 31.83 -1.56 -24.71
CA VAL V 137 32.45 -2.50 -23.78
C VAL V 137 33.90 -2.15 -23.57
N LEU V 138 34.35 -2.36 -22.34
CA LEU V 138 35.75 -2.15 -21.99
C LEU V 138 36.27 -3.38 -21.27
N GLU V 139 37.17 -4.11 -21.93
CA GLU V 139 37.79 -5.28 -21.32
C GLU V 139 39.10 -4.87 -20.68
N ILE V 140 39.22 -5.10 -19.38
CA ILE V 140 40.43 -4.78 -18.67
C ILE V 140 41.25 -6.04 -18.44
N LYS V 141 42.45 -6.02 -19.01
CA LYS V 141 43.28 -7.21 -19.12
C LYS V 141 44.61 -7.02 -18.42
N PRO V 142 44.64 -7.26 -17.11
CA PRO V 142 45.91 -7.20 -16.42
C PRO V 142 46.80 -8.34 -16.86
N LYS V 143 48.10 -8.12 -16.96
CA LYS V 143 49.01 -9.20 -17.30
C LYS V 143 48.97 -10.22 -16.17
N THR V 144 48.84 -11.49 -16.52
CA THR V 144 48.76 -12.56 -15.54
C THR V 144 47.62 -12.30 -14.56
N GLY V 145 46.38 -12.46 -15.03
CA GLY V 145 45.23 -12.32 -14.17
C GLY V 145 43.92 -12.41 -14.91
N ALA V 146 42.85 -12.67 -14.17
CA ALA V 146 41.53 -12.78 -14.77
C ALA V 146 41.16 -11.46 -15.41
N SER V 147 40.57 -11.52 -16.58
CA SER V 147 40.28 -10.32 -17.35
C SER V 147 38.82 -9.96 -17.21
N THR V 148 38.56 -8.72 -16.85
CA THR V 148 37.20 -8.27 -16.61
C THR V 148 36.61 -7.83 -17.93
N ILE V 149 35.33 -7.49 -17.91
CA ILE V 149 34.74 -6.70 -18.95
C ILE V 149 33.66 -5.86 -18.31
N VAL V 150 33.58 -4.60 -18.68
CA VAL V 150 32.48 -3.77 -18.20
C VAL V 150 31.77 -3.15 -19.40
N THR V 151 30.56 -3.64 -19.62
CA THR V 151 29.70 -3.12 -20.67
C THR V 151 28.74 -2.11 -20.05
N ARG V 152 28.53 -1.03 -20.78
CA ARG V 152 27.60 0.01 -20.39
C ARG V 152 26.91 0.47 -21.63
N THR V 153 25.75 1.08 -21.46
CA THR V 153 25.12 1.80 -22.55
C THR V 153 24.70 3.15 -22.01
N LEU V 154 25.18 4.20 -22.67
CA LEU V 154 24.80 5.54 -22.28
C LEU V 154 23.30 5.66 -22.47
N SER V 155 22.61 6.11 -21.43
CA SER V 155 21.18 6.36 -21.56
C SER V 155 21.05 7.41 -22.63
N ASP V 156 19.95 7.39 -23.38
CA ASP V 156 19.84 8.37 -24.44
C ASP V 156 19.28 9.60 -23.75
N GLY V 157 20.18 10.55 -23.58
CA GLY V 157 20.19 11.41 -22.42
C GLY V 157 21.67 11.66 -22.25
N TYR V 158 22.13 11.82 -21.03
CA TYR V 158 23.55 11.80 -20.73
C TYR V 158 24.32 12.92 -21.43
N ASN V 159 24.15 14.15 -20.95
CA ASN V 159 25.01 15.24 -21.34
C ASN V 159 26.43 14.96 -20.84
N GLY V 160 26.57 13.97 -19.95
CA GLY V 160 27.87 13.53 -19.50
C GLY V 160 27.82 12.87 -18.13
N GLY V 161 28.96 12.90 -17.43
CA GLY V 161 29.03 12.50 -16.03
C GLY V 161 28.96 11.01 -15.78
N VAL V 162 28.46 10.65 -14.61
CA VAL V 162 28.45 9.25 -14.16
C VAL V 162 27.72 8.36 -15.15
N ILE V 163 28.27 7.18 -15.41
CA ILE V 163 27.58 6.19 -16.21
C ILE V 163 26.96 5.21 -15.22
N ILE V 164 25.63 5.26 -15.14
CA ILE V 164 24.88 4.61 -14.08
C ILE V 164 25.13 3.10 -14.09
N PHE W 1 82.56 -66.49 -11.86
CA PHE W 1 81.27 -65.80 -12.12
C PHE W 1 81.50 -64.74 -13.19
N SER W 2 80.70 -64.78 -14.26
CA SER W 2 80.90 -63.90 -15.40
C SER W 2 79.67 -63.04 -15.67
N GLY W 3 79.91 -61.77 -16.04
CA GLY W 3 78.83 -60.87 -16.35
C GLY W 3 78.16 -61.20 -17.68
N LEU W 4 78.70 -62.19 -18.37
CA LEU W 4 78.13 -62.64 -19.64
C LEU W 4 76.71 -63.12 -19.40
N GLU W 5 76.52 -63.86 -18.32
CA GLU W 5 75.21 -64.37 -17.94
C GLU W 5 74.35 -63.25 -17.39
N ALA W 6 75.00 -62.28 -16.75
CA ALA W 6 74.30 -61.13 -16.21
C ALA W 6 73.62 -60.39 -17.35
N ALA W 7 74.27 -60.39 -18.52
CA ALA W 7 73.72 -59.78 -19.70
C ALA W 7 72.43 -60.50 -20.08
N ILE W 8 72.49 -61.83 -20.06
CA ILE W 8 71.35 -62.66 -20.44
C ILE W 8 70.12 -62.26 -19.65
N VAL W 9 70.34 -62.00 -18.36
CA VAL W 9 69.26 -61.60 -17.47
C VAL W 9 68.90 -60.13 -17.70
N LEU W 10 69.92 -59.31 -17.92
CA LEU W 10 69.72 -57.88 -18.07
C LEU W 10 68.76 -57.63 -19.22
N ILE W 11 68.83 -58.47 -20.23
CA ILE W 11 67.85 -58.44 -21.30
C ILE W 11 66.48 -58.62 -20.66
N ALA W 12 66.33 -59.69 -19.91
CA ALA W 12 65.04 -60.09 -19.37
C ALA W 12 64.43 -59.01 -18.49
N PHE W 13 65.27 -58.37 -17.66
CA PHE W 13 64.81 -57.29 -16.82
C PHE W 13 64.31 -56.14 -17.71
N VAL W 14 65.09 -55.81 -18.73
CA VAL W 14 64.74 -54.74 -19.66
C VAL W 14 63.50 -55.09 -20.47
N VAL W 15 63.41 -56.32 -20.93
CA VAL W 15 62.33 -56.70 -21.84
C VAL W 15 60.98 -56.64 -21.10
N VAL W 16 60.88 -57.30 -19.95
CA VAL W 16 59.64 -57.27 -19.17
C VAL W 16 59.30 -55.84 -18.78
N ALA W 17 60.34 -55.02 -18.58
CA ALA W 17 60.16 -53.61 -18.31
C ALA W 17 59.50 -52.93 -19.50
N ALA W 18 60.08 -53.16 -20.68
CA ALA W 18 59.56 -52.56 -21.93
C ALA W 18 58.15 -53.05 -22.21
N VAL W 19 57.88 -54.33 -21.96
CA VAL W 19 56.54 -54.87 -22.18
C VAL W 19 55.58 -54.27 -21.18
N PHE W 20 55.98 -54.20 -19.91
CA PHE W 20 55.14 -53.59 -18.91
C PHE W 20 54.98 -52.12 -19.27
N SER W 21 56.09 -51.51 -19.68
CA SER W 21 56.10 -50.13 -20.10
C SER W 21 55.13 -49.98 -21.26
N TYR W 22 55.27 -50.90 -22.22
CA TYR W 22 54.44 -50.91 -23.39
C TYR W 22 52.95 -50.97 -23.03
N VAL W 23 52.59 -51.95 -22.20
CA VAL W 23 51.20 -52.15 -21.82
C VAL W 23 50.70 -51.05 -20.91
N MET W 24 51.51 -50.66 -19.94
CA MET W 24 51.10 -49.64 -18.97
C MET W 24 50.75 -48.35 -19.71
N LEU W 25 51.49 -48.06 -20.78
CA LEU W 25 51.18 -46.93 -21.61
C LEU W 25 49.84 -47.15 -22.28
N GLY W 26 49.66 -48.35 -22.84
CA GLY W 26 48.40 -48.71 -23.48
C GLY W 26 47.29 -48.73 -22.44
N ALA W 27 47.59 -49.29 -21.28
CA ALA W 27 46.66 -49.27 -20.15
C ALA W 27 46.38 -47.83 -19.78
N GLY W 28 47.45 -47.04 -19.81
CA GLY W 28 47.40 -45.64 -19.46
C GLY W 28 46.64 -44.74 -20.41
N PHE W 29 46.84 -44.94 -21.71
CA PHE W 29 46.14 -44.14 -22.69
C PHE W 29 44.66 -44.43 -22.55
N PHE W 30 44.32 -45.71 -22.47
CA PHE W 30 42.93 -46.12 -22.30
C PHE W 30 42.38 -45.52 -21.01
N ALA W 31 43.20 -45.51 -19.97
CA ALA W 31 42.81 -44.91 -18.70
C ALA W 31 42.45 -43.45 -18.97
N THR W 32 43.31 -42.76 -19.69
CA THR W 32 43.12 -41.37 -20.02
C THR W 32 41.93 -41.19 -20.95
N GLN W 33 41.92 -41.96 -22.03
CA GLN W 33 40.89 -41.85 -23.05
C GLN W 33 39.52 -42.22 -22.46
N LYS W 34 39.52 -43.06 -21.43
CA LYS W 34 38.31 -43.35 -20.70
C LYS W 34 37.98 -42.15 -19.81
N SER W 35 39.00 -41.63 -19.15
CA SER W 35 38.85 -40.51 -18.24
C SER W 35 38.31 -39.29 -18.98
N GLN W 36 38.60 -39.22 -20.28
CA GLN W 36 38.10 -38.15 -21.13
C GLN W 36 36.62 -38.36 -21.48
N GLU W 37 36.26 -39.61 -21.76
CA GLU W 37 34.92 -39.93 -22.22
C GLU W 37 33.88 -39.61 -21.14
N VAL W 38 34.19 -40.02 -19.91
CA VAL W 38 33.29 -39.77 -18.79
C VAL W 38 33.12 -38.27 -18.54
N THR W 39 34.16 -37.50 -18.84
CA THR W 39 34.14 -36.06 -18.69
C THR W 39 33.26 -35.42 -19.76
N TYR W 40 33.44 -35.86 -20.99
CA TYR W 40 32.66 -35.34 -22.10
C TYR W 40 31.20 -35.68 -21.90
N SER W 41 30.94 -36.94 -21.52
CA SER W 41 29.60 -37.38 -21.18
C SER W 41 29.12 -36.65 -19.92
N GLY W 42 30.05 -36.36 -19.01
CA GLY W 42 29.73 -35.73 -17.76
C GLY W 42 29.14 -34.34 -17.97
N MET W 43 29.78 -33.56 -18.82
CA MET W 43 29.29 -32.23 -19.16
C MET W 43 28.04 -32.36 -20.01
N LYS W 44 28.03 -33.39 -20.84
CA LYS W 44 26.93 -33.60 -21.78
C LYS W 44 25.72 -34.04 -20.97
N GLN W 45 25.97 -34.69 -19.85
CA GLN W 45 24.90 -35.12 -18.96
C GLN W 45 24.13 -33.92 -18.41
N ALA W 46 24.87 -32.89 -18.00
CA ALA W 46 24.27 -31.72 -17.38
C ALA W 46 23.69 -30.76 -18.41
N THR W 47 24.44 -30.55 -19.49
CA THR W 47 24.11 -29.50 -20.44
C THR W 47 23.08 -29.95 -21.49
N SER W 48 22.81 -31.25 -21.53
CA SER W 48 21.87 -31.80 -22.51
C SER W 48 20.44 -31.65 -22.02
N ASN W 49 20.28 -31.02 -20.84
CA ASN W 49 18.98 -30.80 -20.23
C ASN W 49 18.00 -30.12 -21.18
N LEU W 50 16.75 -30.57 -21.10
CA LEU W 50 15.65 -30.05 -21.92
C LEU W 50 14.57 -29.46 -21.02
N ILE W 51 13.84 -28.49 -21.55
CA ILE W 51 12.99 -27.62 -20.74
C ILE W 51 11.63 -27.41 -21.35
N LEU W 52 10.61 -27.38 -20.50
CA LEU W 52 9.29 -26.92 -20.90
C LEU W 52 9.30 -25.39 -20.97
N ASP W 53 8.84 -24.85 -22.10
CA ASP W 53 8.88 -23.42 -22.33
C ASP W 53 7.48 -22.82 -22.32
N GLY W 54 7.21 -22.01 -21.30
CA GLY W 54 5.95 -21.28 -21.23
C GLY W 54 4.76 -22.17 -20.92
N MET W 55 3.56 -21.60 -21.08
CA MET W 55 2.33 -22.21 -20.58
C MET W 55 2.02 -23.55 -21.21
N ILE W 56 1.24 -24.36 -20.49
CA ILE W 56 0.72 -25.61 -21.02
C ILE W 56 -0.74 -25.45 -21.39
N TYR W 57 -1.00 -25.36 -22.70
CA TYR W 57 -2.36 -25.29 -23.21
C TYR W 57 -2.97 -26.67 -23.37
N GLY W 58 -4.28 -26.76 -23.42
CA GLY W 58 -4.92 -28.00 -23.81
C GLY W 58 -6.28 -27.88 -24.46
N SER W 59 -6.60 -28.85 -25.30
CA SER W 59 -7.95 -29.02 -25.82
C SER W 59 -8.77 -29.79 -24.81
N TYR W 60 -10.04 -29.44 -24.67
CA TYR W 60 -10.88 -30.01 -23.63
C TYR W 60 -12.31 -30.15 -24.16
N SER W 61 -13.03 -31.15 -23.64
CA SER W 61 -14.38 -31.44 -24.09
C SER W 61 -15.31 -31.74 -22.92
N LYS W 62 -16.41 -30.99 -22.82
CA LYS W 62 -17.41 -31.23 -21.78
C LYS W 62 -18.11 -32.55 -22.05
N GLY W 63 -18.64 -32.68 -23.27
CA GLY W 63 -19.36 -33.88 -23.66
C GLY W 63 -18.38 -35.02 -23.89
N GLY W 64 -17.12 -34.67 -24.11
CA GLY W 64 -16.07 -35.66 -24.19
C GLY W 64 -15.64 -36.10 -22.80
N SER W 65 -14.62 -36.95 -22.72
CA SER W 65 -14.15 -37.46 -21.45
C SER W 65 -13.45 -36.40 -20.60
N GLY W 66 -12.83 -35.41 -21.24
CA GLY W 66 -12.08 -34.39 -20.52
C GLY W 66 -10.98 -33.79 -21.36
N LEU W 67 -9.94 -33.31 -20.69
CA LEU W 67 -8.72 -32.86 -21.37
C LEU W 67 -8.26 -33.96 -22.30
N ALA W 68 -8.09 -33.61 -23.58
CA ALA W 68 -7.79 -34.60 -24.59
C ALA W 68 -6.40 -34.36 -25.12
N GLN W 69 -6.25 -33.36 -25.98
CA GLN W 69 -4.93 -32.92 -26.39
C GLN W 69 -4.35 -32.08 -25.26
N LEU W 70 -3.04 -32.02 -25.18
CA LEU W 70 -2.37 -31.07 -24.31
C LEU W 70 -1.21 -30.46 -25.08
N TYR W 71 -1.04 -29.15 -24.98
CA TYR W 71 -0.05 -28.46 -25.79
C TYR W 71 0.89 -27.74 -24.84
N PHE W 72 2.16 -28.03 -24.98
CA PHE W 72 3.18 -27.33 -24.25
C PHE W 72 4.40 -27.28 -25.13
N TYR W 73 5.04 -26.11 -25.18
CA TYR W 73 6.27 -26.01 -25.93
C TYR W 73 7.41 -26.54 -25.10
N VAL W 74 8.39 -27.10 -25.79
CA VAL W 74 9.56 -27.69 -25.19
C VAL W 74 10.72 -27.12 -25.93
N LYS W 75 11.79 -26.79 -25.20
CA LYS W 75 12.91 -26.11 -25.80
C LYS W 75 14.20 -26.71 -25.29
N VAL W 76 15.31 -26.17 -25.77
CA VAL W 76 16.61 -26.52 -25.28
C VAL W 76 17.30 -25.20 -24.92
N PRO W 77 18.04 -25.16 -23.81
CA PRO W 77 18.79 -23.94 -23.52
C PRO W 77 19.77 -23.56 -24.63
N GLU W 78 20.01 -22.26 -24.81
CA GLU W 78 20.86 -21.77 -25.89
C GLU W 78 22.24 -22.42 -25.84
N GLY W 79 22.69 -22.75 -24.64
CA GLY W 79 23.99 -23.38 -24.45
C GLY W 79 23.89 -24.89 -24.40
N GLY W 80 22.70 -25.42 -24.64
CA GLY W 80 22.43 -26.84 -24.50
C GLY W 80 22.95 -27.67 -25.67
N GLU W 81 22.74 -28.97 -25.59
CA GLU W 81 23.11 -29.90 -26.66
C GLU W 81 21.84 -30.27 -27.43
N THR W 82 22.01 -30.54 -28.73
CA THR W 82 20.87 -30.83 -29.57
C THR W 82 20.15 -32.08 -29.08
N GLN W 83 18.88 -32.23 -29.46
CA GLN W 83 18.04 -33.27 -28.87
C GLN W 83 17.27 -34.04 -29.94
N ASP W 84 16.74 -35.18 -29.55
CA ASP W 84 15.89 -35.99 -30.41
C ASP W 84 14.61 -36.36 -29.66
N LEU W 85 13.48 -35.83 -30.11
CA LEU W 85 12.22 -36.01 -29.41
C LEU W 85 11.73 -37.45 -29.54
N LYS W 86 12.28 -38.17 -30.51
CA LYS W 86 11.93 -39.56 -30.74
C LYS W 86 12.24 -40.34 -29.45
N TYR W 87 13.30 -39.93 -28.77
CA TYR W 87 13.76 -40.62 -27.56
C TYR W 87 13.29 -39.97 -26.25
N VAL W 88 12.60 -38.84 -26.35
CA VAL W 88 11.99 -38.24 -25.16
C VAL W 88 10.71 -39.00 -24.86
N THR W 89 10.49 -39.28 -23.58
CA THR W 89 9.31 -40.03 -23.14
C THR W 89 8.50 -39.19 -22.17
N TYR W 90 7.20 -39.17 -22.40
CA TYR W 90 6.28 -38.38 -21.59
C TYR W 90 5.38 -39.16 -20.65
N LEU W 91 5.77 -39.20 -19.39
CA LEU W 91 5.02 -39.94 -18.39
C LEU W 91 3.85 -39.13 -17.85
N TRP W 92 2.72 -39.80 -17.62
CA TRP W 92 1.46 -39.10 -17.37
C TRP W 92 0.67 -39.69 -16.22
N THR W 93 -0.06 -38.82 -15.53
CA THR W 93 -0.87 -39.23 -14.38
C THR W 93 -2.14 -38.40 -14.32
N LYS W 94 -3.26 -39.07 -14.00
CA LYS W 94 -4.50 -38.35 -13.69
C LYS W 94 -4.91 -38.62 -12.24
N GLU W 95 -4.76 -37.60 -11.40
CA GLU W 95 -5.25 -37.65 -10.02
C GLU W 95 -4.79 -38.93 -9.31
N ASN W 96 -3.49 -38.99 -9.03
CA ASN W 96 -2.87 -40.07 -8.22
C ASN W 96 -3.46 -41.37 -8.77
N LYS W 97 -3.27 -41.61 -10.07
CA LYS W 97 -3.53 -42.91 -10.67
C LYS W 97 -2.12 -43.49 -10.68
N ALA W 98 -1.97 -44.64 -11.33
CA ALA W 98 -0.66 -45.28 -11.46
C ALA W 98 -0.06 -44.38 -12.55
N VAL W 99 0.98 -44.85 -13.23
CA VAL W 99 1.64 -44.03 -14.25
C VAL W 99 1.19 -44.86 -15.43
N THR W 100 1.28 -44.26 -16.62
CA THR W 100 1.30 -44.98 -17.87
C THR W 100 2.23 -44.03 -18.63
N THR W 101 3.08 -44.57 -19.50
CA THR W 101 3.94 -43.71 -20.30
C THR W 101 3.01 -43.34 -21.45
N LEU W 102 3.27 -42.22 -22.08
CA LEU W 102 2.37 -41.72 -23.12
C LEU W 102 2.64 -41.82 -24.62
N THR W 103 1.90 -42.71 -25.27
CA THR W 103 2.03 -42.92 -26.70
C THR W 103 1.89 -41.96 -27.87
N SER W 104 0.85 -41.14 -27.83
CA SER W 104 0.51 -40.31 -28.97
C SER W 104 0.94 -38.85 -28.90
N ILE W 105 2.13 -38.58 -29.43
CA ILE W 105 2.69 -37.24 -29.53
C ILE W 105 3.05 -36.66 -30.89
N THR W 106 2.49 -35.51 -31.24
CA THR W 106 2.64 -34.96 -32.59
C THR W 106 4.04 -34.92 -33.19
N PRO W 107 5.02 -34.39 -32.44
CA PRO W 107 6.37 -34.41 -32.99
C PRO W 107 7.14 -35.72 -32.86
N THR W 108 6.44 -36.84 -33.08
CA THR W 108 7.03 -38.15 -32.83
C THR W 108 8.48 -38.28 -33.28
N ASN W 109 8.77 -37.76 -34.47
CA ASN W 109 10.12 -37.80 -35.02
C ASN W 109 10.90 -36.61 -35.59
N GLN W 110 11.34 -35.74 -34.69
CA GLN W 110 12.09 -34.53 -35.06
C GLN W 110 13.13 -34.12 -34.03
N GLN W 111 14.16 -33.41 -34.50
CA GLN W 111 15.19 -32.88 -33.61
C GLN W 111 15.09 -31.39 -33.29
N LEU W 112 15.62 -31.03 -32.13
CA LEU W 112 15.72 -29.63 -31.72
C LEU W 112 17.18 -29.22 -31.60
N ASN W 113 17.60 -28.28 -32.43
CA ASN W 113 18.89 -27.65 -32.21
C ASN W 113 18.82 -26.89 -30.89
N PRO W 114 19.96 -26.81 -30.17
CA PRO W 114 19.87 -26.06 -28.91
C PRO W 114 19.47 -24.60 -29.15
N GLY W 115 18.61 -24.08 -28.28
CA GLY W 115 18.09 -22.74 -28.46
C GLY W 115 16.97 -22.71 -29.49
N ALA W 116 16.17 -23.78 -29.53
CA ALA W 116 14.99 -23.86 -30.39
C ALA W 116 13.86 -24.54 -29.63
N ARG W 117 12.66 -24.49 -30.20
CA ARG W 117 11.48 -25.05 -29.55
C ARG W 117 10.57 -25.77 -30.54
N VAL W 118 9.61 -26.49 -29.99
CA VAL W 118 8.66 -27.27 -30.77
C VAL W 118 7.33 -27.35 -30.02
N LYS W 119 6.23 -27.48 -30.73
CA LYS W 119 4.94 -27.65 -30.06
C LYS W 119 4.68 -29.14 -29.87
N VAL W 120 4.81 -29.59 -28.65
CA VAL W 120 4.49 -30.97 -28.29
C VAL W 120 2.99 -31.09 -28.05
N THR W 121 2.38 -32.13 -28.62
CA THR W 121 0.97 -32.37 -28.38
C THR W 121 0.73 -33.75 -27.80
N ILE W 122 0.34 -33.78 -26.51
CA ILE W 122 -0.02 -34.99 -25.83
C ILE W 122 -1.49 -35.34 -25.87
N THR W 123 -1.81 -36.56 -26.27
CA THR W 123 -3.11 -37.14 -25.96
C THR W 123 -3.13 -38.19 -24.84
N ALA W 124 -3.90 -37.91 -23.79
CA ALA W 124 -3.91 -38.81 -22.65
C ALA W 124 -4.59 -40.11 -23.03
N PRO W 125 -4.12 -41.24 -22.49
CA PRO W 125 -4.68 -42.55 -22.84
C PRO W 125 -6.09 -42.69 -22.28
N THR W 126 -6.81 -43.71 -22.76
CA THR W 126 -8.27 -43.76 -22.62
C THR W 126 -8.77 -43.47 -21.19
N GLY W 127 -8.08 -44.02 -20.20
CA GLY W 127 -8.52 -43.89 -18.82
C GLY W 127 -8.03 -42.64 -18.11
N TYR W 128 -6.95 -42.05 -18.62
CA TYR W 128 -6.22 -40.99 -17.91
C TYR W 128 -6.57 -39.56 -18.30
N LYS W 129 -7.62 -39.36 -19.09
CA LYS W 129 -7.98 -38.00 -19.50
C LYS W 129 -8.51 -37.22 -18.29
N PRO W 130 -7.77 -36.19 -17.85
CA PRO W 130 -8.22 -35.48 -16.63
C PRO W 130 -9.37 -34.51 -16.89
N ILE W 131 -10.19 -34.32 -15.86
CA ILE W 131 -11.38 -33.48 -15.95
C ILE W 131 -11.20 -32.35 -14.95
N ALA W 132 -11.98 -31.29 -15.11
CA ALA W 132 -11.80 -30.07 -14.33
C ALA W 132 -11.75 -30.38 -12.83
N GLY W 133 -10.69 -29.89 -12.18
CA GLY W 133 -10.48 -30.11 -10.75
C GLY W 133 -9.59 -31.30 -10.44
N GLN W 134 -9.22 -32.06 -11.48
CA GLN W 134 -8.33 -33.21 -11.30
C GLN W 134 -6.90 -32.85 -11.70
N LYS W 135 -5.96 -33.00 -10.78
CA LYS W 135 -4.57 -32.70 -11.09
C LYS W 135 -3.97 -33.80 -11.97
N PHE W 136 -3.05 -33.41 -12.84
CA PHE W 136 -2.27 -34.35 -13.62
C PHE W 136 -0.79 -33.97 -13.55
N VAL W 137 0.08 -34.96 -13.70
CA VAL W 137 1.51 -34.69 -13.79
C VAL W 137 2.03 -35.20 -15.12
N LEU W 138 2.99 -34.46 -15.67
CA LEU W 138 3.66 -34.83 -16.89
C LEU W 138 5.16 -34.74 -16.68
N GLU W 139 5.82 -35.90 -16.69
CA GLU W 139 7.28 -35.92 -16.54
C GLU W 139 7.89 -35.99 -17.92
N ILE W 140 8.73 -35.02 -18.24
CA ILE W 140 9.40 -34.97 -19.53
C ILE W 140 10.83 -35.46 -19.36
N LYS W 141 11.13 -36.54 -20.07
CA LYS W 141 12.35 -37.29 -19.86
C LYS W 141 13.18 -37.35 -21.14
N PRO W 142 13.98 -36.32 -21.38
CA PRO W 142 14.87 -36.39 -22.54
C PRO W 142 15.94 -37.44 -22.30
N LYS W 143 16.34 -38.16 -23.34
CA LYS W 143 17.42 -39.12 -23.21
C LYS W 143 18.69 -38.34 -22.86
N THR W 144 19.41 -38.82 -21.84
CA THR W 144 20.62 -38.18 -21.39
C THR W 144 20.34 -36.72 -21.04
N GLY W 145 19.66 -36.51 -19.92
CA GLY W 145 19.41 -35.15 -19.44
C GLY W 145 18.51 -35.14 -18.22
N ALA W 146 18.52 -34.01 -17.51
CA ALA W 146 17.71 -33.85 -16.33
C ALA W 146 16.25 -33.93 -16.73
N SER W 147 15.46 -34.63 -15.92
CA SER W 147 14.07 -34.88 -16.26
C SER W 147 13.18 -33.94 -15.49
N THR W 148 12.29 -33.27 -16.20
CA THR W 148 11.43 -32.27 -15.58
C THR W 148 10.20 -32.98 -15.07
N ILE W 149 9.34 -32.24 -14.38
CA ILE W 149 7.98 -32.66 -14.16
C ILE W 149 7.15 -31.41 -14.10
N VAL W 150 5.99 -31.42 -14.75
CA VAL W 150 5.08 -30.30 -14.64
C VAL W 150 3.72 -30.81 -14.17
N THR W 151 3.41 -30.47 -12.92
CA THR W 151 2.12 -30.80 -12.35
C THR W 151 1.20 -29.60 -12.49
N ARG W 152 -0.04 -29.89 -12.82
CA ARG W 152 -1.07 -28.87 -12.94
C ARG W 152 -2.33 -29.47 -12.37
N THR W 153 -3.27 -28.62 -11.98
CA THR W 153 -4.61 -29.06 -11.68
C THR W 153 -5.56 -28.12 -12.40
N LEU W 154 -6.42 -28.72 -13.21
CA LEU W 154 -7.42 -27.94 -13.92
C LEU W 154 -8.31 -27.30 -12.87
N SER W 155 -8.49 -25.99 -12.96
CA SER W 155 -9.41 -25.31 -12.07
C SER W 155 -10.77 -25.94 -12.33
N ASP W 156 -11.62 -25.99 -11.32
CA ASP W 156 -12.90 -26.64 -11.56
C ASP W 156 -13.76 -25.53 -12.14
N GLY W 157 -13.95 -25.66 -13.44
CA GLY W 157 -14.05 -24.53 -14.33
C GLY W 157 -13.44 -25.11 -15.60
N TYR W 158 -12.77 -24.28 -16.38
CA TYR W 158 -11.94 -24.78 -17.47
C TYR W 158 -12.75 -25.54 -18.52
N ASN W 159 -13.51 -24.80 -19.33
CA ASN W 159 -14.11 -25.37 -20.53
C ASN W 159 -12.98 -25.74 -21.51
N GLY W 160 -11.77 -25.26 -21.24
CA GLY W 160 -10.61 -25.63 -22.01
C GLY W 160 -9.49 -24.60 -21.95
N GLY W 161 -8.65 -24.60 -22.98
CA GLY W 161 -7.66 -23.54 -23.18
C GLY W 161 -6.47 -23.58 -22.25
N VAL W 162 -5.89 -22.41 -22.01
CA VAL W 162 -4.65 -22.31 -21.24
C VAL W 162 -4.80 -22.94 -19.87
N ILE W 163 -3.78 -23.66 -19.43
CA ILE W 163 -3.74 -24.17 -18.07
C ILE W 163 -2.84 -23.22 -17.30
N ILE W 164 -3.48 -22.45 -16.41
CA ILE W 164 -2.84 -21.31 -15.77
C ILE W 164 -1.61 -21.74 -14.96
N PHE X 1 78.60 -63.01 -12.14
CA PHE X 1 77.35 -62.44 -11.57
C PHE X 1 76.17 -63.23 -12.11
N SER X 2 75.33 -63.72 -11.20
CA SER X 2 74.22 -64.61 -11.57
C SER X 2 72.88 -64.03 -11.18
N GLY X 3 71.88 -64.23 -12.04
CA GLY X 3 70.53 -63.75 -11.76
C GLY X 3 69.84 -64.58 -10.69
N LEU X 4 70.52 -65.63 -10.23
CA LEU X 4 70.00 -66.48 -9.17
C LEU X 4 69.78 -65.65 -7.92
N GLU X 5 70.76 -64.80 -7.62
CA GLU X 5 70.68 -63.90 -6.48
C GLU X 5 69.70 -62.77 -6.75
N ALA X 6 69.59 -62.38 -8.00
CA ALA X 6 68.64 -61.36 -8.41
C ALA X 6 67.23 -61.81 -8.06
N ALA X 7 67.01 -63.11 -8.20
CA ALA X 7 65.72 -63.70 -7.84
C ALA X 7 65.48 -63.49 -6.35
N ILE X 8 66.50 -63.77 -5.54
CA ILE X 8 66.40 -63.67 -4.09
C ILE X 8 65.89 -62.29 -3.70
N VAL X 9 66.40 -61.28 -4.40
CA VAL X 9 66.01 -59.90 -4.15
C VAL X 9 64.64 -59.63 -4.76
N LEU X 10 64.41 -60.17 -5.94
CA LEU X 10 63.18 -59.91 -6.67
C LEU X 10 61.99 -60.33 -5.82
N ILE X 11 62.19 -61.38 -5.03
CA ILE X 11 61.19 -61.77 -4.04
C ILE X 11 60.96 -60.55 -3.15
N ALA X 12 62.05 -60.05 -2.56
CA ALA X 12 61.98 -59.02 -1.55
C ALA X 12 61.31 -57.75 -2.07
N PHE X 13 61.62 -57.38 -3.31
CA PHE X 13 60.98 -56.23 -3.93
C PHE X 13 59.48 -56.48 -4.04
N VAL X 14 59.12 -57.68 -4.50
CA VAL X 14 57.72 -58.07 -4.67
C VAL X 14 57.01 -58.17 -3.31
N VAL X 15 57.68 -58.75 -2.33
CA VAL X 15 57.02 -59.02 -1.06
C VAL X 15 56.67 -57.70 -0.37
N VAL X 16 57.65 -56.82 -0.20
CA VAL X 16 57.40 -55.53 0.44
C VAL X 16 56.36 -54.75 -0.35
N ALA X 17 56.34 -54.96 -1.65
CA ALA X 17 55.32 -54.36 -2.51
C ALA X 17 53.96 -54.90 -2.14
N ALA X 18 53.84 -56.22 -2.06
CA ALA X 18 52.59 -56.86 -1.71
C ALA X 18 52.13 -56.48 -0.30
N VAL X 19 53.07 -56.38 0.63
CA VAL X 19 52.74 -55.98 1.99
C VAL X 19 52.30 -54.52 2.00
N PHE X 20 53.03 -53.66 1.30
CA PHE X 20 52.64 -52.27 1.22
C PHE X 20 51.30 -52.20 0.51
N SER X 21 51.19 -52.99 -0.55
CA SER X 21 49.96 -53.08 -1.32
C SER X 21 48.85 -53.53 -0.39
N TYR X 22 49.16 -54.56 0.37
CA TYR X 22 48.21 -55.13 1.32
C TYR X 22 47.73 -54.08 2.31
N VAL X 23 48.67 -53.39 2.94
CA VAL X 23 48.32 -52.40 3.96
C VAL X 23 47.70 -51.16 3.34
N MET X 24 48.25 -50.69 2.23
CA MET X 24 47.74 -49.48 1.60
C MET X 24 46.28 -49.66 1.25
N LEU X 25 45.93 -50.87 0.84
CA LEU X 25 44.52 -51.20 0.58
C LEU X 25 43.75 -51.10 1.88
N GLY X 26 44.29 -51.71 2.94
CA GLY X 26 43.67 -51.66 4.23
C GLY X 26 43.64 -50.24 4.75
N ALA X 27 44.73 -49.52 4.54
CA ALA X 27 44.82 -48.11 4.88
C ALA X 27 43.79 -47.37 4.05
N GLY X 28 43.68 -47.79 2.78
CA GLY X 28 42.79 -47.19 1.83
C GLY X 28 41.31 -47.43 2.08
N PHE X 29 40.94 -48.66 2.44
CA PHE X 29 39.55 -48.95 2.72
C PHE X 29 39.13 -48.13 3.91
N PHE X 30 39.97 -48.14 4.95
CA PHE X 30 39.68 -47.36 6.14
C PHE X 30 39.58 -45.89 5.79
N ALA X 31 40.44 -45.44 4.89
CA ALA X 31 40.41 -44.07 4.41
C ALA X 31 39.02 -43.81 3.82
N THR X 32 38.59 -44.73 2.97
CA THR X 32 37.29 -44.63 2.31
C THR X 32 36.16 -44.76 3.32
N GLN X 33 36.23 -45.80 4.14
CA GLN X 33 35.18 -46.10 5.10
C GLN X 33 35.08 -44.98 6.13
N LYS X 34 36.20 -44.29 6.37
CA LYS X 34 36.17 -43.11 7.21
C LYS X 34 35.53 -41.96 6.42
N SER X 35 35.94 -41.83 5.16
CA SER X 35 35.45 -40.77 4.28
C SER X 35 33.94 -40.88 4.11
N GLN X 36 33.44 -42.10 4.23
CA GLN X 36 32.00 -42.35 4.17
C GLN X 36 31.29 -41.92 5.44
N GLU X 37 31.91 -42.21 6.59
CA GLU X 37 31.30 -41.95 7.89
C GLU X 37 31.07 -40.46 8.09
N VAL X 38 32.09 -39.67 7.80
CA VAL X 38 32.00 -38.23 7.94
C VAL X 38 30.92 -37.64 7.03
N THR X 39 30.71 -38.27 5.88
CA THR X 39 29.69 -37.86 4.93
C THR X 39 28.29 -38.17 5.46
N TYR X 40 28.14 -39.37 5.98
CA TYR X 40 26.86 -39.81 6.52
C TYR X 40 26.51 -38.95 7.73
N SER X 41 27.49 -38.76 8.61
CA SER X 41 27.35 -37.85 9.75
C SER X 41 27.17 -36.42 9.25
N GLY X 42 27.83 -36.09 8.15
CA GLY X 42 27.77 -34.75 7.60
C GLY X 42 26.38 -34.35 7.19
N MET X 43 25.69 -35.25 6.49
CA MET X 43 24.31 -35.01 6.10
C MET X 43 23.41 -35.11 7.31
N LYS X 44 23.79 -35.99 8.23
CA LYS X 44 22.99 -36.24 9.40
C LYS X 44 23.11 -35.04 10.33
N GLN X 45 24.25 -34.34 10.23
CA GLN X 45 24.47 -33.14 11.01
C GLN X 45 23.47 -32.05 10.63
N ALA X 46 23.24 -31.89 9.33
CA ALA X 46 22.37 -30.84 8.83
C ALA X 46 20.90 -31.22 8.92
N THR X 47 20.60 -32.45 8.57
CA THR X 47 19.20 -32.89 8.41
C THR X 47 18.57 -33.31 9.73
N SER X 48 19.39 -33.46 10.78
CA SER X 48 18.89 -33.89 12.08
C SER X 48 18.33 -32.72 12.86
N ASN X 49 18.34 -31.54 12.23
CA ASN X 49 17.84 -30.33 12.84
C ASN X 49 16.42 -30.47 13.38
N LEU X 50 16.19 -29.85 14.54
CA LEU X 50 14.90 -29.87 15.22
C LEU X 50 14.37 -28.44 15.36
N ILE X 51 13.05 -28.32 15.40
CA ILE X 51 12.39 -27.04 15.23
C ILE X 51 11.28 -26.81 16.24
N LEU X 52 11.18 -25.57 16.70
CA LEU X 52 10.01 -25.12 17.46
C LEU X 52 8.85 -24.89 16.50
N ASP X 53 7.71 -25.50 16.80
CA ASP X 53 6.55 -25.43 15.94
C ASP X 53 5.44 -24.59 16.54
N GLY X 54 5.19 -23.43 15.93
CA GLY X 54 4.08 -22.58 16.34
C GLY X 54 4.31 -21.89 17.66
N MET X 55 3.25 -21.29 18.20
CA MET X 55 3.34 -20.35 19.32
C MET X 55 3.90 -21.00 20.59
N ILE X 56 4.46 -20.14 21.44
CA ILE X 56 4.91 -20.56 22.77
C ILE X 56 3.91 -20.09 23.82
N TYR X 57 3.11 -21.02 24.33
CA TYR X 57 2.17 -20.75 25.41
C TYR X 57 2.85 -20.82 26.76
N GLY X 58 2.25 -20.20 27.78
CA GLY X 58 2.69 -20.45 29.13
C GLY X 58 1.64 -20.26 30.21
N SER X 59 1.82 -20.99 31.30
CA SER X 59 1.07 -20.77 32.52
C SER X 59 1.72 -19.66 33.30
N TYR X 60 0.92 -18.82 33.94
CA TYR X 60 1.42 -17.63 34.62
C TYR X 60 0.61 -17.37 35.87
N SER X 61 1.25 -16.75 36.87
CA SER X 61 0.61 -16.48 38.15
C SER X 61 0.94 -15.09 38.67
N LYS X 62 -0.09 -14.30 38.94
CA LYS X 62 0.10 -12.96 39.49
C LYS X 62 0.62 -13.07 40.92
N GLY X 63 -0.11 -13.85 41.74
CA GLY X 63 0.27 -14.02 43.12
C GLY X 63 1.47 -14.95 43.23
N GLY X 64 1.71 -15.72 42.16
CA GLY X 64 2.91 -16.52 42.07
C GLY X 64 4.08 -15.67 41.65
N SER X 65 5.23 -16.29 41.43
CA SER X 65 6.44 -15.57 41.06
C SER X 65 6.39 -15.02 39.62
N GLY X 66 5.64 -15.68 38.75
CA GLY X 66 5.57 -15.26 37.36
C GLY X 66 5.26 -16.42 36.43
N LEU X 67 5.71 -16.30 35.19
CA LEU X 67 5.63 -17.40 34.23
C LEU X 67 6.24 -18.62 34.87
N ALA X 68 5.47 -19.72 34.90
CA ALA X 68 5.88 -20.91 35.61
C ALA X 68 6.11 -22.02 34.61
N GLN X 69 5.03 -22.62 34.13
CA GLN X 69 5.14 -23.55 33.03
C GLN X 69 5.32 -22.74 31.75
N LEU X 70 5.93 -23.36 30.75
CA LEU X 70 5.95 -22.77 29.41
C LEU X 70 5.69 -23.90 28.43
N TYR X 71 4.84 -23.64 27.44
CA TYR X 71 4.42 -24.69 26.52
C TYR X 71 4.77 -24.26 25.12
N PHE X 72 5.54 -25.08 24.44
CA PHE X 72 5.83 -24.87 23.04
C PHE X 72 5.97 -26.21 22.41
N TYR X 73 5.40 -26.35 21.22
CA TYR X 73 5.55 -27.59 20.50
C TYR X 73 6.87 -27.59 19.78
N VAL X 74 7.44 -28.79 19.65
CA VAL X 74 8.71 -28.99 19.02
C VAL X 74 8.50 -30.10 18.03
N LYS X 75 9.09 -29.96 16.85
CA LYS X 75 8.85 -30.93 15.80
C LYS X 75 10.15 -31.28 15.11
N VAL X 76 10.05 -32.14 14.10
CA VAL X 76 11.17 -32.48 13.25
C VAL X 76 10.68 -32.29 11.83
N PRO X 77 11.51 -31.72 10.94
CA PRO X 77 11.10 -31.63 9.54
C PRO X 77 10.76 -32.98 8.93
N GLU X 78 9.83 -33.00 7.98
CA GLU X 78 9.36 -34.24 7.37
C GLU X 78 10.52 -35.05 6.80
N GLY X 79 11.55 -34.34 6.33
CA GLY X 79 12.72 -34.97 5.76
C GLY X 79 13.82 -35.18 6.78
N GLY X 80 13.54 -34.86 8.04
CA GLY X 80 14.53 -34.89 9.08
C GLY X 80 14.85 -36.29 9.58
N GLU X 81 15.76 -36.36 10.55
CA GLU X 81 16.12 -37.63 11.19
C GLU X 81 15.43 -37.69 12.55
N THR X 82 15.10 -38.91 12.98
CA THR X 82 14.38 -39.10 14.23
C THR X 82 15.21 -38.56 15.40
N GLN X 83 14.55 -38.25 16.50
CA GLN X 83 15.17 -37.52 17.60
C GLN X 83 14.88 -38.18 18.94
N ASP X 84 15.67 -37.79 19.94
CA ASP X 84 15.46 -38.23 21.32
C ASP X 84 15.49 -37.02 22.23
N LEU X 85 14.34 -36.71 22.84
CA LEU X 85 14.21 -35.51 23.65
C LEU X 85 14.98 -35.64 24.96
N LYS X 86 15.32 -36.88 25.30
CA LYS X 86 16.08 -37.16 26.51
C LYS X 86 17.40 -36.40 26.41
N TYR X 87 17.93 -36.29 25.19
CA TYR X 87 19.22 -35.66 24.95
C TYR X 87 19.13 -34.20 24.49
N VAL X 88 17.92 -33.69 24.29
CA VAL X 88 17.73 -32.28 24.00
C VAL X 88 17.83 -31.52 25.31
N THR X 89 18.55 -30.39 25.28
CA THR X 89 18.75 -29.56 26.47
C THR X 89 18.19 -28.17 26.23
N TYR X 90 17.45 -27.68 27.21
CA TYR X 90 16.79 -26.39 27.12
C TYR X 90 17.38 -25.30 27.99
N LEU X 91 18.19 -24.45 27.38
CA LEU X 91 18.84 -23.37 28.08
C LEU X 91 17.94 -22.16 28.26
N TRP X 92 18.01 -21.50 29.41
CA TRP X 92 17.01 -20.53 29.79
C TRP X 92 17.61 -19.27 30.40
N THR X 93 16.94 -18.14 30.16
CA THR X 93 17.39 -16.86 30.67
C THR X 93 16.19 -15.99 31.04
N LYS X 94 16.31 -15.28 32.16
CA LYS X 94 15.35 -14.24 32.50
C LYS X 94 16.00 -12.88 32.53
N GLU X 95 15.72 -12.04 31.54
CA GLU X 95 16.17 -10.65 31.51
C GLU X 95 17.67 -10.54 31.79
N ASN X 96 18.47 -10.99 30.83
CA ASN X 96 19.93 -10.85 30.84
C ASN X 96 20.37 -11.26 32.25
N LYS X 97 20.03 -12.48 32.64
CA LYS X 97 20.61 -13.09 33.83
C LYS X 97 21.70 -13.96 33.21
N ALA X 98 22.33 -14.80 34.02
CA ALA X 98 23.37 -15.71 33.53
C ALA X 98 22.47 -16.74 32.85
N VAL X 99 23.00 -17.95 32.59
CA VAL X 99 22.22 -18.99 31.90
C VAL X 99 22.08 -19.89 33.10
N THR X 100 21.11 -20.81 32.99
CA THR X 100 21.07 -22.01 33.80
C THR X 100 20.45 -22.93 32.76
N THR X 101 20.85 -24.20 32.75
CA THR X 101 20.25 -25.15 31.82
C THR X 101 19.00 -25.55 32.58
N LEU X 102 17.98 -26.01 31.86
CA LEU X 102 16.70 -26.30 32.48
C LEU X 102 16.20 -27.71 32.79
N THR X 103 16.20 -28.04 34.08
CA THR X 103 15.77 -29.34 34.54
C THR X 103 14.44 -30.06 34.36
N SER X 104 13.34 -29.33 34.57
CA SER X 104 12.02 -29.95 34.61
C SER X 104 11.17 -29.82 33.34
N ILE X 105 11.29 -30.83 32.49
CA ILE X 105 10.51 -30.94 31.26
C ILE X 105 9.62 -32.16 31.02
N THR X 106 8.34 -31.92 30.80
CA THR X 106 7.36 -33.03 30.74
C THR X 106 7.73 -34.24 29.89
N PRO X 107 8.14 -34.02 28.63
CA PRO X 107 8.55 -35.17 27.83
C PRO X 107 9.95 -35.73 28.09
N THR X 108 10.34 -35.75 29.35
CA THR X 108 11.72 -36.12 29.72
C THR X 108 12.30 -37.26 28.90
N ASN X 109 11.48 -38.29 28.69
CA ASN X 109 11.90 -39.46 27.92
C ASN X 109 11.12 -40.10 26.78
N GLN X 110 11.10 -39.41 25.63
CA GLN X 110 10.39 -39.86 24.44
C GLN X 110 11.07 -39.47 23.14
N GLN X 111 10.80 -40.24 22.09
CA GLN X 111 11.31 -39.94 20.75
C GLN X 111 10.31 -39.34 19.77
N LEU X 112 10.83 -38.56 18.83
CA LEU X 112 10.04 -37.98 17.75
C LEU X 112 10.48 -38.57 16.41
N ASN X 113 9.60 -39.30 15.74
CA ASN X 113 9.84 -39.66 14.36
C ASN X 113 9.87 -38.37 13.55
N PRO X 114 10.68 -38.33 12.48
CA PRO X 114 10.67 -37.10 11.69
C PRO X 114 9.29 -36.80 11.12
N GLY X 115 8.89 -35.53 11.15
CA GLY X 115 7.56 -35.15 10.73
C GLY X 115 6.52 -35.43 11.80
N ALA X 116 6.92 -35.27 13.06
CA ALA X 116 6.02 -35.38 14.19
C ALA X 116 6.34 -34.31 15.22
N ARG X 117 5.47 -34.15 16.20
CA ARG X 117 5.62 -33.11 17.22
C ARG X 117 5.27 -33.61 18.62
N VAL X 118 5.61 -32.79 19.61
CA VAL X 118 5.35 -33.10 21.01
C VAL X 118 5.14 -31.81 21.79
N LYS X 119 4.37 -31.86 22.86
CA LYS X 119 4.20 -30.67 23.68
C LYS X 119 5.27 -30.69 24.78
N VAL X 120 6.24 -29.80 24.61
CA VAL X 120 7.28 -29.61 25.62
C VAL X 120 6.78 -28.67 26.69
N THR X 121 6.99 -29.02 27.95
CA THR X 121 6.61 -28.15 29.06
C THR X 121 7.80 -27.80 29.93
N ILE X 122 8.23 -26.54 29.85
CA ILE X 122 9.29 -26.02 30.69
C ILE X 122 8.82 -25.36 31.97
N THR X 123 9.39 -25.78 33.08
CA THR X 123 9.37 -24.95 34.29
C THR X 123 10.64 -24.22 34.65
N ALA X 124 10.57 -22.89 34.72
CA ALA X 124 11.76 -22.11 34.96
C ALA X 124 12.23 -22.32 36.40
N PRO X 125 13.55 -22.35 36.61
CA PRO X 125 14.10 -22.60 37.96
C PRO X 125 13.79 -21.44 38.90
N THR X 126 13.97 -21.67 40.19
CA THR X 126 13.40 -20.81 41.23
C THR X 126 13.61 -19.30 40.99
N GLY X 127 14.81 -18.93 40.56
CA GLY X 127 15.14 -17.53 40.39
C GLY X 127 14.78 -16.95 39.03
N TYR X 128 14.61 -17.81 38.03
CA TYR X 128 14.51 -17.39 36.64
C TYR X 128 13.09 -17.25 36.08
N LYS X 129 12.08 -17.33 36.92
CA LYS X 129 10.70 -17.23 36.44
C LYS X 129 10.43 -15.79 35.97
N PRO X 130 10.22 -15.60 34.65
CA PRO X 130 10.04 -14.23 34.17
C PRO X 130 8.66 -13.67 34.45
N ILE X 131 8.60 -12.35 34.61
CA ILE X 131 7.37 -11.64 34.95
C ILE X 131 7.08 -10.67 33.81
N ALA X 132 5.85 -10.19 33.73
CA ALA X 132 5.40 -9.39 32.61
C ALA X 132 6.34 -8.24 32.32
N GLY X 133 6.79 -8.13 31.07
CA GLY X 133 7.71 -7.10 30.65
C GLY X 133 9.17 -7.54 30.67
N GLN X 134 9.44 -8.73 31.20
CA GLN X 134 10.80 -9.27 31.24
C GLN X 134 11.02 -10.28 30.13
N LYS X 135 12.01 -10.00 29.28
CA LYS X 135 12.31 -10.94 28.18
C LYS X 135 12.99 -12.19 28.72
N PHE X 136 12.74 -13.31 28.06
CA PHE X 136 13.45 -14.55 28.33
C PHE X 136 13.90 -15.17 27.02
N VAL X 137 14.98 -15.94 27.07
CA VAL X 137 15.42 -16.70 25.91
C VAL X 137 15.42 -18.18 26.23
N LEU X 138 15.07 -18.99 25.23
CA LEU X 138 15.09 -20.43 25.36
C LEU X 138 15.85 -21.01 24.18
N GLU X 139 17.01 -21.57 24.44
CA GLU X 139 17.80 -22.21 23.38
C GLU X 139 17.49 -23.69 23.40
N ILE X 140 17.03 -24.19 22.26
CA ILE X 140 16.70 -25.60 22.12
C ILE X 140 17.82 -26.30 21.36
N LYS X 141 18.44 -27.26 22.05
CA LYS X 141 19.68 -27.86 21.60
C LYS X 141 19.53 -29.35 21.43
N PRO X 142 19.02 -29.79 20.26
CA PRO X 142 18.96 -31.22 20.01
C PRO X 142 20.37 -31.78 19.85
N LYS X 143 20.60 -32.99 20.33
CA LYS X 143 21.89 -33.61 20.12
C LYS X 143 22.08 -33.82 18.63
N THR X 144 23.25 -33.45 18.13
CA THR X 144 23.56 -33.56 16.72
C THR X 144 22.51 -32.83 15.88
N GLY X 145 22.55 -31.51 15.90
CA GLY X 145 21.67 -30.73 15.09
C GLY X 145 21.77 -29.25 15.35
N ALA X 146 21.27 -28.43 14.42
CA ALA X 146 21.32 -27.00 14.56
C ALA X 146 20.51 -26.59 15.76
N SER X 147 21.02 -25.64 16.53
CA SER X 147 20.39 -25.26 17.79
C SER X 147 19.63 -23.97 17.60
N THR X 148 18.37 -23.99 18.01
CA THR X 148 17.51 -22.84 17.82
C THR X 148 17.69 -21.91 18.98
N ILE X 149 17.06 -20.75 18.92
CA ILE X 149 16.81 -19.95 20.11
C ILE X 149 15.51 -19.23 19.87
N VAL X 150 14.68 -19.16 20.90
CA VAL X 150 13.45 -18.38 20.80
C VAL X 150 13.40 -17.40 21.96
N THR X 151 13.59 -16.13 21.61
CA THR X 151 13.50 -15.06 22.57
C THR X 151 12.10 -14.46 22.50
N ARG X 152 11.55 -14.16 23.66
CA ARG X 152 10.26 -13.52 23.79
C ARG X 152 10.37 -12.51 24.89
N THR X 153 9.46 -11.55 24.90
CA THR X 153 9.29 -10.70 26.05
C THR X 153 7.81 -10.62 26.35
N LEU X 154 7.46 -10.97 27.58
CA LEU X 154 6.08 -10.90 27.99
C LEU X 154 5.67 -9.44 27.92
N SER X 155 4.57 -9.17 27.23
CA SER X 155 4.04 -7.81 27.20
C SER X 155 3.73 -7.45 28.63
N ASP X 156 3.84 -6.18 29.00
CA ASP X 156 3.60 -5.85 30.39
C ASP X 156 2.10 -5.68 30.46
N GLY X 157 1.49 -6.70 31.06
CA GLY X 157 0.19 -7.16 30.67
C GLY X 157 0.32 -8.64 30.97
N TYR X 158 -0.35 -9.49 30.19
CA TYR X 158 -0.08 -10.92 30.24
C TYR X 158 -0.40 -11.53 31.60
N ASN X 159 -1.69 -11.67 31.90
CA ASN X 159 -2.11 -12.48 33.04
C ASN X 159 -1.76 -13.94 32.77
N GLY X 160 -1.41 -14.24 31.51
CA GLY X 160 -0.93 -15.56 31.14
C GLY X 160 -1.16 -15.87 29.67
N GLY X 161 -1.24 -17.18 29.38
CA GLY X 161 -1.65 -17.65 28.06
C GLY X 161 -0.61 -17.50 26.96
N VAL X 162 -1.09 -17.35 25.73
CA VAL X 162 -0.22 -17.34 24.56
C VAL X 162 0.82 -16.23 24.66
N ILE X 163 2.04 -16.54 24.27
CA ILE X 163 3.08 -15.52 24.18
C ILE X 163 3.16 -15.15 22.71
N ILE X 164 2.71 -13.93 22.41
CA ILE X 164 2.47 -13.50 21.04
C ILE X 164 3.74 -13.55 20.21
N PHE Y 1 74.00 -60.53 -11.45
CA PHE Y 1 73.23 -59.30 -11.09
C PHE Y 1 73.02 -59.30 -9.58
N SER Y 2 73.42 -58.21 -8.93
CA SER Y 2 73.38 -58.12 -7.47
C SER Y 2 72.48 -56.98 -7.00
N GLY Y 3 71.75 -57.22 -5.92
CA GLY Y 3 70.89 -56.20 -5.34
C GLY Y 3 71.67 -55.12 -4.63
N LEU Y 4 72.98 -55.30 -4.57
CA LEU Y 4 73.87 -54.30 -3.97
C LEU Y 4 73.73 -52.98 -4.71
N GLU Y 5 73.70 -53.07 -6.03
CA GLU Y 5 73.53 -51.91 -6.89
C GLU Y 5 72.10 -51.40 -6.81
N ALA Y 6 71.17 -52.32 -6.62
CA ALA Y 6 69.76 -51.97 -6.50
C ALA Y 6 69.59 -51.04 -5.30
N ALA Y 7 70.39 -51.30 -4.26
CA ALA Y 7 70.38 -50.45 -3.08
C ALA Y 7 70.81 -49.04 -3.48
N ILE Y 8 71.88 -48.95 -4.26
CA ILE Y 8 72.45 -47.67 -4.67
C ILE Y 8 71.36 -46.80 -5.30
N VAL Y 9 70.51 -47.45 -6.11
CA VAL Y 9 69.41 -46.77 -6.78
C VAL Y 9 68.28 -46.52 -5.81
N LEU Y 10 68.02 -47.50 -4.94
CA LEU Y 10 66.90 -47.43 -4.02
C LEU Y 10 67.04 -46.19 -3.15
N ILE Y 11 68.29 -45.84 -2.84
CA ILE Y 11 68.56 -44.57 -2.19
C ILE Y 11 67.97 -43.46 -3.06
N ALA Y 12 68.39 -43.44 -4.32
CA ALA Y 12 68.06 -42.35 -5.22
C ALA Y 12 66.56 -42.19 -5.41
N PHE Y 13 65.85 -43.32 -5.50
CA PHE Y 13 64.39 -43.28 -5.60
C PHE Y 13 63.81 -42.65 -4.34
N VAL Y 14 64.32 -43.09 -3.19
CA VAL Y 14 63.87 -42.57 -1.90
C VAL Y 14 64.23 -41.11 -1.72
N VAL Y 15 65.45 -40.74 -2.10
CA VAL Y 15 65.93 -39.39 -1.84
C VAL Y 15 65.11 -38.37 -2.63
N VAL Y 16 64.99 -38.57 -3.94
CA VAL Y 16 64.21 -37.66 -4.77
C VAL Y 16 62.76 -37.63 -4.30
N ALA Y 17 62.30 -38.75 -3.76
CA ALA Y 17 60.98 -38.83 -3.19
C ALA Y 17 60.89 -37.91 -1.97
N ALA Y 18 61.86 -38.05 -1.07
CA ALA Y 18 61.91 -37.23 0.13
C ALA Y 18 62.05 -35.75 -0.21
N VAL Y 19 62.87 -35.44 -1.21
CA VAL Y 19 63.05 -34.06 -1.62
C VAL Y 19 61.76 -33.53 -2.23
N PHE Y 20 61.15 -34.32 -3.10
CA PHE Y 20 59.88 -33.91 -3.69
C PHE Y 20 58.86 -33.81 -2.56
N SER Y 21 58.90 -34.79 -1.67
CA SER Y 21 58.02 -34.82 -0.52
C SER Y 21 58.26 -33.58 0.29
N TYR Y 22 59.53 -33.28 0.51
CA TYR Y 22 59.95 -32.12 1.28
C TYR Y 22 59.39 -30.84 0.65
N VAL Y 23 59.63 -30.65 -0.63
CA VAL Y 23 59.21 -29.44 -1.32
C VAL Y 23 57.70 -29.38 -1.49
N MET Y 24 57.08 -30.51 -1.86
CA MET Y 24 55.65 -30.53 -2.09
C MET Y 24 54.92 -30.10 -0.83
N LEU Y 25 55.47 -30.51 0.32
CA LEU Y 25 54.92 -30.08 1.59
C LEU Y 25 55.09 -28.56 1.72
N GLY Y 26 56.28 -28.09 1.42
CA GLY Y 26 56.57 -26.66 1.45
C GLY Y 26 55.73 -25.94 0.41
N ALA Y 27 55.62 -26.54 -0.76
CA ALA Y 27 54.77 -26.02 -1.83
C ALA Y 27 53.34 -26.04 -1.32
N GLY Y 28 53.01 -27.13 -0.61
CA GLY Y 28 51.69 -27.35 -0.08
C GLY Y 28 51.29 -26.42 1.05
N PHE Y 29 52.18 -26.18 2.00
CA PHE Y 29 51.87 -25.29 3.10
C PHE Y 29 51.62 -23.90 2.52
N PHE Y 30 52.51 -23.48 1.63
CA PHE Y 30 52.35 -22.18 1.00
C PHE Y 30 51.04 -22.14 0.22
N ALA Y 31 50.71 -23.25 -0.42
CA ALA Y 31 49.43 -23.37 -1.12
C ALA Y 31 48.31 -23.09 -0.14
N THR Y 32 48.40 -23.75 1.01
CA THR Y 32 47.40 -23.62 2.05
C THR Y 32 47.42 -22.22 2.65
N GLN Y 33 48.61 -21.79 3.05
CA GLN Y 33 48.79 -20.49 3.70
C GLN Y 33 48.38 -19.36 2.75
N LYS Y 34 48.51 -19.61 1.45
CA LYS Y 34 48.01 -18.66 0.47
C LYS Y 34 46.48 -18.76 0.43
N SER Y 35 46.00 -19.99 0.41
CA SER Y 35 44.57 -20.27 0.34
C SER Y 35 43.85 -19.65 1.53
N GLN Y 36 44.57 -19.53 2.64
CA GLN Y 36 44.04 -18.90 3.84
C GLN Y 36 43.99 -17.38 3.69
N GLU Y 37 45.03 -16.80 3.11
CA GLU Y 37 45.15 -15.36 3.01
C GLU Y 37 44.04 -14.78 2.15
N VAL Y 38 43.79 -15.39 1.01
CA VAL Y 38 42.73 -14.94 0.12
C VAL Y 38 41.36 -15.02 0.78
N THR Y 39 41.20 -16.01 1.66
CA THR Y 39 39.96 -16.19 2.40
C THR Y 39 39.78 -15.11 3.44
N TYR Y 40 40.84 -14.82 4.17
CA TYR Y 40 40.81 -13.79 5.19
C TYR Y 40 40.57 -12.44 4.55
N SER Y 41 41.29 -12.17 3.47
CA SER Y 41 41.08 -10.98 2.67
C SER Y 41 39.71 -11.02 2.03
N GLY Y 42 39.25 -12.21 1.67
CA GLY Y 42 37.98 -12.36 0.99
C GLY Y 42 36.82 -11.92 1.85
N MET Y 43 36.83 -12.32 3.12
CA MET Y 43 35.81 -11.90 4.08
C MET Y 43 36.02 -10.44 4.42
N LYS Y 44 37.29 -10.04 4.45
CA LYS Y 44 37.65 -8.70 4.84
C LYS Y 44 37.24 -7.76 3.72
N GLN Y 45 37.22 -8.29 2.50
CA GLN Y 45 36.80 -7.51 1.35
C GLN Y 45 35.33 -7.11 1.48
N ALA Y 46 34.49 -8.05 1.92
CA ALA Y 46 33.06 -7.82 1.99
C ALA Y 46 32.69 -7.04 3.26
N THR Y 47 33.30 -7.42 4.38
CA THR Y 47 32.89 -6.93 5.68
C THR Y 47 33.53 -5.58 6.02
N SER Y 48 34.51 -5.15 5.24
CA SER Y 48 35.20 -3.89 5.49
C SER Y 48 34.42 -2.73 4.92
N ASN Y 49 33.26 -3.02 4.35
CA ASN Y 49 32.40 -2.02 3.74
C ASN Y 49 32.08 -0.87 4.68
N LEU Y 50 32.06 0.33 4.12
CA LEU Y 50 31.76 1.55 4.85
C LEU Y 50 30.52 2.23 4.28
N ILE Y 51 29.82 2.98 5.13
CA ILE Y 51 28.47 3.41 4.84
C ILE Y 51 28.24 4.88 5.18
N LEU Y 52 27.49 5.56 4.32
CA LEU Y 52 26.95 6.87 4.65
C LEU Y 52 25.78 6.72 5.61
N ASP Y 53 25.84 7.44 6.73
CA ASP Y 53 24.82 7.32 7.77
C ASP Y 53 23.94 8.56 7.83
N GLY Y 54 22.68 8.41 7.47
CA GLY Y 54 21.71 9.48 7.59
C GLY Y 54 21.93 10.61 6.59
N MET Y 55 21.24 11.73 6.82
CA MET Y 55 21.12 12.79 5.83
C MET Y 55 22.43 13.44 5.47
N ILE Y 56 22.48 14.02 4.28
CA ILE Y 56 23.61 14.82 3.84
C ILE Y 56 23.28 16.31 3.95
N TYR Y 57 23.83 16.96 4.95
CA TYR Y 57 23.68 18.40 5.14
C TYR Y 57 24.69 19.16 4.32
N GLY Y 58 24.42 20.44 4.05
CA GLY Y 58 25.45 21.29 3.49
C GLY Y 58 25.32 22.78 3.81
N SER Y 59 26.46 23.45 3.83
CA SER Y 59 26.50 24.90 3.88
C SER Y 59 26.35 25.44 2.47
N TYR Y 60 25.64 26.54 2.32
CA TYR Y 60 25.31 27.08 1.01
C TYR Y 60 25.32 28.60 1.04
N SER Y 61 25.62 29.21 -0.07
CA SER Y 61 25.72 30.68 -0.17
C SER Y 61 25.09 31.21 -1.45
N LYS Y 62 24.13 32.12 -1.29
CA LYS Y 62 23.48 32.74 -2.45
C LYS Y 62 24.49 33.65 -3.14
N GLY Y 63 25.10 34.55 -2.38
CA GLY Y 63 26.07 35.49 -2.93
C GLY Y 63 27.37 34.77 -3.23
N GLY Y 64 27.56 33.61 -2.61
CA GLY Y 64 28.69 32.75 -2.92
C GLY Y 64 28.41 31.96 -4.19
N SER Y 65 29.32 31.08 -4.55
CA SER Y 65 29.18 30.28 -5.75
C SER Y 65 28.08 29.23 -5.64
N GLY Y 66 27.81 28.74 -4.44
CA GLY Y 66 26.80 27.70 -4.25
C GLY Y 66 27.08 26.85 -3.02
N LEU Y 67 26.62 25.60 -3.05
CA LEU Y 67 26.97 24.63 -2.03
C LEU Y 67 28.48 24.62 -1.86
N ALA Y 68 28.93 24.82 -0.62
CA ALA Y 68 30.34 24.98 -0.36
C ALA Y 68 30.82 23.82 0.47
N GLN Y 69 30.52 23.85 1.77
CA GLN Y 69 30.76 22.69 2.60
C GLN Y 69 29.64 21.69 2.32
N LEU Y 70 29.92 20.41 2.58
CA LEU Y 70 28.87 19.41 2.58
C LEU Y 70 29.12 18.49 3.77
N TYR Y 71 28.06 18.16 4.50
CA TYR Y 71 28.21 17.40 5.73
C TYR Y 71 27.41 16.14 5.62
N PHE Y 72 28.07 15.01 5.78
CA PHE Y 72 27.39 13.74 5.84
C PHE Y 72 28.16 12.87 6.81
N TYR Y 73 27.44 12.14 7.65
CA TYR Y 73 28.10 11.23 8.53
C TYR Y 73 28.40 9.94 7.78
N VAL Y 74 29.48 9.31 8.20
CA VAL Y 74 29.95 8.08 7.60
C VAL Y 74 30.21 7.15 8.75
N LYS Y 75 29.85 5.90 8.58
CA LYS Y 75 29.96 4.95 9.67
C LYS Y 75 30.51 3.63 9.18
N VAL Y 76 30.64 2.69 10.10
CA VAL Y 76 31.02 1.33 9.75
C VAL Y 76 29.98 0.43 10.40
N PRO Y 77 29.55 -0.63 9.70
CA PRO Y 77 28.62 -1.55 10.35
C PRO Y 77 29.19 -2.16 11.63
N GLU Y 78 28.31 -2.47 12.58
CA GLU Y 78 28.72 -2.98 13.87
C GLU Y 78 29.60 -4.22 13.73
N GLY Y 79 29.35 -4.99 12.69
CA GLY Y 79 30.11 -6.21 12.41
C GLY Y 79 31.27 -5.97 11.46
N GLY Y 80 31.47 -4.70 11.11
CA GLY Y 80 32.47 -4.35 10.10
C GLY Y 80 33.89 -4.38 10.63
N GLU Y 81 34.84 -4.04 9.75
CA GLU Y 81 36.25 -3.95 10.11
C GLU Y 81 36.61 -2.48 10.24
N THR Y 82 37.56 -2.17 11.13
CA THR Y 82 37.92 -0.79 11.40
C THR Y 82 38.47 -0.14 10.12
N GLN Y 83 38.44 1.18 10.09
CA GLN Y 83 38.72 1.91 8.85
C GLN Y 83 39.70 3.06 9.09
N ASP Y 84 40.26 3.55 7.99
CA ASP Y 84 41.12 4.73 8.01
C ASP Y 84 40.66 5.72 6.96
N LEU Y 85 40.17 6.88 7.40
CA LEU Y 85 39.58 7.85 6.50
C LEU Y 85 40.66 8.52 5.66
N LYS Y 86 41.91 8.40 6.11
CA LYS Y 86 43.04 8.95 5.39
C LYS Y 86 43.07 8.34 3.99
N TYR Y 87 42.67 7.07 3.89
CA TYR Y 87 42.69 6.33 2.63
C TYR Y 87 41.35 6.28 1.90
N VAL Y 88 40.30 6.84 2.51
CA VAL Y 88 39.03 6.96 1.82
C VAL Y 88 39.12 8.15 0.88
N THR Y 89 38.60 7.97 -0.34
CA THR Y 89 38.64 9.04 -1.35
C THR Y 89 37.23 9.39 -1.77
N TYR Y 90 36.97 10.70 -1.85
CA TYR Y 90 35.64 11.20 -2.17
C TYR Y 90 35.54 11.83 -3.55
N LEU Y 91 34.99 11.08 -4.49
CA LEU Y 91 34.83 11.54 -5.85
C LEU Y 91 33.58 12.38 -6.01
N TRP Y 92 33.67 13.44 -6.82
CA TRP Y 92 32.63 14.46 -6.85
C TRP Y 92 32.27 14.90 -8.26
N THR Y 93 31.00 15.28 -8.43
CA THR Y 93 30.49 15.71 -9.72
C THR Y 93 29.45 16.79 -9.54
N LYS Y 94 29.49 17.82 -10.39
CA LYS Y 94 28.42 18.80 -10.46
C LYS Y 94 27.75 18.76 -11.81
N GLU Y 95 26.52 18.24 -11.85
CA GLU Y 95 25.69 18.26 -13.05
C GLU Y 95 26.46 17.74 -14.27
N ASN Y 96 26.72 16.44 -14.28
CA ASN Y 96 27.32 15.73 -15.41
C ASN Y 96 28.48 16.59 -15.87
N LYS Y 97 29.42 16.85 -14.96
CA LYS Y 97 30.70 17.44 -15.34
C LYS Y 97 31.58 16.19 -15.37
N ALA Y 98 32.88 16.38 -15.52
CA ALA Y 98 33.82 15.25 -15.55
C ALA Y 98 33.85 14.95 -14.03
N VAL Y 99 34.88 14.22 -13.57
CA VAL Y 99 34.95 13.84 -12.17
C VAL Y 99 36.13 14.75 -11.82
N THR Y 100 36.29 14.97 -10.53
CA THR Y 100 37.55 15.43 -9.96
C THR Y 100 37.46 14.71 -8.63
N THR Y 101 38.58 14.24 -8.11
CA THR Y 101 38.58 13.59 -6.80
C THR Y 101 38.64 14.79 -5.87
N LEU Y 102 38.14 14.62 -4.64
CA LEU Y 102 38.06 15.74 -3.72
C LEU Y 102 39.01 15.97 -2.56
N THR Y 103 39.85 16.99 -2.72
CA THR Y 103 40.84 17.35 -1.70
C THR Y 103 40.65 17.75 -0.26
N SER Y 104 39.69 18.63 0.00
CA SER Y 104 39.53 19.21 1.32
C SER Y 104 38.45 18.63 2.22
N ILE Y 105 38.86 17.64 3.01
CA ILE Y 105 37.99 17.00 4.00
C ILE Y 105 38.36 17.03 5.49
N THR Y 106 37.46 17.56 6.32
CA THR Y 106 37.80 17.77 7.72
C THR Y 106 38.47 16.64 8.50
N PRO Y 107 37.93 15.43 8.42
CA PRO Y 107 38.61 14.32 9.11
C PRO Y 107 39.79 13.72 8.38
N THR Y 108 40.61 14.56 7.75
CA THR Y 108 41.69 14.08 6.90
C THR Y 108 42.44 12.87 7.46
N ASN Y 109 42.72 12.92 8.75
CA ASN Y 109 43.42 11.84 9.43
C ASN Y 109 42.99 11.17 10.72
N GLN Y 110 41.94 10.34 10.62
CA GLN Y 110 41.39 9.63 11.77
C GLN Y 110 40.79 8.27 11.41
N GLN Y 111 40.76 7.39 12.40
CA GLN Y 111 40.14 6.07 12.24
C GLN Y 111 38.77 5.90 12.84
N LEU Y 112 37.99 4.98 12.25
CA LEU Y 112 36.69 4.60 12.77
C LEU Y 112 36.70 3.15 13.21
N ASN Y 113 36.51 2.90 14.50
CA ASN Y 113 36.25 1.55 14.96
C ASN Y 113 34.93 1.10 14.35
N PRO Y 114 34.79 -0.19 14.06
CA PRO Y 114 33.49 -0.61 13.51
C PRO Y 114 32.35 -0.31 14.47
N GLY Y 115 31.22 0.17 13.93
CA GLY Y 115 30.10 0.57 14.77
C GLY Y 115 30.31 1.95 15.36
N ALA Y 116 30.98 2.83 14.62
CA ALA Y 116 31.16 4.21 15.00
C ALA Y 116 31.00 5.10 13.79
N ARG Y 117 30.93 6.41 14.01
CA ARG Y 117 30.70 7.38 12.95
C ARG Y 117 31.55 8.64 13.12
N VAL Y 118 31.57 9.45 12.07
CA VAL Y 118 32.35 10.68 12.05
C VAL Y 118 31.65 11.69 11.14
N LYS Y 119 31.81 12.98 11.42
CA LYS Y 119 31.25 13.98 10.53
C LYS Y 119 32.26 14.32 9.46
N VAL Y 120 32.00 13.87 8.24
CA VAL Y 120 32.83 14.20 7.09
C VAL Y 120 32.38 15.56 6.55
N THR Y 121 33.33 16.43 6.25
CA THR Y 121 33.02 17.72 5.65
C THR Y 121 33.73 17.90 4.31
N ILE Y 122 32.97 17.85 3.24
CA ILE Y 122 33.47 18.10 1.90
C ILE Y 122 33.36 19.55 1.44
N THR Y 123 34.46 20.11 0.97
CA THR Y 123 34.40 21.30 0.13
C THR Y 123 34.63 21.09 -1.37
N ALA Y 124 33.64 21.43 -2.18
CA ALA Y 124 33.73 21.17 -3.60
C ALA Y 124 34.79 22.09 -4.21
N PRO Y 125 35.54 21.60 -5.20
CA PRO Y 125 36.61 22.38 -5.82
C PRO Y 125 36.04 23.54 -6.61
N THR Y 126 36.90 24.49 -6.98
CA THR Y 126 36.47 25.82 -7.42
C THR Y 126 35.34 25.80 -8.45
N GLY Y 127 35.43 24.90 -9.42
CA GLY Y 127 34.46 24.85 -10.51
C GLY Y 127 33.23 24.03 -10.23
N TYR Y 128 33.32 23.11 -9.27
CA TYR Y 128 32.31 22.08 -9.06
C TYR Y 128 31.27 22.37 -7.98
N LYS Y 129 31.25 23.58 -7.43
CA LYS Y 129 30.28 23.90 -6.39
C LYS Y 129 28.87 23.93 -6.97
N PRO Y 130 28.01 22.98 -6.56
CA PRO Y 130 26.68 22.93 -7.18
C PRO Y 130 25.73 23.99 -6.63
N ILE Y 131 24.79 24.41 -7.48
CA ILE Y 131 23.84 25.46 -7.15
C ILE Y 131 22.45 24.85 -7.23
N ALA Y 132 21.47 25.52 -6.62
CA ALA Y 132 20.12 24.95 -6.48
C ALA Y 132 19.59 24.47 -7.83
N GLY Y 133 19.13 23.21 -7.84
CA GLY Y 133 18.61 22.58 -9.04
C GLY Y 133 19.64 21.76 -9.81
N GLN Y 134 20.90 21.83 -9.39
CA GLN Y 134 21.97 21.07 -10.03
C GLN Y 134 22.31 19.83 -9.22
N LYS Y 135 22.18 18.66 -9.84
CA LYS Y 135 22.51 17.41 -9.15
C LYS Y 135 24.01 17.26 -9.00
N PHE Y 136 24.41 16.61 -7.91
CA PHE Y 136 25.80 16.24 -7.71
C PHE Y 136 25.87 14.80 -7.24
N VAL Y 137 26.98 14.13 -7.54
CA VAL Y 137 27.21 12.78 -7.03
C VAL Y 137 28.47 12.77 -6.18
N LEU Y 138 28.44 11.96 -5.13
CA LEU Y 138 29.58 11.77 -4.26
C LEU Y 138 29.82 10.28 -4.07
N GLU Y 139 30.92 9.78 -4.63
CA GLU Y 139 31.27 8.38 -4.48
C GLU Y 139 32.23 8.24 -3.32
N ILE Y 140 31.85 7.44 -2.33
CA ILE Y 140 32.68 7.23 -1.17
C ILE Y 140 33.38 5.88 -1.29
N LYS Y 141 34.71 5.95 -1.33
CA LYS Y 141 35.55 4.81 -1.69
C LYS Y 141 36.50 4.46 -0.57
N PRO Y 142 36.03 3.66 0.39
CA PRO Y 142 36.95 3.20 1.42
C PRO Y 142 37.97 2.25 0.82
N LYS Y 143 39.20 2.28 1.31
CA LYS Y 143 40.19 1.32 0.83
C LYS Y 143 39.73 -0.06 1.26
N THR Y 144 39.78 -1.01 0.34
CA THR Y 144 39.35 -2.38 0.61
C THR Y 144 37.93 -2.39 1.13
N GLY Y 145 36.97 -2.12 0.24
CA GLY Y 145 35.57 -2.20 0.62
C GLY Y 145 34.64 -1.74 -0.48
N ALA Y 146 33.38 -2.11 -0.37
CA ALA Y 146 32.39 -1.73 -1.37
C ALA Y 146 32.25 -0.23 -1.40
N SER Y 147 32.16 0.33 -2.58
CA SER Y 147 32.16 1.77 -2.75
C SER Y 147 30.75 2.27 -2.97
N THR Y 148 30.35 3.26 -2.18
CA THR Y 148 28.99 3.75 -2.25
C THR Y 148 28.93 4.82 -3.31
N ILE Y 149 27.74 5.32 -3.58
CA ILE Y 149 27.58 6.59 -4.27
C ILE Y 149 26.32 7.21 -3.73
N VAL Y 150 26.35 8.51 -3.46
CA VAL Y 150 25.15 9.21 -3.07
C VAL Y 150 24.93 10.38 -4.01
N THR Y 151 23.91 10.25 -4.83
CA THR Y 151 23.51 11.31 -5.74
C THR Y 151 22.37 12.09 -5.10
N ARG Y 152 22.43 13.40 -5.25
CA ARG Y 152 21.40 14.29 -4.76
C ARG Y 152 21.21 15.36 -5.81
N THR Y 153 20.07 16.02 -5.79
CA THR Y 153 19.89 17.23 -6.55
C THR Y 153 19.27 18.25 -5.61
N LEU Y 154 19.94 19.40 -5.50
CA LEU Y 154 19.42 20.45 -4.69
C LEU Y 154 18.11 20.91 -5.29
N SER Y 155 17.05 20.94 -4.49
CA SER Y 155 15.78 21.46 -4.96
C SER Y 155 16.04 22.88 -5.39
N ASP Y 156 15.31 23.38 -6.38
CA ASP Y 156 15.61 24.72 -6.84
C ASP Y 156 14.78 25.59 -5.89
N GLY Y 157 15.54 26.21 -4.99
CA GLY Y 157 15.08 26.46 -3.65
C GLY Y 157 16.39 26.35 -2.88
N TYR Y 158 16.33 25.89 -1.64
CA TYR Y 158 17.55 25.50 -0.93
C TYR Y 158 18.50 26.69 -0.70
N ASN Y 159 18.12 27.58 0.21
CA ASN Y 159 19.06 28.59 0.70
C ASN Y 159 20.19 27.88 1.46
N GLY Y 160 19.99 26.61 1.78
CA GLY Y 160 21.03 25.79 2.38
C GLY Y 160 20.48 24.62 3.17
N GLY Y 161 21.25 24.16 4.14
CA GLY Y 161 20.81 23.17 5.12
C GLY Y 161 20.67 21.76 4.60
N VAL Y 162 19.76 21.00 5.22
CA VAL Y 162 19.61 19.58 4.91
C VAL Y 162 19.33 19.36 3.45
N ILE Y 163 19.96 18.34 2.87
CA ILE Y 163 19.66 17.92 1.52
C ILE Y 163 18.72 16.72 1.65
N ILE Y 164 17.47 16.94 1.27
CA ILE Y 164 16.38 16.01 1.58
C ILE Y 164 16.64 14.65 0.95
N PHE Z 1 70.29 -57.11 -9.95
CA PHE Z 1 69.17 -56.17 -10.29
C PHE Z 1 69.77 -54.80 -10.58
N SER Z 2 69.45 -54.25 -11.74
CA SER Z 2 70.04 -53.00 -12.20
C SER Z 2 68.99 -51.92 -12.43
N GLY Z 3 69.33 -50.67 -12.08
CA GLY Z 3 68.43 -49.56 -12.26
C GLY Z 3 68.33 -49.17 -13.74
N LEU Z 4 69.12 -49.82 -14.57
CA LEU Z 4 69.07 -49.58 -16.01
C LEU Z 4 67.69 -49.87 -16.54
N GLU Z 5 67.11 -50.97 -16.08
CA GLU Z 5 65.77 -51.37 -16.45
C GLU Z 5 64.74 -50.48 -15.78
N ALA Z 6 65.07 -50.02 -14.58
CA ALA Z 6 64.20 -49.11 -13.84
C ALA Z 6 63.99 -47.86 -14.65
N ALA Z 7 65.04 -47.45 -15.38
CA ALA Z 7 64.96 -46.29 -16.25
C ALA Z 7 63.93 -46.56 -17.34
N ILE Z 8 64.01 -47.75 -17.93
CA ILE Z 8 63.13 -48.14 -19.03
C ILE Z 8 61.68 -47.93 -18.61
N VAL Z 9 61.38 -48.31 -17.38
CA VAL Z 9 60.03 -48.16 -16.82
C VAL Z 9 59.77 -46.71 -16.46
N LEU Z 10 60.78 -46.05 -15.90
CA LEU Z 10 60.61 -44.70 -15.43
C LEU Z 10 60.16 -43.80 -16.56
N ILE Z 11 60.64 -44.11 -17.76
CA ILE Z 11 60.13 -43.46 -18.96
C ILE Z 11 58.63 -43.67 -18.99
N ALA Z 12 58.22 -44.94 -18.94
CA ALA Z 12 56.82 -45.31 -19.13
C ALA Z 12 55.91 -44.64 -18.11
N PHE Z 13 56.36 -44.58 -16.86
CA PHE Z 13 55.59 -43.91 -15.81
C PHE Z 13 55.44 -42.43 -16.17
N VAL Z 14 56.53 -41.83 -16.59
CA VAL Z 14 56.55 -40.41 -16.97
C VAL Z 14 55.71 -40.16 -18.22
N VAL Z 15 55.84 -41.04 -19.20
CA VAL Z 15 55.19 -40.80 -20.49
C VAL Z 15 53.68 -40.84 -20.32
N VAL Z 16 53.15 -41.91 -19.73
CA VAL Z 16 51.71 -42.03 -19.52
C VAL Z 16 51.21 -40.88 -18.64
N ALA Z 17 52.08 -40.43 -17.75
CA ALA Z 17 51.78 -39.27 -16.92
C ALA Z 17 51.63 -38.03 -17.80
N ALA Z 18 52.61 -37.81 -18.67
CA ALA Z 18 52.58 -36.66 -19.58
C ALA Z 18 51.40 -36.74 -20.53
N VAL Z 19 51.08 -37.92 -21.02
CA VAL Z 19 49.95 -38.09 -21.90
C VAL Z 19 48.66 -37.83 -21.15
N PHE Z 20 48.55 -38.40 -19.95
CA PHE Z 20 47.37 -38.15 -19.14
C PHE Z 20 47.33 -36.67 -18.80
N SER Z 21 48.50 -36.14 -18.46
CA SER Z 21 48.64 -34.73 -18.15
C SER Z 21 48.20 -33.94 -19.36
N TYR Z 22 48.69 -34.35 -20.51
CA TYR Z 22 48.37 -33.71 -21.77
C TYR Z 22 46.87 -33.69 -22.01
N VAL Z 23 46.24 -34.86 -21.92
CA VAL Z 23 44.82 -34.97 -22.20
C VAL Z 23 43.98 -34.32 -21.11
N MET Z 24 44.35 -34.54 -19.85
CA MET Z 24 43.58 -33.99 -18.74
C MET Z 24 43.50 -32.48 -18.86
N LEU Z 25 44.60 -31.88 -19.32
CA LEU Z 25 44.62 -30.45 -19.59
C LEU Z 25 43.63 -30.14 -20.69
N GLY Z 26 43.69 -30.92 -21.78
CA GLY Z 26 42.78 -30.76 -22.90
C GLY Z 26 41.37 -31.04 -22.46
N ALA Z 27 41.21 -32.09 -21.66
CA ALA Z 27 39.93 -32.44 -21.06
C ALA Z 27 39.49 -31.29 -20.18
N GLY Z 28 40.47 -30.75 -19.47
CA GLY Z 28 40.25 -29.66 -18.54
C GLY Z 28 39.91 -28.32 -19.16
N PHE Z 29 40.61 -27.95 -20.24
CA PHE Z 29 40.30 -26.69 -20.90
C PHE Z 29 38.88 -26.77 -21.43
N PHE Z 30 38.56 -27.90 -22.09
CA PHE Z 30 37.23 -28.09 -22.61
C PHE Z 30 36.21 -28.05 -21.49
N ALA Z 31 36.58 -28.63 -20.35
CA ALA Z 31 35.73 -28.58 -19.18
C ALA Z 31 35.45 -27.13 -18.84
N THR Z 32 36.52 -26.35 -18.80
CA THR Z 32 36.45 -24.93 -18.48
C THR Z 32 35.68 -24.17 -19.56
N GLN Z 33 36.11 -24.37 -20.80
CA GLN Z 33 35.53 -23.67 -21.94
C GLN Z 33 34.06 -24.04 -22.11
N LYS Z 34 33.69 -25.23 -21.66
CA LYS Z 34 32.29 -25.60 -21.63
C LYS Z 34 31.63 -24.88 -20.46
N SER Z 35 32.30 -24.88 -19.32
CA SER Z 35 31.79 -24.27 -18.10
C SER Z 35 31.55 -22.77 -18.32
N GLN Z 36 32.32 -22.19 -19.24
CA GLN Z 36 32.16 -20.79 -19.62
C GLN Z 36 30.93 -20.59 -20.50
N GLU Z 37 30.72 -21.51 -21.44
CA GLU Z 37 29.66 -21.36 -22.43
C GLU Z 37 28.29 -21.40 -21.75
N VAL Z 38 28.10 -22.35 -20.84
CA VAL Z 38 26.84 -22.46 -20.12
C VAL Z 38 26.56 -21.22 -19.29
N THR Z 39 27.64 -20.58 -18.81
CA THR Z 39 27.53 -19.36 -18.02
C THR Z 39 27.12 -18.19 -18.88
N TYR Z 40 27.75 -18.08 -20.03
CA TYR Z 40 27.44 -17.01 -20.97
C TYR Z 40 26.02 -17.16 -21.47
N SER Z 41 25.66 -18.38 -21.84
CA SER Z 41 24.31 -18.70 -22.23
C SER Z 41 23.37 -18.55 -21.04
N GLY Z 42 23.88 -18.84 -19.84
CA GLY Z 42 23.07 -18.78 -18.63
C GLY Z 42 22.59 -17.37 -18.35
N MET Z 43 23.49 -16.40 -18.46
CA MET Z 43 23.13 -15.00 -18.28
C MET Z 43 22.32 -14.53 -19.48
N LYS Z 44 22.63 -15.08 -20.64
CA LYS Z 44 21.99 -14.68 -21.86
C LYS Z 44 20.57 -15.23 -21.84
N GLN Z 45 20.38 -16.33 -21.14
CA GLN Z 45 19.06 -16.93 -21.00
C GLN Z 45 18.12 -15.99 -20.25
N ALA Z 46 18.62 -15.38 -19.17
CA ALA Z 46 17.81 -14.52 -18.33
C ALA Z 46 17.65 -13.13 -18.93
N THR Z 47 18.75 -12.57 -19.44
CA THR Z 47 18.79 -11.18 -19.84
C THR Z 47 18.25 -10.96 -21.26
N SER Z 48 18.04 -12.05 -22.00
CA SER Z 48 17.56 -11.94 -23.37
C SER Z 48 16.03 -11.80 -23.39
N ASN Z 49 15.45 -11.73 -22.21
CA ASN Z 49 14.00 -11.59 -22.06
C ASN Z 49 13.44 -10.42 -22.85
N LEU Z 50 12.26 -10.64 -23.43
CA LEU Z 50 11.55 -9.64 -24.22
C LEU Z 50 10.20 -9.35 -23.59
N ILE Z 51 9.71 -8.13 -23.82
CA ILE Z 51 8.59 -7.60 -23.05
C ILE Z 51 7.56 -6.91 -23.92
N LEU Z 52 6.29 -7.10 -23.57
CA LEU Z 52 5.21 -6.30 -24.12
C LEU Z 52 5.23 -4.93 -23.48
N ASP Z 53 5.22 -3.88 -24.29
CA ASP Z 53 5.32 -2.52 -23.80
C ASP Z 53 4.00 -1.75 -23.98
N GLY Z 54 3.34 -1.44 -22.88
CA GLY Z 54 2.14 -0.63 -22.91
C GLY Z 54 0.93 -1.36 -23.49
N MET Z 55 -0.12 -0.60 -23.77
CA MET Z 55 -1.42 -1.16 -24.08
C MET Z 55 -1.45 -2.01 -25.34
N ILE Z 56 -2.42 -2.92 -25.39
CA ILE Z 56 -2.69 -3.70 -26.59
C ILE Z 56 -3.90 -3.15 -27.32
N TYR Z 57 -3.64 -2.48 -28.43
CA TYR Z 57 -4.69 -1.95 -29.29
C TYR Z 57 -5.17 -3.01 -30.26
N GLY Z 58 -6.38 -2.85 -30.82
CA GLY Z 58 -6.79 -3.68 -31.92
C GLY Z 58 -7.80 -3.05 -32.86
N SER Z 59 -7.75 -3.50 -34.12
CA SER Z 59 -8.79 -3.19 -35.09
C SER Z 59 -9.92 -4.19 -34.91
N TYR Z 60 -11.15 -3.73 -35.07
CA TYR Z 60 -12.32 -4.55 -34.78
C TYR Z 60 -13.43 -4.23 -35.78
N SER Z 61 -14.28 -5.21 -36.06
CA SER Z 61 -15.36 -5.05 -37.04
C SER Z 61 -16.64 -5.69 -36.56
N LYS Z 62 -17.71 -4.89 -36.50
CA LYS Z 62 -19.02 -5.40 -36.11
C LYS Z 62 -19.55 -6.32 -37.19
N GLY Z 63 -19.57 -5.82 -38.42
CA GLY Z 63 -20.06 -6.59 -39.55
C GLY Z 63 -19.05 -7.65 -39.94
N GLY Z 64 -17.80 -7.46 -39.50
CA GLY Z 64 -16.78 -8.47 -39.68
C GLY Z 64 -16.91 -9.53 -38.62
N SER Z 65 -15.99 -10.47 -38.60
CA SER Z 65 -16.03 -11.57 -37.63
C SER Z 65 -15.71 -11.12 -36.20
N GLY Z 66 -14.91 -10.07 -36.06
CA GLY Z 66 -14.52 -9.60 -34.73
C GLY Z 66 -13.19 -8.88 -34.74
N LEU Z 67 -12.49 -8.91 -33.61
CA LEU Z 67 -11.13 -8.42 -33.53
C LEU Z 67 -10.32 -9.06 -34.64
N ALA Z 68 -9.67 -8.22 -35.45
CA ALA Z 68 -9.01 -8.71 -36.64
C ALA Z 68 -7.52 -8.47 -36.48
N GLN Z 69 -7.08 -7.24 -36.67
CA GLN Z 69 -5.72 -6.88 -36.33
C GLN Z 69 -5.63 -6.73 -34.82
N LEU Z 70 -4.43 -6.92 -34.28
CA LEU Z 70 -4.17 -6.57 -32.88
C LEU Z 70 -2.82 -5.88 -32.82
N TYR Z 71 -2.72 -4.80 -32.08
CA TYR Z 71 -1.53 -4.00 -32.06
C TYR Z 71 -1.02 -3.92 -30.63
N PHE Z 72 0.22 -4.35 -30.45
CA PHE Z 72 0.86 -4.19 -29.17
C PHE Z 72 2.32 -3.96 -29.44
N TYR Z 73 2.90 -3.02 -28.71
CA TYR Z 73 4.33 -2.80 -28.84
C TYR Z 73 5.07 -3.82 -28.02
N VAL Z 74 6.26 -4.16 -28.51
CA VAL Z 74 7.10 -5.14 -27.89
C VAL Z 74 8.46 -4.51 -27.81
N LYS Z 75 9.16 -4.70 -26.70
CA LYS Z 75 10.41 -4.02 -26.49
C LYS Z 75 11.43 -4.99 -25.90
N VAL Z 76 12.61 -4.47 -25.65
CA VAL Z 76 13.65 -5.21 -24.97
C VAL Z 76 14.13 -4.31 -23.83
N PRO Z 77 14.38 -4.88 -22.65
CA PRO Z 77 14.94 -4.04 -21.57
C PRO Z 77 16.26 -3.39 -21.98
N GLU Z 78 16.52 -2.20 -21.42
CA GLU Z 78 17.70 -1.42 -21.78
C GLU Z 78 18.98 -2.24 -21.57
N GLY Z 79 18.95 -3.15 -20.58
CA GLY Z 79 20.08 -4.00 -20.28
C GLY Z 79 20.01 -5.34 -20.99
N GLY Z 80 19.00 -5.50 -21.84
CA GLY Z 80 18.74 -6.78 -22.48
C GLY Z 80 19.68 -7.07 -23.62
N GLU Z 81 19.47 -8.22 -24.26
CA GLU Z 81 20.23 -8.63 -25.43
C GLU Z 81 19.38 -8.43 -26.66
N THR Z 82 20.02 -8.12 -27.79
CA THR Z 82 19.29 -7.80 -29.02
C THR Z 82 18.48 -9.02 -29.45
N GLN Z 83 17.46 -8.78 -30.26
CA GLN Z 83 16.47 -9.81 -30.56
C GLN Z 83 16.19 -9.90 -32.05
N ASP Z 84 15.58 -11.01 -32.46
CA ASP Z 84 15.12 -11.20 -33.84
C ASP Z 84 13.67 -11.66 -33.82
N LEU Z 85 12.80 -10.81 -34.35
CA LEU Z 85 11.36 -11.07 -34.29
C LEU Z 85 10.98 -12.19 -35.24
N LYS Z 86 11.88 -12.49 -36.17
CA LYS Z 86 11.67 -13.57 -37.14
C LYS Z 86 11.48 -14.87 -36.35
N TYR Z 87 12.19 -14.99 -35.23
CA TYR Z 87 12.16 -16.20 -34.41
C TYR Z 87 11.23 -16.12 -33.22
N VAL Z 88 10.59 -14.97 -32.99
CA VAL Z 88 9.57 -14.86 -31.96
C VAL Z 88 8.29 -15.46 -32.51
N THR Z 89 7.60 -16.25 -31.69
CA THR Z 89 6.35 -16.89 -32.09
C THR Z 89 5.23 -16.46 -31.19
N TYR Z 90 4.10 -16.14 -31.82
CA TYR Z 90 2.94 -15.62 -31.10
C TYR Z 90 1.78 -16.59 -31.02
N LEU Z 91 1.64 -17.24 -29.88
CA LEU Z 91 0.57 -18.21 -29.67
C LEU Z 91 -0.72 -17.53 -29.26
N TRP Z 92 -1.84 -18.06 -29.77
CA TRP Z 92 -3.11 -17.35 -29.68
C TRP Z 92 -4.27 -18.24 -29.29
N THR Z 93 -5.23 -17.67 -28.58
CA THR Z 93 -6.40 -18.39 -28.11
C THR Z 93 -7.63 -17.49 -28.12
N LYS Z 94 -8.76 -18.02 -28.56
CA LYS Z 94 -10.05 -17.34 -28.40
C LYS Z 94 -10.96 -18.14 -27.49
N GLU Z 95 -11.18 -17.64 -26.28
CA GLU Z 95 -12.14 -18.21 -25.35
C GLU Z 95 -11.96 -19.72 -25.21
N ASN Z 96 -10.87 -20.12 -24.57
CA ASN Z 96 -10.59 -21.50 -24.20
C ASN Z 96 -10.88 -22.33 -25.46
N LYS Z 97 -10.21 -22.00 -26.55
CA LYS Z 97 -10.21 -22.86 -27.73
C LYS Z 97 -8.89 -23.59 -27.54
N ALA Z 98 -8.47 -24.35 -28.56
CA ALA Z 98 -7.19 -25.06 -28.50
C ALA Z 98 -6.25 -23.89 -28.76
N VAL Z 99 -5.01 -24.17 -29.16
CA VAL Z 99 -4.03 -23.10 -29.39
C VAL Z 99 -3.98 -23.24 -30.90
N THR Z 100 -3.47 -22.20 -31.54
CA THR Z 100 -2.94 -22.29 -32.89
C THR Z 100 -1.82 -21.26 -32.75
N THR Z 101 -0.70 -21.50 -33.41
CA THR Z 101 0.40 -20.53 -33.36
C THR Z 101 -0.03 -19.56 -34.44
N LEU Z 102 0.43 -18.32 -34.34
CA LEU Z 102 -0.02 -17.28 -35.26
C LEU Z 102 0.80 -16.76 -36.43
N THR Z 103 0.37 -17.12 -37.64
CA THR Z 103 1.05 -16.71 -38.87
C THR Z 103 1.34 -15.32 -39.40
N SER Z 104 0.35 -14.45 -39.35
CA SER Z 104 0.45 -13.14 -40.01
C SER Z 104 0.80 -11.95 -39.10
N ILE Z 105 2.10 -11.69 -39.01
CA ILE Z 105 2.62 -10.55 -38.26
C ILE Z 105 3.47 -9.49 -38.99
N THR Z 106 3.04 -8.24 -38.91
CA THR Z 106 3.69 -7.19 -39.71
C THR Z 106 5.22 -7.11 -39.69
N PRO Z 107 5.83 -7.13 -38.49
CA PRO Z 107 7.29 -7.13 -38.48
C PRO Z 107 7.97 -8.47 -38.73
N THR Z 108 7.43 -9.25 -39.66
CA THR Z 108 7.92 -10.60 -39.88
C THR Z 108 9.43 -10.76 -39.81
N ASN Z 109 10.14 -9.82 -40.42
CA ASN Z 109 11.59 -9.82 -40.43
C ASN Z 109 12.49 -8.66 -40.06
N GLN Z 110 12.55 -8.36 -38.76
CA GLN Z 110 13.36 -7.26 -38.24
C GLN Z 110 13.93 -7.51 -36.85
N GLN Z 111 15.04 -6.84 -36.54
CA GLN Z 111 15.64 -6.92 -35.22
C GLN Z 111 15.40 -5.73 -34.30
N LEU Z 112 15.45 -6.01 -33.00
CA LEU Z 112 15.34 -4.99 -31.97
C LEU Z 112 16.63 -4.90 -31.17
N ASN Z 113 17.33 -3.78 -31.26
CA ASN Z 113 18.43 -3.52 -30.35
C ASN Z 113 17.84 -3.43 -28.94
N PRO Z 114 18.61 -3.86 -27.92
CA PRO Z 114 18.04 -3.74 -26.58
C PRO Z 114 17.72 -2.27 -26.24
N GLY Z 115 16.59 -2.05 -25.58
CA GLY Z 115 16.14 -0.70 -25.28
C GLY Z 115 15.49 -0.05 -26.49
N ALA Z 116 14.82 -0.85 -27.30
CA ALA Z 116 14.05 -0.35 -28.43
C ALA Z 116 12.73 -1.09 -28.52
N ARG Z 117 11.82 -0.61 -29.38
CA ARG Z 117 10.50 -1.20 -29.53
C ARG Z 117 10.06 -1.25 -30.98
N VAL Z 118 8.96 -1.98 -31.21
CA VAL Z 118 8.41 -2.16 -32.55
C VAL Z 118 6.91 -2.36 -32.43
N LYS Z 119 6.15 -1.96 -33.45
CA LYS Z 119 4.72 -2.21 -33.43
C LYS Z 119 4.44 -3.56 -34.06
N VAL Z 120 4.08 -4.53 -33.23
CA VAL Z 120 3.69 -5.85 -33.70
C VAL Z 120 2.21 -5.82 -34.08
N THR Z 121 1.88 -6.38 -35.24
CA THR Z 121 0.50 -6.48 -35.66
C THR Z 121 0.06 -7.92 -35.90
N ILE Z 122 -0.77 -8.44 -35.01
CA ILE Z 122 -1.33 -9.76 -35.15
C ILE Z 122 -2.68 -9.81 -35.85
N THR Z 123 -2.80 -10.66 -36.86
CA THR Z 123 -4.09 -11.10 -37.33
C THR Z 123 -4.53 -12.50 -36.91
N ALA Z 124 -5.64 -12.61 -36.20
CA ALA Z 124 -6.06 -13.90 -35.69
C ALA Z 124 -6.54 -14.76 -36.85
N PRO Z 125 -6.27 -16.07 -36.78
CA PRO Z 125 -6.63 -16.99 -37.85
C PRO Z 125 -8.14 -17.13 -37.97
N THR Z 126 -8.61 -17.69 -39.07
CA THR Z 126 -10.00 -17.57 -39.50
C THR Z 126 -11.02 -17.87 -38.38
N GLY Z 127 -10.75 -18.90 -37.59
CA GLY Z 127 -11.69 -19.31 -36.56
C GLY Z 127 -11.52 -18.61 -35.22
N TYR Z 128 -10.35 -18.04 -34.99
CA TYR Z 128 -9.97 -17.54 -33.66
C TYR Z 128 -10.18 -16.05 -33.42
N LYS Z 129 -10.83 -15.34 -34.33
CA LYS Z 129 -11.05 -13.91 -34.16
C LYS Z 129 -12.01 -13.67 -33.00
N PRO Z 130 -11.52 -13.07 -31.89
CA PRO Z 130 -12.40 -12.90 -30.74
C PRO Z 130 -13.39 -11.75 -30.90
N ILE Z 131 -14.55 -11.90 -30.25
CA ILE Z 131 -15.63 -10.93 -30.34
C ILE Z 131 -15.87 -10.40 -28.93
N ALA Z 132 -16.56 -9.26 -28.84
CA ALA Z 132 -16.72 -8.55 -27.56
C ALA Z 132 -17.22 -9.49 -26.47
N GLY Z 133 -16.51 -9.51 -25.34
CA GLY Z 133 -16.85 -10.38 -24.22
C GLY Z 133 -16.12 -11.70 -24.21
N GLN Z 134 -15.38 -11.99 -25.29
CA GLN Z 134 -14.60 -13.21 -25.37
C GLN Z 134 -13.12 -12.96 -25.04
N LYS Z 135 -12.61 -13.65 -24.02
CA LYS Z 135 -11.22 -13.47 -23.67
C LYS Z 135 -10.31 -14.16 -24.69
N PHE Z 136 -9.13 -13.57 -24.88
CA PHE Z 136 -8.08 -14.20 -25.69
C PHE Z 136 -6.76 -14.14 -24.95
N VAL Z 137 -5.88 -15.08 -25.24
CA VAL Z 137 -4.53 -15.03 -24.68
C VAL Z 137 -3.51 -14.98 -25.83
N LEU Z 138 -2.44 -14.24 -25.59
CA LEU Z 138 -1.34 -14.13 -26.53
C LEU Z 138 -0.04 -14.40 -25.80
N GLU Z 139 0.60 -15.52 -26.11
CA GLU Z 139 1.88 -15.85 -25.51
C GLU Z 139 2.98 -15.40 -26.45
N ILE Z 140 3.85 -14.53 -25.96
CA ILE Z 140 4.95 -14.04 -26.75
C ILE Z 140 6.23 -14.76 -26.35
N LYS Z 141 6.79 -15.46 -27.32
CA LYS Z 141 7.87 -16.42 -27.10
C LYS Z 141 9.10 -16.04 -27.87
N PRO Z 142 9.93 -15.15 -27.31
CA PRO Z 142 11.20 -14.85 -27.96
C PRO Z 142 12.10 -16.06 -27.90
N LYS Z 143 12.89 -16.29 -28.94
CA LYS Z 143 13.86 -17.39 -28.90
C LYS Z 143 14.88 -17.05 -27.82
N THR Z 144 15.16 -18.04 -26.97
CA THR Z 144 16.11 -17.86 -25.89
C THR Z 144 15.68 -16.68 -25.01
N GLY Z 145 14.61 -16.88 -24.24
CA GLY Z 145 14.18 -15.87 -23.30
C GLY Z 145 12.88 -16.22 -22.62
N ALA Z 146 12.61 -15.55 -21.50
CA ALA Z 146 11.39 -15.80 -20.75
C ALA Z 146 10.19 -15.45 -21.61
N SER Z 147 9.18 -16.30 -21.55
CA SER Z 147 8.03 -16.15 -22.43
C SER Z 147 6.88 -15.52 -21.68
N THR Z 148 6.33 -14.46 -22.25
CA THR Z 148 5.27 -13.71 -21.59
C THR Z 148 3.96 -14.36 -21.92
N ILE Z 149 2.89 -13.88 -21.30
CA ILE Z 149 1.55 -14.12 -21.80
C ILE Z 149 0.73 -12.90 -21.44
N VAL Z 150 -0.08 -12.44 -22.38
CA VAL Z 150 -0.99 -11.36 -22.08
C VAL Z 150 -2.42 -11.79 -22.41
N THR Z 151 -3.19 -11.98 -21.34
CA THR Z 151 -4.60 -12.33 -21.48
C THR Z 151 -5.41 -11.06 -21.36
N ARG Z 152 -6.44 -10.96 -22.19
CA ARG Z 152 -7.35 -9.85 -22.17
C ARG Z 152 -8.73 -10.41 -22.42
N THR Z 153 -9.76 -9.68 -22.02
CA THR Z 153 -11.10 -9.99 -22.44
C THR Z 153 -11.72 -8.70 -22.93
N LEU Z 154 -12.20 -8.71 -24.16
CA LEU Z 154 -12.85 -7.57 -24.72
C LEU Z 154 -14.10 -7.32 -23.88
N SER Z 155 -14.26 -6.09 -23.40
CA SER Z 155 -15.46 -5.73 -22.67
C SER Z 155 -16.59 -5.95 -23.65
N ASP Z 156 -17.79 -6.30 -23.15
CA ASP Z 156 -18.86 -6.56 -24.10
C ASP Z 156 -19.44 -5.18 -24.33
N GLY Z 157 -19.12 -4.70 -25.53
CA GLY Z 157 -18.90 -3.29 -25.76
C GLY Z 157 -17.85 -3.35 -26.84
N TYR Z 158 -16.95 -2.38 -26.87
CA TYR Z 158 -15.75 -2.48 -27.70
C TYR Z 158 -16.07 -2.55 -29.19
N ASN Z 159 -16.49 -1.43 -29.75
CA ASN Z 159 -16.57 -1.31 -31.20
C ASN Z 159 -15.15 -1.38 -31.78
N GLY Z 160 -14.14 -1.27 -30.91
CA GLY Z 160 -12.76 -1.46 -31.31
C GLY Z 160 -11.79 -0.74 -30.41
N GLY Z 161 -10.62 -0.42 -30.95
CA GLY Z 161 -9.64 0.43 -30.29
C GLY Z 161 -8.89 -0.20 -29.13
N VAL Z 162 -8.47 0.62 -28.18
CA VAL Z 162 -7.62 0.17 -27.08
C VAL Z 162 -8.28 -0.94 -26.31
N ILE Z 163 -7.49 -1.94 -25.94
CA ILE Z 163 -7.95 -3.01 -25.05
C ILE Z 163 -7.45 -2.66 -23.66
N ILE Z 164 -8.38 -2.27 -22.80
CA ILE Z 164 -8.07 -1.64 -21.53
C ILE Z 164 -7.23 -2.56 -20.66
#